data_6A5P
#
_entry.id   6A5P
#
_cell.length_a   1
_cell.length_b   1
_cell.length_c   1
_cell.angle_alpha   90
_cell.angle_beta   90
_cell.angle_gamma   90
#
_symmetry.space_group_name_H-M   'P 1'
#
loop_
_entity.id
_entity.type
_entity.pdbx_description
1 polymer 'DNA-directed RNA polymerase subunit'
2 polymer 'DNA-directed RNA polymerase subunit beta'
3 polymer 'RNA polymerase II third largest subunit B44, part of central core'
4 polymer 'RNA polymerase II subunit B32'
5 polymer 'RNA polymerase subunit ABC27, common to RNA polymerases I, II, and III'
6 polymer 'RNA polymerase subunit ABC23, common to RNA polymerases I, II, and III'
7 polymer 'RNA polymerase II subunit'
8 polymer 'DNA-directed RNA polymerases I, II, and III subunit RPABC3'
9 polymer 'DNA-directed RNA polymerase subunit'
10 polymer 'RNA polymerase subunit ABC10-beta, common to RNA polymerases I, II, and III'
11 polymer 'RNA polymerase II subunit B12.5'
12 polymer 'RNA polymerase subunit ABC10-alpha'
13 polymer "RNA (5'-R(P*UP*GP*GP*GP*UP*GP*GP*UP*GP*GP*C)-3')"
14 polymer 'DNA (198-MER)'
15 polymer 'DNA (198-MER)'
16 polymer 'Histone H3.3'
17 polymer 'Histone H4'
18 polymer 'Histone H2A type 1-B/E'
19 polymer 'Histone H2B type 1-J'
20 non-polymer 'ZINC ION'
21 non-polymer 'MAGNESIUM ION'
#
loop_
_entity_poly.entity_id
_entity_poly.type
_entity_poly.pdbx_seq_one_letter_code
_entity_poly.pdbx_strand_id
1 'polypeptide(L)'
;MSQFPYSSAPLRSVKEVQFGLLSPEEIRAISVVKIEYPEIMDESRQRPREGGLNDPKLGSIDRNFKCQTCGEGMAECPGH
FGHMELAKPVFHIGFIPKIKKVCECICMNCGKLLLDETNPTMAQAIRIRDPKKRFNAVWQLCKTKMVCEADAPVDEYSEQ
KVVSRGGCGNTQPVVRKDGMKLWGTWKKSGFSDRDAQPERKLLTPGEILNVFKHISPEDCFRLGFNEDYARPEWMIITVL
PVPPPQVRPSIAMDETTQGQDDLTHKLSDILKANINVQKLEMDGSPQHIINEVEQLLQFHVATYMDNDIAGQPQALQKSG
RPVKAIRARLKGKEGRLRGNLMGKRVDFSARTVISGDPNLELDQVGVPISIAKTLSYPETVTQYNIHRLTEYVRNGPNEH
PGAKYVIRDNGDRIDLRYHKRAGDIVLQYGWKVERHLMDDDPVLFNRQPSLHKMSMMAHRVKVMPYSTFRLNLSVTSPYN
ADFDGDEMNLHVPQSEETRAELSQLCAVPLQIVSPQSNKPVMGIVQDTLCGVRKMTLRDTFIEYEQVMNMLFWVPSWDGV
VPQPAILKPKPLWTGKQLLSIAIPSGIHLQRTDGGNSLLSPKDNGMLIVDGKVMFGVVDKKTVGSGGGGLIHTVMREKGP
KICAELFGNIQKVVNYWLLHNGFSIGIGDAIADASTMKEITHAISSAKEQVQEIIYKAQHNELELKPGMTLRESFEGEVS
RTLNDARDSAGRSAEMNLKDLNNVKQMVSAGSKGSFINIAQMSACVGQQMVEGKRIAFGFADRSLPHFTKDDFSPESKGF
VENSYLRGLTPQEFFFHAMAGREGLIDTAVKTAETGYIQRRLVKALEDIMVHYDGTTRNSLGDIIQFLYGEDGLDGTQVE
RQTIDTIPGSDKAFHKRYYVDLMDEKNSIKPDVIEYAADILGDVELQKELNSEYEQLVSDRKFLREIVFVNGDHNWPLPV
NLRRIIQNAQQIFHLDRAKASDLTIPEIIHGVRDLCKKLFVLRGENELIKEAQQNATSLFQCLVRARLATRRILEEFRLN
RDAFEWVLGTIEAQFQRSLVHPGEMVGVIAAQSIGEPATQMTLNTFHYAGVSSKNVTLGVPRLKEILNVAKNIKTPALTV
YLDREIALDIEKAKVIQSSIEYTTLKNVTSATEIYYDPDPTSTVIEEDFDTVEAYFSIPDEKVEETIDKQSPWLLRLELD
RARMLDKQLTMNQVADKISEVFSDDLFVMWSEDNADKLIIRCRVIRDPKAMDEELEAEEDQMLKRIEAHMLDLIALRGIP
GISKVYMVKHKVSVPDESGEYKNEELWALETDGINLAEVMAVPGVDSSRTYSNSFVEILSVLGIEATRSSLYKEILNVIA
FDGSYVNYRHMALLVDVMTSRGYLMAITRHGINRADTGALMRCSFEETVEILFEAGAAAELDDCRGVSENVMLGQLAPMG
TGAFDVMIDEKLLTSLPADYAPTMPLFKGKATQGSATPYDNNAQYDDEFNHDDVADVMFSPMAETGSGDDRSGGLTEYAG
IQSPYQPTSPGLSATSPGFAPTSPGFAPTSPRYSPTSPGYSPTSPSYSPTSPSYSPTSPSYSPTSPSYSPTSPSYSPTSP
SYSPTSPSYSPTSPSYSPTSPSYSPTSPQYSPTSPQYSPTSPQYSPTSPQYSPTSPQYSPTSPQYSPTSPQYSPTSPQYS
PTSPQYSPTSPQYSPTSPQYSPTSPQYSPTSPQYSPTSPQYSPASPQYSPSRHSPNGESKEGE
;
A
2 'polypeptide(L)'
;MSYDPYSIDDTITTEDCWTVISAFFEEKGLVSQQLDSFDEFMETSIQDLVWEEPRLILDQPAQHTNEKDNINKRYEIRFG
KIYLSRPTMTEADGTTHAMFPQEARLRNLTYSSPVYLDMEKSMFTSIDDEGNPNATLDWQQVHEPIKDGVEEGNKVHIGK
VPIMLRSKFCSLRTLDEVDLYKMKECPYDMGGYFVINGSEKVLIAQERSAANIVQVFKKAAPSPISHVAEIRSALEKGSR
LISTMQIKLYGREDKGTGRTIKATLPYVKQDIPIVIVFRALGVVPDGEILQHICYDENDWQMLEMLKPCIEEGFVIQDKE
VALDFIGRRGSAALGIRREKRIQYAKDILQKELLPHITQEEGFETRKTFFLGYMVNRLLLCALERKDQDDRDHFGKKRLD
LAGPLLANLFRILFRKLTREIYRYMQRCIETDRDFNLNLAVKSTTITSGLKYSLATGNWGEQKKAMSSRAGVSQVLNRYT
YSSTLSHLRRTNTPIGRDGKLAKPRQLHNTHWGLVCPAETPEGQACGLVKNLSLLSGISIGSPSEPIINFLEEWGMEPLE
DYDPAQHTKSTRIFVNGVWTGIHRDPSMLVSTMRDLRRSGAISPEVSIIRDIREREFKIFTDVGRVYRPLFIVEDDESKD
NKGELRITKEHIRKIQQGYDDDAMNDDSEEQEQDVYGWSSLVTSGVIEYVDGEEEETIMIAMTPEDLQTRSLEQKEIDLN
DTAKRIKPEMSTSSHHTFTHCEIHPSMILGVAASIIPFPDHNQSPRNTYQSAMGKQAMGVFLTNYNVRMDTMANILYYPQ
KPLAKTQAMEYLKFRELPAGQNAIVAIACYSGYNQEDSMIMNQSSIDRGLFRSLFFRSYMDQEKRFGISIVEEFEKPTRA
TTLRLKHGTYEKLDEDGLIAPGVRVSGDDIIIGKTTPIPPDTEELGQRTKYHTKRDASTPLRSTENGIVDQVLLTTNQEG
LKFVKVRMRTTKVPQIGDKFASRHGQKGTIGVTYRHEDMPFSAEGIVPDLIINPHAIPSRMTVAHLIECLLSKVGSIRGY
EGDATPFTDLTVDAVSNLLRDNGYQSRGFEVMYNGHTGKKLMAQVFFGPTYYQRLRHMVDDKIHARARGPVQVLTRQPVE
GRSRDGGLRFGEMERDCMIAHGAAGFLKERLMEASDAFRVHVCGICGLMSVIANLKKNQFECRSCKNKTNIYQLHIPYAA
KLLFQELMAMNIAPRLYTERSGVSMRS
;
B
3 'polypeptide(L)'
;MSKEPKVNIINAQDDEVELMLSDVNLSLANSLRRTMLAEVPTLAIDLVEIKMNTSVLADEFISHRLGLIPLVSEDVEEMK
YSRDCTCEDYCDECSVVLELSARHEGEEGTTDVYSSSLIKVSGPGNLNVGEPVRRDDYDQGILLCKLRNHQELNIRCIAK
KGIAKEHAKWSPCSAIAFEYDPHNKLKHTDFWFEVDAKKEWPDSKYATWEEPPKPGEVFDYKAKPNRFYMTVETTGSLKA
NQVFSRGIKTLQEKLANVLFELENSRPANTTAYGGATAYGGQTVYGRETSYGGNTNYGDYNAPY
;
C
4 'polypeptide(L)'
;MNVSTSTVGARRRRAKQQVDDEENATLLRLGPEFALKQYDHDGNEHDLIALSLSESRLLIREALKARSRARNGGVDIESS
NGEIDDDELAKVTSGAVANGVVKKTLDYLNTFARFKDEETCTAVDQLLHNSSDCSVLHPFEIAQLSSLGCEDVDEAITLI
PSLAAKKEVNLQRILDELNRLEDPYK
;
D
5 'polypeptide(L)'
;MEDNNRIISRLWRSFRTVKEMAADRGYFISQEEMDQSLEEFRSKICDSMGNPQRKLMSFLANPTPEALEKYSDLGTLWVE
FCDEPSVGIKTMRNFCLRIQEKNFSTGIFIYQNNITPSANKMIPTVSPAIIETFQESDLVVNITHHELVPKHIRLSDGEK
SQLLQRYKLKESQLPRIQREDPVARYLGLKRGQVVKIIRRSETSGRYASYRICL
;
E
6 'polypeptide(L)'
;MSEDEAFNEQTENFENFEDEHFSDDNFEDRSTQPEDYAVGVTADGRQIINGDGIQEVNGTIKAHRKRSNKELAILKEERT
TTPYLTKYERARILGTRALQISMNAPVLVDIEGETDPLQIAMKELSQRKIPLVIRRYLPDGSYEDWGCDELIVDN
;
F
7 'polypeptide(L)'
;MFFLKDLSLILTLHPSYFGPQMNQYLREKLLTDVEGTCTGQFGYIVTVLDGMNIDVGKGRIIPGSGSAEFEVKYRAVVWK
PFKGEVVDAIVSNVSPIGFFADVGPLNVFVSTRLIPDNLVYNPSNSPPAYMSNDELITKGSKVRLKVVGTRTDVNEIYAI
GSIKEDFLGAI
;
G
8 'polypeptide(L)'
;MSSALFDDIFTVQTVDNGRYNKVSRIIGISTTNSAIKLTLDINNEMFPVSQDDSLTVTLANSLSLDGEDESANFSKSWRP
PKPTDKSLADDYDYVMFGTVYKFEEGDEDKIKVYVSFGGLLMCLEGGYKSLASLKQDNLYILIRR
;
H
9 'polypeptide(L)'
;MASFRFCLECNNMLYPKEDKENQRLLYSCRNCDYTELAEDPKVYRHELITNIGETAGIVDDIGQDPTLPRSDKECPECHS
RDCVFFQSQQRRKDTNMTLFYVCLNCKKTFRDESE
;
I
10 'polypeptide(L)' MIIPVRCFSCGKVVGDKWDAYLRLLEEGKQEGDALDELKLKRYCCRRMVLTHVDLIEKFLRYNPLEKKDFDS J
11 'polypeptide(L)'
;MNAPDRFELFILPDDVPKLKITPDSRVPNCIIIKFEREDHTLANLLREELALYPDVTFVAYKVEHPLFANFVMRLQTEEG
TRPKQALERACASIINKLKTLDHKFNEEWNIKNFSLND
;
K
12 'polypeptide(L)' MSREGFVAPSGTDLAAAASGVAPNKHYGVKYTCGACAHNFSLNKSDPVRCKECGHRVIYKARTKRMIQFDAR L
13 'polyribonucleotide' UGGGUGGUGGC P
14 'polydeoxyribonucleotide'
;(DA)(DT)(DC)(DA)(DG)(DA)(DA)(DT)(DC)(DC)(DC)(DG)(DG)(DT)(DG)(DC)(DC)(DG)(DA)(DG)
(DG)(DC)(DC)(DG)(DC)(DT)(DC)(DA)(DA)(DT)(DT)(DG)(DG)(DT)(DC)(DG)(DT)(DA)(DG)(DA)
(DC)(DA)(DG)(DC)(DT)(DC)(DT)(DA)(DG)(DC)(DA)(DC)(DC)(DG)(DC)(DT)(DT)(DA)(DA)(DA)
(DC)(DG)(DC)(DA)(DC)(DG)(DT)(DA)(DC)(DG)(DC)(DG)(DC)(DT)(DG)(DT)(DC)(DC)(DC)(DC)
(DC)(DG)(DC)(DG)(DT)(DT)(DT)(DT)(DA)(DA)(DC)(DC)(DG)(DC)(DC)(DA)(DA)(DG)(DG)(DG)
(DG)(DA)(DT)(DT)(DA)(DC)(DA)(DC)(DC)(DC)(DA)(DA)(DG)(DA)(DC)(DA)(DC)(DC)(DA)(DG)
(DG)(DC)(DA)(DC)(DG)(DA)(DG)(DA)(DC)(DA)(DG)(DA)(DA)(DA)(DA)(DA)(DA)(DA)(DC)(DA)
(DA)(DC)(DG)(DA)(DA)(DA)(DA)(DC)(DG)(DG)(DC)(DC)(DA)(DC)(DC)(DA)(DC)(DC)(DC)(DA)
(DA)(DA)(DC)(DA)(DC)(DA)(DC)(DC)(DA)(DA)(DA)(DC)(DA)(DC)(DA)(DA)(DG)(DA)(DG)(DC)
(DT)(DA)(DA)(DT)(DT)(DG)(DA)(DC)(DT)(DG)(DA)(DC)(DG)(DT)(DA)(DA)(DG)(DC)
;
T
15 'polydeoxyribonucleotide'
;(DG)(DC)(DT)(DT)(DA)(DC)(DG)(DT)(DC)(DA)(DG)(DT)(DC)(DT)(DG)(DG)(DC)(DC)(DA)(DT)
(DC)(DT)(DT)(DT)(DG)(DT)(DG)(DT)(DT)(DT)(DG)(DG)(DT)(DG)(DT)(DG)(DT)(DT)(DT)(DG)
(DG)(DG)(DT)(DG)(DG)(DT)(DG)(DG)(DC)(DC)(DG)(DT)(DT)(DT)(DT)(DC)(DG)(DT)(DT)(DG)
(DT)(DT)(DT)(DT)(DT)(DT)(DT)(DC)(DT)(DG)(DT)(DC)(DT)(DC)(DG)(DT)(DG)(DC)(DC)(DT)
(DG)(DG)(DT)(DG)(DT)(DC)(DT)(DT)(DG)(DG)(DG)(DT)(DG)(DT)(DA)(DA)(DT)(DC)(DC)(DC)
(DC)(DT)(DT)(DG)(DG)(DC)(DG)(DG)(DT)(DT)(DA)(DA)(DA)(DA)(DC)(DG)(DC)(DG)(DG)(DG)
(DG)(DG)(DA)(DC)(DA)(DG)(DC)(DG)(DC)(DG)(DT)(DA)(DC)(DG)(DT)(DG)(DC)(DG)(DT)(DT)
(DT)(DA)(DA)(DG)(DC)(DG)(DG)(DT)(DG)(DC)(DT)(DA)(DG)(DA)(DG)(DC)(DT)(DG)(DT)(DC)
(DT)(DA)(DC)(DG)(DA)(DC)(DC)(DA)(DA)(DT)(DT)(DG)(DA)(DG)(DC)(DG)(DG)(DC)(DC)(DT)
(DC)(DG)(DG)(DC)(DA)(DC)(DC)(DG)(DG)(DG)(DA)(DT)(DT)(DC)(DT)(DG)(DA)(DT)
;
N
16 'polypeptide(L)'
;GSHMARTKQTARKSTGGKAPRKQLATKAARKSAPSTGGVKKPHRYRPGTVALREIRRYQKSTELLIRKLPFQRLVREIAQ
DFKTDLRFQSAAIGALQEASEAYLVGLFEDTNLCAIHAKRVTIMPKDIQLARRIRGERA
;
a,e
17 'polypeptide(L)'
;GSHMSGRGKGGKGLGKGGAKRHRKVLRDNIQGITKPAIRRLARRGGVKRISGLIYEETRGVLKVFLENVIRDAVTYTEHA
KRKTVTAMDVVYALKRQGRTLYGFGG
;
b,f
18 'polypeptide(L)'
;GSHMSGRGKQGGKARAKAKTRSSRAGLQFPVGRVHRLLRKGNYSERVGAGAPVYLAAVLEYLTAEILELAGNAARDNKKT
RIIPRHLQLAIRNDEELNKLLGRVTIAQGGVLPNIQAVLLPKKTESHHKAKGK
;
c,g
19 'polypeptide(L)'
;GSHMPEPAKSAPAPKKGSKKAVTKAQKKDGKKRKRSRKESYSIYVYKVLKQVHPDTGISSKAMGIMNSFVNDIFERIAGE
ASRLAHYNKRSTITSREIQTAVRLLLPGELAKHAVSEGTKAVTKYTSAK
;
d,h
#
# COMPACT_ATOMS: atom_id res chain seq x y z
N SER A 2 -42.02 20.28 7.14
CA SER A 2 -43.10 20.28 6.16
C SER A 2 -42.92 19.24 5.09
N GLN A 3 -41.68 18.78 4.89
CA GLN A 3 -41.45 17.80 3.83
C GLN A 3 -41.82 16.38 4.21
N PHE A 4 -42.31 16.18 5.35
CA PHE A 4 -42.76 14.87 5.76
C PHE A 4 -44.21 14.96 6.21
N PRO A 5 -44.98 13.89 6.13
CA PRO A 5 -46.32 13.92 6.72
C PRO A 5 -46.23 13.89 8.23
N TYR A 6 -47.21 14.50 8.88
CA TYR A 6 -47.19 14.68 10.32
C TYR A 6 -47.31 13.35 11.05
N SER A 7 -46.64 13.26 12.18
CA SER A 7 -46.73 12.11 13.06
C SER A 7 -46.81 12.63 14.49
N SER A 8 -47.21 11.77 15.42
CA SER A 8 -47.30 12.22 16.81
C SER A 8 -46.08 11.85 17.62
N ALA A 9 -45.26 10.92 17.15
CA ALA A 9 -44.04 10.58 17.86
C ALA A 9 -43.02 11.71 17.69
N PRO A 10 -42.43 12.21 18.76
CA PRO A 10 -41.61 13.42 18.64
C PRO A 10 -40.22 13.14 18.09
N LEU A 11 -39.72 14.13 17.34
CA LEU A 11 -38.42 14.08 16.73
C LEU A 11 -37.34 14.04 17.79
N ARG A 12 -36.50 13.01 17.75
CA ARG A 12 -35.26 13.01 18.49
C ARG A 12 -34.16 12.44 17.61
N SER A 13 -32.95 12.91 17.86
CA SER A 13 -31.78 12.44 17.13
C SER A 13 -31.22 11.22 17.82
N VAL A 14 -30.52 10.41 17.05
CA VAL A 14 -29.92 9.19 17.58
C VAL A 14 -28.74 9.56 18.45
N LYS A 15 -28.64 8.95 19.63
CA LYS A 15 -27.46 9.12 20.46
C LYS A 15 -26.59 7.87 20.53
N GLU A 16 -27.15 6.70 20.78
CA GLU A 16 -26.32 5.54 21.05
C GLU A 16 -26.63 4.43 20.08
N VAL A 17 -25.64 3.97 19.35
CA VAL A 17 -25.78 2.78 18.55
C VAL A 17 -25.57 1.60 19.47
N GLN A 18 -26.59 0.78 19.63
CA GLN A 18 -26.48 -0.48 20.36
C GLN A 18 -26.32 -1.58 19.33
N PHE A 19 -25.07 -1.87 18.99
CA PHE A 19 -24.82 -3.03 18.17
C PHE A 19 -25.04 -4.30 18.96
N GLY A 20 -25.50 -5.31 18.25
CA GLY A 20 -25.79 -6.60 18.86
C GLY A 20 -26.18 -7.59 17.79
N LEU A 21 -26.41 -8.81 18.21
CA LEU A 21 -26.85 -9.85 17.30
C LEU A 21 -28.36 -9.96 17.35
N LEU A 22 -28.88 -11.00 16.72
CA LEU A 22 -30.31 -11.26 16.74
C LEU A 22 -30.57 -12.71 17.10
N SER A 23 -31.49 -12.92 18.04
CA SER A 23 -31.94 -14.26 18.36
C SER A 23 -32.72 -14.81 17.18
N PRO A 24 -32.90 -16.12 17.11
CA PRO A 24 -33.92 -16.64 16.19
C PRO A 24 -35.31 -16.19 16.60
N GLU A 25 -35.52 -16.07 17.91
CA GLU A 25 -36.81 -15.64 18.46
C GLU A 25 -37.22 -14.30 17.93
N GLU A 26 -36.33 -13.32 18.03
CA GLU A 26 -36.75 -11.95 17.81
C GLU A 26 -37.01 -11.71 16.33
N ILE A 27 -36.32 -12.47 15.47
CA ILE A 27 -36.71 -12.55 14.07
C ILE A 27 -38.11 -13.09 13.94
N ARG A 28 -38.41 -14.17 14.66
CA ARG A 28 -39.77 -14.71 14.54
C ARG A 28 -40.83 -13.80 15.12
N ALA A 29 -40.43 -12.87 15.99
CA ALA A 29 -41.41 -12.02 16.62
C ALA A 29 -41.55 -10.67 15.90
N ILE A 30 -40.61 -10.32 15.01
CA ILE A 30 -40.73 -9.02 14.35
C ILE A 30 -41.48 -9.01 13.03
N SER A 31 -41.71 -10.15 12.41
CA SER A 31 -42.24 -10.06 11.05
C SER A 31 -43.74 -10.09 11.02
N VAL A 32 -44.28 -10.17 9.82
CA VAL A 32 -45.71 -10.35 9.61
C VAL A 32 -46.01 -11.57 8.78
N VAL A 33 -45.02 -12.18 8.14
CA VAL A 33 -45.36 -13.24 7.20
C VAL A 33 -44.28 -14.30 7.15
N LYS A 34 -44.71 -15.56 7.17
CA LYS A 34 -43.82 -16.67 6.92
C LYS A 34 -43.78 -16.90 5.42
N ILE A 35 -42.64 -17.32 4.91
CA ILE A 35 -42.36 -17.28 3.49
C ILE A 35 -42.30 -18.70 2.96
N GLU A 36 -43.00 -18.99 1.85
CA GLU A 36 -43.11 -20.40 1.46
C GLU A 36 -42.82 -20.78 0.01
N TYR A 37 -43.22 -19.98 -0.97
CA TYR A 37 -43.37 -20.55 -2.30
C TYR A 37 -42.33 -20.00 -3.28
N PRO A 38 -41.70 -20.87 -4.07
CA PRO A 38 -40.63 -20.41 -4.97
C PRO A 38 -41.12 -19.61 -6.15
N GLU A 39 -42.33 -19.85 -6.64
CA GLU A 39 -42.82 -19.05 -7.75
C GLU A 39 -43.16 -17.65 -7.26
N ILE A 40 -43.01 -16.68 -8.15
CA ILE A 40 -43.42 -15.31 -7.83
C ILE A 40 -44.90 -15.14 -8.09
N MET A 41 -45.32 -15.36 -9.34
CA MET A 41 -46.69 -15.21 -9.82
C MET A 41 -47.61 -16.21 -9.14
N ASP A 42 -48.92 -15.92 -9.19
CA ASP A 42 -49.89 -16.95 -8.87
C ASP A 42 -49.81 -18.09 -9.87
N GLU A 43 -50.34 -17.87 -11.08
CA GLU A 43 -50.12 -18.71 -12.25
C GLU A 43 -50.02 -17.79 -13.46
N SER A 44 -49.16 -16.78 -13.34
CA SER A 44 -49.06 -15.62 -14.22
C SER A 44 -50.38 -14.88 -14.31
N ARG A 45 -50.92 -14.52 -13.17
CA ARG A 45 -52.30 -14.03 -13.07
C ARG A 45 -52.47 -12.80 -12.19
N GLN A 46 -51.65 -11.76 -12.41
CA GLN A 46 -52.08 -10.37 -12.13
C GLN A 46 -52.44 -10.03 -10.69
N ARG A 47 -51.43 -9.63 -9.86
CA ARG A 47 -51.18 -9.80 -8.43
C ARG A 47 -50.59 -11.17 -8.12
N PRO A 48 -49.27 -11.30 -8.27
CA PRO A 48 -48.53 -12.52 -7.92
C PRO A 48 -48.78 -13.07 -6.53
N ARG A 49 -48.27 -14.29 -6.34
CA ARG A 49 -48.74 -15.19 -5.30
C ARG A 49 -48.37 -14.74 -3.89
N GLU A 50 -49.39 -14.56 -3.05
CA GLU A 50 -49.13 -14.45 -1.62
C GLU A 50 -48.64 -15.78 -1.09
N GLY A 51 -47.50 -15.74 -0.41
CA GLY A 51 -46.73 -16.93 -0.11
C GLY A 51 -45.47 -17.06 -0.93
N GLY A 52 -45.38 -16.34 -2.05
CA GLY A 52 -44.13 -16.15 -2.72
C GLY A 52 -43.39 -14.94 -2.17
N LEU A 53 -42.46 -14.44 -2.98
CA LEU A 53 -41.52 -13.44 -2.48
C LEU A 53 -42.05 -12.02 -2.49
N ASN A 54 -43.09 -11.72 -3.26
CA ASN A 54 -43.55 -10.35 -3.41
C ASN A 54 -44.82 -10.05 -2.66
N ASP A 55 -44.91 -10.56 -1.44
CA ASP A 55 -46.05 -10.32 -0.56
C ASP A 55 -46.36 -8.83 -0.46
N PRO A 56 -47.58 -8.43 -0.79
CA PRO A 56 -48.03 -7.07 -0.49
C PRO A 56 -48.14 -6.75 0.98
N LYS A 57 -47.95 -7.73 1.86
CA LYS A 57 -47.82 -7.37 3.26
C LYS A 57 -46.40 -6.94 3.59
N LEU A 58 -45.45 -7.08 2.67
CA LEU A 58 -44.11 -6.57 2.91
C LEU A 58 -44.00 -5.09 2.59
N GLY A 59 -44.72 -4.63 1.59
CA GLY A 59 -44.62 -3.28 1.11
C GLY A 59 -44.57 -3.32 -0.39
N SER A 60 -45.48 -2.61 -1.03
CA SER A 60 -45.72 -2.76 -2.47
C SER A 60 -44.75 -1.88 -3.23
N ILE A 61 -44.16 -2.42 -4.30
CA ILE A 61 -43.17 -1.69 -5.07
C ILE A 61 -43.79 -1.20 -6.37
N ASP A 62 -45.10 -1.04 -6.34
CA ASP A 62 -45.87 -0.50 -7.44
C ASP A 62 -46.43 0.82 -6.96
N ARG A 63 -46.48 1.82 -7.84
CA ARG A 63 -46.96 3.13 -7.42
C ARG A 63 -48.42 3.14 -7.00
N ASN A 64 -49.25 2.33 -7.66
CA ASN A 64 -50.69 2.53 -7.58
C ASN A 64 -51.39 1.58 -6.61
N PHE A 65 -50.71 0.57 -6.11
CA PHE A 65 -51.28 -0.33 -5.10
C PHE A 65 -50.62 0.01 -3.79
N LYS A 66 -51.42 0.49 -2.83
CA LYS A 66 -50.89 0.84 -1.53
C LYS A 66 -50.44 -0.40 -0.77
N CYS A 67 -49.65 -0.18 0.28
CA CYS A 67 -49.13 -1.30 1.06
C CYS A 67 -50.24 -1.94 1.88
N GLN A 68 -50.13 -3.24 2.08
CA GLN A 68 -51.18 -3.94 2.78
C GLN A 68 -50.80 -4.30 4.21
N THR A 69 -49.76 -3.69 4.74
CA THR A 69 -49.51 -3.74 6.18
C THR A 69 -49.51 -2.37 6.83
N CYS A 70 -48.67 -1.47 6.33
CA CYS A 70 -48.66 -0.12 6.88
C CYS A 70 -49.81 0.73 6.36
N GLY A 71 -50.36 0.40 5.21
CA GLY A 71 -51.45 1.18 4.68
C GLY A 71 -51.06 2.53 4.11
N GLU A 72 -49.80 2.75 3.78
CA GLU A 72 -49.34 3.98 3.15
C GLU A 72 -49.10 3.77 1.66
N GLY A 73 -48.48 4.77 1.05
CA GLY A 73 -48.00 4.61 -0.31
C GLY A 73 -46.58 4.07 -0.33
N MET A 74 -45.98 4.08 -1.53
CA MET A 74 -44.59 3.67 -1.63
C MET A 74 -43.67 4.77 -1.17
N ALA A 75 -44.17 6.00 -1.11
CA ALA A 75 -43.33 7.14 -0.72
C ALA A 75 -43.02 7.10 0.76
N GLU A 76 -43.90 6.48 1.54
CA GLU A 76 -43.75 6.55 2.98
C GLU A 76 -43.43 5.21 3.62
N CYS A 77 -43.81 4.10 3.00
CA CYS A 77 -43.59 2.80 3.58
C CYS A 77 -42.10 2.48 3.58
N PRO A 78 -41.48 2.31 4.73
CA PRO A 78 -40.08 1.88 4.74
C PRO A 78 -39.90 0.47 4.24
N GLY A 79 -40.94 -0.33 4.29
CA GLY A 79 -40.82 -1.75 4.13
C GLY A 79 -40.99 -2.48 5.45
N HIS A 80 -41.14 -3.80 5.35
CA HIS A 80 -41.27 -4.64 6.52
C HIS A 80 -40.50 -5.92 6.28
N PHE A 81 -39.82 -6.40 7.31
CA PHE A 81 -39.05 -7.62 7.16
C PHE A 81 -39.93 -8.84 6.99
N GLY A 82 -39.44 -9.81 6.23
CA GLY A 82 -39.97 -11.15 6.24
C GLY A 82 -38.93 -12.11 6.79
N HIS A 83 -39.33 -13.36 6.95
CA HIS A 83 -38.35 -14.38 7.28
C HIS A 83 -38.75 -15.72 6.71
N MET A 84 -37.75 -16.43 6.22
CA MET A 84 -37.93 -17.72 5.58
C MET A 84 -37.44 -18.76 6.54
N GLU A 85 -38.35 -19.54 7.10
CA GLU A 85 -37.96 -20.60 8.00
C GLU A 85 -37.22 -21.70 7.25
N LEU A 86 -35.91 -21.69 7.37
CA LEU A 86 -35.07 -22.80 6.99
C LEU A 86 -35.45 -23.99 7.85
N ALA A 87 -35.49 -25.16 7.22
CA ALA A 87 -35.65 -26.37 8.02
C ALA A 87 -34.37 -26.71 8.75
N LYS A 88 -33.23 -26.53 8.11
CA LYS A 88 -31.98 -26.88 8.72
C LYS A 88 -31.28 -25.61 9.15
N PRO A 89 -30.83 -25.52 10.40
CA PRO A 89 -30.08 -24.34 10.84
C PRO A 89 -28.73 -24.26 10.15
N VAL A 90 -28.30 -23.03 9.89
CA VAL A 90 -27.07 -22.79 9.15
C VAL A 90 -26.16 -21.86 9.92
N PHE A 91 -24.90 -21.89 9.54
CA PHE A 91 -23.97 -20.85 9.96
C PHE A 91 -24.37 -19.54 9.34
N HIS A 92 -24.12 -18.48 10.09
CA HIS A 92 -23.93 -17.17 9.50
C HIS A 92 -22.54 -17.16 8.88
N ILE A 93 -22.39 -16.59 7.69
CA ILE A 93 -21.12 -16.77 6.99
C ILE A 93 -20.06 -15.82 7.55
N GLY A 94 -20.46 -14.86 8.37
CA GLY A 94 -19.54 -13.82 8.77
C GLY A 94 -18.94 -14.01 10.14
N PHE A 95 -19.15 -15.16 10.77
CA PHE A 95 -18.67 -15.36 12.11
C PHE A 95 -17.78 -16.59 12.25
N ILE A 96 -17.43 -17.22 11.14
CA ILE A 96 -16.86 -18.57 11.21
C ILE A 96 -15.48 -18.63 11.87
N PRO A 97 -14.61 -17.62 11.74
CA PRO A 97 -13.48 -17.58 12.68
C PRO A 97 -13.85 -17.35 14.14
N LYS A 98 -14.84 -16.51 14.46
CA LYS A 98 -15.11 -16.34 15.89
C LYS A 98 -15.85 -17.55 16.46
N ILE A 99 -16.70 -18.19 15.65
CA ILE A 99 -17.33 -19.44 16.07
C ILE A 99 -16.29 -20.55 16.18
N LYS A 100 -15.29 -20.51 15.29
CA LYS A 100 -14.14 -21.39 15.40
C LYS A 100 -13.44 -21.23 16.74
N LYS A 101 -13.20 -19.99 17.16
CA LYS A 101 -12.54 -19.77 18.44
C LYS A 101 -13.41 -20.24 19.60
N VAL A 102 -14.71 -20.04 19.48
CA VAL A 102 -15.60 -20.40 20.59
C VAL A 102 -15.65 -21.89 20.79
N CYS A 103 -15.76 -22.66 19.71
CA CYS A 103 -15.68 -24.12 19.85
C CYS A 103 -14.25 -24.60 20.07
N GLU A 104 -13.26 -23.72 19.90
CA GLU A 104 -11.99 -24.02 20.52
C GLU A 104 -12.02 -23.83 22.04
N CYS A 105 -12.90 -22.99 22.56
CA CYS A 105 -12.79 -22.74 24.00
C CYS A 105 -13.33 -23.85 24.89
N ILE A 106 -14.59 -24.25 24.75
CA ILE A 106 -15.33 -24.82 25.87
C ILE A 106 -15.54 -26.32 25.67
N CYS A 107 -16.18 -26.93 26.67
CA CYS A 107 -16.53 -28.34 26.60
C CYS A 107 -17.53 -28.61 25.51
N MET A 108 -17.50 -29.83 24.98
CA MET A 108 -18.45 -30.25 23.97
C MET A 108 -19.54 -31.13 24.52
N ASN A 109 -19.60 -31.32 25.82
CA ASN A 109 -20.70 -32.10 26.39
C ASN A 109 -21.61 -31.22 27.23
N CYS A 110 -21.07 -30.57 28.26
CA CYS A 110 -21.83 -29.62 29.05
C CYS A 110 -21.73 -28.21 28.53
N GLY A 111 -20.71 -27.91 27.73
CA GLY A 111 -20.53 -26.56 27.26
C GLY A 111 -20.01 -25.62 28.32
N LYS A 112 -18.88 -25.94 28.93
CA LYS A 112 -18.31 -25.09 29.97
C LYS A 112 -16.87 -24.75 29.65
N LEU A 113 -16.46 -23.56 30.08
CA LEU A 113 -15.13 -23.02 29.83
C LEU A 113 -14.06 -23.87 30.50
N LEU A 114 -13.01 -24.21 29.74
CA LEU A 114 -12.00 -25.11 30.28
C LEU A 114 -11.03 -24.44 31.24
N LEU A 115 -11.29 -23.21 31.65
CA LEU A 115 -10.57 -22.59 32.76
C LEU A 115 -11.55 -21.91 33.70
N ASP A 116 -11.12 -21.75 34.94
CA ASP A 116 -11.87 -21.06 35.98
C ASP A 116 -10.97 -20.02 36.65
N GLU A 117 -11.40 -19.53 37.80
CA GLU A 117 -10.55 -18.61 38.55
C GLU A 117 -9.47 -19.31 39.36
N THR A 118 -9.31 -20.63 39.21
CA THR A 118 -8.27 -21.35 39.95
C THR A 118 -6.88 -21.01 39.43
N ASN A 119 -6.65 -21.20 38.14
CA ASN A 119 -5.40 -20.81 37.52
C ASN A 119 -5.29 -19.29 37.57
N PRO A 120 -4.28 -18.74 38.25
CA PRO A 120 -4.33 -17.31 38.59
C PRO A 120 -4.07 -16.37 37.42
N THR A 121 -3.38 -16.81 36.37
CA THR A 121 -3.23 -15.94 35.21
C THR A 121 -4.56 -15.78 34.49
N MET A 122 -5.34 -16.85 34.42
CA MET A 122 -6.72 -16.75 33.99
C MET A 122 -7.55 -15.89 34.94
N ALA A 123 -7.27 -16.00 36.24
CA ALA A 123 -7.98 -15.19 37.22
C ALA A 123 -7.61 -13.71 37.11
N GLN A 124 -6.44 -13.41 36.57
CA GLN A 124 -6.08 -12.03 36.30
C GLN A 124 -6.69 -11.56 34.99
N ALA A 125 -6.79 -12.45 34.00
CA ALA A 125 -7.40 -12.08 32.73
C ALA A 125 -8.89 -11.83 32.87
N ILE A 126 -9.53 -12.41 33.89
CA ILE A 126 -10.95 -12.14 34.17
C ILE A 126 -11.22 -10.66 34.46
N ARG A 127 -10.28 -9.95 35.07
CA ARG A 127 -10.53 -8.60 35.57
C ARG A 127 -10.60 -7.52 34.47
N ILE A 128 -10.50 -7.90 33.19
CA ILE A 128 -10.31 -6.91 32.12
C ILE A 128 -11.65 -6.29 31.74
N ARG A 129 -11.67 -4.95 31.60
CA ARG A 129 -12.90 -4.25 31.25
C ARG A 129 -13.13 -4.21 29.75
N ASP A 130 -12.09 -4.40 28.95
CA ASP A 130 -12.24 -4.53 27.49
C ASP A 130 -12.71 -5.93 27.13
N PRO A 131 -13.83 -6.08 26.41
CA PRO A 131 -14.26 -7.43 26.01
C PRO A 131 -13.34 -8.09 25.01
N LYS A 132 -12.74 -7.31 24.10
CA LYS A 132 -12.08 -7.92 22.95
C LYS A 132 -10.80 -8.62 23.34
N LYS A 133 -9.93 -7.90 24.05
CA LYS A 133 -8.67 -8.50 24.44
C LYS A 133 -8.86 -9.42 25.63
N ARG A 134 -10.00 -9.29 26.33
CA ARG A 134 -10.42 -10.33 27.26
C ARG A 134 -10.59 -11.65 26.54
N PHE A 135 -11.39 -11.64 25.48
CA PHE A 135 -11.61 -12.84 24.71
C PHE A 135 -10.33 -13.31 24.04
N ASN A 136 -9.43 -12.37 23.75
CA ASN A 136 -8.10 -12.75 23.27
C ASN A 136 -7.32 -13.51 24.33
N ALA A 137 -7.38 -13.05 25.57
CA ALA A 137 -6.59 -13.69 26.62
C ALA A 137 -7.17 -15.05 26.97
N VAL A 138 -8.49 -15.17 26.93
CA VAL A 138 -9.09 -16.46 27.21
C VAL A 138 -8.87 -17.40 26.05
N TRP A 139 -8.91 -16.86 24.83
CA TRP A 139 -8.59 -17.63 23.65
C TRP A 139 -7.15 -18.12 23.66
N GLN A 140 -6.25 -17.32 24.22
CA GLN A 140 -4.86 -17.73 24.33
C GLN A 140 -4.67 -18.84 25.34
N LEU A 141 -5.26 -18.68 26.52
CA LEU A 141 -5.00 -19.62 27.60
C LEU A 141 -5.79 -20.92 27.44
N CYS A 142 -6.80 -20.91 26.56
CA CYS A 142 -7.59 -22.13 26.40
C CYS A 142 -7.16 -22.98 25.22
N LYS A 143 -6.33 -22.45 24.31
CA LYS A 143 -5.99 -23.23 23.13
C LYS A 143 -4.95 -24.30 23.45
N THR A 144 -4.26 -24.15 24.59
CA THR A 144 -3.35 -25.19 25.07
C THR A 144 -4.05 -26.25 25.91
N LYS A 145 -5.13 -25.87 26.58
CA LYS A 145 -5.90 -26.81 27.40
C LYS A 145 -6.59 -27.81 26.49
N MET A 146 -6.23 -29.08 26.61
CA MET A 146 -6.63 -30.11 25.66
C MET A 146 -7.83 -30.94 26.10
N VAL A 147 -8.07 -31.04 27.40
CA VAL A 147 -9.07 -31.98 27.93
C VAL A 147 -10.13 -31.21 28.71
N CYS A 148 -11.40 -31.53 28.45
CA CYS A 148 -12.46 -31.12 29.34
C CYS A 148 -12.24 -31.81 30.66
N GLU A 149 -11.95 -31.02 31.68
CA GLU A 149 -11.84 -31.57 33.01
C GLU A 149 -13.23 -31.99 33.47
N ALA A 150 -13.41 -33.29 33.68
CA ALA A 150 -14.54 -33.73 34.49
C ALA A 150 -14.44 -33.15 35.87
N ASP A 151 -13.23 -33.15 36.42
CA ASP A 151 -12.93 -32.68 37.75
C ASP A 151 -12.87 -31.15 37.71
N ALA A 152 -12.62 -30.54 38.88
CA ALA A 152 -12.32 -29.13 38.87
C ALA A 152 -10.86 -28.93 38.47
N PRO A 153 -10.60 -28.07 37.47
CA PRO A 153 -9.26 -27.88 36.90
C PRO A 153 -8.27 -27.23 37.87
N LYS A 161 -12.93 -37.33 46.82
CA LYS A 161 -13.93 -36.33 46.44
C LYS A 161 -13.65 -35.76 45.04
N VAL A 162 -14.64 -35.87 44.16
CA VAL A 162 -14.60 -35.31 42.82
C VAL A 162 -15.36 -34.00 42.85
N VAL A 163 -14.68 -32.89 42.56
CA VAL A 163 -15.36 -31.63 42.37
C VAL A 163 -15.72 -31.57 40.89
N SER A 164 -16.84 -32.19 40.53
CA SER A 164 -17.29 -32.29 39.15
C SER A 164 -17.84 -30.93 38.72
N ARG A 165 -17.05 -30.22 37.92
CA ARG A 165 -17.41 -28.88 37.48
C ARG A 165 -18.61 -28.88 36.54
N GLY A 166 -18.86 -30.00 35.86
CA GLY A 166 -19.90 -30.11 34.86
C GLY A 166 -19.50 -30.95 33.67
N GLY A 167 -18.22 -31.09 33.42
CA GLY A 167 -17.77 -31.92 32.34
C GLY A 167 -17.85 -33.40 32.67
N CYS A 168 -17.72 -34.20 31.63
CA CYS A 168 -17.74 -35.64 31.78
C CYS A 168 -16.36 -36.28 31.75
N GLY A 169 -15.34 -35.57 31.27
CA GLY A 169 -14.01 -36.12 31.17
C GLY A 169 -13.57 -36.44 29.78
N ASN A 170 -14.49 -36.52 28.83
CA ASN A 170 -14.15 -36.68 27.44
C ASN A 170 -13.35 -35.47 26.97
N THR A 171 -12.42 -35.72 26.06
CA THR A 171 -11.42 -34.73 25.69
C THR A 171 -12.03 -33.58 24.90
N GLN A 172 -11.24 -32.60 24.64
CA GLN A 172 -11.83 -31.59 23.79
C GLN A 172 -11.19 -31.61 22.39
N PRO A 173 -12.04 -31.55 21.37
CA PRO A 173 -11.56 -31.77 20.01
C PRO A 173 -10.76 -30.60 19.49
N VAL A 174 -10.10 -30.84 18.35
CA VAL A 174 -9.29 -29.83 17.68
C VAL A 174 -10.09 -29.27 16.51
N VAL A 175 -10.26 -27.95 16.50
CA VAL A 175 -11.20 -27.28 15.60
C VAL A 175 -10.43 -26.77 14.38
N ARG A 176 -10.67 -27.39 13.23
CA ARG A 176 -10.20 -26.86 11.96
C ARG A 176 -11.35 -26.09 11.32
N LYS A 177 -11.00 -25.22 10.37
CA LYS A 177 -12.00 -24.57 9.53
C LYS A 177 -11.76 -24.98 8.09
N ASP A 178 -12.84 -25.33 7.38
CA ASP A 178 -12.76 -25.61 5.95
C ASP A 178 -13.98 -24.98 5.27
N GLY A 179 -13.84 -23.70 4.93
CA GLY A 179 -14.90 -22.98 4.22
C GLY A 179 -16.14 -22.87 5.08
N MET A 180 -17.23 -23.44 4.58
CA MET A 180 -18.47 -23.55 5.33
C MET A 180 -18.46 -24.72 6.30
N LYS A 181 -17.66 -25.74 6.04
CA LYS A 181 -17.75 -27.00 6.77
C LYS A 181 -16.62 -27.14 7.78
N LEU A 182 -16.98 -27.36 9.04
CA LEU A 182 -16.03 -27.45 10.15
C LEU A 182 -15.63 -28.90 10.39
N TRP A 183 -14.38 -29.11 10.75
CA TRP A 183 -13.87 -30.44 11.02
C TRP A 183 -13.25 -30.49 12.41
N GLY A 184 -14.00 -31.05 13.37
CA GLY A 184 -13.50 -31.25 14.71
C GLY A 184 -12.85 -32.61 14.89
N THR A 185 -11.64 -32.63 15.44
CA THR A 185 -10.91 -33.87 15.68
C THR A 185 -10.77 -34.07 17.18
N TRP A 186 -11.62 -34.90 17.78
CA TRP A 186 -11.36 -35.35 19.14
C TRP A 186 -10.14 -36.26 19.13
N LYS A 187 -9.49 -36.36 20.27
CA LYS A 187 -8.52 -37.43 20.52
C LYS A 187 -9.24 -38.55 21.28
N LYS A 188 -10.23 -39.16 20.62
CA LYS A 188 -10.98 -40.24 21.23
C LYS A 188 -10.08 -41.45 21.41
N SER A 189 -9.76 -41.73 22.67
CA SER A 189 -8.77 -42.68 23.07
C SER A 189 -9.35 -44.08 23.23
N ARG A 194 -2.73 -44.49 24.66
CA ARG A 194 -3.37 -43.21 24.44
C ARG A 194 -4.09 -43.15 23.11
N ASP A 195 -3.34 -43.39 22.04
CA ASP A 195 -3.85 -43.11 20.71
C ASP A 195 -4.88 -44.13 20.26
N ALA A 196 -6.00 -43.62 19.76
CA ALA A 196 -7.00 -44.43 19.09
C ALA A 196 -7.62 -43.58 18.00
N GLN A 197 -8.73 -44.03 17.41
CA GLN A 197 -9.31 -43.48 16.19
C GLN A 197 -9.71 -42.02 16.38
N PRO A 198 -9.07 -41.08 15.65
CA PRO A 198 -9.58 -39.71 15.65
C PRO A 198 -10.76 -39.60 14.69
N GLU A 199 -11.90 -39.22 15.23
CA GLU A 199 -13.09 -39.03 14.42
C GLU A 199 -13.10 -37.58 13.98
N ARG A 200 -12.35 -37.26 12.93
CA ARG A 200 -12.51 -35.97 12.30
C ARG A 200 -13.83 -36.02 11.55
N LYS A 201 -14.79 -35.24 12.03
CA LYS A 201 -16.11 -35.28 11.47
C LYS A 201 -16.63 -33.87 11.26
N LEU A 202 -17.54 -33.76 10.32
CA LEU A 202 -18.21 -32.50 10.07
C LEU A 202 -19.03 -32.09 11.28
N LEU A 203 -18.70 -30.95 11.83
CA LEU A 203 -19.51 -30.36 12.87
C LEU A 203 -20.77 -29.88 12.18
N THR A 204 -21.80 -30.70 12.31
CA THR A 204 -23.10 -30.27 11.87
C THR A 204 -23.55 -29.10 12.72
N PRO A 205 -24.17 -28.10 12.09
CA PRO A 205 -24.53 -26.88 12.82
C PRO A 205 -25.58 -27.10 13.89
N GLY A 206 -26.50 -28.03 13.69
CA GLY A 206 -27.53 -28.28 14.69
C GLY A 206 -26.96 -28.90 15.95
N GLU A 207 -25.91 -29.70 15.80
CA GLU A 207 -25.22 -30.23 16.97
C GLU A 207 -24.58 -29.11 17.77
N ILE A 208 -24.03 -28.12 17.07
CA ILE A 208 -23.43 -27.01 17.79
C ILE A 208 -24.50 -26.10 18.36
N LEU A 209 -25.69 -26.07 17.76
CA LEU A 209 -26.80 -25.32 18.34
C LEU A 209 -27.23 -25.93 19.66
N ASN A 210 -27.31 -27.26 19.69
CA ASN A 210 -27.65 -27.94 20.93
C ASN A 210 -26.53 -27.83 21.95
N VAL A 211 -25.29 -27.67 21.49
CA VAL A 211 -24.21 -27.32 22.41
C VAL A 211 -24.43 -25.92 22.97
N PHE A 212 -24.69 -24.97 22.08
CA PHE A 212 -24.68 -23.57 22.44
C PHE A 212 -25.84 -23.21 23.34
N LYS A 213 -26.94 -23.94 23.25
CA LYS A 213 -28.06 -23.74 24.16
C LYS A 213 -27.76 -24.16 25.59
N HIS A 214 -26.63 -24.83 25.83
CA HIS A 214 -26.26 -25.25 27.17
C HIS A 214 -25.16 -24.40 27.77
N ILE A 215 -25.21 -23.08 27.61
CA ILE A 215 -24.15 -22.24 28.18
C ILE A 215 -24.70 -21.39 29.32
N SER A 216 -23.97 -21.35 30.42
CA SER A 216 -24.31 -20.48 31.53
C SER A 216 -24.06 -19.01 31.16
N PRO A 217 -24.82 -18.08 31.75
CA PRO A 217 -24.57 -16.66 31.50
C PRO A 217 -23.24 -16.16 32.04
N GLU A 218 -22.65 -16.85 33.02
CA GLU A 218 -21.29 -16.52 33.40
C GLU A 218 -20.29 -16.88 32.31
N ASP A 219 -20.48 -18.01 31.65
CA ASP A 219 -19.58 -18.29 30.55
C ASP A 219 -19.86 -17.40 29.35
N CYS A 220 -21.04 -16.80 29.27
CA CYS A 220 -21.26 -15.72 28.32
C CYS A 220 -20.49 -14.48 28.70
N PHE A 221 -20.44 -14.17 30.00
CA PHE A 221 -19.84 -12.92 30.46
C PHE A 221 -18.32 -12.99 30.44
N ARG A 222 -17.77 -14.17 30.67
CA ARG A 222 -16.33 -14.30 30.64
C ARG A 222 -15.80 -14.38 29.21
N LEU A 223 -16.55 -15.00 28.31
CA LEU A 223 -16.05 -15.24 26.97
C LEU A 223 -16.33 -14.10 26.01
N GLY A 224 -16.46 -12.88 26.48
CA GLY A 224 -16.55 -11.78 25.55
C GLY A 224 -17.88 -11.61 24.86
N PHE A 225 -18.95 -12.09 25.45
CA PHE A 225 -20.27 -11.84 24.90
C PHE A 225 -21.11 -11.06 25.90
N ASN A 226 -22.38 -10.83 25.57
CA ASN A 226 -23.32 -10.28 26.53
C ASN A 226 -24.68 -10.89 26.26
N GLU A 227 -25.38 -11.23 27.34
CA GLU A 227 -26.51 -12.14 27.23
C GLU A 227 -27.68 -11.51 26.50
N ASP A 228 -28.14 -10.35 26.93
CA ASP A 228 -29.26 -9.73 26.24
C ASP A 228 -28.90 -9.07 24.93
N TYR A 229 -27.66 -9.17 24.47
CA TYR A 229 -27.33 -8.61 23.18
C TYR A 229 -26.66 -9.59 22.22
N ALA A 230 -25.72 -10.39 22.69
CA ALA A 230 -24.96 -11.24 21.81
C ALA A 230 -24.81 -12.58 22.49
N ARG A 231 -25.78 -13.42 22.28
CA ARG A 231 -25.75 -14.73 22.91
C ARG A 231 -25.33 -15.78 21.91
N PRO A 232 -24.21 -16.46 22.12
CA PRO A 232 -23.57 -17.18 21.02
C PRO A 232 -24.27 -18.44 20.57
N GLU A 233 -25.53 -18.68 20.95
CA GLU A 233 -26.33 -19.48 20.05
C GLU A 233 -27.05 -18.63 19.02
N TRP A 234 -26.82 -17.34 18.98
CA TRP A 234 -27.45 -16.57 17.93
C TRP A 234 -26.55 -16.41 16.75
N MET A 235 -25.32 -16.89 16.84
CA MET A 235 -24.46 -16.90 15.66
C MET A 235 -24.68 -18.11 14.80
N ILE A 236 -25.79 -18.79 14.91
CA ILE A 236 -26.16 -19.83 13.95
C ILE A 236 -27.59 -19.56 13.52
N ILE A 237 -27.78 -19.46 12.22
CA ILE A 237 -29.05 -19.05 11.67
C ILE A 237 -29.91 -20.27 11.47
N THR A 238 -30.99 -20.34 12.22
CA THR A 238 -32.13 -21.17 11.86
C THR A 238 -33.08 -20.45 10.94
N VAL A 239 -33.21 -19.14 11.10
CA VAL A 239 -34.24 -18.40 10.40
C VAL A 239 -33.61 -17.18 9.72
N LEU A 240 -33.45 -17.27 8.42
CA LEU A 240 -32.77 -16.20 7.72
C LEU A 240 -33.80 -15.23 7.18
N PRO A 241 -33.73 -13.96 7.56
CA PRO A 241 -34.85 -13.07 7.29
C PRO A 241 -34.97 -12.73 5.83
N VAL A 242 -36.10 -12.14 5.46
CA VAL A 242 -36.33 -11.60 4.13
C VAL A 242 -36.45 -10.09 4.27
N PRO A 243 -35.68 -9.31 3.51
CA PRO A 243 -35.90 -7.88 3.51
C PRO A 243 -37.12 -7.56 2.68
N PRO A 244 -37.75 -6.42 2.91
CA PRO A 244 -38.82 -5.97 2.03
C PRO A 244 -38.30 -5.64 0.66
N PRO A 245 -39.16 -5.66 -0.36
CA PRO A 245 -38.65 -5.52 -1.75
C PRO A 245 -38.24 -4.13 -2.15
N GLN A 246 -38.14 -3.15 -1.25
CA GLN A 246 -37.48 -1.91 -1.64
C GLN A 246 -36.02 -2.14 -1.89
N VAL A 247 -35.45 -3.14 -1.23
CA VAL A 247 -34.03 -3.39 -1.30
C VAL A 247 -33.70 -4.27 -2.49
N ARG A 248 -34.71 -4.78 -3.18
CA ARG A 248 -34.49 -5.53 -4.41
C ARG A 248 -35.56 -5.25 -5.46
N PRO A 249 -35.91 -3.98 -5.70
CA PRO A 249 -37.12 -3.71 -6.48
C PRO A 249 -36.92 -3.99 -7.96
N SER A 250 -38.01 -4.42 -8.59
CA SER A 250 -37.97 -4.89 -9.95
C SER A 250 -37.74 -3.73 -10.90
N ILE A 251 -36.92 -3.99 -11.91
CA ILE A 251 -36.54 -2.97 -12.86
C ILE A 251 -37.21 -3.25 -14.20
N ALA A 252 -37.73 -2.20 -14.83
CA ALA A 252 -38.41 -2.31 -16.10
C ALA A 252 -37.37 -2.62 -17.16
N MET A 253 -37.35 -3.88 -17.61
CA MET A 253 -36.37 -4.34 -18.58
C MET A 253 -36.56 -3.59 -19.90
N ASP A 254 -37.67 -3.83 -20.57
CA ASP A 254 -38.15 -2.93 -21.61
C ASP A 254 -39.63 -2.65 -21.37
N GLU A 255 -39.93 -1.89 -20.30
CA GLU A 255 -41.20 -1.26 -20.03
C GLU A 255 -42.47 -2.11 -20.06
N THR A 256 -42.36 -3.43 -20.15
CA THR A 256 -43.45 -4.35 -19.88
C THR A 256 -43.04 -5.50 -18.96
N THR A 257 -41.77 -5.93 -19.06
CA THR A 257 -41.27 -7.09 -18.35
C THR A 257 -40.34 -6.58 -17.26
N GLN A 258 -40.39 -7.22 -16.08
CA GLN A 258 -39.52 -6.82 -14.99
C GLN A 258 -38.40 -7.84 -14.82
N GLY A 259 -37.18 -7.41 -15.12
CA GLY A 259 -36.03 -8.17 -14.72
C GLY A 259 -35.94 -8.00 -13.23
N GLN A 260 -35.70 -9.06 -12.47
CA GLN A 260 -35.64 -8.90 -11.04
C GLN A 260 -34.24 -8.55 -10.57
N ASP A 261 -34.20 -7.99 -9.36
CA ASP A 261 -32.95 -7.79 -8.67
C ASP A 261 -32.41 -9.14 -8.20
N ASP A 262 -31.08 -9.20 -8.01
CA ASP A 262 -30.43 -10.49 -7.79
C ASP A 262 -30.72 -11.02 -6.38
N LEU A 263 -31.16 -10.17 -5.47
CA LEU A 263 -31.66 -10.67 -4.20
C LEU A 263 -32.92 -11.49 -4.40
N THR A 264 -33.79 -11.06 -5.32
CA THR A 264 -35.00 -11.84 -5.58
C THR A 264 -34.65 -13.18 -6.22
N HIS A 265 -33.68 -13.17 -7.13
CA HIS A 265 -33.22 -14.41 -7.71
C HIS A 265 -32.57 -15.31 -6.67
N LYS A 266 -31.86 -14.72 -5.72
CA LYS A 266 -31.17 -15.56 -4.75
C LYS A 266 -32.13 -16.06 -3.68
N LEU A 267 -33.12 -15.26 -3.28
CA LEU A 267 -34.08 -15.77 -2.30
C LEU A 267 -35.00 -16.79 -2.92
N SER A 268 -35.24 -16.68 -4.22
CA SER A 268 -35.93 -17.75 -4.91
C SER A 268 -35.09 -19.02 -4.94
N ASP A 269 -33.78 -18.90 -5.15
CA ASP A 269 -32.92 -20.08 -5.15
C ASP A 269 -32.84 -20.72 -3.77
N ILE A 270 -32.83 -19.88 -2.73
CA ILE A 270 -32.84 -20.37 -1.36
C ILE A 270 -34.15 -21.11 -1.07
N LEU A 271 -35.27 -20.57 -1.50
CA LEU A 271 -36.54 -21.21 -1.19
C LEU A 271 -36.71 -22.49 -2.00
N LYS A 272 -36.11 -22.55 -3.18
CA LYS A 272 -36.13 -23.79 -3.94
C LYS A 272 -35.29 -24.86 -3.26
N ALA A 273 -34.10 -24.50 -2.78
CA ALA A 273 -33.31 -25.50 -2.05
C ALA A 273 -33.94 -25.82 -0.70
N ASN A 274 -34.74 -24.91 -0.15
CA ASN A 274 -35.47 -25.17 1.10
C ASN A 274 -36.51 -26.25 0.89
N ILE A 275 -37.32 -26.11 -0.15
CA ILE A 275 -38.32 -27.13 -0.44
C ILE A 275 -37.67 -28.43 -0.87
N ASN A 276 -36.54 -28.37 -1.56
CA ASN A 276 -35.85 -29.62 -1.86
C ASN A 276 -35.12 -30.20 -0.67
N VAL A 277 -34.95 -29.43 0.42
CA VAL A 277 -34.62 -30.05 1.69
C VAL A 277 -35.83 -30.77 2.26
N GLN A 278 -36.97 -30.06 2.40
CA GLN A 278 -38.10 -30.67 3.08
C GLN A 278 -38.74 -31.80 2.28
N LYS A 279 -38.46 -31.90 0.98
CA LYS A 279 -38.74 -33.11 0.22
C LYS A 279 -38.02 -34.40 0.58
N LEU A 280 -36.87 -34.34 1.24
CA LEU A 280 -36.11 -35.55 1.50
C LEU A 280 -36.47 -36.27 2.80
N GLU A 281 -36.78 -35.51 3.84
CA GLU A 281 -37.19 -36.06 5.13
C GLU A 281 -38.64 -36.45 5.15
N MET A 282 -39.34 -36.35 4.03
CA MET A 282 -40.70 -36.83 3.92
C MET A 282 -40.83 -38.01 2.98
N ASP A 283 -39.71 -38.62 2.60
CA ASP A 283 -39.70 -39.80 1.74
C ASP A 283 -38.38 -40.53 1.83
N GLY A 284 -38.23 -41.55 0.97
CA GLY A 284 -37.01 -42.36 0.92
C GLY A 284 -35.81 -41.55 0.51
N SER A 285 -34.80 -41.52 1.39
CA SER A 285 -33.68 -40.61 1.23
C SER A 285 -32.37 -41.38 1.28
N PRO A 286 -31.57 -41.34 0.23
CA PRO A 286 -30.32 -42.11 0.24
C PRO A 286 -29.16 -41.39 0.88
N GLN A 287 -29.38 -40.66 1.97
CA GLN A 287 -28.43 -40.35 3.03
C GLN A 287 -27.27 -39.41 2.65
N HIS A 288 -27.03 -39.21 1.35
CA HIS A 288 -26.09 -38.17 0.95
C HIS A 288 -26.76 -37.26 -0.04
N ILE A 289 -27.88 -37.71 -0.61
CA ILE A 289 -28.86 -36.82 -1.19
C ILE A 289 -29.33 -35.83 -0.16
N ILE A 290 -29.48 -36.29 1.08
CA ILE A 290 -29.68 -35.39 2.21
C ILE A 290 -28.49 -34.44 2.33
N ASN A 291 -27.27 -35.00 2.35
CA ASN A 291 -26.06 -34.21 2.61
C ASN A 291 -25.82 -33.15 1.54
N GLU A 292 -26.06 -33.49 0.28
CA GLU A 292 -25.80 -32.53 -0.76
C GLU A 292 -26.84 -31.43 -0.80
N VAL A 293 -28.10 -31.76 -0.56
CA VAL A 293 -29.12 -30.71 -0.56
C VAL A 293 -28.96 -29.81 0.66
N GLU A 294 -28.51 -30.37 1.79
CA GLU A 294 -28.22 -29.50 2.94
C GLU A 294 -27.02 -28.61 2.68
N GLN A 295 -25.96 -29.15 2.07
CA GLN A 295 -24.77 -28.36 1.80
C GLN A 295 -25.06 -27.31 0.73
N LEU A 296 -26.00 -27.60 -0.15
CA LEU A 296 -26.44 -26.63 -1.14
C LEU A 296 -27.23 -25.51 -0.49
N LEU A 297 -28.05 -25.85 0.52
CA LEU A 297 -28.72 -24.84 1.32
C LEU A 297 -27.71 -23.91 1.98
N GLN A 298 -26.67 -24.49 2.58
CA GLN A 298 -25.62 -23.70 3.20
C GLN A 298 -24.90 -22.82 2.18
N PHE A 299 -24.73 -23.34 0.96
CA PHE A 299 -24.11 -22.58 -0.12
C PHE A 299 -24.94 -21.38 -0.52
N HIS A 300 -26.25 -21.57 -0.61
CA HIS A 300 -27.12 -20.47 -1.00
C HIS A 300 -27.18 -19.42 0.09
N VAL A 301 -27.13 -19.84 1.35
CA VAL A 301 -27.11 -18.85 2.42
C VAL A 301 -25.75 -18.14 2.46
N ALA A 302 -24.69 -18.83 2.04
CA ALA A 302 -23.38 -18.21 1.97
C ALA A 302 -23.31 -17.14 0.89
N THR A 303 -23.82 -17.45 -0.29
CA THR A 303 -23.77 -16.44 -1.33
C THR A 303 -24.84 -15.38 -1.19
N TYR A 304 -25.82 -15.56 -0.31
CA TYR A 304 -26.72 -14.45 -0.02
C TYR A 304 -26.01 -13.28 0.60
N MET A 305 -25.02 -13.53 1.45
CA MET A 305 -24.36 -12.39 2.07
C MET A 305 -22.98 -12.08 1.51
N ASP A 306 -22.41 -12.96 0.69
CA ASP A 306 -21.00 -12.85 0.29
C ASP A 306 -20.79 -13.69 -0.95
N ASN A 307 -20.35 -13.08 -2.05
CA ASN A 307 -19.91 -13.86 -3.20
C ASN A 307 -18.43 -13.68 -3.46
N ASP A 308 -17.64 -13.53 -2.41
CA ASP A 308 -16.22 -13.26 -2.56
C ASP A 308 -15.37 -14.23 -1.74
N ILE A 309 -15.97 -15.32 -1.29
CA ILE A 309 -15.33 -16.25 -0.37
C ILE A 309 -14.15 -16.92 -1.08
N ALA A 310 -13.04 -17.06 -0.36
CA ALA A 310 -11.84 -17.63 -0.93
C ALA A 310 -12.02 -19.11 -1.26
N GLY A 311 -11.27 -19.56 -2.26
CA GLY A 311 -11.14 -20.96 -2.58
C GLY A 311 -12.22 -21.57 -3.43
N GLN A 312 -13.41 -20.98 -3.44
CA GLN A 312 -14.53 -21.62 -4.09
C GLN A 312 -14.93 -20.75 -5.26
N PRO A 313 -15.52 -21.32 -6.31
CA PRO A 313 -15.97 -20.48 -7.42
C PRO A 313 -17.15 -19.61 -7.03
N GLN A 314 -17.34 -18.53 -7.78
CA GLN A 314 -18.35 -17.56 -7.41
C GLN A 314 -19.74 -18.06 -7.76
N ALA A 315 -20.75 -17.47 -7.15
CA ALA A 315 -22.12 -17.65 -7.62
C ALA A 315 -22.36 -16.79 -8.85
N LEU A 316 -22.93 -17.40 -9.89
CA LEU A 316 -22.92 -16.81 -11.23
C LEU A 316 -24.35 -16.58 -11.73
N GLN A 317 -24.52 -15.53 -12.55
CA GLN A 317 -25.82 -15.11 -13.05
C GLN A 317 -26.18 -15.72 -14.39
N LYS A 318 -27.21 -15.13 -15.00
CA LYS A 318 -27.67 -15.58 -16.30
C LYS A 318 -27.09 -14.75 -17.43
N SER A 319 -26.02 -14.01 -17.17
CA SER A 319 -25.28 -13.41 -18.28
C SER A 319 -23.85 -13.93 -18.37
N GLY A 320 -23.37 -14.62 -17.35
CA GLY A 320 -21.97 -14.82 -17.16
C GLY A 320 -21.35 -13.86 -16.16
N ARG A 321 -22.17 -13.07 -15.45
CA ARG A 321 -21.67 -12.11 -14.48
C ARG A 321 -21.81 -12.64 -13.05
N PRO A 322 -21.03 -12.12 -12.11
CA PRO A 322 -21.25 -12.49 -10.71
C PRO A 322 -22.49 -11.84 -10.14
N VAL A 323 -22.90 -12.34 -8.98
CA VAL A 323 -24.13 -11.89 -8.35
C VAL A 323 -23.81 -10.75 -7.40
N LYS A 324 -24.70 -9.76 -7.36
CA LYS A 324 -24.63 -8.65 -6.42
C LYS A 324 -25.15 -9.15 -5.08
N ALA A 325 -24.24 -9.35 -4.14
CA ALA A 325 -24.54 -9.81 -2.79
C ALA A 325 -25.02 -8.65 -1.92
N ILE A 326 -25.00 -8.87 -0.61
CA ILE A 326 -25.10 -7.75 0.31
C ILE A 326 -23.70 -7.19 0.61
N ARG A 327 -22.68 -8.06 0.63
CA ARG A 327 -21.32 -7.58 0.84
C ARG A 327 -20.85 -6.67 -0.29
N ALA A 328 -21.22 -6.99 -1.52
CA ALA A 328 -20.89 -6.11 -2.63
C ALA A 328 -21.71 -4.84 -2.62
N ARG A 329 -22.81 -4.78 -1.88
CA ARG A 329 -23.51 -3.52 -1.75
C ARG A 329 -22.93 -2.65 -0.66
N LEU A 330 -21.91 -3.12 0.05
CA LEU A 330 -21.39 -2.28 1.13
C LEU A 330 -19.93 -1.92 1.00
N LYS A 331 -19.06 -2.82 0.61
CA LYS A 331 -17.66 -2.46 0.45
C LYS A 331 -17.47 -1.67 -0.82
N GLY A 332 -16.22 -1.29 -1.07
CA GLY A 332 -15.86 -0.69 -2.33
C GLY A 332 -16.14 0.80 -2.35
N LYS A 333 -15.54 1.46 -3.35
CA LYS A 333 -15.61 2.90 -3.49
C LYS A 333 -17.04 3.37 -3.72
N GLU A 334 -17.79 2.60 -4.47
CA GLU A 334 -19.15 2.94 -4.86
C GLU A 334 -20.17 2.08 -4.15
N GLY A 335 -19.91 1.71 -2.89
CA GLY A 335 -20.90 1.11 -2.04
C GLY A 335 -21.86 2.16 -1.50
N ARG A 336 -22.54 1.80 -0.42
CA ARG A 336 -23.54 2.73 0.07
C ARG A 336 -22.92 3.81 0.95
N LEU A 337 -21.79 3.51 1.59
CA LEU A 337 -21.21 4.50 2.49
C LEU A 337 -20.37 5.52 1.77
N ARG A 338 -19.26 5.09 1.18
CA ARG A 338 -18.42 6.03 0.47
C ARG A 338 -19.06 6.49 -0.82
N GLY A 339 -19.97 5.70 -1.35
CA GLY A 339 -20.62 6.11 -2.57
C GLY A 339 -21.98 6.72 -2.32
N ASN A 340 -22.55 6.58 -1.13
CA ASN A 340 -23.89 7.11 -0.93
C ASN A 340 -24.14 7.77 0.41
N LEU A 341 -23.31 7.57 1.42
CA LEU A 341 -23.60 8.14 2.74
C LEU A 341 -22.56 9.11 3.22
N MET A 342 -21.30 8.69 3.28
CA MET A 342 -20.21 9.61 3.56
C MET A 342 -20.10 10.68 2.49
N GLY A 343 -20.15 10.28 1.24
CA GLY A 343 -20.32 11.20 0.13
C GLY A 343 -21.33 10.63 -0.83
N LYS A 344 -22.03 11.54 -1.51
CA LYS A 344 -23.12 11.12 -2.36
C LYS A 344 -23.25 12.14 -3.46
N ARG A 345 -24.31 12.00 -4.24
CA ARG A 345 -24.72 13.07 -5.13
C ARG A 345 -25.83 13.87 -4.49
N VAL A 346 -25.89 15.15 -4.83
CA VAL A 346 -26.97 15.99 -4.32
C VAL A 346 -27.44 16.95 -5.36
N ASP A 347 -28.39 17.80 -4.94
CA ASP A 347 -29.09 18.75 -5.76
C ASP A 347 -28.75 20.17 -5.35
N PHE A 348 -29.41 21.12 -6.02
CA PHE A 348 -29.08 22.54 -6.01
C PHE A 348 -27.61 22.78 -6.30
N SER A 349 -27.06 21.99 -7.19
CA SER A 349 -25.73 22.26 -7.67
C SER A 349 -25.86 22.89 -9.05
N ALA A 350 -24.71 23.12 -9.65
CA ALA A 350 -24.58 23.66 -10.98
C ALA A 350 -23.13 23.47 -11.36
N ARG A 351 -22.83 23.73 -12.61
CA ARG A 351 -21.55 23.31 -13.12
C ARG A 351 -21.35 23.89 -14.48
N THR A 352 -20.17 24.43 -14.76
CA THR A 352 -19.87 24.94 -16.10
C THR A 352 -18.38 25.02 -16.34
N VAL A 353 -18.04 25.74 -17.40
CA VAL A 353 -16.68 26.12 -17.67
C VAL A 353 -16.56 27.62 -17.42
N ILE A 354 -15.40 28.03 -16.96
CA ILE A 354 -15.15 29.30 -16.31
C ILE A 354 -14.49 30.26 -17.28
N SER A 355 -14.40 31.53 -16.88
CA SER A 355 -13.61 32.52 -17.61
C SER A 355 -13.17 33.63 -16.69
N GLY A 356 -11.99 34.14 -16.94
CA GLY A 356 -11.47 35.24 -16.17
C GLY A 356 -12.17 36.54 -16.50
N ASP A 357 -12.16 37.49 -15.55
CA ASP A 357 -12.81 38.77 -15.73
C ASP A 357 -12.31 39.80 -14.70
N PRO A 358 -11.22 40.51 -14.97
CA PRO A 358 -10.64 41.37 -13.95
C PRO A 358 -11.44 42.57 -13.61
N ASN A 359 -12.47 42.89 -14.37
CA ASN A 359 -13.34 43.99 -14.01
C ASN A 359 -14.31 43.60 -12.91
N LEU A 360 -13.80 43.14 -11.78
CA LEU A 360 -14.60 42.57 -10.71
C LEU A 360 -13.91 42.77 -9.37
N GLU A 361 -14.67 42.60 -8.29
CA GLU A 361 -14.11 42.55 -6.95
C GLU A 361 -13.42 41.22 -6.71
N LEU A 362 -13.12 40.92 -5.44
CA LEU A 362 -12.52 39.63 -5.17
C LEU A 362 -13.56 38.61 -4.73
N ASP A 363 -14.69 39.06 -4.20
CA ASP A 363 -15.71 38.14 -3.76
C ASP A 363 -16.92 38.09 -4.70
N GLN A 364 -16.69 38.11 -6.00
CA GLN A 364 -17.77 38.09 -6.98
C GLN A 364 -17.51 37.03 -8.04
N VAL A 365 -18.58 36.36 -8.44
CA VAL A 365 -18.51 35.30 -9.43
C VAL A 365 -19.64 35.48 -10.43
N GLY A 366 -19.32 35.39 -11.71
CA GLY A 366 -20.30 35.64 -12.73
C GLY A 366 -21.27 34.49 -12.84
N VAL A 367 -22.53 34.81 -13.07
CA VAL A 367 -23.60 33.83 -13.15
C VAL A 367 -24.26 33.96 -14.51
N PRO A 368 -24.21 32.93 -15.34
CA PRO A 368 -25.02 32.91 -16.56
C PRO A 368 -26.49 32.91 -16.22
N ILE A 369 -27.30 33.43 -17.13
CA ILE A 369 -28.68 33.76 -16.78
C ILE A 369 -29.51 32.50 -16.62
N SER A 370 -29.26 31.50 -17.46
CA SER A 370 -30.06 30.28 -17.44
C SER A 370 -29.82 29.50 -16.15
N ILE A 371 -28.59 29.50 -15.67
CA ILE A 371 -28.31 28.88 -14.39
C ILE A 371 -29.00 29.64 -13.26
N ALA A 372 -29.14 30.95 -13.38
CA ALA A 372 -29.93 31.67 -12.40
C ALA A 372 -31.41 31.33 -12.51
N LYS A 373 -31.87 31.04 -13.70
CA LYS A 373 -33.25 30.63 -13.86
C LYS A 373 -33.51 29.27 -13.26
N THR A 374 -32.62 28.30 -13.49
CA THR A 374 -32.86 26.94 -13.02
C THR A 374 -32.79 26.85 -11.51
N LEU A 375 -31.69 27.27 -10.90
CA LEU A 375 -31.58 27.18 -9.47
C LEU A 375 -32.40 28.26 -8.79
N SER A 376 -32.61 28.11 -7.50
CA SER A 376 -33.37 29.10 -6.77
C SER A 376 -32.89 29.12 -5.33
N TYR A 377 -33.56 29.94 -4.54
CA TYR A 377 -33.32 30.04 -3.11
C TYR A 377 -34.62 30.38 -2.38
N PRO A 378 -34.99 29.64 -1.36
CA PRO A 378 -36.16 30.03 -0.57
C PRO A 378 -35.92 31.16 0.40
N GLU A 379 -36.34 32.34 0.01
CA GLU A 379 -36.39 33.47 0.90
C GLU A 379 -37.73 33.44 1.60
N THR A 380 -37.71 33.61 2.91
CA THR A 380 -38.94 33.68 3.67
C THR A 380 -39.69 34.96 3.37
N VAL A 381 -40.99 34.83 3.10
CA VAL A 381 -41.89 35.97 3.08
C VAL A 381 -41.98 36.53 4.48
N THR A 382 -41.40 37.71 4.69
CA THR A 382 -41.44 38.37 5.98
C THR A 382 -42.20 39.67 5.82
N GLN A 383 -42.15 40.47 6.87
CA GLN A 383 -42.83 41.75 6.78
C GLN A 383 -41.92 42.83 6.22
N TYR A 384 -40.69 42.49 5.87
CA TYR A 384 -39.84 43.49 5.26
C TYR A 384 -39.44 43.18 3.84
N ASN A 385 -40.07 42.19 3.20
CA ASN A 385 -39.72 41.88 1.82
C ASN A 385 -40.91 41.50 0.94
N ILE A 386 -42.10 42.03 1.21
CA ILE A 386 -43.28 41.58 0.47
C ILE A 386 -43.27 42.08 -0.96
N HIS A 387 -42.86 43.33 -1.15
CA HIS A 387 -43.13 44.02 -2.41
C HIS A 387 -42.31 43.42 -3.55
N ARG A 388 -41.01 43.28 -3.33
CA ARG A 388 -40.13 42.70 -4.35
C ARG A 388 -40.51 41.27 -4.64
N LEU A 389 -40.86 40.49 -3.61
CA LEU A 389 -41.20 39.09 -3.85
C LEU A 389 -42.48 38.94 -4.65
N THR A 390 -43.45 39.82 -4.40
CA THR A 390 -44.63 39.87 -5.27
C THR A 390 -44.25 40.25 -6.69
N GLU A 391 -43.27 41.14 -6.84
CA GLU A 391 -42.80 41.47 -8.18
C GLU A 391 -42.12 40.27 -8.83
N TYR A 392 -41.48 39.43 -8.02
CA TYR A 392 -40.75 38.30 -8.57
C TYR A 392 -41.71 37.23 -8.97
N VAL A 393 -42.86 37.22 -8.32
CA VAL A 393 -43.99 36.46 -8.85
C VAL A 393 -44.39 37.04 -10.20
N ARG A 394 -44.46 38.36 -10.29
CA ARG A 394 -44.97 38.98 -11.51
C ARG A 394 -43.98 38.85 -12.66
N ASN A 395 -42.72 38.52 -12.38
CA ASN A 395 -41.86 38.07 -13.47
C ASN A 395 -42.13 36.62 -13.83
N GLY A 396 -42.56 35.82 -12.86
CA GLY A 396 -42.80 34.42 -13.12
C GLY A 396 -41.51 33.67 -13.41
N PRO A 397 -41.62 32.46 -13.94
CA PRO A 397 -40.44 31.60 -14.09
C PRO A 397 -39.76 31.65 -15.43
N ASN A 398 -40.13 32.57 -16.32
CA ASN A 398 -39.34 32.76 -17.53
C ASN A 398 -38.64 34.10 -17.58
N GLU A 399 -38.61 34.84 -16.48
CA GLU A 399 -38.01 36.15 -16.51
C GLU A 399 -37.20 36.40 -15.25
N HIS A 400 -35.93 36.44 -15.40
CA HIS A 400 -35.08 36.94 -14.34
C HIS A 400 -35.20 38.45 -14.30
N PRO A 401 -35.24 39.09 -13.13
CA PRO A 401 -35.21 38.56 -11.76
C PRO A 401 -36.59 38.15 -11.25
N GLY A 402 -36.74 36.88 -10.90
CA GLY A 402 -38.06 36.41 -10.55
C GLY A 402 -38.17 35.22 -9.63
N ALA A 403 -39.32 34.55 -9.67
CA ALA A 403 -39.61 33.46 -8.76
C ALA A 403 -40.13 32.27 -9.53
N LYS A 404 -40.09 31.11 -8.88
CA LYS A 404 -40.64 29.86 -9.39
C LYS A 404 -41.76 29.28 -8.53
N TYR A 405 -41.69 29.38 -7.20
CA TYR A 405 -42.65 28.69 -6.36
C TYR A 405 -43.08 29.55 -5.20
N VAL A 406 -44.25 29.21 -4.66
CA VAL A 406 -44.63 29.57 -3.31
C VAL A 406 -44.90 28.29 -2.58
N ILE A 407 -44.11 28.00 -1.57
CA ILE A 407 -44.49 27.01 -0.59
C ILE A 407 -45.32 27.74 0.44
N ARG A 408 -46.53 27.23 0.67
CA ARG A 408 -47.42 27.72 1.68
C ARG A 408 -46.94 27.37 3.07
N ASP A 409 -47.75 27.73 4.06
CA ASP A 409 -47.45 27.39 5.44
C ASP A 409 -47.64 25.91 5.74
N ASN A 410 -48.19 25.15 4.80
CA ASN A 410 -48.50 23.75 5.06
C ASN A 410 -47.63 22.77 4.28
N GLY A 411 -47.17 23.15 3.09
CA GLY A 411 -46.56 22.22 2.15
C GLY A 411 -47.20 22.21 0.78
N ASP A 412 -47.79 23.32 0.34
CA ASP A 412 -48.43 23.38 -0.96
C ASP A 412 -47.47 23.94 -2.02
N ARG A 413 -47.24 23.15 -3.07
CA ARG A 413 -46.41 23.54 -4.19
C ARG A 413 -47.24 24.09 -5.33
N ILE A 414 -46.84 25.24 -5.86
CA ILE A 414 -47.54 25.89 -6.96
C ILE A 414 -46.53 26.16 -8.05
N ASP A 415 -46.40 25.25 -9.02
CA ASP A 415 -45.43 25.45 -10.08
C ASP A 415 -45.99 26.47 -11.06
N LEU A 416 -45.29 27.58 -11.21
CA LEU A 416 -45.83 28.73 -11.92
C LEU A 416 -45.63 28.67 -13.42
N ARG A 417 -45.20 27.53 -13.96
CA ARG A 417 -45.40 27.25 -15.38
C ARG A 417 -46.76 26.64 -15.62
N TYR A 418 -47.31 26.02 -14.59
CA TYR A 418 -48.60 25.35 -14.67
C TYR A 418 -49.68 26.08 -13.87
N HIS A 419 -49.69 27.40 -13.91
CA HIS A 419 -50.67 28.18 -13.19
C HIS A 419 -51.00 29.44 -14.01
N LYS A 420 -52.27 29.60 -14.37
CA LYS A 420 -52.70 30.71 -15.21
C LYS A 420 -52.74 32.05 -14.49
N ARG A 421 -52.86 32.05 -13.17
CA ARG A 421 -53.46 33.16 -12.43
C ARG A 421 -52.59 33.72 -11.32
N ALA A 422 -51.37 34.14 -11.67
CA ALA A 422 -50.52 34.83 -10.70
C ALA A 422 -51.13 36.13 -10.22
N GLY A 423 -51.95 36.78 -11.05
CA GLY A 423 -52.49 38.10 -10.73
C GLY A 423 -53.48 38.12 -9.57
N ASP A 424 -54.12 36.99 -9.27
CA ASP A 424 -55.08 36.94 -8.18
C ASP A 424 -54.51 36.30 -6.92
N ILE A 425 -53.22 36.46 -6.67
CA ILE A 425 -52.59 35.77 -5.55
C ILE A 425 -52.01 36.79 -4.58
N VAL A 426 -52.61 36.87 -3.40
CA VAL A 426 -52.01 37.55 -2.26
C VAL A 426 -51.14 36.53 -1.56
N LEU A 427 -50.22 37.00 -0.75
CA LEU A 427 -49.32 36.10 -0.03
C LEU A 427 -49.49 36.32 1.47
N GLN A 428 -49.08 35.36 2.26
CA GLN A 428 -49.27 35.45 3.70
C GLN A 428 -47.95 35.64 4.41
N TYR A 429 -48.00 36.25 5.60
CA TYR A 429 -46.78 36.50 6.35
C TYR A 429 -46.25 35.19 6.90
N GLY A 430 -45.06 34.83 6.45
CA GLY A 430 -44.47 33.59 6.85
C GLY A 430 -44.55 32.48 5.83
N TRP A 431 -45.14 32.74 4.66
CA TRP A 431 -45.03 31.73 3.61
C TRP A 431 -43.62 31.68 3.05
N LYS A 432 -43.39 30.73 2.17
CA LYS A 432 -42.08 30.56 1.59
C LYS A 432 -42.14 30.76 0.08
N VAL A 433 -41.17 31.49 -0.43
CA VAL A 433 -41.06 31.79 -1.85
C VAL A 433 -39.63 31.51 -2.29
N GLU A 434 -39.48 30.71 -3.31
CA GLU A 434 -38.17 30.56 -3.91
C GLU A 434 -38.11 31.50 -5.09
N ARG A 435 -37.37 32.58 -4.91
CA ARG A 435 -37.00 33.42 -6.05
C ARG A 435 -35.77 32.86 -6.72
N HIS A 436 -35.42 33.47 -7.85
CA HIS A 436 -34.29 32.99 -8.64
C HIS A 436 -32.98 33.34 -7.95
N LEU A 437 -31.89 33.10 -8.67
CA LEU A 437 -30.60 33.49 -8.15
C LEU A 437 -30.32 34.95 -8.50
N MET A 438 -30.65 35.84 -7.57
CA MET A 438 -30.46 37.28 -7.79
C MET A 438 -29.10 37.65 -7.26
N ASP A 439 -28.72 38.91 -7.48
CA ASP A 439 -27.41 39.41 -7.05
C ASP A 439 -27.24 39.34 -5.55
N ASP A 440 -25.98 39.26 -5.14
CA ASP A 440 -25.50 39.48 -3.78
C ASP A 440 -25.93 38.39 -2.84
N ASP A 441 -26.11 37.17 -3.32
CA ASP A 441 -26.39 36.07 -2.42
C ASP A 441 -25.10 35.32 -2.17
N PRO A 442 -24.98 34.57 -1.09
CA PRO A 442 -23.84 33.68 -0.98
C PRO A 442 -24.03 32.56 -1.97
N VAL A 443 -22.97 32.17 -2.62
CA VAL A 443 -22.95 30.85 -3.22
C VAL A 443 -21.75 30.18 -2.64
N LEU A 444 -21.76 28.88 -2.64
CA LEU A 444 -20.53 28.18 -2.41
C LEU A 444 -19.89 28.04 -3.78
N PHE A 445 -18.60 27.84 -3.80
CA PHE A 445 -17.89 27.70 -5.04
C PHE A 445 -16.73 26.79 -4.77
N ASN A 446 -16.38 25.99 -5.76
CA ASN A 446 -15.72 24.76 -5.39
C ASN A 446 -15.17 24.08 -6.62
N ARG A 447 -13.98 23.54 -6.54
CA ARG A 447 -13.43 22.79 -7.63
C ARG A 447 -13.01 21.44 -7.13
N GLN A 448 -13.43 20.42 -7.81
CA GLN A 448 -12.89 19.10 -7.57
C GLN A 448 -11.44 19.04 -8.01
N PRO A 449 -10.60 18.36 -7.26
CA PRO A 449 -10.88 17.89 -5.92
C PRO A 449 -10.49 18.97 -4.92
N SER A 450 -10.99 18.89 -3.69
CA SER A 450 -10.59 19.77 -2.57
C SER A 450 -9.22 19.32 -2.07
N LEU A 451 -8.34 20.30 -1.83
CA LEU A 451 -7.02 19.94 -1.33
C LEU A 451 -6.55 20.76 -0.15
N HIS A 452 -7.16 21.91 0.12
CA HIS A 452 -6.91 22.61 1.37
C HIS A 452 -8.15 23.40 1.72
N LYS A 453 -8.15 24.00 2.91
CA LYS A 453 -9.40 24.53 3.44
C LYS A 453 -9.86 25.80 2.75
N MET A 454 -9.13 26.32 1.78
CA MET A 454 -9.73 27.35 0.94
C MET A 454 -10.45 26.79 -0.26
N SER A 455 -10.30 25.50 -0.59
CA SER A 455 -10.80 24.97 -1.86
C SER A 455 -12.31 24.94 -1.97
N MET A 456 -13.00 25.45 -0.98
CA MET A 456 -14.40 25.79 -1.05
C MET A 456 -14.34 27.22 -0.51
N MET A 457 -14.82 28.18 -1.27
CA MET A 457 -14.95 29.53 -0.74
C MET A 457 -16.25 30.19 -1.17
N ALA A 458 -16.84 30.93 -0.24
CA ALA A 458 -18.08 31.64 -0.49
C ALA A 458 -17.81 32.86 -1.35
N HIS A 459 -18.84 33.42 -1.94
CA HIS A 459 -18.72 34.53 -2.87
C HIS A 459 -19.99 35.36 -2.82
N ARG A 460 -20.17 36.20 -3.84
CA ARG A 460 -21.43 36.91 -4.03
C ARG A 460 -21.86 36.79 -5.48
N VAL A 461 -23.12 37.13 -5.76
CA VAL A 461 -23.69 36.81 -7.06
C VAL A 461 -23.65 38.01 -7.98
N LYS A 462 -23.06 37.84 -9.16
CA LYS A 462 -23.17 38.83 -10.22
C LYS A 462 -23.73 38.15 -11.47
N VAL A 463 -24.75 38.77 -12.07
CA VAL A 463 -25.51 38.13 -13.13
C VAL A 463 -25.09 38.69 -14.47
N MET A 464 -24.65 37.81 -15.36
CA MET A 464 -24.09 38.19 -16.64
C MET A 464 -24.71 37.30 -17.71
N PRO A 465 -24.88 37.80 -18.91
CA PRO A 465 -25.17 36.90 -20.03
C PRO A 465 -23.94 36.17 -20.51
N TYR A 466 -24.09 35.50 -21.66
CA TYR A 466 -23.01 34.80 -22.37
C TYR A 466 -22.36 33.69 -21.55
N SER A 467 -22.97 32.51 -21.54
CA SER A 467 -23.01 31.58 -20.41
C SER A 467 -21.69 30.93 -20.00
N THR A 468 -20.88 31.60 -19.21
CA THR A 468 -19.74 31.03 -18.50
C THR A 468 -19.60 31.61 -17.10
N PHE A 469 -18.74 30.99 -16.30
CA PHE A 469 -18.46 31.51 -14.97
C PHE A 469 -17.34 32.52 -14.97
N ARG A 470 -17.60 33.64 -14.33
CA ARG A 470 -16.63 34.70 -14.23
C ARG A 470 -16.00 34.66 -12.86
N LEU A 471 -14.75 35.06 -12.79
CA LEU A 471 -13.97 35.05 -11.58
C LEU A 471 -13.24 36.38 -11.44
N ASN A 472 -12.65 36.61 -10.28
CA ASN A 472 -11.51 37.51 -10.23
C ASN A 472 -10.28 36.71 -10.57
N LEU A 473 -9.22 37.38 -10.96
CA LEU A 473 -8.06 36.55 -11.22
C LEU A 473 -7.11 36.52 -10.06
N SER A 474 -7.42 37.21 -8.99
CA SER A 474 -6.59 36.93 -7.85
C SER A 474 -6.99 35.63 -7.16
N VAL A 475 -8.22 35.16 -7.34
CA VAL A 475 -8.58 33.88 -6.74
C VAL A 475 -8.14 32.71 -7.56
N THR A 476 -7.38 32.92 -8.63
CA THR A 476 -6.91 31.79 -9.41
C THR A 476 -5.92 30.95 -8.64
N SER A 477 -5.11 31.56 -7.78
CA SER A 477 -4.10 30.78 -7.05
C SER A 477 -4.67 29.79 -6.05
N PRO A 478 -5.64 30.13 -5.18
CA PRO A 478 -6.06 29.11 -4.20
C PRO A 478 -6.82 27.94 -4.78
N TYR A 479 -7.74 28.13 -5.72
CA TYR A 479 -8.40 26.98 -6.29
C TYR A 479 -7.51 26.19 -7.21
N ASN A 480 -6.37 26.76 -7.62
CA ASN A 480 -5.52 26.25 -8.70
C ASN A 480 -6.36 25.99 -9.95
N ALA A 481 -6.88 27.06 -10.54
CA ALA A 481 -7.57 26.94 -11.80
C ALA A 481 -6.91 27.80 -12.87
N ASP A 482 -6.75 27.21 -14.05
CA ASP A 482 -6.34 27.90 -15.24
C ASP A 482 -7.60 28.00 -16.09
N PHE A 483 -7.49 28.40 -17.35
CA PHE A 483 -8.71 28.56 -18.13
C PHE A 483 -8.71 27.75 -19.40
N ASP A 484 -8.03 26.62 -19.39
CA ASP A 484 -8.10 25.67 -20.48
C ASP A 484 -9.28 24.71 -20.34
N GLY A 485 -10.33 25.10 -19.62
CA GLY A 485 -11.55 24.33 -19.56
C GLY A 485 -11.86 23.68 -18.23
N ASP A 486 -11.63 24.35 -17.11
CA ASP A 486 -11.90 23.71 -15.84
C ASP A 486 -13.38 23.75 -15.54
N GLU A 487 -13.83 22.84 -14.71
CA GLU A 487 -15.17 22.83 -14.18
C GLU A 487 -15.16 23.24 -12.73
N MET A 488 -16.00 24.20 -12.38
CA MET A 488 -16.13 24.57 -10.99
C MET A 488 -17.60 24.55 -10.65
N ASN A 489 -17.94 23.96 -9.51
CA ASN A 489 -19.31 23.73 -9.14
C ASN A 489 -19.88 24.89 -8.36
N LEU A 490 -21.17 24.83 -8.10
CA LEU A 490 -21.83 25.91 -7.39
C LEU A 490 -22.99 25.38 -6.57
N HIS A 491 -22.72 25.07 -5.32
CA HIS A 491 -23.77 24.66 -4.43
C HIS A 491 -24.43 25.91 -3.89
N VAL A 492 -25.68 25.77 -3.50
CA VAL A 492 -26.55 26.86 -3.11
C VAL A 492 -27.11 26.54 -1.74
N PRO A 493 -27.16 27.47 -0.82
CA PRO A 493 -27.83 27.22 0.43
C PRO A 493 -29.33 27.21 0.20
N GLN A 494 -30.03 26.48 1.05
CA GLN A 494 -31.48 26.45 0.99
C GLN A 494 -32.11 26.89 2.29
N SER A 495 -31.40 27.68 3.09
CA SER A 495 -31.90 28.06 4.39
C SER A 495 -31.21 29.36 4.77
N GLU A 496 -31.70 29.97 5.83
CA GLU A 496 -31.03 31.19 6.29
C GLU A 496 -29.76 30.84 7.03
N GLU A 497 -29.82 29.74 7.79
CA GLU A 497 -28.76 29.32 8.70
C GLU A 497 -27.46 29.10 7.96
N THR A 498 -27.52 28.31 6.91
CA THR A 498 -26.33 28.02 6.15
C THR A 498 -25.82 29.22 5.38
N ARG A 499 -26.71 30.15 5.05
CA ARG A 499 -26.27 31.40 4.42
C ARG A 499 -25.35 32.16 5.35
N ALA A 500 -25.75 32.30 6.61
CA ALA A 500 -24.87 33.03 7.51
C ALA A 500 -23.61 32.24 7.82
N GLU A 501 -23.71 30.91 7.82
CA GLU A 501 -22.53 30.07 8.01
C GLU A 501 -21.48 30.35 6.95
N LEU A 502 -21.91 30.41 5.70
CA LEU A 502 -20.96 30.67 4.63
C LEU A 502 -20.45 32.09 4.69
N SER A 503 -21.35 33.05 4.94
CA SER A 503 -21.02 34.46 4.83
C SER A 503 -20.10 34.93 5.95
N GLN A 504 -20.01 34.16 7.02
CA GLN A 504 -19.08 34.54 8.06
C GLN A 504 -17.88 33.62 8.16
N LEU A 505 -17.92 32.44 7.58
CA LEU A 505 -16.65 31.73 7.69
C LEU A 505 -16.00 31.54 6.35
N CYS A 506 -16.72 31.00 5.38
CA CYS A 506 -16.10 30.55 4.16
C CYS A 506 -15.98 31.64 3.13
N ALA A 507 -16.28 32.88 3.49
CA ALA A 507 -16.00 33.99 2.60
C ALA A 507 -14.49 34.18 2.46
N VAL A 508 -14.08 34.50 1.24
CA VAL A 508 -12.72 34.79 0.83
C VAL A 508 -11.96 35.78 1.71
N PRO A 509 -12.53 36.91 2.17
CA PRO A 509 -11.71 37.79 3.00
C PRO A 509 -11.38 37.24 4.36
N LEU A 510 -12.01 36.14 4.79
CA LEU A 510 -11.63 35.58 6.06
C LEU A 510 -10.74 34.37 5.90
N GLN A 511 -10.43 34.01 4.67
CA GLN A 511 -9.53 32.89 4.42
C GLN A 511 -8.33 33.30 3.61
N ILE A 512 -7.74 34.44 3.91
CA ILE A 512 -6.65 34.90 3.07
C ILE A 512 -5.35 34.23 3.50
N VAL A 513 -5.21 33.97 4.78
CA VAL A 513 -3.93 33.64 5.37
C VAL A 513 -3.87 32.16 5.66
N SER A 514 -3.05 31.44 4.93
CA SER A 514 -3.16 30.02 5.12
C SER A 514 -2.28 29.49 6.23
N PRO A 515 -2.88 28.81 7.19
CA PRO A 515 -2.12 28.22 8.28
C PRO A 515 -1.23 27.10 7.87
N GLN A 516 -1.36 26.61 6.63
CA GLN A 516 -0.33 25.81 6.00
C GLN A 516 1.02 26.44 6.20
N SER A 517 1.14 27.69 5.81
CA SER A 517 2.45 28.30 5.91
C SER A 517 2.34 29.74 6.35
N ASN A 518 1.30 30.06 7.12
CA ASN A 518 1.11 31.30 7.90
C ASN A 518 1.40 32.57 7.08
N LYS A 519 0.98 32.51 5.82
CA LYS A 519 1.25 33.53 4.82
C LYS A 519 -0.02 33.71 4.00
N PRO A 520 -0.16 34.83 3.30
CA PRO A 520 -1.31 34.94 2.41
C PRO A 520 -1.07 34.07 1.22
N VAL A 521 -2.12 33.38 0.80
CA VAL A 521 -2.07 32.58 -0.40
C VAL A 521 -2.98 33.11 -1.48
N MET A 522 -3.36 34.37 -1.42
CA MET A 522 -4.06 34.95 -2.55
C MET A 522 -3.42 36.26 -2.94
N GLY A 523 -2.76 36.27 -4.08
CA GLY A 523 -1.95 37.42 -4.41
C GLY A 523 -2.27 38.07 -5.72
N ILE A 524 -1.25 38.30 -6.54
CA ILE A 524 -1.40 38.93 -7.83
C ILE A 524 -0.95 37.94 -8.90
N VAL A 525 -1.64 37.92 -10.02
CA VAL A 525 -1.29 37.03 -11.11
C VAL A 525 -0.92 37.88 -12.31
N GLN A 526 -0.69 37.18 -13.41
CA GLN A 526 0.20 37.45 -14.56
C GLN A 526 0.22 38.93 -14.94
N ASP A 527 -0.89 39.49 -15.41
CA ASP A 527 -0.79 40.76 -16.10
C ASP A 527 -0.74 41.92 -15.13
N THR A 528 -1.64 41.93 -14.14
CA THR A 528 -1.61 43.00 -13.13
C THR A 528 -0.25 43.10 -12.48
N LEU A 529 0.40 41.97 -12.26
CA LEU A 529 1.71 42.01 -11.64
C LEU A 529 2.77 42.57 -12.57
N CYS A 530 2.92 42.01 -13.77
CA CYS A 530 4.04 42.46 -14.59
C CYS A 530 3.79 43.87 -15.11
N GLY A 531 2.53 44.25 -15.19
CA GLY A 531 2.18 45.60 -15.53
C GLY A 531 2.51 46.60 -14.44
N VAL A 532 2.26 46.25 -13.17
CA VAL A 532 2.52 47.24 -12.14
C VAL A 532 4.01 47.38 -11.95
N ARG A 533 4.78 46.32 -12.22
CA ARG A 533 6.22 46.47 -12.17
C ARG A 533 6.71 47.33 -13.32
N LYS A 534 6.06 47.25 -14.48
CA LYS A 534 6.42 48.20 -15.53
C LYS A 534 5.89 49.58 -15.22
N MET A 535 4.91 49.70 -14.33
CA MET A 535 4.39 51.03 -14.12
C MET A 535 5.26 51.80 -13.15
N THR A 536 5.60 51.22 -12.02
CA THR A 536 6.32 52.01 -11.05
C THR A 536 7.81 51.81 -11.08
N LEU A 537 8.39 51.61 -12.26
CA LEU A 537 9.80 51.94 -12.43
C LEU A 537 9.98 53.44 -12.28
N ARG A 538 11.21 53.86 -12.05
CA ARG A 538 11.46 55.25 -11.68
C ARG A 538 11.22 56.20 -12.84
N ASP A 539 11.53 55.81 -14.06
CA ASP A 539 11.49 56.74 -15.19
C ASP A 539 10.16 56.75 -15.93
N THR A 540 9.06 56.50 -15.25
CA THR A 540 7.78 56.43 -15.92
C THR A 540 6.93 57.61 -15.55
N PHE A 541 6.60 58.42 -16.53
CA PHE A 541 5.88 59.65 -16.31
C PHE A 541 4.55 59.56 -17.02
N ILE A 542 3.54 60.23 -16.48
CA ILE A 542 2.21 60.20 -17.07
C ILE A 542 1.69 61.62 -17.13
N GLU A 543 1.04 61.97 -18.23
CA GLU A 543 0.35 63.27 -18.30
C GLU A 543 -0.84 63.30 -17.39
N TYR A 544 -1.34 64.51 -17.15
CA TYR A 544 -2.43 64.69 -16.21
C TYR A 544 -3.73 64.07 -16.71
N GLU A 545 -3.97 64.18 -18.02
CA GLU A 545 -5.26 63.82 -18.60
C GLU A 545 -5.57 62.34 -18.43
N GLN A 546 -4.62 61.48 -18.77
CA GLN A 546 -4.80 60.04 -18.55
C GLN A 546 -4.88 59.71 -17.06
N VAL A 547 -4.24 60.53 -16.24
CA VAL A 547 -4.25 60.28 -14.81
C VAL A 547 -5.64 60.52 -14.25
N MET A 548 -6.41 61.39 -14.89
CA MET A 548 -7.79 61.64 -14.44
C MET A 548 -8.62 60.36 -14.43
N ASN A 549 -8.59 59.64 -15.54
CA ASN A 549 -9.29 58.36 -15.62
C ASN A 549 -8.72 57.36 -14.63
N MET A 550 -7.37 57.25 -14.60
CA MET A 550 -6.72 56.23 -13.78
C MET A 550 -7.09 56.35 -12.33
N LEU A 551 -7.18 57.57 -11.81
CA LEU A 551 -7.65 57.69 -10.45
C LEU A 551 -9.16 57.72 -10.39
N PHE A 552 -9.84 57.79 -11.53
CA PHE A 552 -11.26 57.57 -11.39
C PHE A 552 -11.59 56.13 -11.14
N TRP A 553 -10.77 55.20 -11.64
CA TRP A 553 -11.09 53.78 -11.49
C TRP A 553 -11.08 53.27 -10.05
N VAL A 554 -10.45 53.97 -9.12
CA VAL A 554 -10.36 53.45 -7.75
C VAL A 554 -11.70 53.68 -7.06
N PRO A 555 -12.34 52.63 -6.54
CA PRO A 555 -13.60 52.85 -5.83
C PRO A 555 -13.43 53.52 -4.48
N SER A 556 -12.22 53.55 -3.97
CA SER A 556 -11.96 54.11 -2.65
C SER A 556 -11.20 55.41 -2.73
N TRP A 557 -11.06 55.99 -3.89
CA TRP A 557 -10.43 57.28 -3.97
C TRP A 557 -11.37 58.33 -3.44
N ASP A 558 -10.83 59.28 -2.70
CA ASP A 558 -11.69 60.24 -2.06
C ASP A 558 -12.27 61.25 -3.03
N GLY A 559 -11.50 61.64 -4.04
CA GLY A 559 -11.78 62.87 -4.72
C GLY A 559 -10.68 63.90 -4.66
N VAL A 560 -9.44 63.49 -4.40
CA VAL A 560 -8.32 64.42 -4.31
C VAL A 560 -7.17 63.85 -5.11
N VAL A 561 -6.70 64.57 -6.11
CA VAL A 561 -5.50 64.11 -6.80
C VAL A 561 -4.29 64.39 -5.93
N PRO A 562 -3.20 63.68 -6.07
CA PRO A 562 -1.98 64.09 -5.41
C PRO A 562 -1.41 65.32 -6.05
N GLN A 563 -0.37 65.83 -5.45
CA GLN A 563 0.36 66.83 -6.14
C GLN A 563 1.26 66.16 -7.16
N PRO A 564 1.24 66.62 -8.39
CA PRO A 564 2.11 66.08 -9.42
C PRO A 564 3.54 66.33 -9.07
N ALA A 565 4.36 65.30 -9.28
CA ALA A 565 5.71 65.32 -8.78
C ALA A 565 6.61 66.22 -9.63
N ILE A 566 6.09 66.80 -10.69
CA ILE A 566 6.76 67.89 -11.39
C ILE A 566 5.70 68.96 -11.57
N LEU A 567 6.06 70.23 -11.38
CA LEU A 567 5.11 71.32 -11.60
C LEU A 567 5.34 72.09 -12.88
N LYS A 568 6.52 71.96 -13.48
CA LYS A 568 7.00 72.88 -14.46
C LYS A 568 8.23 72.17 -15.01
N PRO A 569 8.39 72.10 -16.33
CA PRO A 569 7.71 72.91 -17.34
C PRO A 569 6.37 72.38 -17.87
N LYS A 570 6.03 71.13 -17.64
CA LYS A 570 4.73 70.60 -18.00
C LYS A 570 4.42 69.51 -17.00
N PRO A 571 3.31 69.58 -16.28
CA PRO A 571 3.09 68.71 -15.11
C PRO A 571 3.04 67.25 -15.53
N LEU A 572 3.78 66.41 -14.82
CA LEU A 572 3.76 65.00 -15.10
C LEU A 572 3.47 64.36 -13.77
N TRP A 573 3.53 63.05 -13.72
CA TRP A 573 3.61 62.33 -12.46
C TRP A 573 4.73 61.32 -12.51
N THR A 574 4.85 60.55 -11.43
CA THR A 574 5.44 59.22 -11.49
C THR A 574 4.49 58.23 -10.87
N GLY A 575 4.57 57.01 -11.39
CA GLY A 575 3.49 56.05 -11.14
C GLY A 575 3.43 55.55 -9.72
N LYS A 576 4.50 55.76 -8.96
CA LYS A 576 4.49 55.29 -7.58
C LYS A 576 3.47 56.04 -6.76
N GLN A 577 3.21 57.30 -7.09
CA GLN A 577 2.15 57.98 -6.35
C GLN A 577 0.78 57.45 -6.74
N LEU A 578 0.62 56.99 -7.97
CA LEU A 578 -0.67 56.42 -8.34
C LEU A 578 -0.89 55.09 -7.67
N LEU A 579 0.18 54.31 -7.52
CA LEU A 579 0.10 53.10 -6.72
C LEU A 579 -0.15 53.46 -5.26
N SER A 580 0.29 54.64 -4.85
CA SER A 580 0.02 55.09 -3.50
C SER A 580 -1.42 55.53 -3.34
N ILE A 581 -2.13 55.80 -4.41
CA ILE A 581 -3.52 56.20 -4.24
C ILE A 581 -4.36 55.02 -3.74
N ALA A 582 -4.03 53.82 -4.18
CA ALA A 582 -4.82 52.66 -3.79
C ALA A 582 -4.63 52.26 -2.33
N ILE A 583 -3.39 52.20 -1.88
CA ILE A 583 -3.02 51.60 -0.61
C ILE A 583 -3.38 52.53 0.53
N PRO A 584 -4.17 52.08 1.51
CA PRO A 584 -4.78 53.01 2.45
C PRO A 584 -3.80 53.59 3.45
N SER A 585 -4.33 54.48 4.29
CA SER A 585 -3.52 55.26 5.19
C SER A 585 -3.34 54.52 6.51
N GLY A 586 -2.08 54.29 6.88
CA GLY A 586 -1.74 53.57 8.09
C GLY A 586 -0.86 52.35 7.88
N ILE A 587 0.00 52.37 6.89
CA ILE A 587 0.81 51.21 6.55
C ILE A 587 2.26 51.58 6.81
N HIS A 588 3.08 50.61 7.15
CA HIS A 588 4.50 50.75 7.08
C HIS A 588 5.09 49.49 6.50
N LEU A 589 6.10 49.64 5.68
CA LEU A 589 6.80 48.45 5.24
C LEU A 589 8.20 48.82 4.86
N GLN A 590 9.15 48.16 5.49
CA GLN A 590 10.56 48.50 5.36
C GLN A 590 11.24 47.24 4.90
N ARG A 591 11.92 47.29 3.78
CA ARG A 591 12.65 46.10 3.45
C ARG A 591 14.01 46.51 2.94
N THR A 592 15.01 45.74 3.34
CA THR A 592 16.36 45.91 2.82
C THR A 592 16.68 44.70 1.97
N ASP A 593 16.78 44.90 0.67
CA ASP A 593 17.28 43.85 -0.21
C ASP A 593 18.74 44.12 -0.50
N GLY A 594 19.57 43.11 -0.28
CA GLY A 594 20.96 43.14 -0.68
C GLY A 594 21.81 44.19 0.00
N GLY A 595 21.35 44.69 1.15
CA GLY A 595 22.10 45.73 1.82
C GLY A 595 22.04 47.06 1.09
N ASN A 596 20.86 47.50 0.71
CA ASN A 596 20.78 48.79 0.05
C ASN A 596 20.97 49.92 1.04
N SER A 597 21.14 51.10 0.50
CA SER A 597 21.32 52.31 1.27
C SER A 597 19.98 52.98 1.54
N LEU A 598 20.04 54.23 1.99
CA LEU A 598 18.89 55.08 1.87
C LEU A 598 19.04 55.99 0.67
N LEU A 599 20.08 55.74 -0.13
CA LEU A 599 20.42 56.48 -1.33
C LEU A 599 20.03 55.75 -2.59
N SER A 600 19.94 54.42 -2.54
CA SER A 600 19.23 53.60 -3.51
C SER A 600 19.69 53.68 -4.96
N PRO A 601 20.87 53.15 -5.30
CA PRO A 601 21.35 53.27 -6.68
C PRO A 601 20.66 52.32 -7.64
N LYS A 602 20.43 51.09 -7.24
CA LYS A 602 19.80 50.12 -8.09
C LYS A 602 18.29 50.23 -8.05
N ASP A 603 17.77 51.05 -7.14
CA ASP A 603 16.36 51.34 -6.96
C ASP A 603 15.54 50.11 -6.58
N ASN A 604 16.20 49.09 -6.05
CA ASN A 604 15.46 47.98 -5.50
C ASN A 604 15.28 48.21 -4.02
N GLY A 605 14.74 47.23 -3.35
CA GLY A 605 14.36 47.46 -1.98
C GLY A 605 13.02 48.14 -1.95
N MET A 606 12.60 48.43 -0.73
CA MET A 606 11.30 49.03 -0.51
C MET A 606 11.20 49.61 0.89
N LEU A 607 10.82 50.88 0.95
CA LEU A 607 10.39 51.55 2.17
C LEU A 607 9.09 52.27 1.88
N ILE A 608 8.08 51.99 2.68
CA ILE A 608 6.83 52.71 2.55
C ILE A 608 6.48 53.31 3.88
N VAL A 609 6.23 54.60 3.89
CA VAL A 609 5.72 55.32 5.04
C VAL A 609 4.46 56.01 4.58
N ASP A 610 3.43 56.03 5.46
CA ASP A 610 2.11 56.63 5.23
C ASP A 610 1.29 55.86 4.20
N GLY A 611 1.89 54.86 3.59
CA GLY A 611 1.29 54.25 2.44
C GLY A 611 1.60 54.97 1.16
N LYS A 612 2.54 55.90 1.18
CA LYS A 612 3.00 56.48 -0.07
C LYS A 612 4.38 55.91 -0.30
N VAL A 613 4.61 55.43 -1.50
CA VAL A 613 5.88 54.80 -1.83
C VAL A 613 6.95 55.88 -1.73
N MET A 614 8.09 55.52 -1.14
CA MET A 614 9.21 56.43 -1.09
C MET A 614 10.23 56.11 -2.15
N PHE A 615 10.50 54.84 -2.38
CA PHE A 615 11.31 54.40 -3.50
C PHE A 615 11.02 52.94 -3.76
N GLY A 616 11.70 52.38 -4.76
CA GLY A 616 11.70 50.95 -4.93
C GLY A 616 10.76 50.36 -5.96
N VAL A 617 11.25 49.34 -6.66
CA VAL A 617 10.48 48.67 -7.70
C VAL A 617 9.60 47.60 -7.07
N VAL A 618 8.30 47.83 -7.09
CA VAL A 618 7.36 46.98 -6.40
C VAL A 618 7.18 45.69 -7.19
N ASP A 619 7.62 44.57 -6.66
CA ASP A 619 7.68 43.35 -7.47
C ASP A 619 7.03 42.20 -6.70
N LYS A 620 7.26 40.96 -7.19
CA LYS A 620 6.70 39.78 -6.56
C LYS A 620 7.10 39.65 -5.11
N LYS A 621 8.39 39.78 -4.81
CA LYS A 621 8.90 39.54 -3.47
C LYS A 621 8.41 40.55 -2.45
N THR A 622 7.70 41.59 -2.88
CA THR A 622 6.86 42.38 -2.01
C THR A 622 5.40 42.01 -2.09
N VAL A 623 4.78 42.04 -3.26
CA VAL A 623 3.31 41.91 -3.31
C VAL A 623 2.86 40.56 -3.81
N GLY A 624 3.74 39.58 -3.89
CA GLY A 624 3.26 38.28 -4.29
C GLY A 624 2.65 37.51 -3.13
N SER A 625 3.00 36.24 -3.06
CA SER A 625 2.52 35.38 -2.00
C SER A 625 3.41 35.40 -0.76
N GLY A 626 4.47 36.21 -0.76
CA GLY A 626 5.44 36.13 0.32
C GLY A 626 4.90 36.70 1.62
N GLY A 627 5.02 35.88 2.67
CA GLY A 627 4.51 36.30 3.96
C GLY A 627 5.37 37.42 4.54
N GLY A 628 4.74 38.26 5.35
CA GLY A 628 5.33 39.54 5.65
C GLY A 628 5.40 40.47 4.46
N GLY A 629 4.61 40.23 3.43
CA GLY A 629 4.54 41.11 2.29
C GLY A 629 3.55 42.22 2.53
N LEU A 630 3.13 42.83 1.43
CA LEU A 630 2.20 43.94 1.51
C LEU A 630 0.83 43.48 1.96
N ILE A 631 0.36 42.36 1.41
CA ILE A 631 -1.01 41.92 1.63
C ILE A 631 -1.20 41.46 3.06
N HIS A 632 -0.24 40.69 3.57
CA HIS A 632 -0.28 40.25 4.95
C HIS A 632 -0.31 41.42 5.90
N THR A 633 0.49 42.43 5.59
CA THR A 633 0.60 43.60 6.44
C THR A 633 -0.70 44.36 6.47
N VAL A 634 -1.34 44.49 5.31
CA VAL A 634 -2.63 45.15 5.24
C VAL A 634 -3.67 44.37 6.03
N MET A 635 -3.60 43.03 5.96
CA MET A 635 -4.56 42.21 6.68
C MET A 635 -4.40 42.37 8.19
N ARG A 636 -3.16 42.33 8.67
CA ARG A 636 -2.91 42.44 10.11
C ARG A 636 -3.25 43.83 10.61
N GLU A 637 -3.13 44.83 9.76
CA GLU A 637 -3.29 46.16 10.29
C GLU A 637 -4.66 46.74 10.03
N LYS A 638 -5.49 46.09 9.22
CA LYS A 638 -6.76 46.69 8.83
C LYS A 638 -7.95 45.75 8.75
N GLY A 639 -7.81 44.49 9.13
CA GLY A 639 -8.94 43.61 9.09
C GLY A 639 -9.07 43.00 7.72
N PRO A 640 -10.20 42.35 7.45
CA PRO A 640 -10.33 41.69 6.15
C PRO A 640 -10.69 42.62 5.02
N LYS A 641 -11.59 43.57 5.24
CA LYS A 641 -12.34 44.15 4.15
C LYS A 641 -11.47 45.08 3.33
N ILE A 642 -10.51 45.73 3.98
CA ILE A 642 -9.66 46.63 3.24
C ILE A 642 -8.66 45.83 2.41
N CYS A 643 -8.30 44.64 2.90
CA CYS A 643 -7.49 43.74 2.11
C CYS A 643 -8.26 43.18 0.93
N ALA A 644 -9.58 43.06 1.08
CA ALA A 644 -10.39 42.73 -0.09
C ALA A 644 -10.33 43.86 -1.10
N GLU A 645 -10.43 45.11 -0.64
CA GLU A 645 -10.49 46.19 -1.61
C GLU A 645 -9.12 46.54 -2.19
N LEU A 646 -8.05 46.03 -1.57
CA LEU A 646 -6.71 46.19 -2.13
C LEU A 646 -6.60 45.58 -3.52
N PHE A 647 -7.13 44.37 -3.70
CA PHE A 647 -6.96 43.70 -4.97
C PHE A 647 -7.79 44.37 -6.04
N GLY A 648 -8.96 44.84 -5.66
CA GLY A 648 -9.76 45.61 -6.59
C GLY A 648 -9.06 46.86 -7.05
N ASN A 649 -8.51 47.63 -6.12
CA ASN A 649 -7.89 48.90 -6.45
C ASN A 649 -6.67 48.71 -7.36
N ILE A 650 -5.80 47.77 -6.99
CA ILE A 650 -4.60 47.53 -7.77
C ILE A 650 -4.92 46.96 -9.14
N GLN A 651 -5.80 45.96 -9.22
CA GLN A 651 -6.02 45.33 -10.52
C GLN A 651 -6.74 46.25 -11.49
N LYS A 652 -7.74 47.01 -11.03
CA LYS A 652 -8.39 47.90 -11.96
C LYS A 652 -7.45 49.00 -12.42
N VAL A 653 -6.63 49.53 -11.51
CA VAL A 653 -5.69 50.58 -11.89
C VAL A 653 -4.69 50.09 -12.92
N VAL A 654 -4.07 48.95 -12.65
CA VAL A 654 -2.97 48.56 -13.50
C VAL A 654 -3.47 47.93 -14.79
N ASN A 655 -4.73 47.45 -14.80
CA ASN A 655 -5.27 47.09 -16.10
C ASN A 655 -5.57 48.29 -16.95
N TYR A 656 -6.06 49.38 -16.38
CA TYR A 656 -6.32 50.54 -17.23
C TYR A 656 -5.03 51.12 -17.76
N TRP A 657 -4.01 51.13 -16.93
CA TRP A 657 -2.73 51.65 -17.40
C TRP A 657 -2.03 50.67 -18.31
N LEU A 658 -2.21 49.36 -18.11
CA LEU A 658 -1.53 48.41 -18.98
C LEU A 658 -2.29 48.26 -20.29
N LEU A 659 -3.52 48.72 -20.31
CA LEU A 659 -4.19 48.98 -21.57
C LEU A 659 -3.48 50.10 -22.32
N HIS A 660 -3.50 51.31 -21.77
CA HIS A 660 -3.00 52.46 -22.51
C HIS A 660 -1.50 52.47 -22.72
N ASN A 661 -0.75 51.75 -21.92
CA ASN A 661 0.59 51.42 -22.36
C ASN A 661 0.54 50.27 -23.34
N GLY A 662 0.14 49.11 -22.87
CA GLY A 662 0.32 47.92 -23.65
C GLY A 662 1.63 47.23 -23.33
N PHE A 663 1.71 45.98 -23.77
CA PHE A 663 2.83 45.11 -23.49
C PHE A 663 2.70 43.88 -24.36
N SER A 664 3.81 43.46 -24.92
CA SER A 664 3.73 42.35 -25.83
C SER A 664 5.01 41.56 -25.74
N ILE A 665 5.12 40.58 -26.62
CA ILE A 665 6.27 39.70 -26.63
C ILE A 665 6.49 39.24 -28.04
N GLY A 666 7.72 39.36 -28.52
CA GLY A 666 8.01 39.01 -29.88
C GLY A 666 9.21 38.11 -29.94
N ILE A 667 9.39 37.54 -31.13
CA ILE A 667 10.42 36.53 -31.34
C ILE A 667 11.82 37.12 -31.16
N GLY A 668 11.97 38.43 -31.30
CA GLY A 668 13.27 39.05 -31.07
C GLY A 668 13.67 39.02 -29.62
N ASP A 669 12.70 38.96 -28.73
CA ASP A 669 12.99 39.08 -27.31
C ASP A 669 13.73 37.91 -26.74
N ALA A 670 13.74 36.78 -27.42
CA ALA A 670 14.62 35.73 -27.00
C ALA A 670 15.92 35.73 -27.77
N ILE A 671 16.15 36.70 -28.64
CA ILE A 671 17.38 36.75 -29.40
C ILE A 671 18.32 37.71 -28.70
N ALA A 672 19.57 37.32 -28.54
CA ALA A 672 20.62 38.27 -28.21
C ALA A 672 21.45 38.51 -29.47
N ASP A 673 22.30 39.53 -29.42
CA ASP A 673 23.15 39.84 -30.55
C ASP A 673 24.15 38.72 -30.82
N ALA A 674 24.81 38.81 -31.98
CA ALA A 674 25.71 37.75 -32.41
C ALA A 674 26.91 37.58 -31.49
N SER A 675 27.37 38.66 -30.85
CA SER A 675 28.52 38.59 -29.96
C SER A 675 28.23 37.75 -28.72
N THR A 676 27.07 37.98 -28.10
CA THR A 676 26.74 37.20 -26.90
C THR A 676 26.47 35.76 -27.27
N MET A 677 25.94 35.54 -28.47
CA MET A 677 25.81 34.20 -28.99
C MET A 677 27.19 33.54 -29.13
N LYS A 678 28.18 34.33 -29.56
CA LYS A 678 29.54 33.82 -29.67
C LYS A 678 30.11 33.48 -28.31
N GLU A 679 29.78 34.29 -27.30
CA GLU A 679 30.30 34.07 -25.97
C GLU A 679 29.69 32.85 -25.33
N ILE A 680 28.38 32.68 -25.52
CA ILE A 680 27.69 31.51 -25.01
C ILE A 680 28.20 30.26 -25.69
N THR A 681 28.42 30.34 -27.00
CA THR A 681 28.93 29.21 -27.75
C THR A 681 30.33 28.84 -27.30
N HIS A 682 31.19 29.84 -27.07
CA HIS A 682 32.52 29.61 -26.55
C HIS A 682 32.49 28.97 -25.18
N ALA A 683 31.59 29.45 -24.32
CA ALA A 683 31.53 28.93 -22.96
C ALA A 683 31.07 27.49 -22.94
N ILE A 684 30.03 27.17 -23.69
CA ILE A 684 29.53 25.81 -23.67
C ILE A 684 30.48 24.88 -24.41
N SER A 685 31.21 25.41 -25.39
CA SER A 685 32.26 24.62 -26.03
C SER A 685 33.38 24.33 -25.04
N SER A 686 33.72 25.30 -24.20
CA SER A 686 34.71 25.07 -23.16
C SER A 686 34.20 24.09 -22.13
N ALA A 687 32.90 24.07 -21.93
CA ALA A 687 32.33 23.07 -21.03
C ALA A 687 32.42 21.68 -21.62
N LYS A 688 32.24 21.58 -22.93
CA LYS A 688 32.38 20.27 -23.55
C LYS A 688 33.84 19.84 -23.56
N GLU A 689 34.74 20.81 -23.60
CA GLU A 689 36.15 20.53 -23.34
C GLU A 689 36.36 20.02 -21.93
N GLN A 690 35.63 20.60 -20.96
CA GLN A 690 35.76 20.14 -19.57
C GLN A 690 35.26 18.73 -19.40
N VAL A 691 34.15 18.39 -20.05
CA VAL A 691 33.65 17.04 -19.92
C VAL A 691 34.53 16.08 -20.71
N GLN A 692 35.21 16.58 -21.74
CA GLN A 692 36.24 15.78 -22.36
C GLN A 692 37.41 15.53 -21.42
N GLU A 693 37.73 16.51 -20.58
CA GLU A 693 38.76 16.29 -19.56
C GLU A 693 38.32 15.24 -18.56
N ILE A 694 37.03 15.28 -18.20
CA ILE A 694 36.44 14.30 -17.30
C ILE A 694 36.58 12.90 -17.89
N ILE A 695 36.23 12.77 -19.16
CA ILE A 695 36.35 11.50 -19.87
C ILE A 695 37.79 11.06 -19.92
N TYR A 696 38.70 12.00 -20.22
CA TYR A 696 40.11 11.69 -20.36
C TYR A 696 40.69 11.14 -19.08
N LYS A 697 40.38 11.79 -17.96
CA LYS A 697 40.96 11.36 -16.70
C LYS A 697 40.28 10.12 -16.16
N ALA A 698 38.95 10.04 -16.28
CA ALA A 698 38.23 8.90 -15.70
C ALA A 698 38.43 7.65 -16.53
N GLN A 699 38.43 7.76 -17.85
CA GLN A 699 38.74 6.63 -18.69
C GLN A 699 40.23 6.45 -18.85
N HIS A 700 41.05 7.36 -18.33
CA HIS A 700 42.45 7.10 -18.05
C HIS A 700 42.69 6.83 -16.58
N ASN A 701 41.59 6.67 -15.82
CA ASN A 701 41.57 6.23 -14.43
C ASN A 701 42.33 7.19 -13.53
N GLU A 702 41.99 8.46 -13.64
CA GLU A 702 42.63 9.50 -12.84
C GLU A 702 41.62 10.18 -11.93
N LEU A 703 40.50 9.53 -11.64
CA LEU A 703 39.38 10.24 -11.04
C LEU A 703 39.16 9.78 -9.60
N GLU A 704 38.88 10.76 -8.72
CA GLU A 704 38.73 10.46 -7.31
C GLU A 704 37.28 10.35 -6.90
N LEU A 705 37.01 9.38 -6.03
CA LEU A 705 35.66 8.91 -5.73
C LEU A 705 35.14 9.58 -4.48
N LYS A 706 33.93 10.11 -4.58
CA LYS A 706 33.21 10.90 -3.59
C LYS A 706 32.74 10.02 -2.43
N PRO A 707 32.30 10.60 -1.32
CA PRO A 707 31.75 9.76 -0.25
C PRO A 707 30.42 9.15 -0.65
N GLY A 708 30.32 7.84 -0.46
CA GLY A 708 29.09 7.10 -0.62
C GLY A 708 28.71 6.68 -2.01
N MET A 709 29.37 7.25 -3.04
CA MET A 709 29.08 6.91 -4.42
C MET A 709 30.28 6.19 -5.02
N THR A 710 29.98 5.14 -5.76
CA THR A 710 31.03 4.44 -6.47
C THR A 710 31.33 5.14 -7.79
N LEU A 711 32.07 4.43 -8.64
CA LEU A 711 32.83 5.08 -9.70
C LEU A 711 31.93 5.67 -10.76
N ARG A 712 30.92 4.92 -11.19
CA ARG A 712 30.00 5.47 -12.19
C ARG A 712 29.09 6.51 -11.59
N GLU A 713 28.72 6.36 -10.33
CA GLU A 713 27.84 7.34 -9.70
C GLU A 713 28.54 8.67 -9.53
N SER A 714 29.80 8.66 -9.10
CA SER A 714 30.53 9.91 -9.00
C SER A 714 30.90 10.46 -10.37
N PHE A 715 31.08 9.57 -11.34
CA PHE A 715 31.28 9.99 -12.72
C PHE A 715 30.09 10.79 -13.24
N GLU A 716 28.90 10.22 -13.09
CA GLU A 716 27.69 10.87 -13.54
C GLU A 716 27.38 12.11 -12.71
N GLY A 717 27.74 12.09 -11.42
CA GLY A 717 27.55 13.27 -10.59
C GLY A 717 28.44 14.42 -11.03
N GLU A 718 29.67 14.09 -11.43
CA GLU A 718 30.58 15.09 -11.98
C GLU A 718 30.03 15.66 -13.26
N VAL A 719 29.51 14.80 -14.12
CA VAL A 719 28.90 15.23 -15.37
C VAL A 719 27.74 16.18 -15.12
N SER A 720 26.91 15.83 -14.14
CA SER A 720 25.74 16.63 -13.82
C SER A 720 26.12 18.01 -13.32
N ARG A 721 27.12 18.07 -12.43
CA ARG A 721 27.57 19.36 -11.94
C ARG A 721 28.19 20.19 -13.04
N THR A 722 28.97 19.56 -13.90
CA THR A 722 29.72 20.32 -14.89
C THR A 722 28.80 20.92 -15.94
N LEU A 723 27.85 20.12 -16.43
CA LEU A 723 26.94 20.67 -17.43
C LEU A 723 25.93 21.61 -16.79
N ASN A 724 25.60 21.41 -15.52
CA ASN A 724 24.81 22.43 -14.85
C ASN A 724 25.57 23.74 -14.72
N ASP A 725 26.89 23.68 -14.51
CA ASP A 725 27.68 24.90 -14.45
C ASP A 725 27.75 25.59 -15.78
N ALA A 726 27.88 24.80 -16.84
CA ALA A 726 27.76 25.31 -18.20
C ALA A 726 26.47 26.07 -18.41
N ARG A 727 25.36 25.43 -18.04
CA ARG A 727 24.05 26.02 -18.25
C ARG A 727 23.88 27.28 -17.43
N ASP A 728 24.40 27.28 -16.21
CA ASP A 728 24.21 28.43 -15.32
C ASP A 728 25.02 29.63 -15.77
N SER A 729 26.29 29.43 -16.11
CA SER A 729 27.09 30.57 -16.55
C SER A 729 26.62 31.10 -17.90
N ALA A 730 26.21 30.20 -18.80
CA ALA A 730 25.76 30.65 -20.11
C ALA A 730 24.45 31.40 -20.01
N GLY A 731 23.51 30.89 -19.21
CA GLY A 731 22.26 31.59 -19.01
C GLY A 731 22.46 32.89 -18.26
N ARG A 732 23.50 32.95 -17.44
CA ARG A 732 23.80 34.18 -16.74
C ARG A 732 24.32 35.25 -17.70
N SER A 733 25.20 34.87 -18.62
CA SER A 733 25.69 35.83 -19.60
C SER A 733 24.55 36.33 -20.49
N ALA A 734 23.68 35.41 -20.90
CA ALA A 734 22.56 35.80 -21.74
C ALA A 734 21.54 36.62 -20.96
N GLU A 735 21.50 36.46 -19.64
CA GLU A 735 20.67 37.34 -18.86
C GLU A 735 21.31 38.71 -18.75
N MET A 736 22.64 38.74 -18.67
CA MET A 736 23.33 40.01 -18.42
C MET A 736 23.29 40.91 -19.62
N ASN A 737 23.40 40.35 -20.81
CA ASN A 737 23.41 41.20 -22.00
C ASN A 737 22.07 41.86 -22.25
N LEU A 738 20.97 41.19 -21.94
CA LEU A 738 19.68 41.62 -22.46
C LEU A 738 19.27 42.94 -21.84
N LYS A 739 18.59 43.74 -22.64
CA LYS A 739 18.25 45.09 -22.24
C LYS A 739 17.11 45.07 -21.25
N ASP A 740 16.70 46.25 -20.81
CA ASP A 740 15.62 46.27 -19.85
C ASP A 740 14.32 46.73 -20.49
N LEU A 741 14.37 47.26 -21.69
CA LEU A 741 13.13 47.38 -22.43
C LEU A 741 12.75 46.08 -23.08
N ASN A 742 13.66 45.11 -23.09
CA ASN A 742 13.37 43.74 -23.47
C ASN A 742 12.23 43.20 -22.63
N ASN A 743 11.26 42.57 -23.31
CA ASN A 743 10.03 42.22 -22.63
C ASN A 743 10.22 41.03 -21.69
N VAL A 744 10.93 39.99 -22.16
CA VAL A 744 11.03 38.75 -21.42
C VAL A 744 11.77 38.95 -20.11
N LYS A 745 12.80 39.81 -20.14
CA LYS A 745 13.54 40.10 -18.92
C LYS A 745 12.69 40.90 -17.96
N GLN A 746 11.77 41.71 -18.49
CA GLN A 746 10.81 42.39 -17.61
C GLN A 746 9.87 41.41 -16.96
N MET A 747 9.46 40.37 -17.68
CA MET A 747 8.51 39.44 -17.06
C MET A 747 9.18 38.59 -15.99
N VAL A 748 10.38 38.10 -16.26
CA VAL A 748 11.05 37.30 -15.24
C VAL A 748 11.49 38.18 -14.07
N SER A 749 11.89 39.41 -14.36
CA SER A 749 12.25 40.30 -13.27
C SER A 749 11.03 40.89 -12.60
N ALA A 750 9.84 40.51 -13.05
CA ALA A 750 8.66 40.80 -12.27
C ALA A 750 8.20 39.59 -11.50
N GLY A 751 8.54 38.39 -11.98
CA GLY A 751 8.17 37.17 -11.31
C GLY A 751 6.72 36.77 -11.41
N SER A 752 5.90 37.48 -12.17
CA SER A 752 4.55 37.03 -12.43
C SER A 752 4.51 35.70 -13.14
N LYS A 753 5.47 35.43 -14.01
CA LYS A 753 5.56 34.10 -14.59
C LYS A 753 7.00 33.83 -15.01
N GLY A 754 7.51 32.68 -14.61
CA GLY A 754 8.74 32.20 -15.18
C GLY A 754 9.95 32.55 -14.34
N SER A 755 11.12 32.21 -14.86
CA SER A 755 12.33 32.37 -14.07
C SER A 755 13.52 32.44 -14.99
N PHE A 756 14.69 32.31 -14.36
CA PHE A 756 15.98 32.41 -15.01
C PHE A 756 16.20 31.29 -16.01
N ILE A 757 15.81 30.08 -15.63
CA ILE A 757 16.08 28.91 -16.45
C ILE A 757 15.23 28.93 -17.71
N ASN A 758 14.12 29.67 -17.69
CA ASN A 758 13.31 29.84 -18.89
C ASN A 758 14.08 30.57 -19.97
N ILE A 759 14.68 31.70 -19.63
CA ILE A 759 15.36 32.48 -20.63
C ILE A 759 16.64 31.80 -21.05
N ALA A 760 17.26 31.09 -20.11
CA ALA A 760 18.43 30.29 -20.46
C ALA A 760 18.07 29.21 -21.46
N GLN A 761 16.92 28.58 -21.28
CA GLN A 761 16.59 27.49 -22.17
C GLN A 761 16.09 27.99 -23.50
N MET A 762 15.39 29.12 -23.52
CA MET A 762 14.94 29.61 -24.80
C MET A 762 16.08 30.15 -25.64
N SER A 763 17.05 30.81 -25.02
CA SER A 763 18.01 31.53 -25.82
C SER A 763 19.39 30.92 -25.88
N ALA A 764 19.88 30.38 -24.78
CA ALA A 764 21.29 30.00 -24.73
C ALA A 764 21.50 28.50 -24.77
N CYS A 765 20.83 27.76 -23.90
CA CYS A 765 21.02 26.32 -23.81
C CYS A 765 19.90 25.68 -23.05
N VAL A 766 19.45 24.50 -23.47
CA VAL A 766 18.38 23.85 -22.74
C VAL A 766 18.95 22.97 -21.64
N GLY A 767 20.12 22.39 -21.86
CA GLY A 767 20.72 21.56 -20.87
C GLY A 767 20.50 20.08 -21.11
N GLN A 768 20.68 19.33 -20.05
CA GLN A 768 20.68 17.88 -20.15
C GLN A 768 19.28 17.32 -20.01
N GLN A 769 18.90 16.47 -20.95
CA GLN A 769 17.66 15.72 -20.83
C GLN A 769 17.85 14.63 -19.79
N MET A 770 16.87 14.47 -18.92
CA MET A 770 16.99 13.55 -17.79
C MET A 770 15.94 12.44 -17.90
N VAL A 771 16.24 11.32 -17.24
CA VAL A 771 15.24 10.37 -16.80
C VAL A 771 15.56 10.00 -15.36
N GLU A 772 14.59 10.21 -14.45
CA GLU A 772 14.68 9.84 -13.04
C GLU A 772 15.88 10.50 -12.36
N GLY A 773 16.15 11.73 -12.76
CA GLY A 773 17.32 12.43 -12.30
C GLY A 773 18.59 12.10 -13.05
N LYS A 774 18.68 10.98 -13.74
CA LYS A 774 19.96 10.57 -14.30
C LYS A 774 20.04 10.96 -15.74
N ARG A 775 21.23 10.77 -16.31
CA ARG A 775 21.32 10.77 -17.74
C ARG A 775 20.68 9.51 -18.31
N ILE A 776 20.57 9.50 -19.64
CA ILE A 776 19.60 8.62 -20.25
C ILE A 776 20.21 7.24 -20.33
N ALA A 777 19.39 6.24 -20.05
CA ALA A 777 19.81 4.87 -20.15
C ALA A 777 20.16 4.53 -21.58
N PHE A 778 21.15 3.65 -21.72
CA PHE A 778 21.38 3.01 -22.99
C PHE A 778 20.20 2.08 -23.19
N GLY A 779 19.22 2.59 -23.96
CA GLY A 779 18.04 1.81 -24.26
C GLY A 779 18.38 0.55 -25.02
N PHE A 780 19.28 0.67 -25.99
CA PHE A 780 19.89 -0.48 -26.60
C PHE A 780 21.16 -0.85 -25.86
N ALA A 781 21.93 -1.72 -26.50
CA ALA A 781 23.28 -2.01 -26.05
C ALA A 781 24.15 -0.80 -26.33
N ASP A 782 24.65 -0.19 -25.27
CA ASP A 782 25.80 0.72 -25.25
C ASP A 782 25.49 2.08 -25.87
N ARG A 783 24.24 2.34 -26.22
CA ARG A 783 23.90 3.59 -26.91
C ARG A 783 22.43 3.84 -26.71
N SER A 784 22.04 5.12 -26.76
CA SER A 784 20.66 5.39 -26.44
C SER A 784 19.86 5.87 -27.63
N LEU A 785 20.31 5.56 -28.84
CA LEU A 785 19.58 5.56 -30.12
C LEU A 785 20.40 4.71 -31.06
N PRO A 786 19.95 4.47 -32.29
CA PRO A 786 20.85 3.90 -33.29
C PRO A 786 21.60 4.90 -34.15
N HIS A 787 21.67 6.16 -33.78
CA HIS A 787 22.49 7.10 -34.51
C HIS A 787 23.83 7.38 -33.84
N PHE A 788 24.22 6.58 -32.88
CA PHE A 788 25.40 6.89 -32.10
C PHE A 788 26.34 5.71 -32.12
N THR A 789 27.50 5.90 -31.53
CA THR A 789 28.43 4.79 -31.44
C THR A 789 28.28 4.10 -30.10
N LYS A 790 29.04 3.05 -29.91
CA LYS A 790 28.97 2.41 -28.61
C LYS A 790 29.84 3.12 -27.58
N ASP A 791 29.30 3.19 -26.35
CA ASP A 791 30.01 3.63 -25.15
C ASP A 791 30.57 5.03 -25.27
N ASP A 792 29.79 5.93 -25.85
CA ASP A 792 30.17 7.32 -25.95
C ASP A 792 29.35 8.09 -24.93
N PHE A 793 29.99 8.54 -23.86
CA PHE A 793 29.29 9.28 -22.83
C PHE A 793 29.36 10.78 -23.05
N SER A 794 29.50 11.18 -24.30
CA SER A 794 29.47 12.57 -24.68
C SER A 794 28.09 13.15 -24.44
N PRO A 795 28.00 14.46 -24.19
CA PRO A 795 26.71 15.06 -23.84
C PRO A 795 25.65 14.99 -24.93
N GLU A 796 26.06 14.98 -26.20
CA GLU A 796 25.08 14.89 -27.28
C GLU A 796 24.54 13.48 -27.43
N SER A 797 25.22 12.49 -26.87
CA SER A 797 24.67 11.15 -26.84
C SER A 797 23.51 11.04 -25.90
N LYS A 798 23.76 11.24 -24.64
CA LYS A 798 22.79 10.93 -23.61
C LYS A 798 21.98 12.15 -23.24
N GLY A 799 21.84 13.06 -24.18
CA GLY A 799 20.77 14.01 -24.13
C GLY A 799 21.10 15.36 -23.57
N PHE A 800 22.19 15.97 -24.00
CA PHE A 800 22.36 17.38 -23.75
C PHE A 800 22.02 18.16 -25.00
N VAL A 801 20.95 18.95 -24.93
CA VAL A 801 20.61 19.91 -25.97
C VAL A 801 21.68 20.99 -25.92
N GLU A 802 22.47 21.07 -26.98
CA GLU A 802 23.42 22.16 -27.09
C GLU A 802 22.73 23.39 -27.64
N ASN A 803 21.68 23.17 -28.39
CA ASN A 803 21.03 24.27 -29.07
C ASN A 803 20.22 25.10 -28.09
N SER A 804 19.75 26.20 -28.59
CA SER A 804 18.63 26.85 -27.94
C SER A 804 17.37 26.16 -28.39
N TYR A 805 16.26 26.60 -27.82
CA TYR A 805 15.00 26.31 -28.46
C TYR A 805 14.90 26.97 -29.82
N LEU A 806 15.56 28.10 -29.98
CA LEU A 806 15.29 28.98 -31.10
C LEU A 806 15.91 28.46 -32.39
N ARG A 807 17.10 27.91 -32.28
CA ARG A 807 17.83 27.51 -33.49
C ARG A 807 17.23 26.26 -34.09
N GLY A 808 16.53 25.49 -33.30
CA GLY A 808 16.20 24.20 -33.81
C GLY A 808 16.97 23.10 -33.13
N LEU A 809 16.35 21.95 -33.03
CA LEU A 809 16.99 20.84 -32.39
C LEU A 809 17.47 19.91 -33.48
N THR A 810 18.56 19.23 -33.22
CA THR A 810 18.77 18.03 -34.01
C THR A 810 17.70 17.05 -33.59
N PRO A 811 17.28 16.16 -34.49
CA PRO A 811 16.17 15.25 -34.16
C PRO A 811 16.35 14.42 -32.90
N GLN A 812 17.59 13.99 -32.64
CA GLN A 812 17.87 13.15 -31.47
C GLN A 812 17.65 13.95 -30.21
N GLU A 813 18.04 15.21 -30.25
CA GLU A 813 17.84 16.06 -29.11
C GLU A 813 16.36 16.36 -28.92
N PHE A 814 15.60 16.43 -30.02
CA PHE A 814 14.17 16.60 -29.88
C PHE A 814 13.54 15.39 -29.22
N PHE A 815 14.02 14.22 -29.56
CA PHE A 815 13.43 13.00 -29.03
C PHE A 815 13.78 12.82 -27.55
N PHE A 816 14.97 13.26 -27.15
CA PHE A 816 15.33 13.12 -25.75
C PHE A 816 14.53 14.09 -24.91
N HIS A 817 14.20 15.25 -25.47
CA HIS A 817 13.28 16.11 -24.75
C HIS A 817 11.88 15.53 -24.73
N ALA A 818 11.56 14.69 -25.71
CA ALA A 818 10.30 13.97 -25.61
C ALA A 818 10.31 13.02 -24.43
N MET A 819 11.45 12.40 -24.14
CA MET A 819 11.48 11.55 -22.96
C MET A 819 11.38 12.36 -21.67
N ALA A 820 11.82 13.61 -21.71
CA ALA A 820 11.62 14.47 -20.54
C ALA A 820 10.15 14.72 -20.30
N GLY A 821 9.42 15.06 -21.35
CA GLY A 821 7.99 15.21 -21.20
C GLY A 821 7.31 13.93 -20.80
N ARG A 822 7.89 12.80 -21.20
CA ARG A 822 7.35 11.51 -20.82
C ARG A 822 7.48 11.29 -19.32
N GLU A 823 8.63 11.67 -18.74
CA GLU A 823 8.78 11.65 -17.29
C GLU A 823 7.74 12.51 -16.61
N GLY A 824 7.52 13.71 -17.15
CA GLY A 824 6.59 14.64 -16.51
C GLY A 824 5.16 14.14 -16.56
N LEU A 825 4.76 13.55 -17.68
CA LEU A 825 3.44 12.97 -17.80
C LEU A 825 3.22 11.81 -16.84
N ILE A 826 4.16 10.87 -16.79
CA ILE A 826 3.98 9.70 -15.96
C ILE A 826 3.97 10.08 -14.50
N ASP A 827 4.78 11.08 -14.13
CA ASP A 827 4.77 11.59 -12.77
C ASP A 827 3.41 12.17 -12.40
N THR A 828 2.90 13.07 -13.24
CA THR A 828 1.72 13.83 -12.86
C THR A 828 0.47 12.99 -12.95
N ALA A 829 0.53 11.84 -13.63
CA ALA A 829 -0.64 10.98 -13.59
C ALA A 829 -0.37 9.66 -12.89
N VAL A 830 0.75 9.52 -12.18
CA VAL A 830 0.93 8.31 -11.39
C VAL A 830 1.08 8.61 -9.91
N LYS A 831 1.96 9.55 -9.54
CA LYS A 831 2.13 9.80 -8.11
C LYS A 831 0.93 10.49 -7.46
N THR A 832 0.03 11.06 -8.25
CA THR A 832 -1.16 11.65 -7.66
C THR A 832 -2.08 10.58 -7.08
N ALA A 833 -1.89 9.32 -7.47
CA ALA A 833 -2.50 8.21 -6.76
C ALA A 833 -2.07 8.17 -5.30
N GLU A 834 -0.76 8.20 -5.06
CA GLU A 834 -0.25 8.10 -3.72
C GLU A 834 -0.63 9.34 -2.92
N THR A 835 -0.62 10.50 -3.57
CA THR A 835 -0.99 11.73 -2.85
C THR A 835 -2.44 11.74 -2.44
N GLY A 836 -3.33 11.28 -3.31
CA GLY A 836 -4.73 11.21 -2.94
C GLY A 836 -4.96 10.23 -1.81
N TYR A 837 -4.31 9.06 -1.87
CA TYR A 837 -4.56 8.05 -0.85
C TYR A 837 -4.01 8.48 0.50
N ILE A 838 -2.80 9.06 0.51
CA ILE A 838 -2.21 9.60 1.73
C ILE A 838 -3.10 10.69 2.33
N GLN A 839 -3.61 11.56 1.48
CA GLN A 839 -4.38 12.68 1.99
C GLN A 839 -5.70 12.21 2.55
N ARG A 840 -6.29 11.18 1.93
CA ARG A 840 -7.49 10.60 2.49
C ARG A 840 -7.23 9.96 3.85
N ARG A 841 -6.08 9.29 3.99
CA ARG A 841 -5.81 8.63 5.25
C ARG A 841 -5.50 9.62 6.37
N LEU A 842 -4.83 10.73 6.05
CA LEU A 842 -4.60 11.70 7.12
C LEU A 842 -5.89 12.36 7.55
N VAL A 843 -6.76 12.64 6.59
CA VAL A 843 -8.08 13.16 6.91
C VAL A 843 -8.83 12.21 7.82
N LYS A 844 -8.94 10.94 7.44
CA LYS A 844 -9.69 10.01 8.29
C LYS A 844 -8.88 9.61 9.50
N ALA A 845 -7.61 9.96 9.54
CA ALA A 845 -6.84 9.74 10.74
C ALA A 845 -7.24 10.70 11.82
N LEU A 846 -7.39 11.98 11.49
CA LEU A 846 -7.56 12.89 12.59
C LEU A 846 -8.97 13.36 12.82
N GLU A 847 -9.98 12.81 12.11
CA GLU A 847 -11.09 13.64 11.65
C GLU A 847 -12.01 14.16 12.74
N ASP A 848 -11.64 14.01 14.01
CA ASP A 848 -12.52 14.43 15.08
C ASP A 848 -11.88 15.42 16.03
N ILE A 849 -10.59 15.69 15.89
CA ILE A 849 -9.79 16.40 16.88
C ILE A 849 -10.27 17.82 17.04
N MET A 850 -10.71 18.14 18.24
CA MET A 850 -11.34 19.43 18.45
C MET A 850 -10.74 20.09 19.68
N VAL A 851 -10.24 21.30 19.50
CA VAL A 851 -9.76 22.08 20.64
C VAL A 851 -10.96 22.65 21.38
N HIS A 852 -11.10 22.26 22.63
CA HIS A 852 -12.29 22.54 23.40
C HIS A 852 -12.09 23.78 24.22
N TYR A 853 -13.00 23.98 25.15
CA TYR A 853 -12.88 25.18 25.96
C TYR A 853 -11.94 25.04 27.13
N ASP A 854 -11.00 24.12 27.11
CA ASP A 854 -9.95 24.17 28.12
C ASP A 854 -8.57 24.22 27.51
N GLY A 855 -8.44 24.59 26.25
CA GLY A 855 -7.16 24.63 25.61
C GLY A 855 -6.49 23.29 25.45
N THR A 856 -7.24 22.21 25.43
CA THR A 856 -6.65 20.90 25.25
C THR A 856 -7.10 20.26 23.94
N THR A 857 -6.71 19.02 23.74
CA THR A 857 -6.73 18.41 22.43
C THR A 857 -7.16 16.95 22.51
N ARG A 858 -8.46 16.68 22.37
CA ARG A 858 -8.99 15.34 22.62
C ARG A 858 -9.52 14.73 21.34
N ASN A 859 -9.60 13.41 21.33
CA ASN A 859 -10.30 12.69 20.28
C ASN A 859 -11.76 12.46 20.71
N SER A 860 -12.46 11.53 20.06
CA SER A 860 -13.84 11.26 20.48
C SER A 860 -13.91 10.64 21.87
N LEU A 861 -12.94 9.80 22.23
CA LEU A 861 -12.89 9.26 23.57
C LEU A 861 -12.53 10.29 24.62
N GLY A 862 -11.70 11.26 24.28
CA GLY A 862 -11.06 12.03 25.32
C GLY A 862 -9.60 11.68 25.56
N ASP A 863 -8.96 10.96 24.64
CA ASP A 863 -7.50 10.88 24.67
C ASP A 863 -6.93 12.25 24.39
N ILE A 864 -6.46 12.89 25.45
CA ILE A 864 -5.87 14.21 25.33
C ILE A 864 -4.51 14.04 24.66
N ILE A 865 -4.21 14.91 23.71
CA ILE A 865 -3.00 14.72 22.93
C ILE A 865 -1.97 15.80 23.21
N GLN A 866 -2.36 17.05 23.15
CA GLN A 866 -1.52 18.12 23.65
C GLN A 866 -2.29 18.79 24.78
N PHE A 867 -1.61 19.01 25.89
CA PHE A 867 -2.27 19.70 26.99
C PHE A 867 -2.57 21.13 26.65
N LEU A 868 -1.70 21.80 25.92
CA LEU A 868 -2.02 23.14 25.46
C LEU A 868 -1.93 23.10 23.95
N TYR A 869 -2.84 23.81 23.27
CA TYR A 869 -2.90 23.69 21.82
C TYR A 869 -1.64 24.26 21.19
N GLY A 870 -0.98 23.43 20.38
CA GLY A 870 0.25 23.79 19.71
C GLY A 870 1.34 24.23 20.64
N GLU A 871 1.31 23.76 21.88
CA GLU A 871 2.15 24.17 22.98
C GLU A 871 2.05 25.65 23.33
N ASP A 872 1.12 26.43 22.77
CA ASP A 872 1.04 27.82 23.16
C ASP A 872 -0.36 28.39 23.36
N GLY A 873 -1.36 27.84 22.72
CA GLY A 873 -2.66 28.48 22.76
C GLY A 873 -2.88 29.49 21.67
N LEU A 874 -2.00 29.56 20.70
CA LEU A 874 -2.07 30.60 19.71
C LEU A 874 -2.51 30.04 18.38
N ASP A 875 -3.47 30.73 17.76
CA ASP A 875 -4.00 30.37 16.45
C ASP A 875 -2.91 30.35 15.41
N GLY A 876 -2.95 29.36 14.52
CA GLY A 876 -1.80 29.05 13.68
C GLY A 876 -1.49 30.04 12.57
N THR A 877 -2.49 30.81 12.15
CA THR A 877 -2.23 31.83 11.15
C THR A 877 -1.59 33.05 11.74
N GLN A 878 -1.73 33.28 13.03
CA GLN A 878 -1.57 34.60 13.60
C GLN A 878 -0.15 34.89 14.03
N VAL A 879 0.84 34.35 13.35
CA VAL A 879 2.22 34.57 13.74
C VAL A 879 2.97 35.25 12.60
N GLU A 880 4.07 35.89 12.95
CA GLU A 880 5.04 36.40 12.00
C GLU A 880 6.38 35.96 12.54
N ARG A 881 7.40 35.91 11.69
CA ARG A 881 8.73 35.66 12.22
C ARG A 881 9.33 36.97 12.68
N GLN A 882 9.73 37.03 13.94
CA GLN A 882 10.26 38.26 14.48
C GLN A 882 11.63 37.99 15.03
N THR A 883 12.21 39.01 15.62
CA THR A 883 13.58 38.95 16.11
C THR A 883 13.62 39.22 17.60
N ILE A 884 13.90 38.18 18.38
CA ILE A 884 14.07 38.30 19.81
C ILE A 884 15.48 38.83 20.00
N ASP A 885 15.62 40.15 20.14
CA ASP A 885 16.90 40.84 19.98
C ASP A 885 17.94 40.48 21.02
N THR A 886 17.55 39.88 22.12
CA THR A 886 18.45 39.61 23.19
C THR A 886 19.10 38.25 23.10
N ILE A 887 18.92 37.56 21.99
CA ILE A 887 19.76 36.40 21.75
C ILE A 887 21.12 36.74 21.16
N PRO A 888 21.28 37.43 20.02
CA PRO A 888 22.59 37.47 19.38
C PRO A 888 23.45 38.54 20.02
N GLY A 889 24.65 38.68 19.50
CA GLY A 889 25.56 39.70 19.96
C GLY A 889 26.32 39.28 21.21
N SER A 890 27.35 40.06 21.51
CA SER A 890 28.25 39.84 22.62
C SER A 890 27.71 40.41 23.91
N ASP A 891 28.42 40.13 24.99
CA ASP A 891 28.10 40.72 26.27
C ASP A 891 28.37 42.21 26.26
N LYS A 892 29.35 42.64 25.47
CA LYS A 892 29.62 44.06 25.27
C LYS A 892 28.42 44.76 24.69
N ALA A 893 27.82 44.16 23.66
CA ALA A 893 26.70 44.81 23.00
C ALA A 893 25.50 44.90 23.92
N PHE A 894 25.28 43.87 24.72
CA PHE A 894 24.13 43.89 25.62
C PHE A 894 24.37 44.86 26.75
N HIS A 895 25.59 44.88 27.27
CA HIS A 895 25.91 45.74 28.39
C HIS A 895 26.05 47.18 27.95
N LYS A 896 26.17 47.40 26.65
CA LYS A 896 26.22 48.77 26.16
C LYS A 896 24.81 49.26 25.81
N ARG A 897 23.97 48.38 25.24
CA ARG A 897 22.64 48.80 24.86
C ARG A 897 21.73 48.94 26.08
N TYR A 898 21.78 47.99 26.99
CA TYR A 898 20.76 47.89 28.02
C TYR A 898 21.16 48.35 29.39
N TYR A 899 22.42 48.15 29.77
CA TYR A 899 22.82 48.32 31.16
C TYR A 899 22.68 49.76 31.59
N VAL A 900 21.69 50.02 32.42
CA VAL A 900 21.43 51.34 32.93
C VAL A 900 22.45 51.54 34.03
N ASP A 901 22.85 52.78 34.25
CA ASP A 901 23.78 53.12 35.32
C ASP A 901 23.37 54.51 35.80
N LEU A 902 22.90 54.59 37.03
CA LEU A 902 22.39 55.84 37.58
C LEU A 902 23.37 56.54 38.50
N MET A 903 24.60 56.04 38.61
CA MET A 903 25.59 56.73 39.42
C MET A 903 26.55 57.51 38.54
N ASP A 904 27.18 56.83 37.60
CA ASP A 904 27.91 57.48 36.51
C ASP A 904 26.94 58.33 35.72
N GLU A 905 27.34 59.55 35.39
CA GLU A 905 26.42 60.47 34.71
C GLU A 905 26.21 60.09 33.26
N LYS A 906 27.31 59.88 32.53
CA LYS A 906 27.27 59.81 31.09
C LYS A 906 26.63 58.54 30.55
N ASN A 907 26.68 57.41 31.28
CA ASN A 907 26.06 56.18 30.81
C ASN A 907 24.58 56.14 31.16
N SER A 908 24.05 57.19 31.77
CA SER A 908 22.63 57.29 32.03
C SER A 908 21.91 57.86 30.82
N ILE A 909 20.66 58.24 31.03
CA ILE A 909 19.89 58.93 30.02
C ILE A 909 20.54 60.26 29.71
N LYS A 910 20.87 60.45 28.44
CA LYS A 910 21.20 61.76 27.97
C LYS A 910 19.98 62.66 28.11
N PRO A 911 20.09 63.77 28.83
CA PRO A 911 18.89 64.35 29.45
C PRO A 911 18.00 65.16 28.52
N ASP A 912 18.32 65.20 27.23
CA ASP A 912 17.51 65.92 26.26
C ASP A 912 16.13 65.29 26.04
N VAL A 913 16.00 63.99 26.27
CA VAL A 913 14.76 63.29 25.92
C VAL A 913 13.74 63.27 27.04
N ILE A 914 14.14 63.61 28.28
CA ILE A 914 13.20 63.52 29.39
C ILE A 914 13.03 64.87 30.07
N GLU A 915 11.82 65.12 30.58
CA GLU A 915 11.53 66.39 31.26
C GLU A 915 12.11 66.43 32.66
N TYR A 916 11.97 65.36 33.40
CA TYR A 916 12.23 65.31 34.83
C TYR A 916 13.69 65.08 35.17
N ALA A 917 14.62 65.37 34.25
CA ALA A 917 16.00 64.88 34.36
C ALA A 917 16.75 65.47 35.54
N ALA A 918 16.22 66.53 36.15
CA ALA A 918 16.79 67.04 37.39
C ALA A 918 16.56 66.04 38.54
N ASP A 919 15.53 65.22 38.44
CA ASP A 919 15.03 64.51 39.60
C ASP A 919 15.64 63.13 39.78
N ILE A 920 16.81 62.90 39.20
CA ILE A 920 17.21 61.51 39.03
C ILE A 920 18.51 61.11 39.72
N LEU A 921 19.63 61.70 39.30
CA LEU A 921 20.91 60.97 39.30
C LEU A 921 21.41 60.65 40.69
N GLY A 922 21.73 59.37 40.92
CA GLY A 922 22.28 58.91 42.17
C GLY A 922 21.36 58.04 43.01
N ASP A 923 20.04 58.11 42.78
CA ASP A 923 19.05 57.47 43.64
C ASP A 923 19.12 55.94 43.57
N VAL A 924 19.53 55.31 44.66
CA VAL A 924 19.69 53.85 44.67
C VAL A 924 18.33 53.17 44.76
N GLU A 925 17.29 53.91 45.20
CA GLU A 925 15.92 53.41 45.27
C GLU A 925 15.41 53.00 43.90
N LEU A 926 15.93 53.64 42.85
CA LEU A 926 15.54 53.32 41.49
C LEU A 926 16.63 52.47 40.82
N GLN A 927 17.87 52.62 41.29
CA GLN A 927 18.96 51.76 40.84
C GLN A 927 18.73 50.31 41.17
N LYS A 928 18.09 50.00 42.29
CA LYS A 928 17.89 48.60 42.62
C LYS A 928 16.78 47.97 41.78
N GLU A 929 15.76 48.77 41.45
CA GLU A 929 14.80 48.41 40.39
C GLU A 929 15.52 48.01 39.12
N LEU A 930 16.42 48.87 38.67
CA LEU A 930 17.04 48.62 37.37
C LEU A 930 18.09 47.51 37.44
N ASN A 931 18.71 47.30 38.59
CA ASN A 931 19.62 46.17 38.69
C ASN A 931 18.84 44.86 38.70
N SER A 932 17.69 44.85 39.38
CA SER A 932 16.82 43.69 39.34
C SER A 932 16.34 43.39 37.93
N GLU A 933 16.08 44.44 37.16
CA GLU A 933 15.59 44.24 35.80
C GLU A 933 16.72 43.85 34.85
N TYR A 934 17.93 44.34 35.10
CA TYR A 934 19.04 43.87 34.30
C TYR A 934 19.38 42.42 34.60
N GLU A 935 19.27 42.02 35.86
CA GLU A 935 19.46 40.62 36.20
C GLU A 935 18.30 39.77 35.69
N GLN A 936 17.11 40.36 35.63
CA GLN A 936 15.98 39.75 34.93
C GLN A 936 16.33 39.44 33.50
N LEU A 937 16.94 40.40 32.80
CA LEU A 937 17.26 40.13 31.41
C LEU A 937 18.46 39.23 31.25
N VAL A 938 19.35 39.20 32.23
CA VAL A 938 20.42 38.20 32.15
C VAL A 938 19.83 36.81 32.36
N SER A 939 18.80 36.73 33.21
CA SER A 939 18.08 35.47 33.40
C SER A 939 17.38 35.06 32.12
N ASP A 940 16.75 36.02 31.44
CA ASP A 940 16.10 35.72 30.17
C ASP A 940 17.11 35.38 29.10
N ARG A 941 18.30 35.98 29.15
CA ARG A 941 19.28 35.68 28.12
C ARG A 941 19.85 34.30 28.32
N LYS A 942 20.09 33.93 29.57
CA LYS A 942 20.49 32.56 29.86
C LYS A 942 19.36 31.60 29.53
N PHE A 943 18.13 32.05 29.71
CA PHE A 943 16.96 31.22 29.44
C PHE A 943 16.84 30.92 27.96
N LEU A 944 16.71 31.96 27.14
CA LEU A 944 16.57 31.77 25.71
C LEU A 944 17.88 31.35 25.06
N ARG A 945 18.99 31.43 25.79
CA ARG A 945 20.25 30.98 25.22
C ARG A 945 20.48 29.51 25.47
N GLU A 946 20.10 29.03 26.64
CA GLU A 946 20.58 27.74 27.07
C GLU A 946 19.49 26.72 27.28
N ILE A 947 18.23 27.12 27.32
CA ILE A 947 17.14 26.16 27.42
C ILE A 947 16.47 25.95 26.07
N VAL A 948 16.03 27.03 25.45
CA VAL A 948 15.03 26.92 24.40
C VAL A 948 15.67 26.96 23.02
N PHE A 949 16.27 28.08 22.69
CA PHE A 949 16.84 28.33 21.38
C PHE A 949 18.35 28.22 21.57
N VAL A 950 18.86 27.00 21.52
CA VAL A 950 20.21 26.78 22.01
C VAL A 950 21.23 27.28 21.02
N ASN A 951 21.05 27.00 19.73
CA ASN A 951 22.04 27.42 18.76
C ASN A 951 21.94 28.90 18.38
N GLY A 952 21.05 29.65 19.03
CA GLY A 952 21.11 31.08 18.96
C GLY A 952 20.55 31.69 17.70
N ASP A 953 19.99 30.90 16.81
CA ASP A 953 19.33 31.47 15.65
C ASP A 953 18.06 32.16 16.09
N HIS A 954 18.06 33.49 16.08
CA HIS A 954 17.09 34.21 16.86
C HIS A 954 15.74 34.39 16.20
N ASN A 955 15.65 34.19 14.90
CA ASN A 955 14.43 34.48 14.15
C ASN A 955 13.45 33.34 14.41
N TRP A 956 12.29 33.65 14.98
CA TRP A 956 11.34 32.58 15.25
C TRP A 956 9.93 33.08 15.02
N PRO A 957 9.01 32.19 14.66
CA PRO A 957 7.64 32.63 14.43
C PRO A 957 6.96 32.82 15.76
N LEU A 958 6.63 34.07 16.08
CA LEU A 958 6.06 34.37 17.38
C LEU A 958 4.98 35.41 17.17
N PRO A 959 3.95 35.43 17.98
CA PRO A 959 2.80 36.28 17.73
C PRO A 959 3.07 37.74 17.99
N VAL A 960 1.95 38.45 18.16
CA VAL A 960 1.64 39.81 17.71
C VAL A 960 2.82 40.74 17.68
N ASN A 961 3.08 41.40 16.54
CA ASN A 961 4.37 42.02 16.33
C ASN A 961 4.34 43.48 16.79
N LEU A 962 5.10 43.75 17.85
CA LEU A 962 4.90 44.96 18.64
C LEU A 962 5.55 46.16 17.99
N ARG A 963 6.69 45.92 17.34
CA ARG A 963 7.46 46.96 16.68
C ARG A 963 6.61 47.75 15.72
N ARG A 964 5.72 47.06 15.02
CA ARG A 964 4.82 47.73 14.12
C ARG A 964 3.87 48.63 14.89
N ILE A 965 3.45 48.21 16.09
CA ILE A 965 2.58 49.07 16.90
C ILE A 965 3.35 50.29 17.41
N ILE A 966 4.63 50.11 17.74
CA ILE A 966 5.45 51.22 18.21
C ILE A 966 5.59 52.28 17.13
N GLN A 967 5.99 51.86 15.94
CA GLN A 967 6.14 52.85 14.89
C GLN A 967 4.81 53.33 14.38
N ASN A 968 3.73 52.58 14.60
CA ASN A 968 2.42 53.14 14.31
C ASN A 968 2.05 54.24 15.27
N ALA A 969 2.36 54.07 16.55
CA ALA A 969 2.12 55.15 17.49
C ALA A 969 3.01 56.34 17.19
N GLN A 970 4.25 56.06 16.76
CA GLN A 970 5.18 57.10 16.37
C GLN A 970 4.66 57.95 15.24
N GLN A 971 4.18 57.30 14.19
CA GLN A 971 3.63 58.08 13.09
C GLN A 971 2.30 58.70 13.47
N ILE A 972 1.58 58.11 14.43
CA ILE A 972 0.38 58.80 14.89
C ILE A 972 0.73 60.01 15.74
N PHE A 973 1.61 59.84 16.72
CA PHE A 973 1.87 60.93 17.66
C PHE A 973 3.04 61.80 17.26
N HIS A 974 3.39 61.82 15.96
CA HIS A 974 4.31 62.78 15.37
C HIS A 974 5.68 62.67 16.01
N LEU A 975 6.15 61.44 16.14
CA LEU A 975 7.26 61.24 17.03
C LEU A 975 8.63 61.33 16.35
N ASP A 976 8.86 62.47 15.73
CA ASP A 976 10.10 63.21 15.91
C ASP A 976 9.97 64.01 17.20
N ARG A 977 10.78 65.09 17.33
CA ARG A 977 10.95 65.85 18.56
C ARG A 977 11.47 64.87 19.65
N ALA A 978 12.79 64.57 19.71
CA ALA A 978 13.92 65.53 19.89
C ALA A 978 13.42 66.62 20.84
N LYS A 979 13.06 66.17 22.03
CA LYS A 979 12.17 66.87 22.93
C LYS A 979 12.18 66.12 24.24
N ALA A 980 11.99 66.83 25.34
CA ALA A 980 11.89 66.19 26.63
C ALA A 980 10.57 65.45 26.78
N SER A 981 10.60 64.33 27.50
CA SER A 981 9.37 63.58 27.79
C SER A 981 9.15 63.43 29.29
N ASP A 982 7.91 63.22 29.67
CA ASP A 982 7.55 63.20 31.08
C ASP A 982 7.27 61.81 31.61
N LEU A 983 7.76 60.77 30.94
CA LEU A 983 7.43 59.40 31.27
C LEU A 983 8.58 58.79 32.07
N THR A 984 8.29 58.37 33.29
CA THR A 984 9.36 58.04 34.21
C THR A 984 9.77 56.58 34.10
N ILE A 985 11.01 56.32 34.49
CA ILE A 985 11.51 54.94 34.56
C ILE A 985 10.69 54.00 35.45
N PRO A 986 10.24 54.39 36.66
CA PRO A 986 9.42 53.45 37.44
C PRO A 986 8.10 53.09 36.79
N GLU A 987 7.54 54.02 36.01
CA GLU A 987 6.34 53.69 35.26
C GLU A 987 6.64 52.68 34.15
N ILE A 988 7.83 52.72 33.56
CA ILE A 988 8.24 51.68 32.61
C ILE A 988 8.37 50.33 33.29
N ILE A 989 9.04 50.30 34.44
CA ILE A 989 9.28 49.02 35.11
C ILE A 989 7.98 48.39 35.54
N HIS A 990 7.11 49.18 36.15
CA HIS A 990 5.83 48.65 36.59
C HIS A 990 4.90 48.36 35.44
N GLY A 991 5.08 49.05 34.30
CA GLY A 991 4.32 48.69 33.12
C GLY A 991 4.68 47.33 32.57
N VAL A 992 5.99 47.04 32.47
CA VAL A 992 6.42 45.73 31.98
C VAL A 992 6.02 44.63 32.96
N ARG A 993 6.25 44.86 34.25
CA ARG A 993 5.98 43.81 35.24
C ARG A 993 4.49 43.62 35.43
N ASP A 994 3.69 44.67 35.20
CA ASP A 994 2.26 44.51 35.30
C ASP A 994 1.67 44.09 33.97
N LEU A 995 2.49 44.08 32.92
CA LEU A 995 2.10 43.42 31.68
C LEU A 995 2.22 41.92 31.80
N CYS A 996 3.40 41.45 32.23
CA CYS A 996 3.73 40.02 32.24
C CYS A 996 2.82 39.16 33.10
N LYS A 997 1.92 39.74 33.87
CA LYS A 997 0.90 38.98 34.56
C LYS A 997 -0.49 39.25 34.00
N LYS A 998 -0.59 39.89 32.84
CA LYS A 998 -1.90 40.08 32.22
C LYS A 998 -2.03 39.35 30.89
N LEU A 999 -1.18 38.38 30.60
CA LEU A 999 -1.31 37.64 29.34
C LEU A 999 -1.94 36.27 29.63
N PHE A 1000 -3.20 36.31 30.04
CA PHE A 1000 -3.90 35.09 30.39
C PHE A 1000 -4.16 34.28 29.13
N VAL A 1001 -3.48 33.16 28.99
CA VAL A 1001 -3.93 32.14 28.07
C VAL A 1001 -4.88 31.18 28.76
N LEU A 1002 -4.40 30.60 29.85
CA LEU A 1002 -5.14 29.64 30.63
C LEU A 1002 -5.68 30.34 31.86
N ARG A 1003 -6.98 30.56 31.89
CA ARG A 1003 -7.59 31.41 32.88
C ARG A 1003 -8.13 30.56 34.02
N GLY A 1004 -8.26 31.15 35.19
CA GLY A 1004 -8.63 30.41 36.38
C GLY A 1004 -7.51 30.63 37.37
N GLU A 1005 -7.62 30.01 38.54
CA GLU A 1005 -6.69 30.29 39.62
C GLU A 1005 -6.20 29.06 40.37
N ASN A 1006 -6.34 27.86 39.84
CA ASN A 1006 -5.76 26.69 40.49
C ASN A 1006 -4.25 26.69 40.25
N GLU A 1007 -3.53 25.85 41.00
CA GLU A 1007 -2.07 25.91 40.97
C GLU A 1007 -1.53 25.52 39.61
N LEU A 1008 -2.10 24.51 39.00
CA LEU A 1008 -1.61 24.12 37.69
C LEU A 1008 -2.01 25.13 36.64
N ILE A 1009 -3.07 25.90 36.89
CA ILE A 1009 -3.43 26.98 35.98
C ILE A 1009 -2.34 28.04 35.96
N LYS A 1010 -1.90 28.50 37.12
CA LYS A 1010 -0.87 29.54 37.19
C LYS A 1010 0.47 29.01 36.72
N GLU A 1011 0.77 27.76 37.04
CA GLU A 1011 1.97 27.12 36.53
C GLU A 1011 1.94 27.01 35.01
N ALA A 1012 0.81 26.62 34.46
CA ALA A 1012 0.73 26.47 33.02
C ALA A 1012 0.64 27.83 32.33
N GLN A 1013 0.19 28.83 33.05
CA GLN A 1013 0.24 30.19 32.56
C GLN A 1013 1.69 30.62 32.37
N GLN A 1014 2.51 30.39 33.39
CA GLN A 1014 3.90 30.83 33.27
C GLN A 1014 4.68 29.91 32.35
N ASN A 1015 4.26 28.67 32.23
CA ASN A 1015 4.87 27.82 31.21
C ASN A 1015 4.44 28.27 29.83
N ALA A 1016 3.25 28.87 29.73
CA ALA A 1016 2.72 29.20 28.43
C ALA A 1016 3.44 30.37 27.79
N THR A 1017 3.34 31.55 28.38
CA THR A 1017 3.83 32.74 27.71
C THR A 1017 5.19 33.17 28.21
N SER A 1018 6.07 32.23 28.53
CA SER A 1018 7.40 32.63 28.91
C SER A 1018 8.14 33.25 27.74
N LEU A 1019 8.05 32.62 26.57
CA LEU A 1019 8.77 33.13 25.41
C LEU A 1019 8.22 34.45 24.93
N PHE A 1020 6.91 34.65 25.04
CA PHE A 1020 6.34 35.91 24.59
C PHE A 1020 6.69 37.06 25.53
N GLN A 1021 6.66 36.83 26.84
CA GLN A 1021 7.12 37.87 27.77
C GLN A 1021 8.60 38.10 27.61
N CYS A 1022 9.33 37.04 27.29
CA CYS A 1022 10.74 37.19 26.94
C CYS A 1022 10.91 38.07 25.73
N LEU A 1023 9.98 38.00 24.79
CA LEU A 1023 10.04 38.88 23.63
C LEU A 1023 9.82 40.32 24.04
N VAL A 1024 8.79 40.56 24.86
CA VAL A 1024 8.44 41.93 25.22
C VAL A 1024 9.57 42.59 26.00
N ARG A 1025 10.12 41.87 26.97
CA ARG A 1025 11.27 42.40 27.70
C ARG A 1025 12.54 42.38 26.86
N ALA A 1026 12.57 41.59 25.79
CA ALA A 1026 13.69 41.68 24.89
C ALA A 1026 13.63 42.95 24.06
N ARG A 1027 12.43 43.47 23.83
CA ARG A 1027 12.28 44.76 23.16
C ARG A 1027 12.10 45.90 24.13
N LEU A 1028 11.05 45.88 24.92
CA LEU A 1028 10.68 47.10 25.61
C LEU A 1028 11.36 47.25 26.97
N ALA A 1029 12.68 47.23 26.96
CA ALA A 1029 13.46 47.54 28.14
C ALA A 1029 13.73 49.02 28.19
N THR A 1030 14.26 49.48 29.32
CA THR A 1030 14.24 50.91 29.63
C THR A 1030 15.18 51.73 28.76
N ARG A 1031 16.42 51.28 28.58
CA ARG A 1031 17.31 52.07 27.74
C ARG A 1031 16.94 52.01 26.28
N ARG A 1032 16.34 50.91 25.82
CA ARG A 1032 15.91 50.88 24.43
C ARG A 1032 14.76 51.83 24.18
N ILE A 1033 13.71 51.78 25.01
CA ILE A 1033 12.59 52.70 24.83
C ILE A 1033 13.04 54.14 24.99
N LEU A 1034 13.73 54.45 26.08
CA LEU A 1034 13.95 55.86 26.30
C LEU A 1034 15.21 56.37 25.65
N GLU A 1035 15.89 55.58 24.82
CA GLU A 1035 16.83 56.21 23.91
C GLU A 1035 16.48 55.97 22.46
N GLU A 1036 16.41 54.70 22.06
CA GLU A 1036 16.43 54.35 20.65
C GLU A 1036 15.09 54.65 19.97
N PHE A 1037 14.01 54.75 20.75
CA PHE A 1037 12.69 54.90 20.15
C PHE A 1037 12.02 56.19 20.54
N ARG A 1038 12.27 56.66 21.77
CA ARG A 1038 11.80 57.94 22.28
C ARG A 1038 10.27 58.04 22.28
N LEU A 1039 9.63 57.25 23.12
CA LEU A 1039 8.20 57.40 23.25
C LEU A 1039 7.86 58.55 24.16
N ASN A 1040 6.57 58.79 24.33
CA ASN A 1040 6.10 59.56 25.46
C ASN A 1040 5.27 58.66 26.37
N ARG A 1041 4.59 59.26 27.34
CA ARG A 1041 3.68 58.51 28.19
C ARG A 1041 2.53 57.93 27.40
N ASP A 1042 1.82 58.77 26.65
CA ASP A 1042 0.53 58.39 26.09
C ASP A 1042 0.69 57.32 25.03
N ALA A 1043 1.79 57.41 24.29
CA ALA A 1043 2.18 56.34 23.38
C ALA A 1043 2.42 55.06 24.13
N PHE A 1044 2.98 55.13 25.32
CA PHE A 1044 3.33 53.90 25.98
C PHE A 1044 2.11 53.23 26.56
N GLU A 1045 1.17 54.02 27.06
CA GLU A 1045 -0.08 53.46 27.56
C GLU A 1045 -0.89 52.84 26.43
N TRP A 1046 -0.90 53.47 25.26
CA TRP A 1046 -1.59 52.90 24.11
C TRP A 1046 -0.92 51.60 23.66
N VAL A 1047 0.41 51.56 23.75
CA VAL A 1047 1.15 50.33 23.47
C VAL A 1047 0.74 49.22 24.43
N LEU A 1048 0.60 49.54 25.72
CA LEU A 1048 0.22 48.52 26.70
C LEU A 1048 -1.19 47.98 26.43
N GLY A 1049 -2.15 48.88 26.19
CA GLY A 1049 -3.51 48.44 25.92
C GLY A 1049 -3.63 47.64 24.64
N THR A 1050 -2.82 47.97 23.63
CA THR A 1050 -2.98 47.27 22.37
C THR A 1050 -2.31 45.90 22.41
N ILE A 1051 -1.18 45.76 23.11
CA ILE A 1051 -0.57 44.44 23.24
C ILE A 1051 -1.49 43.51 24.01
N GLU A 1052 -2.19 44.06 25.00
CA GLU A 1052 -3.28 43.35 25.65
C GLU A 1052 -4.30 42.83 24.65
N ALA A 1053 -4.91 43.74 23.89
CA ALA A 1053 -6.03 43.35 23.04
C ALA A 1053 -5.62 42.39 21.91
N GLN A 1054 -4.43 42.55 21.34
CA GLN A 1054 -4.14 41.67 20.21
C GLN A 1054 -3.54 40.34 20.64
N PHE A 1055 -2.89 40.25 21.80
CA PHE A 1055 -2.57 38.90 22.23
C PHE A 1055 -3.79 38.23 22.82
N GLN A 1056 -4.86 38.98 23.05
CA GLN A 1056 -6.14 38.33 23.27
C GLN A 1056 -6.76 37.87 21.97
N ARG A 1057 -6.61 38.64 20.91
CA ARG A 1057 -7.26 38.23 19.66
C ARG A 1057 -6.45 37.24 18.85
N SER A 1058 -5.27 36.85 19.29
CA SER A 1058 -4.62 35.73 18.62
C SER A 1058 -4.58 34.47 19.46
N LEU A 1059 -5.47 34.32 20.44
CA LEU A 1059 -5.66 33.03 21.07
C LEU A 1059 -6.36 32.13 20.07
N VAL A 1060 -6.13 30.83 20.15
CA VAL A 1060 -6.79 29.94 19.20
C VAL A 1060 -8.27 29.85 19.53
N HIS A 1061 -9.03 29.65 18.57
CA HIS A 1061 -10.45 29.59 18.83
C HIS A 1061 -10.83 28.18 19.20
N PRO A 1062 -11.92 27.98 19.92
CA PRO A 1062 -12.26 26.64 20.38
C PRO A 1062 -13.17 25.95 19.39
N GLY A 1063 -12.79 24.74 19.00
CA GLY A 1063 -13.50 24.05 17.95
C GLY A 1063 -12.85 24.13 16.59
N GLU A 1064 -11.72 24.83 16.47
CA GLU A 1064 -10.92 24.81 15.26
C GLU A 1064 -10.48 23.38 15.04
N MET A 1065 -11.01 22.75 14.01
CA MET A 1065 -10.83 21.32 13.82
C MET A 1065 -9.42 21.05 13.35
N VAL A 1066 -8.48 21.22 14.28
CA VAL A 1066 -7.10 21.41 13.92
C VAL A 1066 -6.48 20.19 13.29
N GLY A 1067 -7.03 19.03 13.58
CA GLY A 1067 -6.57 17.83 12.91
C GLY A 1067 -6.85 17.90 11.44
N VAL A 1068 -8.02 18.41 11.08
CA VAL A 1068 -8.42 18.37 9.68
C VAL A 1068 -7.66 19.39 8.86
N ILE A 1069 -7.61 20.63 9.35
CA ILE A 1069 -6.77 21.65 8.76
C ILE A 1069 -5.33 21.20 8.73
N ALA A 1070 -4.90 20.49 9.77
CA ALA A 1070 -3.53 20.01 9.85
C ALA A 1070 -3.24 18.98 8.78
N ALA A 1071 -4.15 18.05 8.62
CA ALA A 1071 -3.95 16.96 7.68
C ALA A 1071 -3.95 17.47 6.27
N GLN A 1072 -4.88 18.37 5.96
CA GLN A 1072 -4.87 18.96 4.62
C GLN A 1072 -3.62 19.78 4.40
N SER A 1073 -3.19 20.53 5.40
CA SER A 1073 -2.12 21.47 5.16
C SER A 1073 -0.78 20.80 5.28
N ILE A 1074 -0.76 19.52 5.60
CA ILE A 1074 0.44 18.76 5.37
C ILE A 1074 0.34 17.97 4.08
N GLY A 1075 -0.85 17.58 3.68
CA GLY A 1075 -1.01 16.90 2.41
C GLY A 1075 -0.79 17.80 1.22
N GLU A 1076 -0.92 19.10 1.43
CA GLU A 1076 -0.89 20.02 0.30
C GLU A 1076 0.52 20.25 -0.26
N PRO A 1077 1.59 20.38 0.51
CA PRO A 1077 2.90 20.38 -0.15
C PRO A 1077 3.33 19.00 -0.60
N ALA A 1078 2.68 17.97 -0.06
CA ALA A 1078 2.90 16.63 -0.58
C ALA A 1078 2.39 16.50 -2.00
N THR A 1079 1.37 17.29 -2.36
CA THR A 1079 0.97 17.42 -3.76
C THR A 1079 2.09 17.88 -4.64
N GLN A 1080 2.77 18.95 -4.29
CA GLN A 1080 3.72 19.52 -5.21
C GLN A 1080 5.12 19.34 -4.69
N MET A 1081 5.44 18.12 -4.26
CA MET A 1081 6.82 17.77 -4.03
C MET A 1081 7.25 16.58 -4.87
N ASN A 1095 23.02 10.78 -0.04
CA ASN A 1095 21.92 10.15 -0.77
C ASN A 1095 20.89 9.58 0.19
N VAL A 1096 19.83 10.34 0.45
CA VAL A 1096 18.76 9.90 1.33
C VAL A 1096 17.42 10.09 0.62
N THR A 1097 16.47 9.23 0.99
CA THR A 1097 15.12 9.29 0.43
C THR A 1097 14.37 10.48 0.98
N LEU A 1098 13.82 11.29 0.08
CA LEU A 1098 13.01 12.44 0.45
C LEU A 1098 11.71 12.36 -0.34
N GLY A 1099 10.84 13.34 -0.16
CA GLY A 1099 9.63 13.37 -0.94
C GLY A 1099 8.62 12.31 -0.52
N VAL A 1100 7.80 11.92 -1.50
CA VAL A 1100 6.58 11.15 -1.21
C VAL A 1100 6.85 9.79 -0.57
N PRO A 1101 7.80 8.96 -1.02
CA PRO A 1101 7.99 7.70 -0.30
C PRO A 1101 8.53 7.87 1.10
N ARG A 1102 9.33 8.89 1.35
CA ARG A 1102 9.80 9.11 2.71
C ARG A 1102 8.64 9.52 3.61
N LEU A 1103 7.74 10.34 3.07
CA LEU A 1103 6.54 10.73 3.80
C LEU A 1103 5.62 9.54 4.05
N LYS A 1104 5.50 8.68 3.05
CA LYS A 1104 4.70 7.46 3.19
C LYS A 1104 5.25 6.55 4.29
N GLU A 1105 6.56 6.38 4.32
CA GLU A 1105 7.16 5.51 5.32
C GLU A 1105 7.04 6.12 6.71
N ILE A 1106 7.11 7.44 6.81
CA ILE A 1106 6.98 8.09 8.12
C ILE A 1106 5.53 7.99 8.60
N LEU A 1107 4.58 7.99 7.69
CA LEU A 1107 3.21 7.82 8.14
C LEU A 1107 2.88 6.37 8.44
N ASN A 1108 3.19 5.47 7.52
CA ASN A 1108 2.64 4.12 7.58
C ASN A 1108 3.46 3.18 8.41
N VAL A 1109 3.94 3.63 9.56
CA VAL A 1109 5.31 3.50 10.03
C VAL A 1109 5.93 2.15 9.75
N ALA A 1110 7.02 2.15 9.01
CA ALA A 1110 7.63 0.89 8.66
C ALA A 1110 8.58 0.51 9.75
N LYS A 1111 8.71 -0.79 9.99
CA LYS A 1111 9.87 -1.23 10.73
C LYS A 1111 11.07 -1.29 9.81
N ASN A 1112 10.83 -1.46 8.51
CA ASN A 1112 11.87 -1.45 7.50
C ASN A 1112 11.65 -0.21 6.64
N ILE A 1113 12.29 0.89 7.00
CA ILE A 1113 12.46 1.97 6.04
C ILE A 1113 13.73 1.65 5.25
N LYS A 1114 13.94 2.35 4.15
CA LYS A 1114 14.85 1.85 3.14
C LYS A 1114 16.30 2.08 3.51
N THR A 1115 16.63 3.27 4.00
CA THR A 1115 18.02 3.65 4.27
C THR A 1115 18.04 4.51 5.53
N PRO A 1116 18.19 3.90 6.69
CA PRO A 1116 18.21 4.69 7.92
C PRO A 1116 19.58 5.30 8.12
N ALA A 1117 19.68 6.17 9.13
CA ALA A 1117 20.88 6.97 9.28
C ALA A 1117 21.04 7.38 10.74
N LEU A 1118 22.28 7.70 11.11
CA LEU A 1118 22.59 8.25 12.41
C LEU A 1118 23.12 9.66 12.27
N THR A 1119 22.92 10.45 13.32
CA THR A 1119 23.57 11.74 13.48
C THR A 1119 24.48 11.61 14.70
N VAL A 1120 25.76 11.30 14.47
CA VAL A 1120 26.61 11.00 15.60
C VAL A 1120 27.57 12.14 15.84
N TYR A 1121 27.35 12.89 16.91
CA TYR A 1121 28.33 13.85 17.35
C TYR A 1121 29.51 13.12 17.96
N LEU A 1122 30.63 13.81 18.01
CA LEU A 1122 31.76 13.34 18.77
C LEU A 1122 32.01 14.30 19.92
N ASP A 1123 32.86 13.89 20.84
CA ASP A 1123 33.09 14.71 22.01
C ASP A 1123 34.10 15.80 21.71
N ARG A 1124 34.15 16.78 22.61
CA ARG A 1124 34.62 18.12 22.26
C ARG A 1124 36.13 18.14 22.05
N GLU A 1125 36.83 17.24 22.71
CA GLU A 1125 38.27 17.17 22.53
C GLU A 1125 38.61 16.48 21.22
N ILE A 1126 37.66 15.78 20.62
CA ILE A 1126 37.89 15.19 19.31
C ILE A 1126 37.17 16.02 18.24
N ALA A 1127 36.24 16.88 18.68
CA ALA A 1127 35.31 17.53 17.77
C ALA A 1127 35.99 18.47 16.80
N LEU A 1128 37.10 19.06 17.20
CA LEU A 1128 37.94 19.77 16.26
C LEU A 1128 39.23 19.04 15.97
N ASP A 1129 39.19 17.71 16.02
CA ASP A 1129 40.33 16.85 15.66
C ASP A 1129 39.89 15.91 14.54
N ILE A 1130 40.72 15.77 13.51
CA ILE A 1130 40.39 14.82 12.48
C ILE A 1130 40.91 13.43 12.82
N GLU A 1131 42.09 13.33 13.44
CA GLU A 1131 42.79 12.05 13.44
C GLU A 1131 42.21 11.06 14.43
N LYS A 1132 41.95 11.51 15.66
CA LYS A 1132 41.31 10.62 16.62
C LYS A 1132 39.90 10.30 16.20
N ALA A 1133 39.29 11.21 15.44
CA ALA A 1133 38.00 10.91 14.82
C ALA A 1133 38.11 9.80 13.80
N LYS A 1134 39.20 9.74 13.04
CA LYS A 1134 39.34 8.63 12.10
C LYS A 1134 39.60 7.33 12.86
N VAL A 1135 40.25 7.44 14.01
CA VAL A 1135 40.44 6.28 14.88
C VAL A 1135 39.09 5.76 15.38
N ILE A 1136 38.23 6.68 15.82
CA ILE A 1136 36.89 6.31 16.28
C ILE A 1136 36.06 5.72 15.15
N GLN A 1137 36.25 6.25 13.93
CA GLN A 1137 35.61 5.69 12.74
C GLN A 1137 35.97 4.23 12.56
N SER A 1138 37.26 3.96 12.47
CA SER A 1138 37.70 2.58 12.25
C SER A 1138 37.38 1.68 13.43
N SER A 1139 37.11 2.25 14.60
CA SER A 1139 36.63 1.44 15.71
C SER A 1139 35.13 1.15 15.65
N ILE A 1140 34.32 2.03 15.07
CA ILE A 1140 32.87 1.85 15.14
C ILE A 1140 32.35 0.97 14.00
N GLU A 1141 32.89 1.14 12.78
CA GLU A 1141 32.35 0.47 11.61
C GLU A 1141 32.54 -1.03 11.70
N TYR A 1142 31.41 -1.74 11.74
CA TYR A 1142 31.41 -3.19 11.74
C TYR A 1142 32.03 -3.69 10.46
N THR A 1143 32.70 -4.81 10.54
CA THR A 1143 33.41 -5.37 9.40
C THR A 1143 33.41 -6.87 9.57
N THR A 1144 32.86 -7.59 8.60
CA THR A 1144 32.94 -9.03 8.71
C THR A 1144 34.31 -9.50 8.30
N LEU A 1145 34.59 -10.76 8.61
CA LEU A 1145 35.71 -11.45 8.00
C LEU A 1145 35.50 -11.57 6.49
N LYS A 1146 34.24 -11.74 6.07
CA LYS A 1146 33.93 -11.74 4.65
C LYS A 1146 34.10 -10.36 4.04
N ASN A 1147 34.03 -9.30 4.86
CA ASN A 1147 34.37 -7.99 4.34
C ASN A 1147 35.85 -7.84 4.07
N VAL A 1148 36.69 -8.75 4.57
CA VAL A 1148 38.12 -8.60 4.43
C VAL A 1148 38.80 -9.83 3.89
N THR A 1149 38.11 -10.95 3.74
CA THR A 1149 38.74 -12.14 3.18
C THR A 1149 38.88 -11.94 1.68
N SER A 1150 39.95 -12.49 1.09
CA SER A 1150 40.20 -12.26 -0.32
C SER A 1150 39.94 -13.50 -1.18
N ALA A 1151 40.15 -14.70 -0.64
CA ALA A 1151 39.93 -15.94 -1.38
C ALA A 1151 39.83 -17.09 -0.40
N THR A 1152 38.96 -18.06 -0.71
CA THR A 1152 38.78 -19.22 0.14
C THR A 1152 39.48 -20.42 -0.47
N GLU A 1153 40.23 -21.14 0.36
CA GLU A 1153 41.10 -22.23 -0.08
C GLU A 1153 41.02 -23.39 0.90
N ILE A 1154 40.80 -24.60 0.38
CA ILE A 1154 40.71 -25.78 1.23
C ILE A 1154 41.75 -26.78 0.76
N TYR A 1155 42.62 -27.21 1.67
CA TYR A 1155 43.73 -28.09 1.36
C TYR A 1155 43.75 -29.33 2.24
N TYR A 1156 44.84 -30.07 2.11
CA TYR A 1156 45.19 -31.18 3.00
C TYR A 1156 46.69 -31.13 3.28
N ASP A 1157 47.03 -30.89 4.55
CA ASP A 1157 48.43 -30.75 4.96
C ASP A 1157 48.70 -31.78 6.05
N PRO A 1158 49.18 -32.97 5.69
CA PRO A 1158 49.38 -34.02 6.70
C PRO A 1158 50.57 -33.80 7.61
N ASP A 1159 51.50 -32.94 7.23
CA ASP A 1159 52.83 -32.98 7.80
C ASP A 1159 52.96 -31.92 8.90
N PRO A 1160 53.41 -32.29 10.10
CA PRO A 1160 53.81 -31.27 11.07
C PRO A 1160 55.19 -30.69 10.84
N THR A 1161 55.84 -30.95 9.69
CA THR A 1161 57.12 -30.30 9.40
C THR A 1161 57.19 -29.62 8.04
N SER A 1162 56.60 -30.21 7.01
CA SER A 1162 56.78 -29.65 5.67
C SER A 1162 55.45 -29.29 5.04
N THR A 1163 55.46 -28.96 3.75
CA THR A 1163 54.24 -28.57 3.07
C THR A 1163 54.38 -28.84 1.58
N VAL A 1164 53.27 -28.68 0.86
CA VAL A 1164 53.25 -28.78 -0.61
C VAL A 1164 53.22 -27.39 -1.22
N ILE A 1165 52.63 -26.44 -0.49
CA ILE A 1165 52.44 -25.06 -0.92
C ILE A 1165 53.81 -24.39 -0.96
N GLU A 1166 54.25 -23.95 -2.14
CA GLU A 1166 55.50 -23.19 -2.17
C GLU A 1166 55.28 -21.71 -1.94
N GLU A 1167 54.03 -21.30 -1.69
CA GLU A 1167 53.78 -19.93 -1.23
C GLU A 1167 54.15 -19.79 0.25
N ASP A 1168 53.65 -20.71 1.08
CA ASP A 1168 53.88 -20.72 2.52
C ASP A 1168 55.09 -21.54 2.93
N PHE A 1169 55.90 -21.99 1.96
CA PHE A 1169 56.86 -23.07 2.18
C PHE A 1169 57.89 -22.72 3.22
N ASP A 1170 58.69 -21.70 2.94
CA ASP A 1170 59.65 -21.19 3.91
C ASP A 1170 58.95 -20.61 5.14
N THR A 1171 57.74 -20.07 4.96
CA THR A 1171 56.97 -19.54 6.09
C THR A 1171 56.59 -20.64 7.07
N VAL A 1172 56.11 -21.78 6.56
CA VAL A 1172 55.70 -22.80 7.52
C VAL A 1172 56.89 -23.64 7.96
N GLU A 1173 57.95 -23.72 7.14
CA GLU A 1173 59.20 -24.31 7.60
C GLU A 1173 59.79 -23.49 8.73
N ALA A 1174 59.53 -22.18 8.73
CA ALA A 1174 59.77 -21.41 9.92
C ALA A 1174 58.79 -21.78 11.03
N TYR A 1175 57.51 -21.99 10.71
CA TYR A 1175 56.54 -22.08 11.79
C TYR A 1175 56.45 -23.49 12.36
N PHE A 1176 56.73 -24.52 11.54
CA PHE A 1176 56.59 -25.89 12.05
C PHE A 1176 57.66 -26.24 13.09
N SER A 1177 58.68 -25.42 13.26
CA SER A 1177 59.56 -25.52 14.42
C SER A 1177 59.86 -24.12 14.96
N GLN A 1190 43.94 -35.01 13.98
CA GLN A 1190 43.65 -33.71 13.40
C GLN A 1190 42.45 -33.79 12.47
N SER A 1191 41.97 -32.64 12.03
CA SER A 1191 41.27 -32.59 10.77
C SER A 1191 42.28 -32.60 9.64
N PRO A 1192 42.18 -33.56 8.73
CA PRO A 1192 43.05 -33.56 7.55
C PRO A 1192 42.83 -32.36 6.67
N TRP A 1193 41.60 -31.87 6.59
CA TRP A 1193 41.30 -30.85 5.62
C TRP A 1193 41.61 -29.47 6.17
N LEU A 1194 42.69 -28.91 5.65
CA LEU A 1194 43.20 -27.62 6.09
C LEU A 1194 42.39 -26.51 5.42
N LEU A 1195 41.99 -25.53 6.22
CA LEU A 1195 41.31 -24.33 5.74
C LEU A 1195 42.31 -23.19 5.69
N ARG A 1196 42.51 -22.64 4.49
CA ARG A 1196 43.48 -21.58 4.25
C ARG A 1196 42.76 -20.40 3.62
N LEU A 1197 43.04 -19.19 4.09
CA LEU A 1197 42.45 -18.01 3.48
C LEU A 1197 43.32 -16.78 3.74
N GLU A 1198 43.08 -15.75 2.93
CA GLU A 1198 43.93 -14.57 2.87
C GLU A 1198 43.08 -13.30 2.98
N LEU A 1199 43.59 -12.32 3.72
CA LEU A 1199 42.94 -11.03 3.87
C LEU A 1199 43.54 -10.04 2.89
N ASP A 1200 42.82 -8.97 2.60
CA ASP A 1200 43.36 -7.95 1.70
C ASP A 1200 44.14 -6.92 2.50
N ARG A 1201 45.35 -6.60 1.99
CA ARG A 1201 46.24 -5.68 2.68
C ARG A 1201 45.66 -4.28 2.78
N ALA A 1202 45.05 -3.80 1.71
CA ALA A 1202 44.46 -2.46 1.74
C ALA A 1202 43.30 -2.41 2.71
N ARG A 1203 42.62 -3.54 2.90
CA ARG A 1203 41.63 -3.62 3.96
C ARG A 1203 42.28 -3.70 5.33
N MET A 1204 43.47 -4.31 5.41
CA MET A 1204 44.17 -4.43 6.69
C MET A 1204 44.68 -3.09 7.18
N LEU A 1205 45.36 -2.35 6.30
CA LEU A 1205 45.72 -0.97 6.56
C LEU A 1205 44.49 -0.11 6.76
N ASP A 1206 43.43 -0.42 6.01
CA ASP A 1206 42.25 0.42 5.93
C ASP A 1206 41.43 0.26 7.20
N LYS A 1207 41.53 -0.90 7.85
CA LYS A 1207 40.79 -1.15 9.08
C LYS A 1207 41.65 -1.58 10.26
N GLN A 1208 42.98 -1.56 10.11
CA GLN A 1208 43.93 -1.42 11.23
C GLN A 1208 43.87 -2.61 12.19
N LEU A 1209 44.22 -3.77 11.67
CA LEU A 1209 44.28 -5.01 12.42
C LEU A 1209 45.69 -5.56 12.41
N THR A 1210 45.87 -6.69 13.10
CA THR A 1210 47.05 -7.53 12.96
C THR A 1210 46.61 -8.99 12.81
N MET A 1211 47.51 -9.80 12.20
CA MET A 1211 47.25 -11.23 12.04
C MET A 1211 47.07 -11.93 13.37
N ASN A 1212 47.81 -11.49 14.39
CA ASN A 1212 47.64 -12.07 15.72
C ASN A 1212 46.28 -11.73 16.28
N GLN A 1213 45.84 -10.47 16.10
CA GLN A 1213 44.48 -10.08 16.48
C GLN A 1213 43.44 -10.92 15.77
N VAL A 1214 43.61 -11.16 14.47
CA VAL A 1214 42.66 -11.95 13.71
C VAL A 1214 42.65 -13.39 14.18
N ALA A 1215 43.83 -13.93 14.49
CA ALA A 1215 43.95 -15.29 15.02
C ALA A 1215 43.23 -15.41 16.35
N ASP A 1216 43.35 -14.39 17.19
CA ASP A 1216 42.66 -14.38 18.47
C ASP A 1216 41.15 -14.27 18.28
N LYS A 1217 40.70 -13.41 17.34
CA LYS A 1217 39.28 -13.25 17.10
C LYS A 1217 38.64 -14.54 16.60
N ILE A 1218 39.35 -15.29 15.75
CA ILE A 1218 38.90 -16.61 15.35
C ILE A 1218 38.88 -17.53 16.55
N SER A 1219 39.92 -17.43 17.38
CA SER A 1219 40.11 -18.37 18.47
C SER A 1219 39.16 -18.12 19.62
N GLU A 1220 38.46 -16.98 19.61
CA GLU A 1220 37.53 -16.72 20.71
C GLU A 1220 36.31 -17.61 20.64
N VAL A 1221 35.88 -17.95 19.42
CA VAL A 1221 34.73 -18.84 19.30
C VAL A 1221 35.11 -20.20 18.75
N PHE A 1222 36.33 -20.34 18.21
CA PHE A 1222 36.82 -21.62 17.69
C PHE A 1222 38.06 -22.11 18.40
N SER A 1223 38.11 -22.02 19.73
CA SER A 1223 39.34 -22.19 20.49
C SER A 1223 39.89 -23.61 20.40
N ASP A 1224 39.16 -24.56 20.97
CA ASP A 1224 39.55 -25.96 20.87
C ASP A 1224 38.65 -26.70 19.88
N ASP A 1225 37.99 -25.98 18.99
CA ASP A 1225 37.37 -26.59 17.82
C ASP A 1225 38.21 -26.40 16.58
N LEU A 1226 39.29 -25.64 16.67
CA LEU A 1226 40.05 -25.25 15.49
C LEU A 1226 41.44 -24.83 15.95
N PHE A 1227 42.46 -25.56 15.50
CA PHE A 1227 43.83 -25.13 15.69
C PHE A 1227 44.09 -23.95 14.76
N VAL A 1228 44.93 -23.03 15.20
CA VAL A 1228 45.18 -21.78 14.49
C VAL A 1228 46.66 -21.70 14.12
N MET A 1229 46.93 -21.50 12.84
CA MET A 1229 48.26 -21.19 12.31
C MET A 1229 48.13 -19.90 11.53
N TRP A 1230 49.16 -19.08 11.55
CA TRP A 1230 49.09 -17.81 10.84
C TRP A 1230 50.45 -17.46 10.29
N SER A 1231 50.44 -16.87 9.10
CA SER A 1231 51.65 -16.32 8.52
C SER A 1231 51.80 -14.87 8.94
N GLU A 1232 53.00 -14.34 8.77
CA GLU A 1232 53.43 -13.05 9.30
C GLU A 1232 52.65 -11.90 8.66
N ASP A 1233 52.58 -10.79 9.40
CA ASP A 1233 52.20 -9.51 8.78
C ASP A 1233 53.26 -9.01 7.82
N ASN A 1234 54.50 -9.45 7.99
CA ASN A 1234 55.53 -9.15 7.00
C ASN A 1234 55.61 -10.18 5.89
N ALA A 1235 54.75 -11.20 5.91
CA ALA A 1235 54.70 -12.12 4.78
C ALA A 1235 54.05 -11.45 3.58
N ASP A 1236 54.39 -11.96 2.39
CA ASP A 1236 53.85 -11.38 1.16
C ASP A 1236 52.37 -11.69 1.00
N LYS A 1237 51.93 -12.83 1.53
CA LYS A 1237 50.54 -13.23 1.49
C LYS A 1237 50.01 -13.41 2.91
N LEU A 1238 48.84 -12.84 3.16
CA LEU A 1238 48.30 -12.71 4.50
C LEU A 1238 47.55 -14.00 4.86
N ILE A 1239 48.30 -15.05 5.17
CA ILE A 1239 47.78 -16.41 5.09
C ILE A 1239 47.33 -16.89 6.45
N ILE A 1240 46.07 -17.36 6.50
CA ILE A 1240 45.50 -17.96 7.70
C ILE A 1240 45.20 -19.42 7.39
N ARG A 1241 46.05 -20.32 7.85
CA ARG A 1241 45.87 -21.77 7.73
C ARG A 1241 45.31 -22.30 9.03
N CYS A 1242 44.24 -23.08 8.97
CA CYS A 1242 43.68 -23.58 10.22
C CYS A 1242 43.26 -25.04 10.11
N ARG A 1243 43.63 -25.82 11.12
CA ARG A 1243 43.26 -27.22 11.22
C ARG A 1243 42.09 -27.31 12.19
N VAL A 1244 41.06 -28.06 11.82
CA VAL A 1244 39.89 -28.18 12.68
C VAL A 1244 40.15 -29.25 13.74
N ILE A 1245 39.46 -29.16 14.87
CA ILE A 1245 39.64 -30.13 15.94
C ILE A 1245 38.40 -30.97 16.12
N GLU A 1258 33.92 -37.52 6.05
CA GLU A 1258 33.73 -36.50 5.03
C GLU A 1258 33.71 -35.13 5.69
N GLU A 1259 34.84 -34.43 5.65
CA GLU A 1259 34.84 -33.04 6.09
C GLU A 1259 35.00 -32.08 4.91
N ASP A 1260 34.55 -32.46 3.73
CA ASP A 1260 34.50 -31.47 2.67
C ASP A 1260 33.29 -30.56 2.88
N GLN A 1261 32.08 -31.12 2.83
CA GLN A 1261 30.85 -30.33 2.99
C GLN A 1261 30.67 -29.82 4.42
N MET A 1262 31.23 -30.55 5.39
CA MET A 1262 31.18 -30.11 6.77
C MET A 1262 32.01 -28.84 6.97
N LEU A 1263 33.21 -28.82 6.41
CA LEU A 1263 33.98 -27.58 6.39
C LEU A 1263 33.30 -26.51 5.56
N LYS A 1264 32.51 -26.89 4.56
CA LYS A 1264 31.77 -25.88 3.82
C LYS A 1264 30.67 -25.27 4.66
N ARG A 1265 30.00 -26.08 5.50
CA ARG A 1265 29.02 -25.55 6.43
C ARG A 1265 29.67 -24.63 7.44
N ILE A 1266 30.84 -25.01 7.91
CA ILE A 1266 31.55 -24.19 8.88
C ILE A 1266 32.02 -22.90 8.23
N GLU A 1267 32.37 -22.94 6.94
CA GLU A 1267 32.77 -21.73 6.22
C GLU A 1267 31.60 -20.80 6.03
N ALA A 1268 30.42 -21.39 5.80
CA ALA A 1268 29.19 -20.61 5.78
C ALA A 1268 28.92 -19.97 7.13
N HIS A 1269 29.00 -20.77 8.20
CA HIS A 1269 28.91 -20.33 9.59
C HIS A 1269 29.87 -19.19 9.88
N MET A 1270 31.10 -19.31 9.37
CA MET A 1270 32.15 -18.31 9.51
C MET A 1270 31.75 -16.99 8.88
N LEU A 1271 31.63 -16.96 7.56
CA LEU A 1271 31.52 -15.67 6.91
C LEU A 1271 30.12 -15.10 7.04
N ASP A 1272 29.16 -15.89 7.52
CA ASP A 1272 27.94 -15.34 8.05
C ASP A 1272 28.14 -14.67 9.40
N LEU A 1273 28.97 -15.24 10.27
CA LEU A 1273 28.73 -14.95 11.67
C LEU A 1273 29.98 -14.48 12.42
N ILE A 1274 31.15 -14.50 11.79
CA ILE A 1274 32.36 -14.02 12.43
C ILE A 1274 32.32 -12.50 12.52
N ALA A 1275 32.53 -11.97 13.72
CA ALA A 1275 32.70 -10.53 13.93
C ALA A 1275 34.16 -10.23 14.23
N LEU A 1276 34.64 -9.06 13.81
CA LEU A 1276 36.01 -8.65 14.08
C LEU A 1276 36.04 -7.51 15.09
N ARG A 1277 35.35 -6.41 14.79
CA ARG A 1277 35.16 -5.29 15.69
C ARG A 1277 33.86 -4.61 15.27
N GLY A 1278 33.50 -3.56 15.99
CA GLY A 1278 32.45 -2.70 15.51
C GLY A 1278 31.06 -3.16 15.90
N ILE A 1279 30.08 -2.42 15.39
CA ILE A 1279 28.70 -2.49 15.83
C ILE A 1279 27.91 -3.28 14.78
N PRO A 1280 27.53 -4.52 15.05
CA PRO A 1280 26.76 -5.28 14.06
C PRO A 1280 25.40 -4.67 13.83
N GLY A 1281 25.24 -4.07 12.65
CA GLY A 1281 24.14 -3.20 12.35
C GLY A 1281 24.53 -1.88 11.74
N ILE A 1282 25.82 -1.64 11.53
CA ILE A 1282 26.30 -0.48 10.78
C ILE A 1282 27.17 -1.04 9.66
N SER A 1283 26.84 -0.68 8.43
CA SER A 1283 27.60 -1.19 7.31
C SER A 1283 28.71 -0.22 6.88
N LYS A 1284 28.50 1.09 6.99
CA LYS A 1284 29.43 2.06 6.45
C LYS A 1284 29.25 3.40 7.16
N VAL A 1285 30.36 4.08 7.39
CA VAL A 1285 30.44 5.31 8.18
C VAL A 1285 31.05 6.39 7.30
N TYR A 1286 30.58 7.62 7.43
CA TYR A 1286 31.21 8.74 6.75
C TYR A 1286 31.60 9.82 7.73
N MET A 1287 32.36 10.78 7.23
CA MET A 1287 32.84 11.91 8.03
C MET A 1287 32.29 13.20 7.42
N VAL A 1288 31.45 13.90 8.17
CA VAL A 1288 30.73 15.05 7.66
C VAL A 1288 31.06 16.26 8.51
N LYS A 1289 31.38 17.37 7.87
CA LYS A 1289 31.73 18.60 8.57
C LYS A 1289 30.45 19.36 8.90
N HIS A 1290 29.83 19.02 10.02
CA HIS A 1290 28.72 19.80 10.55
C HIS A 1290 29.23 21.12 11.08
N LYS A 1291 29.16 22.13 10.23
CA LYS A 1291 29.45 23.50 10.64
C LYS A 1291 28.37 23.88 11.64
N VAL A 1292 28.74 24.66 12.64
CA VAL A 1292 27.93 24.82 13.84
C VAL A 1292 28.21 26.16 14.49
N SER A 1293 27.15 26.82 14.95
CA SER A 1293 27.25 28.05 15.73
C SER A 1293 27.39 27.72 17.21
N VAL A 1294 28.43 28.28 17.83
CA VAL A 1294 28.75 28.07 19.24
C VAL A 1294 29.21 29.41 19.81
N PRO A 1295 28.68 29.85 20.94
CA PRO A 1295 28.93 31.22 21.39
C PRO A 1295 30.37 31.42 21.86
N ASP A 1296 30.83 32.67 21.73
CA ASP A 1296 32.22 33.06 21.90
C ASP A 1296 32.51 33.21 23.39
N GLU A 1297 33.65 33.82 23.69
CA GLU A 1297 33.96 34.26 25.04
C GLU A 1297 33.67 35.75 25.21
N SER A 1298 33.17 36.39 24.15
CA SER A 1298 32.52 37.68 24.28
C SER A 1298 31.04 37.57 24.55
N GLY A 1299 30.49 36.37 24.48
CA GLY A 1299 29.06 36.20 24.51
C GLY A 1299 28.40 36.18 23.15
N GLU A 1300 29.16 36.32 22.08
CA GLU A 1300 28.58 36.48 20.76
C GLU A 1300 28.60 35.16 20.01
N TYR A 1301 27.62 34.95 19.13
CA TYR A 1301 27.60 33.68 18.42
C TYR A 1301 28.52 33.72 17.22
N LYS A 1302 29.37 32.71 17.10
CA LYS A 1302 30.27 32.54 15.98
C LYS A 1302 30.14 31.14 15.44
N ASN A 1303 30.30 31.00 14.13
CA ASN A 1303 30.25 29.70 13.53
C ASN A 1303 31.56 28.97 13.75
N GLU A 1304 31.56 27.70 13.39
CA GLU A 1304 32.67 26.84 13.76
C GLU A 1304 32.58 25.57 12.94
N GLU A 1305 33.74 25.07 12.50
CA GLU A 1305 33.83 23.81 11.77
C GLU A 1305 34.22 22.69 12.71
N LEU A 1306 33.42 21.64 12.74
CA LEU A 1306 33.69 20.49 13.58
C LEU A 1306 33.73 19.24 12.73
N TRP A 1307 33.63 18.11 13.40
CA TRP A 1307 33.39 16.85 12.73
C TRP A 1307 32.23 16.11 13.37
N ALA A 1308 31.57 15.30 12.57
CA ALA A 1308 30.46 14.49 13.04
C ALA A 1308 30.43 13.21 12.22
N LEU A 1309 29.61 12.27 12.64
CA LEU A 1309 29.50 11.00 11.95
C LEU A 1309 28.06 10.77 11.50
N GLU A 1310 27.89 10.52 10.20
CA GLU A 1310 26.66 10.00 9.66
C GLU A 1310 26.97 8.64 9.08
N THR A 1311 26.14 7.67 9.40
CA THR A 1311 26.45 6.28 9.10
C THR A 1311 25.31 5.63 8.35
N ASP A 1312 25.65 4.58 7.62
CA ASP A 1312 24.69 3.73 6.97
C ASP A 1312 24.16 2.72 7.98
N GLY A 1313 22.86 2.45 7.94
CA GLY A 1313 22.25 1.52 8.87
C GLY A 1313 22.12 2.09 10.27
N ILE A 1314 21.63 1.25 11.17
CA ILE A 1314 21.34 1.63 12.55
C ILE A 1314 21.64 0.47 13.49
N ASN A 1315 22.22 0.79 14.65
CA ASN A 1315 22.19 -0.05 15.85
C ASN A 1315 22.48 0.87 17.03
N LEU A 1316 21.45 1.32 17.76
CA LEU A 1316 21.62 2.53 18.55
C LEU A 1316 22.40 2.29 19.83
N ALA A 1317 22.07 1.22 20.56
CA ALA A 1317 22.46 1.10 21.95
C ALA A 1317 23.94 0.88 22.10
N GLU A 1318 24.52 0.13 21.17
CA GLU A 1318 25.95 -0.10 21.21
C GLU A 1318 26.71 1.17 20.86
N VAL A 1319 26.12 2.03 20.03
CA VAL A 1319 26.82 3.22 19.60
C VAL A 1319 26.72 4.32 20.65
N MET A 1320 25.64 4.34 21.45
CA MET A 1320 25.55 5.36 22.50
C MET A 1320 26.49 5.08 23.67
N ALA A 1321 27.22 3.96 23.63
CA ALA A 1321 28.09 3.60 24.74
C ALA A 1321 29.56 3.49 24.36
N VAL A 1322 29.91 3.60 23.08
CA VAL A 1322 31.31 3.55 22.68
C VAL A 1322 32.01 4.78 23.24
N PRO A 1323 33.17 4.63 23.87
CA PRO A 1323 33.84 5.78 24.47
C PRO A 1323 34.31 6.79 23.42
N GLY A 1324 33.90 8.04 23.61
CA GLY A 1324 34.22 9.12 22.69
C GLY A 1324 33.01 9.80 22.08
N VAL A 1325 31.81 9.35 22.47
CA VAL A 1325 30.60 9.70 21.76
C VAL A 1325 29.64 10.42 22.70
N ASP A 1326 29.09 11.53 22.25
CA ASP A 1326 28.19 12.30 23.10
C ASP A 1326 26.86 11.58 23.19
N SER A 1327 26.66 10.92 24.32
CA SER A 1327 25.41 10.27 24.65
C SER A 1327 24.40 11.23 25.24
N SER A 1328 24.60 12.51 25.11
CA SER A 1328 23.52 13.42 25.37
C SER A 1328 22.86 13.90 24.10
N ARG A 1329 23.44 13.59 22.95
CA ARG A 1329 23.05 14.26 21.72
C ARG A 1329 22.92 13.38 20.50
N THR A 1330 23.28 12.10 20.57
CA THR A 1330 23.26 11.24 19.38
C THR A 1330 21.83 11.01 18.93
N TYR A 1331 21.66 10.84 17.62
CA TYR A 1331 20.36 10.88 16.97
C TYR A 1331 20.28 9.86 15.85
N SER A 1332 19.08 9.36 15.59
CA SER A 1332 18.83 8.56 14.41
C SER A 1332 17.53 8.98 13.76
N ASN A 1333 17.32 8.54 12.52
CA ASN A 1333 16.07 8.79 11.83
C ASN A 1333 15.01 7.71 12.07
N SER A 1334 15.36 6.42 11.96
CA SER A 1334 14.37 5.34 12.03
C SER A 1334 13.96 5.19 13.48
N PHE A 1335 12.84 5.79 13.82
CA PHE A 1335 12.54 6.09 15.20
C PHE A 1335 11.89 4.94 15.93
N VAL A 1336 11.64 3.81 15.25
CA VAL A 1336 11.21 2.63 15.96
C VAL A 1336 12.32 2.15 16.88
N GLU A 1337 13.55 2.27 16.40
CA GLU A 1337 14.72 1.97 17.20
C GLU A 1337 14.83 2.91 18.40
N ILE A 1338 14.42 4.18 18.20
CA ILE A 1338 14.39 5.14 19.29
C ILE A 1338 13.41 4.75 20.36
N LEU A 1339 12.17 4.43 19.97
CA LEU A 1339 11.18 4.06 20.97
C LEU A 1339 11.54 2.77 21.67
N SER A 1340 12.28 1.90 21.00
CA SER A 1340 12.87 0.78 21.70
C SER A 1340 13.90 1.24 22.73
N VAL A 1341 14.65 2.30 22.44
CA VAL A 1341 15.72 2.67 23.36
C VAL A 1341 15.37 3.88 24.21
N LEU A 1342 14.83 4.96 23.66
CA LEU A 1342 14.95 6.23 24.36
C LEU A 1342 13.65 6.85 24.84
N GLY A 1343 12.69 6.09 25.28
CA GLY A 1343 11.51 6.71 25.84
C GLY A 1343 10.54 7.13 24.76
N ILE A 1344 9.37 7.62 25.20
CA ILE A 1344 8.38 8.05 24.23
C ILE A 1344 8.76 9.42 23.67
N GLU A 1345 9.41 10.25 24.47
CA GLU A 1345 9.47 11.64 24.08
C GLU A 1345 10.57 11.88 23.09
N ALA A 1346 11.63 11.09 23.17
CA ALA A 1346 12.65 11.16 22.15
C ALA A 1346 12.13 10.61 20.84
N THR A 1347 11.17 9.69 20.91
CA THR A 1347 10.55 9.23 19.69
C THR A 1347 9.71 10.34 19.09
N ARG A 1348 9.03 11.12 19.92
CA ARG A 1348 8.26 12.26 19.43
C ARG A 1348 9.14 13.29 18.75
N SER A 1349 10.22 13.70 19.39
CA SER A 1349 11.03 14.76 18.79
C SER A 1349 11.79 14.26 17.57
N SER A 1350 12.18 12.99 17.54
CA SER A 1350 12.78 12.44 16.33
C SER A 1350 11.77 12.44 15.18
N LEU A 1351 10.51 12.13 15.51
CA LEU A 1351 9.46 12.14 14.51
C LEU A 1351 9.27 13.53 13.93
N TYR A 1352 9.26 14.53 14.79
CA TYR A 1352 9.12 15.91 14.34
C TYR A 1352 10.27 16.32 13.46
N LYS A 1353 11.48 15.93 13.83
CA LYS A 1353 12.62 16.29 13.02
C LYS A 1353 12.54 15.63 11.64
N GLU A 1354 11.97 14.43 11.58
CA GLU A 1354 11.78 13.78 10.29
C GLU A 1354 10.81 14.53 9.40
N ILE A 1355 9.63 14.89 9.93
CA ILE A 1355 8.65 15.59 9.12
C ILE A 1355 9.15 16.95 8.67
N LEU A 1356 9.78 17.71 9.57
CA LEU A 1356 10.23 19.04 9.21
C LEU A 1356 11.34 18.98 8.20
N ASN A 1357 12.17 17.93 8.27
CA ASN A 1357 13.16 17.68 7.23
C ASN A 1357 12.51 17.47 5.87
N VAL A 1358 11.65 16.47 5.75
CA VAL A 1358 11.32 15.99 4.43
C VAL A 1358 10.24 16.86 3.78
N ILE A 1359 9.51 17.63 4.57
CA ILE A 1359 8.76 18.72 3.95
C ILE A 1359 9.71 19.84 3.55
N ALA A 1360 10.50 20.38 4.48
CA ALA A 1360 11.23 21.59 4.16
C ALA A 1360 12.54 21.31 3.45
N PHE A 1361 12.65 20.20 2.75
CA PHE A 1361 13.75 20.05 1.81
C PHE A 1361 13.57 20.89 0.56
N ASP A 1362 12.34 20.99 0.05
CA ASP A 1362 12.13 21.79 -1.16
C ASP A 1362 11.72 23.23 -0.89
N GLY A 1363 12.38 23.92 0.04
CA GLY A 1363 12.02 25.27 0.38
C GLY A 1363 10.63 25.52 0.97
N SER A 1364 9.86 24.48 1.25
CA SER A 1364 8.49 24.72 1.65
C SER A 1364 8.38 24.76 3.16
N TYR A 1365 7.47 25.61 3.64
CA TYR A 1365 7.48 26.05 5.02
C TYR A 1365 6.22 25.63 5.74
N VAL A 1366 6.34 25.17 6.99
CA VAL A 1366 5.24 24.61 7.76
C VAL A 1366 5.29 25.15 9.19
N ASN A 1367 4.13 25.64 9.68
CA ASN A 1367 3.97 26.06 11.07
C ASN A 1367 4.26 24.91 12.01
N TYR A 1368 4.71 25.24 13.21
CA TYR A 1368 5.12 24.19 14.14
C TYR A 1368 3.93 23.41 14.64
N ARG A 1369 2.81 24.08 14.83
CA ARG A 1369 1.77 23.44 15.61
C ARG A 1369 1.05 22.36 14.82
N HIS A 1370 1.07 22.43 13.48
CA HIS A 1370 0.47 21.37 12.70
C HIS A 1370 1.30 20.11 12.76
N MET A 1371 2.61 20.25 12.52
CA MET A 1371 3.50 19.12 12.71
C MET A 1371 3.46 18.61 14.14
N ALA A 1372 3.25 19.51 15.10
CA ALA A 1372 3.24 19.10 16.49
C ALA A 1372 2.02 18.26 16.79
N LEU A 1373 0.87 18.65 16.25
CA LEU A 1373 -0.33 17.88 16.45
C LEU A 1373 -0.23 16.53 15.78
N LEU A 1374 0.43 16.48 14.64
CA LEU A 1374 0.57 15.18 14.00
C LEU A 1374 1.52 14.29 14.77
N VAL A 1375 2.65 14.83 15.22
CA VAL A 1375 3.59 13.95 15.88
C VAL A 1375 3.12 13.59 17.27
N ASP A 1376 2.16 14.32 17.83
CA ASP A 1376 1.70 13.92 19.15
C ASP A 1376 0.53 12.94 19.06
N VAL A 1377 -0.28 13.02 18.00
CA VAL A 1377 -1.29 11.97 17.82
C VAL A 1377 -0.62 10.67 17.44
N MET A 1378 0.47 10.73 16.69
CA MET A 1378 1.19 9.50 16.40
C MET A 1378 1.84 8.85 17.60
N THR A 1379 2.01 9.57 18.70
CA THR A 1379 2.33 8.95 19.98
C THR A 1379 1.35 9.34 21.06
N SER A 1380 0.05 9.24 20.79
CA SER A 1380 -0.92 9.29 21.87
C SER A 1380 -0.67 8.19 22.87
N ARG A 1381 -0.78 6.95 22.44
CA ARG A 1381 -0.96 5.81 23.30
C ARG A 1381 0.32 5.08 23.62
N GLY A 1382 1.43 5.77 23.76
CA GLY A 1382 2.64 5.13 24.17
C GLY A 1382 3.30 4.27 23.13
N TYR A 1383 2.64 4.02 22.03
CA TYR A 1383 3.32 3.42 20.90
C TYR A 1383 2.74 4.04 19.65
N LEU A 1384 3.46 3.84 18.55
CA LEU A 1384 3.24 4.56 17.31
C LEU A 1384 1.94 4.11 16.67
N MET A 1385 0.86 4.83 16.95
CA MET A 1385 -0.45 4.49 16.38
C MET A 1385 -0.41 4.89 14.91
N ALA A 1386 0.15 4.02 14.07
CA ALA A 1386 0.46 4.40 12.69
C ALA A 1386 -0.81 4.58 11.87
N ILE A 1387 -0.67 5.19 10.70
CA ILE A 1387 -1.87 5.54 9.94
C ILE A 1387 -2.20 4.43 8.95
N THR A 1388 -2.89 3.41 9.40
CA THR A 1388 -3.52 2.42 8.54
C THR A 1388 -4.87 2.08 9.14
N ARG A 1389 -5.43 0.98 8.66
CA ARG A 1389 -6.53 0.38 9.36
C ARG A 1389 -6.09 -0.20 10.70
N HIS A 1390 -4.83 -0.66 10.79
CA HIS A 1390 -4.35 -1.25 12.03
C HIS A 1390 -4.24 -0.22 13.13
N GLY A 1391 -4.03 1.02 12.76
CA GLY A 1391 -3.96 2.04 13.77
C GLY A 1391 -5.36 2.31 14.27
N ILE A 1392 -6.18 2.89 13.41
CA ILE A 1392 -7.39 3.54 13.88
C ILE A 1392 -8.46 2.51 14.25
N ASN A 1393 -8.54 1.41 13.48
CA ASN A 1393 -9.55 0.42 13.76
C ASN A 1393 -9.26 -0.39 15.01
N ARG A 1394 -8.00 -0.50 15.41
CA ARG A 1394 -7.65 -1.10 16.68
C ARG A 1394 -7.67 -0.10 17.83
N ALA A 1395 -8.32 1.04 17.64
CA ALA A 1395 -8.72 1.87 18.75
C ALA A 1395 -10.10 1.45 19.18
N ASP A 1396 -10.44 1.76 20.43
CA ASP A 1396 -11.78 1.48 20.91
C ASP A 1396 -12.74 2.61 20.69
N THR A 1397 -12.51 3.42 19.66
CA THR A 1397 -13.33 4.59 19.42
C THR A 1397 -14.65 4.22 18.77
N GLY A 1398 -15.30 5.23 18.20
CA GLY A 1398 -16.63 5.05 17.64
C GLY A 1398 -16.65 4.00 16.54
N ALA A 1399 -17.76 3.24 16.51
CA ALA A 1399 -17.79 2.05 15.68
C ALA A 1399 -17.93 2.40 14.22
N LEU A 1400 -18.88 3.26 13.87
CA LEU A 1400 -19.05 3.60 12.47
C LEU A 1400 -17.90 4.47 11.97
N MET A 1401 -17.28 5.26 12.85
CA MET A 1401 -16.11 6.05 12.44
C MET A 1401 -14.98 5.14 12.00
N ARG A 1402 -14.79 4.06 12.73
CA ARG A 1402 -13.82 3.09 12.30
C ARG A 1402 -14.33 2.30 11.11
N CYS A 1403 -15.65 2.22 10.94
CA CYS A 1403 -16.10 1.41 9.82
C CYS A 1403 -16.04 2.20 8.53
N SER A 1404 -16.00 3.52 8.60
CA SER A 1404 -16.05 4.37 7.43
C SER A 1404 -14.73 4.44 6.70
N PHE A 1405 -13.68 3.87 7.24
CA PHE A 1405 -12.42 3.98 6.53
C PHE A 1405 -12.10 2.75 5.72
N GLU A 1406 -11.90 1.61 6.34
CA GLU A 1406 -11.62 0.41 5.58
C GLU A 1406 -12.31 -0.77 6.24
N GLU A 1407 -12.47 -1.84 5.46
CA GLU A 1407 -12.83 -3.17 5.92
C GLU A 1407 -14.18 -3.18 6.64
N THR A 1408 -15.17 -2.53 6.03
CA THR A 1408 -16.38 -2.17 6.76
C THR A 1408 -17.24 -3.40 7.05
N VAL A 1409 -17.08 -4.44 6.25
CA VAL A 1409 -17.81 -5.67 6.50
C VAL A 1409 -17.34 -6.36 7.78
N GLU A 1410 -16.04 -6.62 7.90
CA GLU A 1410 -15.50 -7.31 9.09
C GLU A 1410 -15.74 -6.49 10.34
N ILE A 1411 -15.63 -5.18 10.24
CA ILE A 1411 -15.69 -4.36 11.44
C ILE A 1411 -17.13 -4.09 11.81
N LEU A 1412 -18.04 -4.21 10.85
CA LEU A 1412 -19.43 -4.26 11.28
C LEU A 1412 -19.79 -5.58 11.91
N PHE A 1413 -19.15 -6.66 11.47
CA PHE A 1413 -19.43 -7.94 12.12
C PHE A 1413 -18.84 -7.99 13.51
N GLU A 1414 -17.76 -7.26 13.74
CA GLU A 1414 -17.26 -7.17 15.10
C GLU A 1414 -17.98 -6.10 15.89
N ALA A 1415 -18.70 -5.21 15.21
CA ALA A 1415 -19.58 -4.30 15.92
C ALA A 1415 -20.72 -5.04 16.54
N GLY A 1416 -21.49 -5.75 15.73
CA GLY A 1416 -22.63 -6.48 16.26
C GLY A 1416 -22.23 -7.74 17.00
N ALA A 1417 -21.00 -8.20 16.79
CA ALA A 1417 -20.58 -9.49 17.32
C ALA A 1417 -20.16 -9.44 18.78
N ALA A 1418 -20.09 -8.27 19.39
CA ALA A 1418 -19.60 -8.20 20.76
C ALA A 1418 -20.28 -7.10 21.55
N ALA A 1419 -21.44 -6.65 21.09
CA ALA A 1419 -22.39 -5.87 21.87
C ALA A 1419 -21.81 -4.53 22.27
N GLU A 1420 -21.25 -3.85 21.29
CA GLU A 1420 -20.58 -2.58 21.57
C GLU A 1420 -21.59 -1.50 21.86
N LEU A 1421 -21.16 -0.52 22.64
CA LEU A 1421 -21.94 0.67 22.88
C LEU A 1421 -21.23 1.87 22.30
N ASP A 1422 -21.69 2.31 21.14
CA ASP A 1422 -21.14 3.48 20.49
C ASP A 1422 -22.06 4.64 20.81
N ASP A 1423 -21.57 5.56 21.61
CA ASP A 1423 -22.30 6.78 21.94
C ASP A 1423 -22.20 7.84 20.87
N CYS A 1424 -21.52 7.53 19.76
CA CYS A 1424 -21.60 8.29 18.51
C CYS A 1424 -21.04 9.68 18.64
N ARG A 1425 -20.05 9.86 19.51
CA ARG A 1425 -19.40 11.15 19.58
C ARG A 1425 -18.37 11.36 18.50
N GLY A 1426 -18.04 10.31 17.73
CA GLY A 1426 -17.27 10.49 16.53
C GLY A 1426 -18.00 11.32 15.49
N VAL A 1427 -17.27 11.79 14.48
CA VAL A 1427 -17.87 12.72 13.52
C VAL A 1427 -18.67 11.95 12.47
N SER A 1428 -18.08 10.87 11.94
CA SER A 1428 -18.65 10.15 10.82
C SER A 1428 -20.00 9.55 11.15
N GLU A 1429 -20.17 9.07 12.38
CA GLU A 1429 -21.48 8.71 12.90
C GLU A 1429 -22.47 9.85 12.72
N ASN A 1430 -22.10 11.02 13.20
CA ASN A 1430 -23.10 12.07 13.29
C ASN A 1430 -23.38 12.68 11.95
N VAL A 1431 -22.53 12.43 10.97
CA VAL A 1431 -22.88 12.73 9.58
C VAL A 1431 -23.83 11.67 9.04
N MET A 1432 -23.46 10.41 9.15
CA MET A 1432 -24.30 9.39 8.55
C MET A 1432 -25.51 9.05 9.38
N LEU A 1433 -25.60 9.57 10.60
CA LEU A 1433 -26.88 9.60 11.27
C LEU A 1433 -27.54 10.94 11.12
N GLY A 1434 -26.98 11.79 10.27
CA GLY A 1434 -27.67 12.98 9.83
C GLY A 1434 -27.90 13.97 10.95
N GLN A 1435 -26.89 14.22 11.74
CA GLN A 1435 -27.07 14.99 12.95
C GLN A 1435 -26.24 16.24 12.93
N LEU A 1436 -26.56 17.13 13.85
CA LEU A 1436 -25.69 18.23 14.17
C LEU A 1436 -24.36 17.66 14.63
N ALA A 1437 -23.36 17.76 13.79
CA ALA A 1437 -22.06 17.19 14.13
C ALA A 1437 -21.43 18.00 15.26
N PRO A 1438 -20.51 17.42 16.04
CA PRO A 1438 -19.98 18.17 17.19
C PRO A 1438 -18.73 19.01 16.94
N MET A 1439 -18.86 20.11 16.20
CA MET A 1439 -17.76 21.04 15.96
C MET A 1439 -18.33 22.32 15.39
N GLY A 1440 -17.48 23.31 15.20
CA GLY A 1440 -17.84 24.51 14.49
C GLY A 1440 -18.95 25.31 15.11
N THR A 1441 -20.13 25.22 14.53
CA THR A 1441 -21.31 25.74 15.19
C THR A 1441 -21.98 24.69 16.05
N GLY A 1442 -21.78 23.43 15.77
CA GLY A 1442 -22.45 22.37 16.48
C GLY A 1442 -21.66 21.72 17.59
N ALA A 1443 -20.60 22.34 18.08
CA ALA A 1443 -19.91 21.81 19.25
C ALA A 1443 -20.59 22.18 20.55
N PHE A 1444 -21.76 22.81 20.47
CA PHE A 1444 -22.32 23.51 21.61
C PHE A 1444 -23.74 23.95 21.29
N ASP A 1445 -24.64 23.70 22.23
CA ASP A 1445 -26.04 24.04 22.05
C ASP A 1445 -26.26 25.50 22.37
N VAL A 1446 -27.40 26.00 21.92
CA VAL A 1446 -27.80 27.36 22.25
C VAL A 1446 -29.15 27.28 22.93
N MET A 1447 -29.31 27.97 24.06
CA MET A 1447 -30.57 28.00 24.79
C MET A 1447 -31.35 29.26 24.45
N ILE A 1448 -32.56 29.34 25.00
CA ILE A 1448 -33.24 30.62 25.20
C ILE A 1448 -32.92 31.06 26.63
N ASP A 1449 -33.16 32.33 26.95
CA ASP A 1449 -32.62 32.90 28.18
C ASP A 1449 -33.74 33.57 28.96
N GLU A 1450 -34.06 33.04 30.14
CA GLU A 1450 -35.04 33.76 30.95
C GLU A 1450 -34.43 35.00 31.58
N LYS A 1451 -33.09 35.03 31.72
CA LYS A 1451 -32.40 36.18 32.31
C LYS A 1451 -32.58 37.43 31.45
N LEU A 1452 -32.23 37.34 30.16
CA LEU A 1452 -32.28 38.52 29.31
C LEU A 1452 -33.70 38.82 28.86
N LEU A 1453 -34.55 37.80 28.75
CA LEU A 1453 -35.94 38.03 28.38
C LEU A 1453 -36.75 38.51 29.58
N THR A 1454 -36.21 38.39 30.80
CA THR A 1454 -36.73 39.21 31.90
C THR A 1454 -36.30 40.67 31.80
N SER A 1455 -35.09 40.94 31.33
CA SER A 1455 -34.66 42.32 31.10
C SER A 1455 -35.43 42.97 29.97
N LEU A 1456 -35.92 42.18 29.02
CA LEU A 1456 -36.73 42.69 27.93
C LEU A 1456 -38.16 42.96 28.39
N PRO A 1457 -38.85 43.94 27.77
CA PRO A 1457 -40.15 44.40 28.28
C PRO A 1457 -41.28 43.38 28.17
N ASP B 9 24.19 11.84 -61.58
CA ASP B 9 23.47 12.21 -60.38
C ASP B 9 23.97 13.52 -59.80
N ASP B 10 23.35 13.92 -58.69
CA ASP B 10 23.70 15.14 -57.98
C ASP B 10 23.32 14.91 -56.52
N THR B 11 23.15 16.00 -55.78
CA THR B 11 22.70 15.92 -54.41
C THR B 11 21.24 15.50 -54.38
N ILE B 12 20.96 14.43 -53.66
CA ILE B 12 19.57 14.16 -53.33
C ILE B 12 19.11 15.25 -52.39
N THR B 13 18.25 16.12 -52.89
CA THR B 13 17.77 17.20 -52.07
C THR B 13 16.62 16.72 -51.20
N THR B 14 15.97 17.67 -50.58
CA THR B 14 14.82 17.36 -49.75
C THR B 14 13.64 16.92 -50.61
N GLU B 15 13.35 17.65 -51.67
CA GLU B 15 12.15 17.38 -52.46
C GLU B 15 12.28 16.07 -53.25
N ASP B 16 13.51 15.57 -53.40
CA ASP B 16 13.70 14.24 -53.93
C ASP B 16 13.18 13.18 -52.98
N CYS B 17 13.36 13.40 -51.68
CA CYS B 17 12.73 12.53 -50.71
C CYS B 17 11.22 12.71 -50.74
N TRP B 18 10.73 13.89 -51.11
CA TRP B 18 9.27 13.98 -51.25
C TRP B 18 8.77 13.29 -52.51
N THR B 19 9.62 13.13 -53.52
CA THR B 19 9.31 12.19 -54.61
C THR B 19 9.17 10.77 -54.08
N VAL B 20 10.07 10.39 -53.17
CA VAL B 20 10.04 9.05 -52.60
C VAL B 20 8.74 8.83 -51.82
N ILE B 21 8.35 9.84 -51.06
CA ILE B 21 7.13 9.73 -50.26
C ILE B 21 5.89 9.74 -51.15
N SER B 22 5.91 10.47 -52.26
CA SER B 22 4.77 10.40 -53.16
C SER B 22 4.59 9.01 -53.75
N ALA B 23 5.70 8.32 -54.05
CA ALA B 23 5.57 6.97 -54.58
C ALA B 23 5.04 5.99 -53.54
N PHE B 24 5.54 6.09 -52.31
CA PHE B 24 5.03 5.25 -51.22
C PHE B 24 3.57 5.49 -50.95
N PHE B 25 3.20 6.75 -50.71
CA PHE B 25 1.81 7.05 -50.39
C PHE B 25 0.95 7.16 -51.62
N GLU B 26 1.43 6.75 -52.79
CA GLU B 26 0.49 6.45 -53.84
C GLU B 26 0.38 4.94 -54.05
N GLU B 27 1.40 4.19 -53.64
CA GLU B 27 1.15 2.75 -53.62
C GLU B 27 0.16 2.39 -52.52
N LYS B 28 0.51 2.64 -51.27
CA LYS B 28 -0.27 2.02 -50.21
C LYS B 28 -1.47 2.84 -49.80
N GLY B 29 -1.45 4.14 -50.03
CA GLY B 29 -2.47 4.85 -49.30
C GLY B 29 -2.06 4.88 -47.84
N LEU B 30 -3.02 4.71 -46.96
CA LEU B 30 -2.68 4.61 -45.56
C LEU B 30 -2.80 3.22 -44.99
N VAL B 31 -3.98 2.61 -45.06
CA VAL B 31 -4.37 1.59 -44.11
C VAL B 31 -4.21 0.20 -44.70
N SER B 32 -3.08 0.02 -45.39
CA SER B 32 -2.48 -1.28 -45.67
C SER B 32 -2.67 -2.31 -44.56
N GLN B 33 -2.40 -1.93 -43.33
CA GLN B 33 -2.33 -2.87 -42.21
C GLN B 33 -3.66 -3.55 -41.94
N GLN B 34 -4.78 -2.89 -42.19
CA GLN B 34 -6.04 -3.56 -42.11
C GLN B 34 -6.22 -4.45 -43.31
N LEU B 35 -6.07 -3.85 -44.48
CA LEU B 35 -6.56 -4.44 -45.71
C LEU B 35 -5.77 -5.67 -46.10
N ASP B 36 -4.46 -5.58 -46.02
CA ASP B 36 -3.63 -6.62 -46.60
C ASP B 36 -3.64 -7.88 -45.73
N SER B 37 -3.69 -7.69 -44.43
CA SER B 37 -3.77 -8.84 -43.54
C SER B 37 -5.18 -9.42 -43.52
N PHE B 38 -6.20 -8.58 -43.73
CA PHE B 38 -7.54 -9.13 -43.84
C PHE B 38 -7.69 -9.90 -45.13
N ASP B 39 -6.95 -9.49 -46.16
CA ASP B 39 -6.85 -10.29 -47.38
C ASP B 39 -6.16 -11.60 -47.10
N GLU B 40 -5.10 -11.58 -46.27
CA GLU B 40 -4.47 -12.82 -45.85
C GLU B 40 -5.44 -13.75 -45.16
N PHE B 41 -6.31 -13.19 -44.31
CA PHE B 41 -7.36 -13.98 -43.67
C PHE B 41 -8.29 -14.61 -44.68
N MET B 42 -8.91 -13.80 -45.54
CA MET B 42 -9.93 -14.33 -46.44
C MET B 42 -9.34 -15.23 -47.51
N GLU B 43 -8.05 -15.10 -47.79
CA GLU B 43 -7.49 -15.95 -48.83
C GLU B 43 -7.00 -17.28 -48.28
N THR B 44 -6.46 -17.28 -47.06
CA THR B 44 -5.82 -18.53 -46.67
C THR B 44 -6.26 -19.05 -45.30
N SER B 45 -6.61 -18.15 -44.39
CA SER B 45 -6.72 -18.54 -42.99
C SER B 45 -7.93 -19.44 -42.76
N ILE B 46 -9.05 -19.16 -43.40
CA ILE B 46 -10.23 -19.96 -43.14
C ILE B 46 -10.10 -21.32 -43.81
N GLN B 47 -9.43 -21.34 -44.95
CA GLN B 47 -9.13 -22.62 -45.61
C GLN B 47 -8.27 -23.51 -44.72
N ASP B 48 -7.32 -22.93 -43.99
CA ASP B 48 -6.50 -23.78 -43.12
C ASP B 48 -7.08 -23.95 -41.71
N LEU B 49 -7.96 -23.06 -41.27
CA LEU B 49 -8.62 -23.34 -39.99
C LEU B 49 -9.67 -24.41 -40.15
N VAL B 50 -10.29 -24.47 -41.32
CA VAL B 50 -11.13 -25.60 -41.59
C VAL B 50 -10.29 -26.84 -41.76
N TRP B 51 -9.27 -26.79 -42.60
CA TRP B 51 -8.48 -27.99 -42.81
C TRP B 51 -7.44 -28.24 -41.71
N GLU B 52 -7.57 -27.59 -40.56
CA GLU B 52 -6.79 -27.98 -39.39
C GLU B 52 -7.23 -29.34 -38.88
N GLU B 53 -8.46 -29.43 -38.38
CA GLU B 53 -9.05 -30.64 -37.82
C GLU B 53 -10.24 -30.99 -38.69
N PRO B 54 -10.00 -31.64 -39.83
CA PRO B 54 -11.05 -31.75 -40.84
C PRO B 54 -12.10 -32.82 -40.54
N ARG B 55 -11.81 -33.81 -39.67
CA ARG B 55 -12.74 -34.92 -39.53
C ARG B 55 -13.14 -35.20 -38.10
N LEU B 56 -14.44 -35.47 -37.94
CA LEU B 56 -15.00 -36.07 -36.74
C LEU B 56 -15.28 -37.55 -36.99
N ILE B 57 -15.30 -38.32 -35.91
CA ILE B 57 -15.60 -39.74 -35.97
C ILE B 57 -16.52 -40.10 -34.80
N LEU B 58 -17.70 -40.61 -35.12
CA LEU B 58 -18.50 -41.41 -34.21
C LEU B 58 -18.34 -42.89 -34.52
N ASP B 59 -18.86 -43.72 -33.62
CA ASP B 59 -18.95 -45.16 -33.78
C ASP B 59 -19.91 -45.71 -32.72
N GLN B 60 -20.86 -46.54 -33.15
CA GLN B 60 -21.74 -47.24 -32.23
C GLN B 60 -21.54 -48.71 -32.54
N PRO B 61 -20.47 -49.30 -32.01
CA PRO B 61 -19.84 -50.42 -32.70
C PRO B 61 -20.46 -51.80 -32.45
N ALA B 62 -20.87 -52.07 -31.22
CA ALA B 62 -21.12 -53.44 -30.83
C ALA B 62 -21.83 -53.48 -29.47
N GLN B 63 -22.46 -54.63 -29.23
CA GLN B 63 -23.37 -54.92 -28.14
C GLN B 63 -24.38 -53.79 -27.98
N HIS B 64 -25.20 -53.63 -29.02
CA HIS B 64 -26.37 -52.78 -29.05
C HIS B 64 -27.56 -53.61 -28.56
N THR B 65 -27.38 -54.24 -27.38
CA THR B 65 -28.02 -55.51 -27.00
C THR B 65 -27.97 -56.52 -28.16
N ASN B 66 -26.80 -56.61 -28.78
CA ASN B 66 -26.66 -57.15 -30.12
C ASN B 66 -26.78 -58.66 -30.16
N GLU B 67 -26.76 -59.16 -31.39
CA GLU B 67 -26.53 -60.56 -31.72
C GLU B 67 -25.03 -60.75 -31.98
N LYS B 68 -24.25 -60.18 -31.06
CA LYS B 68 -22.85 -59.81 -31.22
C LYS B 68 -22.56 -59.10 -32.54
N ASP B 69 -23.45 -58.21 -32.97
CA ASP B 69 -23.27 -57.45 -34.21
C ASP B 69 -22.16 -56.44 -33.95
N ASN B 70 -20.95 -56.87 -34.24
CA ASN B 70 -19.76 -56.05 -34.11
C ASN B 70 -19.48 -55.34 -35.44
N ILE B 71 -19.96 -54.09 -35.52
CA ILE B 71 -19.96 -53.35 -36.77
C ILE B 71 -19.44 -51.94 -36.52
N ASN B 72 -18.27 -51.64 -37.06
CA ASN B 72 -17.77 -50.27 -36.96
C ASN B 72 -18.54 -49.40 -37.95
N LYS B 73 -19.72 -48.99 -37.53
CA LYS B 73 -20.43 -47.88 -38.15
C LYS B 73 -19.69 -46.63 -37.70
N ARG B 74 -18.63 -46.29 -38.41
CA ARG B 74 -17.89 -45.08 -38.10
C ARG B 74 -18.39 -43.92 -38.93
N TYR B 75 -18.94 -42.94 -38.23
CA TYR B 75 -19.58 -41.78 -38.83
C TYR B 75 -18.55 -40.68 -39.03
N GLU B 76 -18.21 -40.42 -40.29
CA GLU B 76 -17.04 -39.63 -40.64
C GLU B 76 -17.44 -38.48 -41.55
N ILE B 77 -17.34 -37.26 -41.04
CA ILE B 77 -17.59 -36.05 -41.82
C ILE B 77 -16.25 -35.41 -42.11
N ARG B 78 -16.01 -35.04 -43.37
CA ARG B 78 -14.80 -34.33 -43.74
C ARG B 78 -15.15 -32.97 -44.32
N PHE B 79 -14.62 -31.91 -43.72
CA PHE B 79 -14.91 -30.55 -44.16
C PHE B 79 -14.05 -30.19 -45.36
N GLY B 80 -14.61 -29.43 -46.30
CA GLY B 80 -13.90 -29.11 -47.51
C GLY B 80 -13.76 -27.63 -47.84
N LYS B 81 -13.99 -27.28 -49.10
CA LYS B 81 -13.71 -25.95 -49.61
C LYS B 81 -14.74 -24.95 -49.08
N ILE B 82 -14.31 -23.72 -48.88
CA ILE B 82 -15.18 -22.64 -48.48
C ILE B 82 -15.69 -21.96 -49.74
N TYR B 83 -16.88 -21.36 -49.68
CA TYR B 83 -17.34 -20.55 -50.80
C TYR B 83 -17.54 -19.11 -50.35
N LEU B 84 -17.05 -18.18 -51.18
CA LEU B 84 -16.88 -16.77 -50.85
C LEU B 84 -17.65 -15.95 -51.87
N SER B 85 -18.25 -14.84 -51.46
CA SER B 85 -18.98 -13.98 -52.39
C SER B 85 -19.13 -12.56 -51.88
N ARG B 86 -19.98 -11.83 -52.59
CA ARG B 86 -20.46 -10.52 -52.16
C ARG B 86 -21.35 -10.69 -50.93
N PRO B 87 -21.62 -9.63 -50.17
CA PRO B 87 -22.64 -9.75 -49.14
C PRO B 87 -24.00 -9.90 -49.76
N THR B 88 -24.96 -10.41 -48.99
CA THR B 88 -26.29 -10.60 -49.55
C THR B 88 -27.36 -10.34 -48.49
N MET B 89 -28.32 -9.49 -48.85
CA MET B 89 -29.47 -9.19 -48.00
C MET B 89 -30.66 -10.00 -48.47
N THR B 90 -30.90 -11.14 -47.84
CA THR B 90 -32.12 -11.89 -48.11
C THR B 90 -33.22 -11.13 -47.39
N GLU B 91 -34.21 -10.70 -48.15
CA GLU B 91 -35.28 -9.89 -47.59
C GLU B 91 -36.22 -10.74 -46.74
N ALA B 92 -37.07 -10.05 -45.97
CA ALA B 92 -38.22 -10.73 -45.36
C ALA B 92 -39.19 -11.18 -46.44
N ASP B 93 -39.19 -10.47 -47.57
CA ASP B 93 -39.79 -10.95 -48.80
C ASP B 93 -39.19 -12.27 -49.23
N GLY B 94 -37.91 -12.45 -48.98
CA GLY B 94 -37.20 -13.65 -49.35
C GLY B 94 -36.23 -13.45 -50.49
N THR B 95 -36.40 -12.38 -51.25
CA THR B 95 -35.53 -12.11 -52.38
C THR B 95 -34.13 -11.72 -51.90
N THR B 96 -33.13 -12.11 -52.69
CA THR B 96 -31.75 -11.80 -52.40
C THR B 96 -31.24 -10.83 -53.43
N HIS B 97 -30.51 -9.82 -52.97
CA HIS B 97 -29.92 -8.87 -53.89
C HIS B 97 -28.58 -8.40 -53.36
N ALA B 98 -27.85 -7.70 -54.22
CA ALA B 98 -26.54 -7.17 -53.86
C ALA B 98 -26.71 -6.04 -52.86
N MET B 99 -26.36 -6.30 -51.62
CA MET B 99 -26.33 -5.28 -50.59
C MET B 99 -25.18 -4.34 -50.91
N PHE B 100 -25.29 -3.11 -50.45
CA PHE B 100 -24.14 -2.24 -50.62
C PHE B 100 -23.91 -1.39 -49.39
N PRO B 101 -22.66 -0.93 -49.15
CA PRO B 101 -22.34 -0.27 -47.88
C PRO B 101 -23.17 0.95 -47.57
N GLN B 102 -23.66 1.63 -48.59
CA GLN B 102 -24.68 2.62 -48.31
C GLN B 102 -25.96 1.97 -47.82
N GLU B 103 -26.44 0.94 -48.54
CA GLU B 103 -27.66 0.26 -48.14
C GLU B 103 -27.44 -0.49 -46.83
N ALA B 104 -26.18 -0.88 -46.57
CA ALA B 104 -25.83 -1.37 -45.25
C ALA B 104 -26.01 -0.30 -44.19
N ARG B 105 -25.39 0.86 -44.37
CA ARG B 105 -25.34 1.82 -43.28
C ARG B 105 -26.69 2.45 -43.04
N LEU B 106 -27.51 2.55 -44.08
CA LEU B 106 -28.80 3.19 -43.90
C LEU B 106 -29.75 2.32 -43.12
N ARG B 107 -29.48 1.03 -43.06
CA ARG B 107 -30.51 0.08 -42.68
C ARG B 107 -30.12 -0.79 -41.48
N ASN B 108 -29.18 -0.34 -40.66
CA ASN B 108 -28.68 -1.06 -39.49
C ASN B 108 -28.20 -2.46 -39.81
N LEU B 109 -27.72 -2.65 -41.02
CA LEU B 109 -27.42 -3.98 -41.49
C LEU B 109 -26.10 -4.48 -40.94
N THR B 110 -25.70 -5.61 -41.44
CA THR B 110 -24.41 -6.17 -41.14
C THR B 110 -23.81 -6.55 -42.46
N TYR B 111 -22.79 -5.83 -42.87
CA TYR B 111 -22.19 -6.03 -44.18
C TYR B 111 -21.47 -7.35 -44.10
N SER B 112 -22.19 -8.42 -44.47
CA SER B 112 -21.84 -9.77 -44.09
C SER B 112 -22.06 -10.68 -45.28
N SER B 113 -21.19 -11.60 -45.46
CA SER B 113 -21.34 -12.36 -46.68
C SER B 113 -21.79 -13.77 -46.38
N PRO B 114 -22.33 -14.45 -47.37
CA PRO B 114 -22.41 -15.89 -47.28
C PRO B 114 -21.02 -16.49 -47.19
N VAL B 115 -20.82 -17.31 -46.17
CA VAL B 115 -19.67 -18.17 -46.07
C VAL B 115 -20.17 -19.59 -46.16
N TYR B 116 -20.02 -20.20 -47.33
CA TYR B 116 -20.53 -21.54 -47.54
C TYR B 116 -19.43 -22.56 -47.35
N LEU B 117 -19.84 -23.81 -47.19
CA LEU B 117 -18.95 -24.93 -46.94
C LEU B 117 -19.64 -26.25 -47.27
N ASP B 118 -18.96 -27.07 -48.05
CA ASP B 118 -19.46 -28.40 -48.36
C ASP B 118 -18.91 -29.40 -47.36
N MET B 119 -19.63 -30.50 -47.18
CA MET B 119 -19.33 -31.45 -46.12
C MET B 119 -19.24 -32.84 -46.70
N GLU B 120 -18.06 -33.47 -46.59
CA GLU B 120 -17.83 -34.81 -47.09
C GLU B 120 -18.10 -35.80 -45.98
N LYS B 121 -19.35 -36.26 -45.89
CA LYS B 121 -19.78 -37.26 -44.92
C LYS B 121 -19.55 -38.65 -45.48
N SER B 122 -18.74 -39.43 -44.78
CA SER B 122 -18.39 -40.76 -45.24
C SER B 122 -18.64 -41.77 -44.13
N MET B 123 -18.68 -43.04 -44.52
CA MET B 123 -18.98 -44.15 -43.60
C MET B 123 -17.92 -45.21 -43.78
N PHE B 124 -17.22 -45.52 -42.70
CA PHE B 124 -16.49 -46.76 -42.66
C PHE B 124 -17.45 -47.93 -42.63
N THR B 125 -17.29 -48.79 -43.63
CA THR B 125 -17.83 -50.14 -43.57
C THR B 125 -16.63 -51.07 -43.41
N SER B 126 -16.16 -51.19 -42.17
CA SER B 126 -15.11 -52.11 -41.79
C SER B 126 -15.62 -52.87 -40.58
N ILE B 127 -16.40 -53.92 -40.82
CA ILE B 127 -17.14 -54.61 -39.77
C ILE B 127 -16.23 -55.62 -39.05
N ASP B 128 -16.02 -55.39 -37.76
CA ASP B 128 -15.24 -56.30 -36.91
C ASP B 128 -15.60 -56.12 -35.44
N GLY B 153 -26.65 -30.84 -46.32
CA GLY B 153 -25.51 -31.59 -46.83
C GLY B 153 -25.08 -31.11 -48.20
N ASN B 154 -24.84 -29.81 -48.31
CA ASN B 154 -24.34 -29.18 -49.52
C ASN B 154 -23.73 -27.87 -49.07
N LYS B 155 -23.74 -26.86 -49.94
CA LYS B 155 -23.30 -25.55 -49.51
C LYS B 155 -24.23 -25.00 -48.45
N VAL B 156 -23.99 -25.37 -47.20
CA VAL B 156 -24.71 -24.77 -46.10
C VAL B 156 -24.13 -23.39 -45.86
N HIS B 157 -24.99 -22.41 -45.66
CA HIS B 157 -24.54 -21.19 -45.04
C HIS B 157 -24.19 -21.52 -43.62
N ILE B 158 -22.90 -21.69 -43.35
CA ILE B 158 -22.44 -22.04 -42.02
C ILE B 158 -22.22 -20.83 -41.16
N GLY B 159 -22.29 -19.64 -41.71
CA GLY B 159 -22.10 -18.43 -40.95
C GLY B 159 -21.89 -17.21 -41.83
N LYS B 160 -22.02 -16.06 -41.20
CA LYS B 160 -21.81 -14.75 -41.81
C LYS B 160 -20.56 -14.10 -41.25
N VAL B 161 -19.44 -14.20 -41.95
CA VAL B 161 -18.24 -13.43 -41.60
C VAL B 161 -18.42 -12.02 -42.16
N PRO B 162 -18.44 -10.99 -41.34
CA PRO B 162 -18.66 -9.63 -41.85
C PRO B 162 -17.47 -9.13 -42.65
N ILE B 163 -17.74 -8.43 -43.73
CA ILE B 163 -16.71 -8.01 -44.67
C ILE B 163 -16.31 -6.58 -44.38
N MET B 164 -15.00 -6.35 -44.30
CA MET B 164 -14.44 -5.01 -44.12
C MET B 164 -14.77 -4.13 -45.32
N LEU B 165 -14.81 -2.82 -45.11
CA LEU B 165 -14.82 -1.92 -46.24
C LEU B 165 -13.52 -2.05 -47.03
N ARG B 166 -13.57 -1.64 -48.29
CA ARG B 166 -12.47 -1.50 -49.24
C ARG B 166 -11.59 -2.72 -49.38
N SER B 167 -12.04 -3.91 -49.06
CA SER B 167 -11.21 -5.08 -49.19
C SER B 167 -11.28 -5.62 -50.61
N LYS B 168 -10.39 -6.59 -50.89
CA LYS B 168 -10.56 -7.44 -52.06
C LYS B 168 -11.91 -8.12 -52.08
N PHE B 169 -12.39 -8.55 -50.94
CA PHE B 169 -13.62 -9.30 -50.89
C PHE B 169 -14.78 -8.44 -50.43
N CYS B 170 -14.60 -7.14 -50.42
CA CYS B 170 -15.72 -6.24 -50.58
C CYS B 170 -15.86 -5.93 -52.06
N SER B 171 -17.05 -5.48 -52.45
CA SER B 171 -17.30 -5.19 -53.85
C SER B 171 -16.92 -3.78 -54.24
N LEU B 172 -16.14 -3.09 -53.41
CA LEU B 172 -15.71 -1.74 -53.72
C LEU B 172 -14.20 -1.59 -53.79
N ARG B 173 -13.45 -2.69 -53.90
CA ARG B 173 -12.04 -2.55 -54.26
C ARG B 173 -11.90 -1.93 -55.63
N THR B 174 -12.65 -2.41 -56.60
CA THR B 174 -12.60 -1.94 -57.98
C THR B 174 -13.57 -0.81 -58.22
N LEU B 175 -13.90 -0.59 -59.50
CA LEU B 175 -15.13 0.06 -59.96
C LEU B 175 -15.27 1.58 -59.84
N ASP B 176 -14.33 2.35 -60.42
CA ASP B 176 -14.73 3.58 -61.12
C ASP B 176 -15.33 4.71 -60.31
N GLU B 177 -14.50 5.57 -59.71
CA GLU B 177 -14.87 6.73 -58.89
C GLU B 177 -16.13 7.47 -59.32
N VAL B 178 -16.32 7.61 -60.64
CA VAL B 178 -17.60 8.03 -61.22
C VAL B 178 -18.75 7.22 -60.66
N ASP B 179 -18.70 5.90 -60.84
CA ASP B 179 -19.74 5.05 -60.30
C ASP B 179 -19.70 4.97 -58.79
N LEU B 180 -18.58 5.33 -58.18
CA LEU B 180 -18.55 5.40 -56.73
C LEU B 180 -19.35 6.58 -56.23
N TYR B 181 -19.40 7.65 -57.02
CA TYR B 181 -20.37 8.68 -56.71
C TYR B 181 -21.76 8.21 -57.05
N LYS B 182 -21.86 7.33 -58.05
CA LYS B 182 -23.14 6.66 -58.26
C LYS B 182 -23.39 5.63 -57.18
N MET B 183 -22.35 5.23 -56.44
CA MET B 183 -22.52 4.33 -55.31
C MET B 183 -22.14 4.92 -53.96
N LYS B 184 -22.00 6.24 -53.87
CA LYS B 184 -22.02 7.00 -52.62
C LYS B 184 -20.77 6.76 -51.77
N GLU B 185 -19.68 6.37 -52.40
CA GLU B 185 -18.40 6.19 -51.71
C GLU B 185 -17.41 7.29 -52.08
N CYS B 186 -16.89 7.99 -51.08
CA CYS B 186 -15.97 9.10 -51.32
C CYS B 186 -14.60 8.58 -51.74
N PRO B 187 -13.96 9.17 -52.74
CA PRO B 187 -12.63 8.70 -53.12
C PRO B 187 -11.57 9.00 -52.09
N TYR B 188 -11.71 10.08 -51.33
CA TYR B 188 -10.76 10.34 -50.25
C TYR B 188 -11.12 9.61 -48.97
N ASP B 189 -11.98 8.60 -49.07
CA ASP B 189 -12.15 7.61 -48.02
C ASP B 189 -11.10 6.53 -48.27
N MET B 190 -10.86 5.70 -47.27
CA MET B 190 -9.84 4.69 -47.35
C MET B 190 -10.28 3.37 -46.72
N GLY B 191 -11.36 3.37 -45.96
CA GLY B 191 -11.88 2.13 -45.40
C GLY B 191 -11.04 1.63 -44.24
N GLY B 192 -10.87 0.31 -44.17
CA GLY B 192 -10.02 -0.35 -43.18
C GLY B 192 -10.77 -0.99 -42.04
N TYR B 193 -12.06 -0.78 -41.94
CA TYR B 193 -12.79 -1.05 -40.72
C TYR B 193 -14.08 -1.79 -41.06
N PHE B 194 -14.75 -2.30 -40.05
CA PHE B 194 -15.85 -3.21 -40.33
C PHE B 194 -17.15 -2.49 -40.05
N VAL B 195 -18.22 -3.20 -40.33
CA VAL B 195 -19.58 -2.70 -40.17
C VAL B 195 -20.33 -3.77 -39.42
N ILE B 196 -20.89 -3.42 -38.27
CA ILE B 196 -21.63 -4.39 -37.48
C ILE B 196 -22.91 -3.75 -36.98
N ASN B 197 -24.03 -4.43 -37.24
CA ASN B 197 -25.38 -4.06 -36.80
C ASN B 197 -25.69 -2.63 -37.21
N GLY B 198 -25.21 -2.28 -38.39
CA GLY B 198 -25.10 -0.94 -38.86
C GLY B 198 -23.77 -0.27 -38.63
N SER B 199 -23.37 -0.05 -37.41
CA SER B 199 -22.43 1.02 -37.16
C SER B 199 -21.02 0.54 -37.45
N GLU B 200 -20.08 1.46 -37.37
CA GLU B 200 -18.73 1.20 -37.84
C GLU B 200 -17.89 0.79 -36.67
N LYS B 201 -17.20 -0.33 -36.78
CA LYS B 201 -16.25 -0.72 -35.76
C LYS B 201 -14.91 -1.02 -36.40
N VAL B 202 -13.86 -1.02 -35.59
CA VAL B 202 -12.49 -0.96 -36.04
C VAL B 202 -11.71 -2.00 -35.25
N LEU B 203 -10.52 -2.35 -35.71
CA LEU B 203 -9.67 -3.20 -34.90
C LEU B 203 -8.38 -2.52 -34.52
N ILE B 204 -8.28 -2.21 -33.24
CA ILE B 204 -7.04 -1.83 -32.61
C ILE B 204 -6.09 -2.97 -32.78
N ALA B 205 -4.88 -2.68 -33.17
CA ALA B 205 -3.87 -3.70 -33.14
C ALA B 205 -3.49 -3.99 -31.70
N GLN B 206 -4.07 -5.06 -31.16
CA GLN B 206 -3.77 -5.49 -29.80
C GLN B 206 -2.35 -6.01 -29.79
N GLU B 207 -1.69 -5.83 -28.66
CA GLU B 207 -0.25 -6.01 -28.55
C GLU B 207 0.09 -7.11 -27.57
N ARG B 208 0.47 -8.25 -28.08
CA ARG B 208 0.75 -9.37 -27.20
C ARG B 208 2.25 -9.46 -26.99
N SER B 209 2.62 -10.20 -25.98
CA SER B 209 4.03 -10.46 -25.72
C SER B 209 4.58 -11.36 -26.80
N ALA B 210 5.87 -11.25 -27.06
CA ALA B 210 6.45 -12.06 -28.10
C ALA B 210 6.57 -13.50 -27.65
N ALA B 211 6.43 -14.41 -28.59
CA ALA B 211 6.57 -15.83 -28.31
C ALA B 211 7.96 -16.33 -28.66
N ASN B 212 8.34 -17.40 -27.97
CA ASN B 212 9.39 -18.33 -28.42
C ASN B 212 10.76 -17.69 -28.46
N ILE B 213 10.97 -16.67 -27.64
CA ILE B 213 12.26 -16.01 -27.52
C ILE B 213 12.82 -16.30 -26.14
N VAL B 214 14.13 -16.38 -26.04
CA VAL B 214 14.77 -16.95 -24.86
C VAL B 214 15.16 -15.82 -23.93
N GLN B 215 14.26 -15.46 -23.03
CA GLN B 215 14.39 -14.26 -22.23
C GLN B 215 15.07 -14.57 -20.91
N VAL B 216 15.60 -13.54 -20.24
CA VAL B 216 15.97 -13.63 -18.83
C VAL B 216 15.52 -12.36 -18.12
N PHE B 217 14.67 -12.51 -17.12
CA PHE B 217 14.35 -11.41 -16.21
C PHE B 217 14.88 -11.72 -14.82
N LYS B 218 15.17 -10.67 -14.05
CA LYS B 218 15.57 -10.83 -12.67
C LYS B 218 14.41 -10.53 -11.74
N LYS B 219 14.35 -11.25 -10.63
CA LYS B 219 13.18 -11.23 -9.76
C LYS B 219 13.46 -10.35 -8.56
N ALA B 220 12.39 -9.76 -8.02
CA ALA B 220 12.45 -8.85 -6.89
C ALA B 220 12.92 -9.57 -5.62
N ALA B 221 13.39 -8.77 -4.66
CA ALA B 221 14.24 -9.29 -3.58
C ALA B 221 13.51 -10.03 -2.46
N PRO B 222 12.36 -9.56 -1.89
CA PRO B 222 11.75 -10.35 -0.80
C PRO B 222 11.17 -11.66 -1.29
N SER B 223 12.04 -12.62 -1.52
CA SER B 223 11.80 -13.89 -2.16
C SER B 223 13.10 -14.67 -2.15
N PRO B 224 13.03 -16.00 -2.13
CA PRO B 224 14.25 -16.80 -2.30
C PRO B 224 14.62 -17.03 -3.74
N ILE B 225 14.00 -16.34 -4.66
CA ILE B 225 14.17 -16.63 -6.08
C ILE B 225 14.53 -15.35 -6.80
N SER B 226 15.67 -15.36 -7.49
CA SER B 226 16.28 -14.12 -8.01
C SER B 226 16.37 -14.03 -9.52
N HIS B 227 16.89 -15.04 -10.21
CA HIS B 227 17.00 -15.01 -11.67
C HIS B 227 15.97 -15.97 -12.27
N VAL B 228 15.47 -15.60 -13.45
CA VAL B 228 14.35 -16.27 -14.12
C VAL B 228 14.68 -16.38 -15.60
N ALA B 229 14.42 -17.53 -16.20
CA ALA B 229 14.50 -17.71 -17.64
C ALA B 229 13.18 -18.25 -18.19
N GLU B 230 12.44 -17.40 -18.89
CA GLU B 230 11.03 -17.59 -19.15
C GLU B 230 10.80 -17.69 -20.66
N ILE B 231 9.67 -18.28 -21.05
CA ILE B 231 9.28 -18.41 -22.45
C ILE B 231 7.75 -18.42 -22.49
N ARG B 232 7.16 -18.08 -23.64
CA ARG B 232 5.75 -18.34 -23.90
C ARG B 232 5.57 -18.99 -25.26
N SER B 233 5.05 -20.20 -25.28
CA SER B 233 5.00 -21.01 -26.49
C SER B 233 3.78 -20.71 -27.33
N ALA B 234 3.89 -20.88 -28.64
CA ALA B 234 2.75 -20.79 -29.54
C ALA B 234 3.08 -21.41 -30.89
N LEU B 235 2.15 -22.20 -31.42
CA LEU B 235 2.36 -22.96 -32.65
C LEU B 235 2.60 -22.04 -33.84
N GLU B 236 3.44 -22.54 -34.76
CA GLU B 236 3.94 -21.79 -35.90
C GLU B 236 2.82 -21.45 -36.88
N LYS B 237 2.18 -22.47 -37.42
CA LYS B 237 0.83 -22.33 -37.93
C LYS B 237 -0.10 -21.92 -36.77
N GLY B 238 -1.07 -21.07 -37.07
CA GLY B 238 -2.14 -20.85 -36.12
C GLY B 238 -1.90 -19.73 -35.15
N SER B 239 -0.65 -19.60 -34.67
CA SER B 239 -0.21 -18.57 -33.74
C SER B 239 -1.05 -18.60 -32.47
N ARG B 240 -1.02 -19.72 -31.76
CA ARG B 240 -1.85 -19.88 -30.57
C ARG B 240 -1.06 -20.46 -29.40
N LEU B 241 -1.19 -19.79 -28.25
CA LEU B 241 -0.53 -20.14 -27.00
C LEU B 241 -0.84 -21.56 -26.56
N ILE B 242 0.21 -22.32 -26.24
CA ILE B 242 0.04 -23.62 -25.60
C ILE B 242 0.81 -23.69 -24.28
N SER B 243 2.14 -23.56 -24.28
CA SER B 243 2.83 -23.82 -23.03
C SER B 243 3.53 -22.55 -22.55
N THR B 244 3.98 -22.61 -21.30
CA THR B 244 4.74 -21.54 -20.67
C THR B 244 5.70 -22.16 -19.67
N MET B 245 6.87 -22.56 -20.15
CA MET B 245 7.85 -23.16 -19.26
C MET B 245 8.53 -22.02 -18.52
N GLN B 246 8.72 -22.19 -17.23
CA GLN B 246 9.34 -21.17 -16.41
C GLN B 246 10.52 -21.78 -15.69
N ILE B 247 11.52 -20.95 -15.41
CA ILE B 247 12.69 -21.35 -14.65
C ILE B 247 12.81 -20.36 -13.50
N LYS B 248 12.99 -20.87 -12.28
CA LYS B 248 13.23 -20.03 -11.11
C LYS B 248 14.51 -20.45 -10.38
N LEU B 249 15.54 -19.61 -10.43
CA LEU B 249 16.77 -19.82 -9.68
C LEU B 249 16.46 -19.76 -8.18
N TYR B 250 16.55 -20.92 -7.53
CA TYR B 250 16.49 -20.93 -6.09
C TYR B 250 17.78 -20.35 -5.55
N GLY B 251 17.64 -19.47 -4.58
CA GLY B 251 18.73 -18.61 -4.22
C GLY B 251 18.36 -17.15 -4.32
N ARG B 252 18.31 -16.50 -3.17
CA ARG B 252 18.39 -15.05 -3.10
C ARG B 252 19.89 -14.73 -3.03
N GLU B 253 20.26 -13.45 -3.06
CA GLU B 253 21.66 -13.05 -2.94
C GLU B 253 22.19 -13.47 -1.57
N ASP B 254 23.02 -14.51 -1.56
CA ASP B 254 23.53 -15.17 -0.36
C ASP B 254 22.41 -15.58 0.60
N LYS B 255 21.38 -16.21 0.04
CA LYS B 255 20.34 -16.90 0.80
C LYS B 255 19.81 -17.98 -0.12
N GLY B 256 19.46 -19.14 0.45
CA GLY B 256 19.29 -20.32 -0.37
C GLY B 256 20.59 -21.01 -0.70
N THR B 257 21.23 -21.65 0.29
CA THR B 257 22.58 -22.27 0.30
C THR B 257 22.83 -23.10 -0.98
N GLY B 258 22.02 -24.11 -1.28
CA GLY B 258 22.23 -24.83 -2.50
C GLY B 258 21.78 -24.03 -3.70
N ARG B 259 22.71 -23.47 -4.46
CA ARG B 259 22.38 -22.55 -5.54
C ARG B 259 22.10 -23.32 -6.83
N THR B 260 21.09 -24.19 -6.73
CA THR B 260 20.64 -25.04 -7.81
C THR B 260 19.25 -24.59 -8.21
N ILE B 261 18.74 -25.09 -9.33
CA ILE B 261 17.51 -24.56 -9.90
C ILE B 261 16.56 -25.73 -10.13
N LYS B 262 15.25 -25.47 -10.05
CA LYS B 262 14.22 -26.39 -10.46
C LYS B 262 13.52 -25.82 -11.69
N ALA B 263 12.70 -26.63 -12.35
CA ALA B 263 11.82 -26.19 -13.42
C ALA B 263 10.38 -26.18 -12.95
N THR B 264 9.55 -25.42 -13.66
CA THR B 264 8.10 -25.47 -13.54
C THR B 264 7.54 -25.82 -14.91
N LEU B 265 6.58 -26.73 -14.96
CA LEU B 265 6.12 -27.19 -16.24
C LEU B 265 4.65 -26.86 -16.46
N PRO B 266 4.11 -27.00 -17.67
CA PRO B 266 2.66 -26.96 -17.83
C PRO B 266 2.01 -28.29 -17.50
N TYR B 267 0.79 -28.23 -16.95
CA TYR B 267 0.08 -29.35 -16.33
C TYR B 267 0.92 -30.07 -15.29
N VAL B 268 1.48 -29.32 -14.35
CA VAL B 268 1.94 -29.84 -13.08
C VAL B 268 1.37 -28.94 -12.01
N LYS B 269 1.70 -29.22 -10.75
CA LYS B 269 1.20 -28.40 -9.66
C LYS B 269 2.32 -27.86 -8.80
N GLN B 270 3.58 -28.13 -9.13
CA GLN B 270 4.67 -27.97 -8.19
C GLN B 270 5.99 -27.98 -8.94
N ASP B 271 7.01 -27.35 -8.35
CA ASP B 271 8.28 -27.17 -9.04
C ASP B 271 9.09 -28.47 -9.05
N ILE B 272 9.75 -28.74 -10.15
CA ILE B 272 10.41 -30.01 -10.42
C ILE B 272 11.88 -29.71 -10.73
N PRO B 273 12.83 -30.46 -10.19
CA PRO B 273 14.24 -30.11 -10.41
C PRO B 273 14.71 -30.23 -11.86
N ILE B 274 15.75 -29.45 -12.15
CA ILE B 274 16.21 -29.20 -13.51
C ILE B 274 16.85 -30.44 -14.12
N VAL B 275 17.75 -31.08 -13.37
CA VAL B 275 18.45 -32.22 -13.95
C VAL B 275 17.50 -33.39 -14.11
N ILE B 276 16.46 -33.44 -13.27
CA ILE B 276 15.46 -34.50 -13.38
C ILE B 276 14.63 -34.33 -14.64
N VAL B 277 14.26 -33.09 -14.98
CA VAL B 277 13.48 -32.95 -16.20
C VAL B 277 14.38 -33.10 -17.42
N PHE B 278 15.68 -32.83 -17.29
CA PHE B 278 16.61 -33.21 -18.34
C PHE B 278 16.63 -34.70 -18.56
N ARG B 279 16.75 -35.48 -17.48
CA ARG B 279 16.80 -36.92 -17.62
C ARG B 279 15.44 -37.45 -18.06
N ALA B 280 14.39 -36.68 -17.80
CA ALA B 280 13.05 -36.98 -18.28
C ALA B 280 12.90 -36.77 -19.78
N LEU B 281 13.52 -35.74 -20.33
CA LEU B 281 13.47 -35.58 -21.78
C LEU B 281 14.39 -36.54 -22.52
N GLY B 282 15.20 -37.33 -21.82
CA GLY B 282 15.89 -38.42 -22.48
C GLY B 282 17.38 -38.27 -22.53
N VAL B 283 17.96 -37.52 -21.60
CA VAL B 283 19.40 -37.43 -21.45
C VAL B 283 19.75 -37.63 -19.99
N VAL B 284 20.15 -38.86 -19.66
CA VAL B 284 20.39 -39.25 -18.27
C VAL B 284 21.74 -38.89 -17.67
N PRO B 285 22.92 -39.07 -18.29
CA PRO B 285 24.14 -38.99 -17.50
C PRO B 285 24.56 -37.56 -17.27
N ASP B 286 25.45 -37.37 -16.32
CA ASP B 286 25.89 -36.03 -15.95
C ASP B 286 26.77 -35.45 -17.04
N GLY B 287 27.57 -36.31 -17.66
CA GLY B 287 28.52 -35.86 -18.67
C GLY B 287 27.84 -35.31 -19.91
N GLU B 288 26.74 -35.93 -20.34
CA GLU B 288 26.08 -35.45 -21.55
C GLU B 288 25.24 -34.21 -21.26
N ILE B 289 24.76 -34.03 -20.04
CA ILE B 289 24.06 -32.80 -19.71
C ILE B 289 25.02 -31.63 -19.65
N LEU B 290 26.21 -31.87 -19.09
CA LEU B 290 27.22 -30.83 -19.17
C LEU B 290 27.80 -30.66 -20.56
N GLN B 291 27.70 -31.68 -21.42
CA GLN B 291 28.11 -31.52 -22.81
C GLN B 291 27.11 -30.71 -23.62
N HIS B 292 25.81 -31.01 -23.46
CA HIS B 292 24.75 -30.18 -24.01
C HIS B 292 24.81 -28.75 -23.54
N ILE B 293 25.03 -28.53 -22.25
CA ILE B 293 24.87 -27.18 -21.76
C ILE B 293 26.17 -26.41 -21.88
N CYS B 294 27.22 -26.87 -21.21
CA CYS B 294 28.39 -26.05 -20.99
C CYS B 294 29.19 -25.89 -22.28
N TYR B 295 29.65 -24.67 -22.54
CA TYR B 295 30.45 -24.40 -23.72
C TYR B 295 31.90 -24.09 -23.37
N ASP B 296 32.23 -24.01 -22.09
CA ASP B 296 33.61 -23.73 -21.73
C ASP B 296 33.97 -24.51 -20.48
N GLU B 297 34.85 -25.50 -20.67
CA GLU B 297 35.47 -26.23 -19.57
C GLU B 297 36.46 -25.37 -18.78
N ASN B 298 36.69 -24.12 -19.20
CA ASN B 298 37.51 -23.20 -18.43
C ASN B 298 36.66 -22.17 -17.69
N ASP B 299 35.37 -22.10 -17.99
CA ASP B 299 34.47 -21.18 -17.30
C ASP B 299 34.14 -21.72 -15.91
N TRP B 300 35.14 -21.79 -15.05
CA TRP B 300 35.06 -22.53 -13.80
C TRP B 300 34.22 -21.82 -12.77
N GLN B 301 33.91 -20.54 -13.00
CA GLN B 301 33.00 -19.82 -12.13
C GLN B 301 31.58 -20.32 -12.33
N MET B 302 31.13 -20.30 -13.57
CA MET B 302 29.83 -20.85 -13.90
C MET B 302 29.80 -22.35 -13.70
N LEU B 303 30.89 -23.03 -14.07
CA LEU B 303 31.05 -24.46 -13.79
C LEU B 303 31.02 -24.75 -12.30
N GLU B 304 31.51 -23.81 -11.51
CA GLU B 304 31.45 -23.94 -10.07
C GLU B 304 30.03 -23.80 -9.57
N MET B 305 29.27 -22.86 -10.14
CA MET B 305 27.86 -22.76 -9.79
C MET B 305 27.05 -23.93 -10.33
N LEU B 306 27.56 -24.60 -11.38
CA LEU B 306 26.93 -25.79 -11.92
C LEU B 306 26.87 -26.95 -10.94
N LYS B 307 28.01 -27.39 -10.38
CA LYS B 307 28.21 -28.60 -9.58
C LYS B 307 27.13 -28.94 -8.54
N PRO B 308 26.56 -27.98 -7.77
CA PRO B 308 25.52 -28.39 -6.82
C PRO B 308 24.22 -28.80 -7.46
N CYS B 309 23.97 -28.38 -8.71
CA CYS B 309 22.76 -28.80 -9.39
C CYS B 309 22.76 -30.29 -9.65
N ILE B 310 23.88 -30.79 -10.17
CA ILE B 310 24.07 -32.22 -10.35
C ILE B 310 24.09 -32.93 -9.01
N GLU B 311 24.81 -32.37 -8.02
CA GLU B 311 24.91 -33.03 -6.72
C GLU B 311 23.57 -33.11 -6.01
N GLU B 312 22.66 -32.20 -6.29
CA GLU B 312 21.29 -32.34 -5.80
C GLU B 312 20.48 -33.32 -6.62
N GLY B 313 20.67 -33.35 -7.94
CA GLY B 313 19.89 -34.27 -8.73
C GLY B 313 20.40 -35.70 -8.82
N PHE B 314 21.09 -36.17 -7.77
CA PHE B 314 21.72 -37.49 -7.85
C PHE B 314 20.71 -38.60 -7.63
N VAL B 315 19.65 -38.32 -6.87
CA VAL B 315 18.81 -39.39 -6.35
C VAL B 315 17.88 -39.97 -7.41
N ILE B 316 17.82 -39.38 -8.60
CA ILE B 316 17.01 -39.91 -9.69
C ILE B 316 17.99 -40.17 -10.85
N GLN B 317 18.28 -41.44 -11.13
CA GLN B 317 19.47 -41.77 -11.90
C GLN B 317 19.24 -42.16 -13.34
N ASP B 318 18.03 -42.53 -13.75
CA ASP B 318 17.84 -42.80 -15.17
C ASP B 318 16.41 -42.43 -15.56
N LYS B 319 16.06 -42.76 -16.81
CA LYS B 319 15.03 -42.03 -17.52
C LYS B 319 13.65 -42.30 -16.95
N GLU B 320 13.29 -43.57 -16.83
CA GLU B 320 11.91 -43.92 -16.57
C GLU B 320 11.55 -43.68 -15.11
N VAL B 321 12.54 -43.69 -14.22
CA VAL B 321 12.23 -43.36 -12.84
C VAL B 321 11.98 -41.87 -12.68
N ALA B 322 12.57 -41.04 -13.54
CA ALA B 322 12.23 -39.62 -13.53
C ALA B 322 10.87 -39.40 -14.18
N LEU B 323 10.57 -40.19 -15.21
CA LEU B 323 9.23 -40.19 -15.79
C LEU B 323 8.18 -40.55 -14.75
N ASP B 324 8.49 -41.56 -13.93
CA ASP B 324 7.61 -41.94 -12.83
C ASP B 324 7.53 -40.85 -11.77
N PHE B 325 8.63 -40.15 -11.53
CA PHE B 325 8.63 -39.08 -10.55
C PHE B 325 7.76 -37.92 -10.98
N ILE B 326 7.82 -37.54 -12.26
CA ILE B 326 6.98 -36.44 -12.71
C ILE B 326 5.54 -36.92 -12.87
N GLY B 327 5.36 -38.23 -12.98
CA GLY B 327 4.04 -38.79 -12.87
C GLY B 327 3.40 -38.57 -11.51
N ARG B 328 4.21 -38.39 -10.48
CA ARG B 328 3.64 -38.27 -9.14
C ARG B 328 3.06 -36.89 -8.87
N ARG B 329 3.59 -35.82 -9.46
CA ARG B 329 3.05 -34.50 -9.21
C ARG B 329 2.10 -34.02 -10.28
N GLY B 330 2.42 -34.22 -11.55
CA GLY B 330 1.74 -33.60 -12.67
C GLY B 330 0.64 -34.38 -13.38
N SER B 331 -0.46 -34.64 -12.67
CA SER B 331 -1.73 -35.12 -13.22
C SER B 331 -1.69 -36.49 -13.89
N ALA B 332 -0.63 -37.27 -13.69
CA ALA B 332 -0.75 -38.69 -14.01
C ALA B 332 -1.53 -39.33 -12.88
N ALA B 333 -2.56 -40.10 -13.21
CA ALA B 333 -3.60 -40.34 -12.24
C ALA B 333 -3.22 -41.44 -11.27
N LEU B 334 -3.83 -41.38 -10.09
CA LEU B 334 -3.48 -42.22 -8.95
C LEU B 334 -3.94 -43.64 -9.23
N GLY B 335 -3.02 -44.60 -9.09
CA GLY B 335 -3.35 -45.99 -9.29
C GLY B 335 -3.31 -46.42 -10.75
N ILE B 336 -3.25 -45.43 -11.64
CA ILE B 336 -2.86 -45.69 -13.01
C ILE B 336 -1.41 -46.14 -13.08
N ARG B 337 -1.17 -47.41 -13.40
CA ARG B 337 0.10 -48.06 -13.15
C ARG B 337 1.23 -47.48 -13.98
N ARG B 338 2.46 -47.91 -13.64
CA ARG B 338 3.72 -47.37 -14.15
C ARG B 338 3.74 -47.17 -15.66
N GLU B 339 3.22 -48.13 -16.42
CA GLU B 339 3.30 -48.02 -17.89
C GLU B 339 2.40 -46.93 -18.45
N LYS B 340 1.30 -46.58 -17.78
CA LYS B 340 0.40 -45.57 -18.32
C LYS B 340 0.57 -44.21 -17.63
N ARG B 341 1.00 -44.24 -16.37
CA ARG B 341 1.61 -43.07 -15.73
C ARG B 341 2.77 -42.54 -16.57
N ILE B 342 3.68 -43.42 -16.97
CA ILE B 342 4.83 -43.02 -17.77
C ILE B 342 4.42 -42.69 -19.19
N GLN B 343 3.37 -43.34 -19.70
CA GLN B 343 2.74 -42.89 -20.95
C GLN B 343 2.30 -41.45 -20.90
N TYR B 344 1.57 -41.06 -19.85
CA TYR B 344 1.08 -39.71 -19.65
C TYR B 344 2.23 -38.70 -19.48
N ALA B 345 3.29 -39.10 -18.78
CA ALA B 345 4.46 -38.25 -18.68
C ALA B 345 5.14 -38.08 -20.04
N LYS B 346 5.15 -39.14 -20.85
CA LYS B 346 5.62 -39.02 -22.22
C LYS B 346 4.71 -38.19 -23.10
N ASP B 347 3.48 -37.92 -22.68
CA ASP B 347 2.59 -37.07 -23.45
C ASP B 347 2.78 -35.61 -23.08
N ILE B 348 2.98 -35.31 -21.80
CA ILE B 348 3.36 -33.96 -21.42
C ILE B 348 4.79 -33.66 -21.87
N LEU B 349 5.57 -34.68 -22.18
CA LEU B 349 6.85 -34.35 -22.81
C LEU B 349 6.85 -34.60 -24.32
N GLN B 350 5.75 -35.11 -24.88
CA GLN B 350 5.62 -35.19 -26.33
C GLN B 350 4.87 -34.00 -26.91
N LYS B 351 3.62 -33.83 -26.51
CA LYS B 351 2.90 -32.58 -26.60
C LYS B 351 3.21 -31.83 -25.32
N GLU B 352 2.53 -30.70 -25.14
CA GLU B 352 2.43 -30.03 -23.84
C GLU B 352 3.73 -29.66 -23.12
N LEU B 353 4.86 -29.70 -23.81
CA LEU B 353 6.07 -29.03 -23.39
C LEU B 353 6.94 -28.87 -24.62
N LEU B 354 7.53 -27.68 -24.76
CA LEU B 354 8.11 -27.21 -26.01
C LEU B 354 7.28 -27.49 -27.29
N PRO B 355 5.97 -27.13 -27.28
CA PRO B 355 5.14 -27.56 -28.41
C PRO B 355 5.42 -26.79 -29.68
N HIS B 356 5.79 -25.51 -29.57
CA HIS B 356 6.00 -24.67 -30.73
C HIS B 356 7.21 -25.07 -31.53
N ILE B 357 8.19 -25.69 -30.88
CA ILE B 357 9.34 -26.22 -31.60
C ILE B 357 8.89 -27.28 -32.58
N THR B 358 8.30 -28.33 -32.03
CA THR B 358 7.76 -29.42 -32.79
C THR B 358 6.74 -30.10 -31.89
N GLN B 359 5.83 -30.85 -32.50
CA GLN B 359 4.98 -31.71 -31.70
C GLN B 359 5.16 -33.18 -32.05
N GLU B 360 6.07 -33.49 -32.96
CA GLU B 360 6.52 -34.86 -33.14
C GLU B 360 7.79 -35.10 -32.34
N GLU B 361 8.10 -36.37 -32.12
CA GLU B 361 9.27 -36.70 -31.32
C GLU B 361 10.49 -36.93 -32.21
N GLY B 362 11.52 -37.52 -31.60
CA GLY B 362 12.72 -37.88 -32.31
C GLY B 362 13.79 -36.82 -32.27
N PHE B 363 13.44 -35.62 -31.87
CA PHE B 363 14.40 -34.52 -31.84
C PHE B 363 14.60 -34.00 -30.44
N GLU B 364 14.80 -34.91 -29.51
CA GLU B 364 15.33 -34.60 -28.19
C GLU B 364 16.62 -33.82 -28.23
N THR B 365 17.43 -33.94 -29.29
CA THR B 365 18.55 -33.01 -29.44
C THR B 365 18.05 -31.61 -29.67
N ARG B 366 17.01 -31.44 -30.49
CA ARG B 366 16.46 -30.10 -30.71
C ARG B 366 15.87 -29.53 -29.42
N LYS B 367 15.11 -30.36 -28.70
CA LYS B 367 14.51 -29.92 -27.44
C LYS B 367 15.57 -29.64 -26.38
N THR B 368 16.47 -30.59 -26.13
CA THR B 368 17.44 -30.42 -25.06
C THR B 368 18.47 -29.36 -25.41
N PHE B 369 18.81 -29.21 -26.67
CA PHE B 369 19.80 -28.20 -27.00
C PHE B 369 19.18 -26.83 -26.95
N PHE B 370 17.86 -26.73 -27.15
CA PHE B 370 17.18 -25.48 -26.81
C PHE B 370 17.28 -25.21 -25.33
N LEU B 371 17.04 -26.23 -24.52
CA LEU B 371 17.06 -25.98 -23.09
C LEU B 371 18.48 -25.80 -22.57
N GLY B 372 19.46 -26.36 -23.26
CA GLY B 372 20.84 -26.12 -22.91
C GLY B 372 21.25 -24.71 -23.23
N TYR B 373 20.69 -24.13 -24.31
CA TYR B 373 20.84 -22.70 -24.51
C TYR B 373 20.17 -21.93 -23.37
N MET B 374 19.04 -22.43 -22.86
CA MET B 374 18.43 -21.74 -21.72
C MET B 374 19.31 -21.75 -20.49
N VAL B 375 19.93 -22.89 -20.20
CA VAL B 375 20.75 -22.98 -18.98
C VAL B 375 22.02 -22.17 -19.13
N ASN B 376 22.66 -22.31 -20.30
CA ASN B 376 23.66 -21.37 -20.81
C ASN B 376 23.29 -19.93 -20.51
N ARG B 377 22.09 -19.53 -20.89
CA ARG B 377 21.75 -18.12 -20.83
C ARG B 377 21.50 -17.66 -19.42
N LEU B 378 20.72 -18.44 -18.66
CA LEU B 378 20.37 -18.00 -17.32
C LEU B 378 21.60 -17.99 -16.42
N LEU B 379 22.56 -18.86 -16.67
CA LEU B 379 23.79 -18.74 -15.91
C LEU B 379 24.69 -17.63 -16.42
N LEU B 380 24.59 -17.25 -17.69
CA LEU B 380 25.26 -16.02 -18.12
C LEU B 380 24.73 -14.82 -17.37
N CYS B 381 23.42 -14.76 -17.16
CA CYS B 381 22.88 -13.55 -16.56
C CYS B 381 22.95 -13.60 -15.03
N ALA B 382 22.99 -14.78 -14.45
CA ALA B 382 23.09 -14.83 -12.99
C ALA B 382 24.49 -14.49 -12.50
N LEU B 383 25.48 -14.64 -13.36
CA LEU B 383 26.79 -14.11 -13.03
C LEU B 383 27.00 -12.72 -13.55
N GLU B 384 25.98 -12.14 -14.17
CA GLU B 384 25.98 -10.77 -14.69
C GLU B 384 27.12 -10.54 -15.66
N ARG B 385 27.18 -11.38 -16.68
CA ARG B 385 28.02 -11.11 -17.84
C ARG B 385 27.28 -10.30 -18.89
N LYS B 386 26.29 -9.52 -18.47
CA LYS B 386 25.26 -8.93 -19.32
C LYS B 386 24.39 -8.10 -18.40
N ASP B 387 23.60 -7.21 -18.99
CA ASP B 387 22.46 -6.66 -18.30
C ASP B 387 21.38 -7.72 -18.13
N GLN B 388 20.36 -7.38 -17.36
CA GLN B 388 19.10 -8.06 -17.51
C GLN B 388 18.48 -7.69 -18.84
N ASP B 389 17.58 -8.53 -19.33
CA ASP B 389 16.73 -8.13 -20.43
C ASP B 389 15.69 -7.14 -19.94
N ASP B 390 15.13 -6.37 -20.86
CA ASP B 390 14.17 -5.35 -20.49
C ASP B 390 12.86 -5.61 -21.21
N ARG B 391 11.79 -5.03 -20.67
CA ARG B 391 10.45 -5.39 -21.08
C ARG B 391 10.06 -4.77 -22.41
N ASP B 392 10.68 -3.67 -22.79
CA ASP B 392 10.07 -2.84 -23.80
C ASP B 392 10.96 -2.61 -25.01
N HIS B 393 12.08 -3.30 -25.09
CA HIS B 393 12.96 -3.21 -26.23
C HIS B 393 12.26 -3.76 -27.45
N PHE B 394 11.77 -2.85 -28.29
CA PHE B 394 10.49 -3.06 -28.99
C PHE B 394 10.56 -4.13 -30.05
N GLY B 395 11.76 -4.55 -30.44
CA GLY B 395 11.91 -5.76 -31.21
C GLY B 395 11.44 -7.00 -30.48
N LYS B 396 11.43 -6.97 -29.15
CA LYS B 396 10.99 -8.11 -28.39
C LYS B 396 9.50 -8.09 -28.13
N LYS B 397 8.72 -7.46 -29.01
CA LYS B 397 7.27 -7.60 -28.98
C LYS B 397 6.75 -7.76 -30.40
N ARG B 398 5.45 -8.04 -30.49
CA ARG B 398 4.77 -8.26 -31.75
C ARG B 398 3.44 -7.55 -31.70
N LEU B 399 2.62 -7.72 -32.74
CA LEU B 399 1.30 -7.13 -32.80
C LEU B 399 0.26 -8.06 -33.42
N ASP B 400 -0.99 -7.88 -32.99
CA ASP B 400 -2.12 -8.67 -33.47
C ASP B 400 -3.11 -7.75 -34.16
N LEU B 401 -3.27 -7.89 -35.46
CA LEU B 401 -4.35 -7.19 -36.14
C LEU B 401 -5.51 -8.13 -36.46
N ALA B 402 -6.41 -7.66 -37.34
CA ALA B 402 -7.64 -8.35 -37.73
C ALA B 402 -7.40 -9.78 -38.18
N GLY B 403 -6.26 -10.03 -38.82
CA GLY B 403 -5.89 -11.33 -39.27
C GLY B 403 -5.81 -12.35 -38.15
N PRO B 404 -4.84 -12.18 -37.26
CA PRO B 404 -4.75 -13.09 -36.12
C PRO B 404 -5.94 -13.06 -35.18
N LEU B 405 -6.67 -11.95 -35.08
CA LEU B 405 -7.82 -11.93 -34.19
C LEU B 405 -8.98 -12.72 -34.76
N LEU B 406 -9.26 -12.57 -36.06
CA LEU B 406 -10.27 -13.42 -36.65
C LEU B 406 -9.82 -14.86 -36.66
N ALA B 407 -8.50 -15.10 -36.73
CA ALA B 407 -8.00 -16.47 -36.62
C ALA B 407 -8.36 -17.08 -35.28
N ASN B 408 -8.16 -16.33 -34.20
CA ASN B 408 -8.45 -16.87 -32.88
C ASN B 408 -9.94 -17.06 -32.65
N LEU B 409 -10.75 -16.04 -32.97
CA LEU B 409 -12.17 -16.15 -32.61
C LEU B 409 -12.91 -17.10 -33.55
N PHE B 410 -12.47 -17.17 -34.80
CA PHE B 410 -12.95 -18.15 -35.75
C PHE B 410 -12.59 -19.56 -35.34
N ARG B 411 -11.35 -19.76 -34.85
CA ARG B 411 -10.97 -21.06 -34.29
C ARG B 411 -11.89 -21.47 -33.16
N ILE B 412 -12.20 -20.52 -32.28
CA ILE B 412 -13.03 -20.81 -31.12
C ILE B 412 -14.42 -21.27 -31.53
N LEU B 413 -15.13 -20.43 -32.28
CA LEU B 413 -16.51 -20.81 -32.60
C LEU B 413 -16.57 -21.90 -33.66
N PHE B 414 -15.44 -22.18 -34.30
CA PHE B 414 -15.35 -23.32 -35.18
C PHE B 414 -15.27 -24.62 -34.41
N ARG B 415 -14.51 -24.64 -33.31
CA ARG B 415 -14.58 -25.77 -32.38
C ARG B 415 -15.98 -25.94 -31.81
N LYS B 416 -16.64 -24.82 -31.55
CA LYS B 416 -17.99 -24.91 -31.01
C LYS B 416 -18.95 -25.53 -32.03
N LEU B 417 -18.77 -25.20 -33.31
CA LEU B 417 -19.48 -25.88 -34.40
C LEU B 417 -19.21 -27.37 -34.43
N THR B 418 -17.94 -27.75 -34.26
CA THR B 418 -17.54 -29.15 -34.22
C THR B 418 -18.37 -29.93 -33.21
N ARG B 419 -18.44 -29.42 -31.99
CA ARG B 419 -19.19 -30.18 -31.00
C ARG B 419 -20.70 -30.05 -31.18
N GLU B 420 -21.18 -29.02 -31.90
CA GLU B 420 -22.62 -28.96 -32.19
C GLU B 420 -23.06 -30.03 -33.17
N ILE B 421 -22.30 -30.20 -34.25
CA ILE B 421 -22.56 -31.28 -35.20
C ILE B 421 -22.44 -32.63 -34.51
N TYR B 422 -21.45 -32.76 -33.62
CA TYR B 422 -21.25 -34.00 -32.87
C TYR B 422 -22.46 -34.32 -32.00
N ARG B 423 -23.01 -33.29 -31.32
CA ARG B 423 -24.23 -33.43 -30.52
C ARG B 423 -25.41 -33.88 -31.34
N TYR B 424 -25.64 -33.27 -32.50
CA TYR B 424 -26.78 -33.68 -33.30
C TYR B 424 -26.58 -35.06 -33.90
N MET B 425 -25.34 -35.44 -34.20
CA MET B 425 -25.06 -36.76 -34.72
C MET B 425 -25.41 -37.85 -33.72
N GLN B 426 -25.05 -37.67 -32.45
CA GLN B 426 -25.39 -38.72 -31.49
C GLN B 426 -26.88 -38.73 -31.11
N ARG B 427 -27.70 -37.86 -31.69
CA ARG B 427 -29.14 -38.02 -31.54
C ARG B 427 -29.78 -38.61 -32.79
N CYS B 428 -29.30 -38.25 -33.97
CA CYS B 428 -29.89 -38.87 -35.15
C CYS B 428 -29.11 -40.08 -35.66
N ILE B 429 -28.42 -40.79 -34.77
CA ILE B 429 -27.88 -42.12 -35.08
C ILE B 429 -28.48 -43.18 -34.15
N GLU B 430 -28.83 -42.82 -32.92
CA GLU B 430 -29.69 -43.62 -32.05
C GLU B 430 -30.99 -44.00 -32.74
N THR B 431 -31.74 -43.03 -33.25
CA THR B 431 -32.94 -43.35 -34.00
C THR B 431 -32.66 -43.60 -35.46
N ASP B 432 -31.41 -43.42 -35.89
CA ASP B 432 -30.91 -43.85 -37.21
C ASP B 432 -31.69 -43.20 -38.36
N ARG B 433 -31.51 -41.90 -38.52
CA ARG B 433 -32.20 -41.15 -39.55
C ARG B 433 -31.20 -40.66 -40.58
N ASP B 434 -31.57 -40.72 -41.86
CA ASP B 434 -30.72 -40.17 -42.90
C ASP B 434 -30.79 -38.65 -42.84
N PHE B 435 -29.91 -38.03 -42.06
CA PHE B 435 -29.97 -36.59 -41.85
C PHE B 435 -29.36 -35.83 -43.02
N ASN B 436 -30.03 -34.76 -43.39
CA ASN B 436 -29.71 -33.99 -44.58
C ASN B 436 -28.66 -32.92 -44.32
N LEU B 437 -28.33 -32.71 -43.03
CA LEU B 437 -27.40 -31.75 -42.46
C LEU B 437 -27.88 -30.31 -42.53
N ASN B 438 -28.96 -30.04 -43.26
CA ASN B 438 -29.38 -28.67 -43.47
C ASN B 438 -30.33 -28.19 -42.41
N LEU B 439 -30.89 -29.09 -41.63
CA LEU B 439 -31.46 -28.70 -40.36
C LEU B 439 -30.53 -29.04 -39.22
N ALA B 440 -29.30 -29.42 -39.55
CA ALA B 440 -28.29 -29.74 -38.56
C ALA B 440 -27.31 -28.59 -38.36
N VAL B 441 -27.47 -27.49 -39.06
CA VAL B 441 -26.67 -26.30 -38.83
C VAL B 441 -27.65 -25.17 -38.51
N LYS B 442 -27.79 -24.88 -37.23
CA LYS B 442 -28.45 -23.67 -36.79
C LYS B 442 -27.39 -22.58 -36.83
N SER B 443 -27.23 -21.93 -37.98
CA SER B 443 -26.07 -21.08 -38.17
C SER B 443 -26.20 -19.71 -37.54
N THR B 444 -27.07 -19.55 -36.53
CA THR B 444 -26.95 -18.40 -35.64
C THR B 444 -25.75 -18.51 -34.70
N THR B 445 -25.05 -19.65 -34.68
CA THR B 445 -23.90 -19.83 -33.81
C THR B 445 -22.79 -18.83 -34.12
N ILE B 446 -22.16 -18.97 -35.28
CA ILE B 446 -20.94 -18.19 -35.51
C ILE B 446 -21.29 -16.77 -35.91
N THR B 447 -22.42 -16.59 -36.58
CA THR B 447 -22.87 -15.24 -36.88
C THR B 447 -23.23 -14.50 -35.60
N SER B 448 -23.93 -15.15 -34.68
CA SER B 448 -24.26 -14.50 -33.41
C SER B 448 -23.04 -14.21 -32.56
N GLY B 449 -22.05 -15.12 -32.61
CA GLY B 449 -20.84 -14.90 -31.83
C GLY B 449 -19.99 -13.75 -32.33
N LEU B 450 -19.69 -13.74 -33.64
CA LEU B 450 -18.86 -12.67 -34.19
C LEU B 450 -19.59 -11.35 -34.12
N LYS B 451 -20.91 -11.38 -34.18
CA LYS B 451 -21.66 -10.15 -34.14
C LYS B 451 -21.62 -9.54 -32.75
N TYR B 452 -21.73 -10.37 -31.69
CA TYR B 452 -21.59 -9.78 -30.36
C TYR B 452 -20.15 -9.38 -30.08
N SER B 453 -19.21 -10.19 -30.55
CA SER B 453 -17.82 -10.00 -30.16
C SER B 453 -17.15 -8.87 -30.94
N LEU B 454 -17.83 -8.32 -31.94
CA LEU B 454 -17.41 -7.02 -32.40
C LEU B 454 -18.38 -5.94 -31.97
N ALA B 455 -19.54 -6.32 -31.46
CA ALA B 455 -20.48 -5.32 -30.99
C ALA B 455 -19.98 -4.62 -29.76
N THR B 456 -19.58 -5.38 -28.76
CA THR B 456 -18.94 -4.75 -27.60
C THR B 456 -17.49 -5.12 -27.45
N GLY B 457 -17.00 -6.10 -28.19
CA GLY B 457 -15.60 -6.40 -28.12
C GLY B 457 -15.15 -7.13 -26.88
N ASN B 458 -16.07 -7.51 -25.99
CA ASN B 458 -15.70 -8.33 -24.86
C ASN B 458 -15.30 -9.68 -25.40
N TRP B 459 -14.01 -9.83 -25.62
CA TRP B 459 -13.50 -10.69 -26.68
C TRP B 459 -13.54 -12.12 -26.20
N GLY B 460 -14.48 -12.87 -26.77
CA GLY B 460 -14.58 -14.29 -26.48
C GLY B 460 -15.99 -14.75 -26.70
N GLU B 461 -16.22 -16.02 -26.36
CA GLU B 461 -17.58 -16.48 -26.19
C GLU B 461 -18.21 -15.67 -25.08
N GLN B 462 -19.49 -15.33 -25.23
CA GLN B 462 -20.16 -14.49 -24.25
C GLN B 462 -20.23 -15.19 -22.90
N LYS B 463 -20.28 -16.52 -22.90
CA LYS B 463 -20.11 -17.28 -21.67
C LYS B 463 -18.64 -17.52 -21.33
N LYS B 464 -17.75 -16.66 -21.82
CA LYS B 464 -16.49 -16.37 -21.16
C LYS B 464 -16.33 -14.87 -21.01
N ALA B 465 -17.38 -14.21 -20.50
CA ALA B 465 -17.44 -12.74 -20.48
C ALA B 465 -16.29 -12.11 -19.70
N MET B 466 -16.19 -12.39 -18.42
CA MET B 466 -15.01 -11.92 -17.72
C MET B 466 -13.85 -12.88 -18.01
N SER B 467 -12.70 -12.57 -17.39
CA SER B 467 -11.40 -13.18 -17.67
C SER B 467 -11.08 -13.06 -19.14
N SER B 468 -11.47 -11.94 -19.74
CA SER B 468 -11.31 -11.77 -21.17
C SER B 468 -10.80 -10.37 -21.46
N ARG B 469 -9.93 -10.27 -22.46
CA ARG B 469 -9.30 -9.01 -22.83
C ARG B 469 -10.34 -8.04 -23.38
N ALA B 470 -10.76 -7.11 -22.54
CA ALA B 470 -11.91 -6.27 -22.79
C ALA B 470 -11.55 -5.09 -23.68
N GLY B 471 -12.54 -4.57 -24.38
CA GLY B 471 -12.34 -3.46 -25.28
C GLY B 471 -11.44 -3.72 -26.47
N VAL B 472 -11.67 -4.78 -27.25
CA VAL B 472 -10.87 -5.00 -28.45
C VAL B 472 -11.26 -4.01 -29.52
N SER B 473 -12.53 -3.95 -29.85
CA SER B 473 -12.96 -3.18 -30.99
C SER B 473 -13.76 -1.99 -30.54
N GLN B 474 -13.68 -0.91 -31.31
CA GLN B 474 -14.14 0.38 -30.84
C GLN B 474 -15.05 1.01 -31.87
N VAL B 475 -15.97 1.82 -31.37
CA VAL B 475 -16.69 2.78 -32.18
C VAL B 475 -15.67 3.57 -32.98
N LEU B 476 -15.78 3.56 -34.29
CA LEU B 476 -14.89 4.41 -35.05
C LEU B 476 -15.34 5.84 -34.87
N ASN B 477 -14.40 6.75 -34.80
CA ASN B 477 -14.78 8.14 -34.54
C ASN B 477 -14.73 8.94 -35.85
N ARG B 478 -15.83 9.62 -36.14
CA ARG B 478 -15.94 10.50 -37.30
C ARG B 478 -16.18 11.93 -36.87
N TYR B 479 -15.32 12.50 -36.02
CA TYR B 479 -15.52 13.90 -35.67
C TYR B 479 -14.79 14.81 -36.63
N THR B 480 -13.54 14.51 -36.95
CA THR B 480 -12.94 15.05 -38.15
C THR B 480 -12.04 14.03 -38.80
N TYR B 481 -11.47 14.44 -39.93
CA TYR B 481 -10.85 13.52 -40.87
C TYR B 481 -9.53 12.98 -40.35
N SER B 482 -8.67 13.85 -39.82
CA SER B 482 -7.38 13.38 -39.33
C SER B 482 -7.54 12.50 -38.11
N SER B 483 -8.59 12.75 -37.33
CA SER B 483 -8.88 11.95 -36.15
C SER B 483 -9.11 10.51 -36.52
N THR B 484 -9.90 10.31 -37.55
CA THR B 484 -10.08 8.98 -38.08
C THR B 484 -8.78 8.45 -38.66
N LEU B 485 -7.96 9.32 -39.26
CA LEU B 485 -6.74 8.82 -39.86
C LEU B 485 -5.76 8.28 -38.82
N SER B 486 -5.77 8.85 -37.63
CA SER B 486 -4.95 8.25 -36.59
C SER B 486 -5.63 7.02 -36.04
N HIS B 487 -6.93 7.12 -35.78
CA HIS B 487 -7.64 6.14 -34.97
C HIS B 487 -7.76 4.79 -35.66
N LEU B 488 -7.61 4.76 -36.99
CA LEU B 488 -7.50 3.50 -37.70
C LEU B 488 -6.13 2.86 -37.57
N ARG B 489 -5.20 3.48 -36.86
CA ARG B 489 -3.85 2.95 -36.83
C ARG B 489 -3.46 2.54 -35.43
N ARG B 490 -4.31 2.83 -34.47
CA ARG B 490 -3.94 2.86 -33.07
C ARG B 490 -3.69 1.46 -32.51
N THR B 491 -2.64 1.32 -31.70
CA THR B 491 -2.41 0.11 -30.93
C THR B 491 -2.72 0.38 -29.45
N ASN B 492 -3.00 -0.68 -28.70
CA ASN B 492 -3.28 -0.60 -27.27
C ASN B 492 -2.49 -1.67 -26.56
N THR B 493 -2.29 -1.52 -25.25
CA THR B 493 -1.40 -2.39 -24.53
C THR B 493 -2.11 -3.03 -23.33
N PRO B 494 -2.12 -4.35 -23.24
CA PRO B 494 -2.71 -5.05 -22.10
C PRO B 494 -1.69 -5.38 -21.00
N ILE B 495 -1.24 -4.37 -20.27
CA ILE B 495 -0.77 -4.67 -18.92
C ILE B 495 -1.95 -4.59 -17.96
N GLY B 496 -3.09 -4.14 -18.46
CA GLY B 496 -4.19 -3.81 -17.60
C GLY B 496 -3.85 -2.45 -17.06
N ARG B 497 -4.20 -2.19 -15.81
CA ARG B 497 -3.73 -0.99 -15.14
C ARG B 497 -3.21 -1.38 -13.76
N ASP B 498 -3.06 -2.69 -13.53
CA ASP B 498 -2.58 -3.21 -12.25
C ASP B 498 -1.06 -3.24 -12.25
N GLY B 499 -0.46 -2.27 -11.57
CA GLY B 499 0.95 -2.01 -11.66
C GLY B 499 1.18 -0.62 -12.19
N LYS B 500 1.63 0.29 -11.33
CA LYS B 500 1.73 1.70 -11.71
C LYS B 500 3.07 2.00 -12.37
N LEU B 501 3.78 0.95 -12.76
CA LEU B 501 5.21 0.88 -13.07
C LEU B 501 5.54 1.83 -14.22
N ALA B 502 6.61 2.60 -14.11
CA ALA B 502 6.91 3.61 -15.11
C ALA B 502 7.93 3.06 -16.09
N LYS B 503 8.30 1.80 -15.93
CA LYS B 503 9.13 1.20 -16.96
C LYS B 503 8.35 0.84 -18.23
N PRO B 504 7.16 0.24 -18.19
CA PRO B 504 6.41 0.09 -19.43
C PRO B 504 5.80 1.37 -19.96
N ARG B 505 5.79 2.45 -19.19
CA ARG B 505 5.24 3.69 -19.72
C ARG B 505 6.29 4.61 -20.33
N GLN B 506 7.58 4.26 -20.24
CA GLN B 506 8.65 5.08 -20.79
C GLN B 506 8.61 5.12 -22.29
N LEU B 507 9.06 6.22 -22.83
CA LEU B 507 9.29 6.31 -24.26
C LEU B 507 10.62 5.61 -24.53
N HIS B 508 10.61 4.29 -24.56
CA HIS B 508 11.86 3.56 -24.58
C HIS B 508 12.44 3.49 -26.00
N ASN B 509 13.77 3.56 -26.06
CA ASN B 509 14.41 4.27 -27.15
C ASN B 509 14.64 3.40 -28.37
N THR B 510 13.92 2.32 -28.45
CA THR B 510 13.67 1.62 -29.69
C THR B 510 12.68 2.32 -30.59
N HIS B 511 12.06 3.41 -30.13
CA HIS B 511 10.90 3.99 -30.78
C HIS B 511 11.22 4.86 -31.98
N TRP B 512 12.38 4.73 -32.58
CA TRP B 512 12.70 5.69 -33.60
C TRP B 512 12.01 5.31 -34.89
N GLY B 513 10.93 6.02 -35.18
CA GLY B 513 10.15 5.88 -36.38
C GLY B 513 9.11 4.78 -36.33
N LEU B 514 8.82 4.23 -35.18
CA LEU B 514 7.90 3.11 -35.10
C LEU B 514 6.61 3.47 -34.42
N VAL B 515 6.65 4.37 -33.46
CA VAL B 515 5.49 4.90 -32.79
C VAL B 515 5.65 6.40 -32.73
N CYS B 516 4.76 7.05 -32.03
CA CYS B 516 4.77 8.49 -32.02
C CYS B 516 5.31 9.06 -30.72
N PRO B 517 6.46 9.72 -30.75
CA PRO B 517 6.95 10.40 -29.55
C PRO B 517 6.12 11.58 -29.14
N ALA B 518 5.24 12.08 -29.98
CA ALA B 518 4.31 13.08 -29.51
C ALA B 518 3.04 12.44 -29.00
N GLU B 519 2.30 11.74 -29.85
CA GLU B 519 0.92 11.43 -29.56
C GLU B 519 0.86 10.32 -28.54
N THR B 520 0.07 10.55 -27.50
CA THR B 520 -0.44 9.65 -26.51
C THR B 520 -1.42 10.51 -25.73
N PRO B 521 -2.53 9.97 -25.28
CA PRO B 521 -3.52 10.78 -24.57
C PRO B 521 -3.00 11.32 -23.24
N GLU B 522 -3.76 12.24 -22.68
CA GLU B 522 -3.49 12.68 -21.31
C GLU B 522 -4.11 11.72 -20.31
N GLY B 523 -3.29 11.27 -19.37
CA GLY B 523 -3.80 10.55 -18.22
C GLY B 523 -3.61 9.06 -18.21
N GLN B 524 -4.72 8.33 -18.00
CA GLN B 524 -4.69 6.91 -17.65
C GLN B 524 -4.07 6.07 -18.75
N ALA B 525 -4.20 6.51 -19.98
CA ALA B 525 -3.66 5.78 -21.09
C ALA B 525 -2.17 6.01 -21.29
N CYS B 526 -1.60 7.00 -20.62
CA CYS B 526 -0.32 7.52 -21.09
C CYS B 526 0.80 6.55 -20.83
N GLY B 527 1.70 6.45 -21.80
CA GLY B 527 2.70 5.41 -21.79
C GLY B 527 2.29 4.12 -22.44
N LEU B 528 1.00 3.82 -22.49
CA LEU B 528 0.54 2.62 -23.15
C LEU B 528 0.37 2.82 -24.65
N VAL B 529 -0.43 3.80 -25.03
CA VAL B 529 -1.16 3.80 -26.28
C VAL B 529 -0.27 4.29 -27.40
N LYS B 530 0.02 3.41 -28.35
CA LYS B 530 1.05 3.69 -29.33
C LYS B 530 0.46 3.74 -30.74
N ASN B 531 0.59 4.91 -31.36
CA ASN B 531 0.02 5.19 -32.67
C ASN B 531 1.05 4.80 -33.69
N LEU B 532 0.71 3.91 -34.61
CA LEU B 532 1.71 3.45 -35.54
C LEU B 532 2.14 4.57 -36.47
N SER B 533 3.45 4.70 -36.64
CA SER B 533 4.06 5.89 -37.21
C SER B 533 3.75 6.02 -38.69
N LEU B 534 4.16 7.16 -39.21
CA LEU B 534 3.89 7.48 -40.60
C LEU B 534 4.83 6.71 -41.52
N LEU B 535 5.78 5.98 -40.95
CA LEU B 535 6.43 4.88 -41.66
C LEU B 535 6.25 3.54 -40.97
N SER B 536 5.04 3.19 -40.60
CA SER B 536 4.78 1.86 -40.09
C SER B 536 4.26 0.97 -41.20
N GLY B 537 4.65 -0.28 -41.14
CA GLY B 537 3.99 -1.31 -41.91
C GLY B 537 3.95 -2.58 -41.10
N ILE B 538 2.91 -3.37 -41.32
CA ILE B 538 2.63 -4.56 -40.52
C ILE B 538 2.98 -5.79 -41.32
N SER B 539 3.90 -6.59 -40.81
CA SER B 539 4.40 -7.75 -41.55
C SER B 539 3.44 -8.92 -41.42
N ILE B 540 3.15 -9.55 -42.55
CA ILE B 540 1.94 -10.36 -42.63
C ILE B 540 2.08 -11.69 -41.95
N GLY B 541 3.10 -12.45 -42.27
CA GLY B 541 3.05 -13.85 -41.91
C GLY B 541 3.31 -14.58 -43.20
N SER B 542 4.33 -15.41 -43.19
CA SER B 542 4.99 -15.79 -44.42
C SER B 542 5.46 -17.22 -44.28
N PRO B 543 5.57 -17.97 -45.38
CA PRO B 543 6.10 -19.33 -45.28
C PRO B 543 7.55 -19.33 -44.84
N SER B 544 7.75 -19.84 -43.65
CA SER B 544 9.10 -19.97 -43.14
C SER B 544 9.86 -21.07 -43.83
N GLU B 545 9.16 -22.02 -44.44
CA GLU B 545 9.81 -23.18 -45.07
C GLU B 545 10.79 -22.85 -46.19
N PRO B 546 10.51 -21.94 -47.14
CA PRO B 546 11.56 -21.60 -48.11
C PRO B 546 12.73 -20.89 -47.48
N ILE B 547 12.52 -20.20 -46.35
CA ILE B 547 13.62 -19.57 -45.67
C ILE B 547 14.55 -20.63 -45.12
N ILE B 548 13.96 -21.71 -44.59
CA ILE B 548 14.70 -22.91 -44.18
C ILE B 548 15.47 -23.47 -45.36
N ASN B 549 14.85 -23.42 -46.54
CA ASN B 549 15.54 -23.90 -47.72
C ASN B 549 16.66 -22.97 -48.12
N PHE B 550 16.52 -21.67 -47.83
CA PHE B 550 17.62 -20.75 -48.08
C PHE B 550 18.76 -21.01 -47.11
N LEU B 551 18.41 -21.45 -45.91
CA LEU B 551 19.43 -21.77 -44.94
C LEU B 551 20.23 -22.98 -45.36
N GLU B 552 19.54 -24.10 -45.60
CA GLU B 552 20.24 -25.32 -45.99
C GLU B 552 20.69 -25.26 -47.44
N GLU B 553 20.34 -24.19 -48.14
CA GLU B 553 20.72 -23.98 -49.53
C GLU B 553 22.19 -23.57 -49.65
N TRP B 554 22.84 -23.27 -48.52
CA TRP B 554 24.24 -22.84 -48.55
C TRP B 554 25.14 -23.64 -47.63
N GLY B 555 24.72 -24.84 -47.25
CA GLY B 555 25.49 -25.65 -46.33
C GLY B 555 25.37 -25.26 -44.87
N MET B 556 24.20 -24.85 -44.41
CA MET B 556 23.94 -24.78 -42.98
C MET B 556 23.99 -26.18 -42.40
N GLU B 557 24.58 -26.31 -41.24
CA GLU B 557 24.80 -27.67 -40.83
C GLU B 557 23.75 -28.09 -39.81
N PRO B 558 23.30 -29.34 -39.83
CA PRO B 558 22.18 -29.76 -38.98
C PRO B 558 22.56 -29.87 -37.52
N LEU B 559 21.53 -30.11 -36.70
CA LEU B 559 21.68 -30.09 -35.24
C LEU B 559 22.22 -31.38 -34.67
N GLU B 560 22.16 -32.50 -35.42
CA GLU B 560 22.59 -33.77 -34.86
C GLU B 560 24.09 -34.02 -35.02
N ASP B 561 24.79 -33.25 -35.85
CA ASP B 561 26.24 -33.32 -35.96
C ASP B 561 26.93 -32.35 -35.01
N TYR B 562 26.24 -31.91 -33.97
CA TYR B 562 26.68 -30.80 -33.17
C TYR B 562 27.41 -31.28 -31.93
N ASP B 563 28.67 -30.86 -31.81
CA ASP B 563 29.46 -31.02 -30.61
C ASP B 563 30.11 -29.68 -30.36
N PRO B 564 29.74 -28.99 -29.27
CA PRO B 564 30.34 -27.68 -29.01
C PRO B 564 31.80 -27.73 -28.65
N ALA B 565 32.32 -28.88 -28.22
CA ALA B 565 33.76 -29.01 -28.05
C ALA B 565 34.43 -29.23 -29.41
N GLN B 566 33.72 -29.83 -30.35
CA GLN B 566 34.23 -29.89 -31.72
C GLN B 566 34.11 -28.53 -32.40
N HIS B 567 33.00 -27.83 -32.17
CA HIS B 567 32.80 -26.50 -32.74
C HIS B 567 32.25 -25.55 -31.69
N THR B 568 33.16 -24.78 -31.11
CA THR B 568 32.80 -23.77 -30.14
C THR B 568 32.45 -22.43 -30.79
N LYS B 569 32.79 -22.27 -32.07
CA LYS B 569 32.75 -20.95 -32.69
C LYS B 569 31.72 -20.87 -33.79
N SER B 570 30.95 -21.92 -34.03
CA SER B 570 29.90 -21.89 -35.03
C SER B 570 28.77 -20.96 -34.61
N THR B 571 27.98 -20.56 -35.61
CA THR B 571 26.94 -19.56 -35.41
C THR B 571 25.56 -20.19 -35.40
N ARG B 572 24.86 -19.99 -34.30
CA ARG B 572 23.64 -20.72 -34.00
C ARG B 572 22.43 -19.88 -34.37
N ILE B 573 21.56 -20.45 -35.18
CA ILE B 573 20.71 -19.68 -36.09
C ILE B 573 19.26 -19.92 -35.76
N PHE B 574 18.51 -18.83 -35.59
CA PHE B 574 17.12 -18.91 -35.19
C PHE B 574 16.18 -18.60 -36.33
N VAL B 575 15.10 -19.36 -36.38
CA VAL B 575 13.98 -19.11 -37.28
C VAL B 575 12.77 -19.00 -36.39
N ASN B 576 12.45 -17.78 -35.97
CA ASN B 576 11.21 -17.43 -35.28
C ASN B 576 11.11 -18.06 -33.90
N GLY B 577 12.19 -18.67 -33.41
CA GLY B 577 12.17 -19.34 -32.14
C GLY B 577 12.66 -20.77 -32.12
N VAL B 578 13.06 -21.34 -33.26
CA VAL B 578 13.72 -22.63 -33.28
C VAL B 578 15.17 -22.47 -33.71
N TRP B 579 16.08 -22.90 -32.86
CA TRP B 579 17.43 -23.03 -33.32
C TRP B 579 17.51 -24.24 -34.21
N THR B 580 18.02 -24.07 -35.40
CA THR B 580 17.94 -25.08 -36.43
C THR B 580 19.27 -25.62 -36.87
N GLY B 581 20.37 -24.99 -36.50
CA GLY B 581 21.67 -25.50 -36.92
C GLY B 581 22.78 -24.56 -36.55
N ILE B 582 23.94 -24.83 -37.14
CA ILE B 582 25.11 -24.01 -36.91
C ILE B 582 25.79 -23.74 -38.25
N HIS B 583 26.64 -22.73 -38.27
CA HIS B 583 27.52 -22.47 -39.41
C HIS B 583 28.69 -21.61 -38.95
N ARG B 584 29.77 -21.60 -39.72
CA ARG B 584 30.95 -20.85 -39.35
C ARG B 584 30.90 -19.38 -39.74
N ASP B 585 30.63 -19.04 -41.00
CA ASP B 585 30.77 -17.67 -41.48
C ASP B 585 29.39 -17.13 -41.80
N PRO B 586 28.88 -16.22 -40.98
CA PRO B 586 27.61 -15.58 -41.33
C PRO B 586 27.77 -14.48 -42.37
N SER B 587 28.98 -13.99 -42.65
CA SER B 587 29.10 -12.74 -43.40
C SER B 587 28.77 -12.94 -44.87
N MET B 588 29.27 -14.01 -45.49
CA MET B 588 28.93 -14.30 -46.87
C MET B 588 27.45 -14.61 -47.00
N LEU B 589 26.89 -15.24 -45.98
CA LEU B 589 25.49 -15.63 -46.05
C LEU B 589 24.59 -14.41 -45.90
N VAL B 590 24.94 -13.48 -45.01
CA VAL B 590 24.09 -12.31 -44.86
C VAL B 590 24.27 -11.39 -46.05
N SER B 591 25.42 -11.46 -46.73
CA SER B 591 25.55 -10.79 -48.01
C SER B 591 24.58 -11.35 -49.02
N THR B 592 24.55 -12.68 -49.15
CA THR B 592 23.70 -13.33 -50.15
C THR B 592 22.23 -13.12 -49.85
N MET B 593 21.83 -13.33 -48.59
CA MET B 593 20.42 -13.23 -48.24
C MET B 593 19.96 -11.79 -48.21
N ARG B 594 20.82 -10.89 -47.75
CA ARG B 594 20.43 -9.49 -47.74
C ARG B 594 20.30 -8.97 -49.15
N ASP B 595 21.13 -9.47 -50.06
CA ASP B 595 20.97 -9.09 -51.46
C ASP B 595 19.83 -9.85 -52.13
N LEU B 596 19.37 -10.95 -51.54
CA LEU B 596 18.20 -11.60 -52.11
C LEU B 596 16.91 -10.97 -51.61
N ARG B 597 16.99 -10.25 -50.49
CA ARG B 597 15.88 -9.36 -50.16
C ARG B 597 15.98 -8.05 -50.93
N ARG B 598 17.21 -7.64 -51.26
CA ARG B 598 17.43 -6.52 -52.16
C ARG B 598 17.06 -6.87 -53.60
N SER B 599 16.92 -8.15 -53.92
CA SER B 599 16.37 -8.58 -55.18
C SER B 599 14.91 -8.97 -55.08
N GLY B 600 14.58 -9.98 -54.27
CA GLY B 600 13.22 -10.43 -54.14
C GLY B 600 13.02 -11.93 -54.15
N ALA B 601 14.05 -12.72 -53.86
CA ALA B 601 13.88 -14.16 -53.72
C ALA B 601 13.08 -14.51 -52.48
N ILE B 602 13.16 -13.64 -51.48
CA ILE B 602 12.43 -13.76 -50.22
C ILE B 602 11.19 -12.90 -50.34
N SER B 603 10.23 -13.08 -49.45
CA SER B 603 9.33 -11.99 -49.15
C SER B 603 10.16 -10.77 -48.77
N PRO B 604 9.94 -9.63 -49.40
CA PRO B 604 10.69 -8.45 -49.01
C PRO B 604 10.22 -7.80 -47.71
N GLU B 605 9.29 -8.39 -46.96
CA GLU B 605 9.08 -7.89 -45.61
C GLU B 605 9.57 -8.83 -44.51
N VAL B 606 10.38 -9.85 -44.85
CA VAL B 606 11.01 -10.73 -43.85
C VAL B 606 12.31 -10.12 -43.35
N SER B 607 12.40 -9.89 -42.05
CA SER B 607 13.60 -9.31 -41.46
C SER B 607 14.68 -10.37 -41.25
N ILE B 608 15.61 -10.46 -42.21
CA ILE B 608 16.85 -11.19 -42.03
C ILE B 608 17.81 -10.25 -41.34
N ILE B 609 18.22 -10.62 -40.14
CA ILE B 609 18.88 -9.73 -39.20
C ILE B 609 20.13 -10.45 -38.71
N ARG B 610 21.26 -9.77 -38.74
CA ARG B 610 22.52 -10.36 -38.29
C ARG B 610 22.86 -9.81 -36.92
N ASP B 611 23.42 -10.67 -36.08
CA ASP B 611 24.28 -10.24 -34.98
C ASP B 611 25.62 -10.92 -35.22
N ILE B 612 26.67 -10.35 -34.64
CA ILE B 612 27.99 -10.98 -34.69
C ILE B 612 28.44 -11.33 -33.27
N ARG B 613 27.87 -10.64 -32.27
CA ARG B 613 28.33 -10.74 -30.89
C ARG B 613 28.05 -12.11 -30.29
N GLU B 614 26.86 -12.64 -30.49
CA GLU B 614 26.49 -13.88 -29.82
C GLU B 614 27.00 -15.12 -30.53
N ARG B 615 27.68 -14.96 -31.67
CA ARG B 615 27.82 -16.01 -32.69
C ARG B 615 26.45 -16.62 -32.99
N GLU B 616 25.51 -15.73 -33.32
CA GLU B 616 24.12 -16.06 -33.59
C GLU B 616 23.59 -15.14 -34.67
N PHE B 617 22.52 -15.55 -35.30
CA PHE B 617 21.98 -14.90 -36.49
C PHE B 617 20.54 -15.32 -36.66
N LYS B 618 19.63 -14.37 -36.58
CA LYS B 618 18.21 -14.70 -36.51
C LYS B 618 17.53 -14.33 -37.80
N ILE B 619 16.46 -15.06 -38.11
CA ILE B 619 15.51 -14.65 -39.13
C ILE B 619 14.13 -14.74 -38.53
N PHE B 620 13.52 -13.60 -38.30
CA PHE B 620 12.11 -13.54 -37.96
C PHE B 620 11.36 -13.58 -39.26
N THR B 621 10.23 -14.31 -39.30
CA THR B 621 9.20 -14.15 -40.31
C THR B 621 7.86 -13.83 -39.68
N ASP B 622 7.89 -13.41 -38.42
CA ASP B 622 6.74 -13.56 -37.54
C ASP B 622 5.67 -12.53 -37.89
N VAL B 623 4.46 -12.84 -37.49
CA VAL B 623 3.35 -11.94 -37.73
C VAL B 623 3.43 -10.79 -36.74
N GLY B 624 3.09 -9.60 -37.20
CA GLY B 624 2.98 -8.46 -36.33
C GLY B 624 4.28 -7.82 -35.92
N ARG B 625 5.33 -7.94 -36.73
CA ARG B 625 6.52 -7.15 -36.49
C ARG B 625 6.32 -5.78 -37.09
N VAL B 626 6.68 -4.76 -36.33
CA VAL B 626 6.57 -3.39 -36.80
C VAL B 626 7.85 -3.05 -37.55
N TYR B 627 7.79 -2.96 -38.88
CA TYR B 627 8.98 -2.65 -39.65
C TYR B 627 8.97 -1.18 -40.05
N ARG B 628 10.07 -0.75 -40.64
CA ARG B 628 10.15 0.60 -41.18
C ARG B 628 11.20 0.63 -42.28
N PRO B 629 11.08 1.54 -43.22
CA PRO B 629 12.06 1.63 -44.30
C PRO B 629 13.15 2.65 -44.00
N LEU B 630 14.31 2.43 -44.62
CA LEU B 630 15.42 3.39 -44.59
C LEU B 630 16.05 3.45 -45.97
N PHE B 631 16.66 4.57 -46.29
CA PHE B 631 17.46 4.63 -47.49
C PHE B 631 18.69 3.76 -47.33
N ILE B 632 18.86 2.80 -48.24
CA ILE B 632 20.02 1.93 -48.21
C ILE B 632 21.23 2.74 -48.55
N VAL B 633 22.02 3.07 -47.56
CA VAL B 633 23.31 3.63 -47.81
C VAL B 633 24.18 2.52 -48.34
N GLU B 634 24.95 2.83 -49.37
CA GLU B 634 25.90 1.86 -49.86
C GLU B 634 26.98 1.73 -48.83
N ASP B 635 26.78 0.79 -47.94
CA ASP B 635 27.65 0.54 -46.82
C ASP B 635 28.92 -0.19 -47.17
N ASP B 636 29.28 -0.29 -48.43
CA ASP B 636 30.32 -1.21 -48.83
C ASP B 636 31.39 -0.48 -49.62
N GLU B 637 32.65 -0.60 -49.17
CA GLU B 637 33.75 -0.11 -49.98
C GLU B 637 34.05 -1.12 -51.08
N SER B 638 33.26 -1.05 -52.15
CA SER B 638 33.49 -1.78 -53.38
C SER B 638 33.45 -0.85 -54.57
N LYS B 639 32.69 0.23 -54.47
CA LYS B 639 32.60 1.19 -55.56
C LYS B 639 32.34 2.56 -54.95
N ASP B 640 32.18 3.55 -55.83
CA ASP B 640 32.17 4.93 -55.38
C ASP B 640 30.86 5.32 -54.73
N ASN B 641 29.86 4.43 -54.72
CA ASN B 641 28.61 4.72 -54.04
C ASN B 641 28.78 4.70 -52.53
N LYS B 642 29.93 4.23 -52.03
CA LYS B 642 30.16 4.07 -50.61
C LYS B 642 30.06 5.39 -49.88
N GLY B 643 29.33 5.39 -48.77
CA GLY B 643 28.94 6.58 -48.07
C GLY B 643 27.76 7.30 -48.67
N GLU B 644 27.57 7.22 -49.98
CA GLU B 644 26.54 7.97 -50.65
C GLU B 644 25.26 7.18 -50.54
N LEU B 645 24.18 7.80 -50.98
CA LEU B 645 22.91 7.10 -51.09
C LEU B 645 22.87 6.30 -52.39
N ARG B 646 22.25 5.12 -52.35
CA ARG B 646 22.15 4.33 -53.57
C ARG B 646 21.09 4.90 -54.49
N ILE B 647 20.16 5.67 -53.95
CA ILE B 647 19.08 6.27 -54.74
C ILE B 647 19.63 7.34 -55.68
N THR B 648 19.44 7.12 -56.98
CA THR B 648 19.97 7.96 -58.04
C THR B 648 18.90 8.95 -58.46
N LYS B 649 19.27 9.91 -59.31
CA LYS B 649 18.23 10.78 -59.83
C LYS B 649 17.48 10.15 -60.99
N GLU B 650 18.06 9.12 -61.61
CA GLU B 650 17.36 8.43 -62.68
C GLU B 650 16.11 7.76 -62.15
N HIS B 651 16.19 7.24 -60.93
CA HIS B 651 15.00 6.69 -60.28
C HIS B 651 13.98 7.78 -60.01
N ILE B 652 14.45 8.99 -59.75
CA ILE B 652 13.53 10.08 -59.47
C ILE B 652 12.78 10.48 -60.73
N ARG B 653 13.48 10.54 -61.86
CA ARG B 653 12.83 10.81 -63.13
C ARG B 653 11.88 9.68 -63.49
N LYS B 654 12.23 8.44 -63.12
CA LYS B 654 11.32 7.34 -63.37
C LYS B 654 10.05 7.47 -62.57
N ILE B 655 10.14 7.95 -61.33
CA ILE B 655 8.93 8.13 -60.53
C ILE B 655 8.13 9.31 -61.06
N GLN B 656 8.81 10.27 -61.67
CA GLN B 656 8.03 11.36 -62.24
C GLN B 656 7.47 11.03 -63.62
N GLN B 657 7.89 9.93 -64.24
CA GLN B 657 7.18 9.50 -65.43
C GLN B 657 5.98 8.61 -65.08
N GLY B 658 6.05 7.91 -63.97
CA GLY B 658 5.05 6.94 -63.65
C GLY B 658 5.33 5.55 -64.19
N TYR B 659 6.38 5.40 -64.99
CA TYR B 659 6.72 4.12 -65.56
C TYR B 659 8.23 4.01 -65.70
N ASP B 660 8.69 2.78 -65.90
CA ASP B 660 10.08 2.59 -66.25
C ASP B 660 10.24 2.54 -67.75
N ASP B 661 11.39 3.02 -68.22
CA ASP B 661 11.71 3.08 -69.63
C ASP B 661 12.03 1.69 -70.19
N ASP B 662 10.99 0.85 -70.27
CA ASP B 662 10.98 -0.48 -70.91
C ASP B 662 12.01 -1.45 -70.33
N VAL B 675 4.71 -0.71 -65.55
CA VAL B 675 4.40 -0.07 -64.29
C VAL B 675 5.63 -0.03 -63.36
N TYR B 676 5.87 1.14 -62.75
CA TYR B 676 7.01 1.32 -61.86
C TYR B 676 6.56 2.14 -60.66
N GLY B 677 6.09 1.47 -59.63
CA GLY B 677 5.65 2.12 -58.41
C GLY B 677 6.57 1.73 -57.26
N TRP B 678 6.09 2.00 -56.05
CA TRP B 678 6.89 1.84 -54.85
C TRP B 678 7.33 0.39 -54.64
N SER B 679 6.51 -0.54 -55.12
CA SER B 679 6.86 -1.96 -55.12
C SER B 679 8.15 -2.25 -55.86
N SER B 680 8.39 -1.58 -56.99
CA SER B 680 9.64 -1.83 -57.70
C SER B 680 10.82 -1.16 -57.00
N LEU B 681 10.57 -0.10 -56.23
CA LEU B 681 11.63 0.41 -55.37
C LEU B 681 12.03 -0.60 -54.34
N VAL B 682 11.04 -1.22 -53.70
CA VAL B 682 11.30 -2.24 -52.70
C VAL B 682 12.03 -3.42 -53.31
N THR B 683 11.64 -3.81 -54.52
CA THR B 683 12.33 -4.90 -55.19
C THR B 683 13.40 -4.40 -56.13
N SER B 684 13.97 -3.24 -55.87
CA SER B 684 15.07 -2.71 -56.66
C SER B 684 16.38 -2.77 -55.89
N GLY B 685 16.29 -2.74 -54.57
CA GLY B 685 17.47 -2.64 -53.76
C GLY B 685 17.82 -1.24 -53.35
N VAL B 686 16.85 -0.33 -53.33
CA VAL B 686 17.13 1.02 -52.88
C VAL B 686 16.66 1.27 -51.46
N ILE B 687 15.72 0.49 -50.97
CA ILE B 687 15.14 0.67 -49.66
C ILE B 687 14.96 -0.71 -49.05
N GLU B 688 15.45 -0.88 -47.84
CA GLU B 688 15.34 -2.13 -47.14
C GLU B 688 14.53 -1.89 -45.89
N TYR B 689 13.86 -2.91 -45.45
CA TYR B 689 13.04 -2.77 -44.28
C TYR B 689 13.81 -3.26 -43.08
N VAL B 690 13.56 -2.62 -41.93
CA VAL B 690 14.02 -3.09 -40.63
C VAL B 690 12.89 -2.96 -39.62
N ASP B 691 12.76 -3.97 -38.77
CA ASP B 691 11.98 -3.89 -37.57
C ASP B 691 12.90 -3.63 -36.38
N GLY B 692 12.33 -3.73 -35.19
CA GLY B 692 13.02 -3.30 -33.99
C GLY B 692 14.21 -4.17 -33.61
N GLU B 693 14.28 -5.37 -34.17
CA GLU B 693 15.45 -6.20 -33.87
C GLU B 693 16.64 -5.80 -34.73
N GLU B 694 16.42 -5.40 -35.98
CA GLU B 694 17.59 -4.98 -36.77
C GLU B 694 17.98 -3.57 -36.42
N GLU B 695 17.11 -2.86 -35.69
CA GLU B 695 17.43 -1.54 -35.17
C GLU B 695 18.60 -1.59 -34.19
N GLU B 696 18.81 -2.76 -33.58
CA GLU B 696 20.00 -3.03 -32.80
C GLU B 696 21.28 -2.91 -33.63
N THR B 697 21.28 -3.38 -34.86
CA THR B 697 22.56 -3.62 -35.54
C THR B 697 22.79 -2.71 -36.74
N ILE B 698 22.52 -1.42 -36.61
CA ILE B 698 22.61 -0.48 -37.72
C ILE B 698 23.45 0.72 -37.33
N MET B 699 23.56 1.66 -38.26
CA MET B 699 24.29 2.89 -38.00
C MET B 699 23.76 3.99 -38.89
N ILE B 700 23.10 4.97 -38.30
CA ILE B 700 22.32 5.92 -39.07
C ILE B 700 22.96 7.30 -38.99
N ALA B 701 22.95 8.02 -40.10
CA ALA B 701 23.02 9.48 -40.05
C ALA B 701 21.64 10.02 -40.37
N MET B 702 21.35 11.25 -39.96
CA MET B 702 19.97 11.69 -40.04
C MET B 702 19.58 12.21 -41.42
N THR B 703 20.32 13.15 -41.97
CA THR B 703 19.95 13.73 -43.24
C THR B 703 21.05 13.46 -44.25
N PRO B 704 20.71 13.40 -45.54
CA PRO B 704 21.73 13.12 -46.55
C PRO B 704 22.76 14.22 -46.78
N GLU B 705 22.68 15.36 -46.10
CA GLU B 705 23.85 16.24 -46.11
C GLU B 705 24.87 15.82 -45.07
N ASP B 706 24.54 14.88 -44.22
CA ASP B 706 25.48 14.45 -43.21
C ASP B 706 26.24 13.21 -43.62
N LEU B 707 25.88 12.61 -44.75
CA LEU B 707 26.62 11.46 -45.21
C LEU B 707 28.02 11.83 -45.66
N GLN B 708 28.15 12.82 -46.53
CA GLN B 708 29.44 13.41 -46.79
C GLN B 708 29.79 14.29 -45.62
N THR B 709 31.02 14.16 -45.14
CA THR B 709 31.44 15.00 -44.04
C THR B 709 31.69 16.42 -44.54
N ARG B 710 30.98 17.36 -43.94
CA ARG B 710 30.72 18.69 -44.49
C ARG B 710 31.80 19.69 -44.09
N SER B 711 31.58 20.95 -44.50
CA SER B 711 32.49 22.05 -44.23
C SER B 711 32.28 22.57 -42.82
N LEU B 719 33.27 29.56 -40.51
CA LEU B 719 31.85 29.26 -40.34
C LEU B 719 31.24 30.16 -39.26
N ASN B 720 30.68 29.53 -38.21
CA ASN B 720 30.05 30.19 -37.06
C ASN B 720 28.97 31.17 -37.48
N ASP B 721 27.88 30.65 -38.04
CA ASP B 721 26.70 31.44 -38.37
C ASP B 721 25.66 31.20 -37.27
N THR B 722 25.08 32.28 -36.75
CA THR B 722 24.13 32.14 -35.66
C THR B 722 22.68 32.03 -36.13
N ALA B 723 22.43 31.41 -37.28
CA ALA B 723 21.07 31.08 -37.68
C ALA B 723 20.81 29.59 -37.66
N LYS B 724 21.76 28.78 -38.14
CA LYS B 724 21.55 27.39 -38.48
C LYS B 724 21.50 26.51 -37.23
N ARG B 725 21.52 25.20 -37.47
CA ARG B 725 21.55 24.24 -36.39
C ARG B 725 22.82 23.40 -36.45
N ILE B 726 23.17 22.83 -35.30
CA ILE B 726 24.51 22.26 -35.13
C ILE B 726 24.40 20.74 -35.06
N LYS B 727 24.68 20.08 -36.17
CA LYS B 727 24.80 18.63 -36.16
C LYS B 727 26.07 18.24 -35.42
N PRO B 728 26.13 17.06 -34.80
CA PRO B 728 27.39 16.61 -34.20
C PRO B 728 28.42 16.26 -35.26
N GLU B 729 29.68 16.14 -34.83
CA GLU B 729 30.76 15.97 -35.79
C GLU B 729 30.84 14.52 -36.29
N MET B 730 30.61 13.55 -35.39
CA MET B 730 30.84 12.11 -35.63
C MET B 730 32.28 11.84 -36.04
N SER B 731 33.22 12.38 -35.26
CA SER B 731 34.64 12.22 -35.51
C SER B 731 35.24 11.07 -34.72
N THR B 732 34.41 10.21 -34.13
CA THR B 732 34.94 9.05 -33.43
C THR B 732 35.49 8.02 -34.41
N SER B 733 34.64 7.44 -35.24
CA SER B 733 35.10 6.63 -36.35
C SER B 733 35.57 7.55 -37.46
N SER B 734 36.87 7.47 -37.76
CA SER B 734 37.43 8.23 -38.87
C SER B 734 36.89 7.72 -40.20
N HIS B 735 36.64 6.42 -40.27
CA HIS B 735 36.17 5.77 -41.49
C HIS B 735 34.95 4.95 -41.11
N HIS B 736 33.79 5.63 -41.06
CA HIS B 736 32.53 4.96 -40.73
C HIS B 736 32.13 4.00 -41.81
N THR B 737 31.27 3.07 -41.45
CA THR B 737 30.47 2.32 -42.42
C THR B 737 29.02 2.59 -42.06
N PHE B 738 28.50 3.74 -42.51
CA PHE B 738 27.06 3.97 -42.38
C PHE B 738 26.33 3.00 -43.27
N THR B 739 25.31 2.36 -42.71
CA THR B 739 24.53 1.45 -43.52
C THR B 739 23.17 1.99 -43.86
N HIS B 740 22.72 3.00 -43.13
CA HIS B 740 21.36 3.48 -43.30
C HIS B 740 21.35 4.97 -43.08
N CYS B 741 20.55 5.68 -43.86
CA CYS B 741 20.29 7.09 -43.60
C CYS B 741 18.79 7.28 -43.70
N GLU B 742 18.26 8.16 -42.86
CA GLU B 742 16.83 8.40 -42.83
C GLU B 742 16.35 9.03 -44.13
N ILE B 743 15.17 8.59 -44.59
CA ILE B 743 14.51 9.28 -45.69
C ILE B 743 14.15 10.69 -45.29
N HIS B 744 13.43 10.81 -44.20
CA HIS B 744 13.20 12.15 -43.70
C HIS B 744 12.91 12.05 -42.22
N PRO B 745 13.42 12.98 -41.41
CA PRO B 745 13.17 12.88 -39.97
C PRO B 745 11.77 13.17 -39.56
N SER B 746 11.02 14.00 -40.29
CA SER B 746 9.65 14.26 -39.87
C SER B 746 8.74 13.07 -40.13
N MET B 747 9.26 12.03 -40.76
CA MET B 747 8.72 10.70 -40.76
C MET B 747 9.00 9.92 -39.48
N ILE B 748 9.46 10.51 -38.38
CA ILE B 748 9.40 9.75 -37.16
C ILE B 748 8.08 9.95 -36.46
N LEU B 749 7.26 10.86 -36.96
CA LEU B 749 6.10 11.25 -36.19
C LEU B 749 4.95 10.28 -36.38
N GLY B 750 3.92 10.46 -35.56
CA GLY B 750 2.64 9.85 -35.80
C GLY B 750 1.81 10.70 -36.76
N VAL B 751 0.63 10.19 -37.08
CA VAL B 751 -0.24 10.86 -38.04
C VAL B 751 -0.81 12.14 -37.45
N ALA B 752 -1.26 12.10 -36.21
CA ALA B 752 -1.69 13.34 -35.57
C ALA B 752 -0.51 14.16 -35.05
N ALA B 753 0.72 13.81 -35.45
CA ALA B 753 1.89 14.57 -35.05
C ALA B 753 2.55 15.31 -36.20
N SER B 754 2.38 14.86 -37.44
CA SER B 754 3.02 15.55 -38.55
C SER B 754 2.29 16.80 -38.95
N ILE B 755 1.06 16.97 -38.46
CA ILE B 755 0.29 18.17 -38.68
C ILE B 755 0.97 19.40 -38.11
N ILE B 756 1.77 19.23 -37.08
CA ILE B 756 2.15 20.36 -36.24
C ILE B 756 3.23 21.17 -36.93
N PRO B 757 3.09 22.49 -37.01
CA PRO B 757 4.11 23.31 -37.66
C PRO B 757 5.34 23.44 -36.77
N PHE B 758 6.46 22.96 -37.29
CA PHE B 758 7.74 22.92 -36.59
C PHE B 758 7.64 22.27 -35.23
N PRO B 759 7.55 20.96 -35.12
CA PRO B 759 7.53 20.35 -33.79
C PRO B 759 8.86 20.47 -33.08
N ASP B 760 9.91 20.78 -33.79
CA ASP B 760 11.26 20.85 -33.26
C ASP B 760 11.62 22.19 -32.67
N HIS B 761 10.67 22.95 -32.16
CA HIS B 761 10.98 24.15 -31.39
C HIS B 761 10.02 24.31 -30.21
N ASN B 762 9.77 23.26 -29.42
CA ASN B 762 8.78 23.32 -28.35
C ASN B 762 9.18 22.50 -27.13
N GLN B 763 8.41 22.67 -26.06
CA GLN B 763 8.52 21.80 -24.89
C GLN B 763 7.61 20.60 -25.04
N SER B 764 8.20 19.42 -25.12
CA SER B 764 7.51 18.25 -25.67
C SER B 764 6.18 17.84 -25.05
N PRO B 765 5.83 18.17 -23.80
CA PRO B 765 4.42 17.99 -23.41
C PRO B 765 3.44 18.79 -24.24
N ARG B 766 3.84 19.93 -24.77
CA ARG B 766 2.91 20.64 -25.65
C ARG B 766 2.83 19.96 -27.01
N ASN B 767 3.86 19.22 -27.42
CA ASN B 767 3.72 18.42 -28.62
C ASN B 767 2.72 17.32 -28.44
N THR B 768 2.81 16.65 -27.29
CA THR B 768 1.86 15.60 -26.97
C THR B 768 0.44 16.15 -26.85
N TYR B 769 0.30 17.35 -26.29
CA TYR B 769 -1.01 17.96 -26.18
C TYR B 769 -1.60 18.31 -27.55
N GLN B 770 -0.79 18.87 -28.43
CA GLN B 770 -1.27 19.22 -29.76
C GLN B 770 -1.65 17.99 -30.56
N SER B 771 -0.90 16.91 -30.41
CA SER B 771 -1.29 15.69 -31.09
C SER B 771 -2.56 15.10 -30.51
N ALA B 772 -2.77 15.25 -29.21
CA ALA B 772 -4.00 14.73 -28.61
C ALA B 772 -5.10 15.79 -28.56
N MET B 773 -4.90 16.88 -29.28
CA MET B 773 -6.02 17.77 -29.52
C MET B 773 -6.36 17.85 -30.98
N GLY B 774 -5.42 17.47 -31.85
CA GLY B 774 -5.66 17.56 -33.28
C GLY B 774 -6.79 16.67 -33.73
N LYS B 775 -7.04 15.60 -33.00
CA LYS B 775 -8.19 14.77 -33.21
C LYS B 775 -9.51 15.43 -32.85
N GLN B 776 -9.53 16.53 -32.13
CA GLN B 776 -10.84 17.07 -31.80
C GLN B 776 -11.17 18.29 -32.64
N ALA B 777 -10.57 18.43 -33.80
CA ALA B 777 -10.87 19.51 -34.72
C ALA B 777 -12.28 19.39 -35.27
N MET B 778 -12.94 20.51 -35.48
CA MET B 778 -14.13 20.51 -36.30
C MET B 778 -13.73 20.73 -37.75
N GLY B 779 -14.23 19.88 -38.64
CA GLY B 779 -13.93 20.06 -40.03
C GLY B 779 -14.78 19.22 -40.94
N VAL B 780 -14.10 18.66 -41.92
CA VAL B 780 -14.77 17.86 -42.92
C VAL B 780 -14.29 16.43 -42.81
N PHE B 781 -15.21 15.52 -42.48
CA PHE B 781 -14.80 14.18 -42.06
C PHE B 781 -14.79 13.19 -43.21
N LEU B 782 -15.84 13.16 -44.01
CA LEU B 782 -15.81 12.59 -45.34
C LEU B 782 -16.76 13.39 -46.20
N THR B 783 -16.55 13.30 -47.48
CA THR B 783 -17.19 14.27 -48.34
C THR B 783 -18.64 13.92 -48.63
N ASN B 784 -19.13 12.77 -48.16
CA ASN B 784 -20.50 12.35 -48.40
C ASN B 784 -21.39 12.55 -47.20
N TYR B 785 -21.30 13.67 -46.51
CA TYR B 785 -22.21 13.88 -45.41
C TYR B 785 -23.65 14.16 -45.85
N ASN B 786 -23.91 14.23 -47.13
CA ASN B 786 -25.32 14.29 -47.52
C ASN B 786 -26.04 12.97 -47.30
N VAL B 787 -25.46 11.85 -47.71
CA VAL B 787 -26.18 10.59 -47.64
C VAL B 787 -25.94 9.84 -46.35
N ARG B 788 -24.79 10.00 -45.70
CA ARG B 788 -24.49 9.27 -44.48
C ARG B 788 -25.41 9.74 -43.36
N MET B 789 -25.84 8.81 -42.52
CA MET B 789 -26.56 9.17 -41.33
C MET B 789 -25.78 8.64 -40.15
N ASP B 790 -25.21 9.57 -39.38
CA ASP B 790 -24.36 9.28 -38.25
C ASP B 790 -24.79 10.12 -37.06
N THR B 791 -24.56 9.58 -35.87
CA THR B 791 -25.09 10.21 -34.67
C THR B 791 -24.29 11.47 -34.29
N MET B 792 -23.02 11.52 -34.65
CA MET B 792 -22.26 12.76 -34.56
C MET B 792 -21.71 13.08 -35.93
N ALA B 793 -21.89 14.31 -36.34
CA ALA B 793 -21.19 14.87 -37.48
C ALA B 793 -21.21 16.37 -37.30
N ASN B 794 -20.13 17.04 -37.69
CA ASN B 794 -20.05 18.48 -37.64
C ASN B 794 -19.21 18.97 -38.80
N ILE B 795 -19.74 19.90 -39.57
CA ILE B 795 -18.96 20.49 -40.64
C ILE B 795 -18.53 21.87 -40.19
N LEU B 796 -17.24 22.14 -40.29
CA LEU B 796 -16.77 23.49 -40.13
C LEU B 796 -16.89 24.22 -41.46
N TYR B 797 -17.37 25.46 -41.41
CA TYR B 797 -17.82 26.14 -42.62
C TYR B 797 -16.71 26.37 -43.61
N TYR B 798 -15.67 27.05 -43.22
CA TYR B 798 -14.83 27.76 -44.16
C TYR B 798 -13.39 27.34 -44.00
N PRO B 799 -13.04 26.18 -44.46
CA PRO B 799 -11.85 25.53 -43.98
C PRO B 799 -10.67 25.90 -44.86
N GLN B 800 -9.59 26.35 -44.25
CA GLN B 800 -8.48 26.90 -45.03
C GLN B 800 -7.26 26.01 -44.87
N LYS B 801 -6.58 25.80 -45.95
CA LYS B 801 -5.35 25.08 -45.72
C LYS B 801 -4.37 26.02 -45.07
N PRO B 802 -3.64 25.53 -44.10
CA PRO B 802 -2.80 26.41 -43.29
C PRO B 802 -1.62 26.93 -44.08
N LEU B 803 -1.26 28.19 -43.81
CA LEU B 803 -0.11 28.77 -44.47
C LEU B 803 1.18 28.18 -43.95
N ALA B 804 1.18 27.69 -42.73
CA ALA B 804 2.23 26.79 -42.28
C ALA B 804 1.73 25.38 -42.55
N LYS B 805 1.58 25.03 -43.82
CA LYS B 805 1.46 23.65 -44.22
C LYS B 805 2.79 22.97 -44.00
N THR B 806 2.80 21.66 -44.11
CA THR B 806 4.03 20.91 -44.07
C THR B 806 4.40 20.49 -45.48
N GLN B 807 5.31 19.53 -45.59
CA GLN B 807 5.26 18.76 -46.81
C GLN B 807 4.54 17.47 -46.58
N ALA B 808 4.26 17.12 -45.32
CA ALA B 808 3.58 15.86 -45.02
C ALA B 808 2.07 15.96 -45.12
N MET B 809 1.49 17.17 -45.02
CA MET B 809 0.03 17.29 -45.09
C MET B 809 -0.54 17.03 -46.48
N GLU B 810 0.31 16.78 -47.46
CA GLU B 810 -0.18 16.24 -48.72
C GLU B 810 -0.67 14.83 -48.55
N TYR B 811 -0.20 14.14 -47.52
CA TYR B 811 -0.45 12.72 -47.51
C TYR B 811 -1.43 12.36 -46.43
N LEU B 812 -1.99 13.36 -45.79
CA LEU B 812 -3.22 13.19 -45.06
C LEU B 812 -4.34 14.00 -45.66
N LYS B 813 -4.11 14.55 -46.85
CA LYS B 813 -5.06 15.30 -47.63
C LYS B 813 -5.58 16.54 -46.91
N PHE B 814 -4.91 16.98 -45.84
CA PHE B 814 -5.49 18.01 -44.97
C PHE B 814 -5.49 19.36 -45.65
N ARG B 815 -4.61 19.56 -46.64
CA ARG B 815 -4.73 20.76 -47.46
C ARG B 815 -5.88 20.68 -48.43
N GLU B 816 -6.47 19.50 -48.61
CA GLU B 816 -7.69 19.44 -49.41
C GLU B 816 -8.90 19.16 -48.58
N LEU B 817 -8.74 18.89 -47.29
CA LEU B 817 -9.82 18.86 -46.31
C LEU B 817 -9.29 19.41 -44.99
N PRO B 818 -9.35 20.71 -44.78
CA PRO B 818 -8.85 21.25 -43.54
C PRO B 818 -9.96 21.40 -42.53
N ALA B 819 -9.54 21.70 -41.31
CA ALA B 819 -10.41 21.65 -40.15
C ALA B 819 -10.15 22.86 -39.27
N GLY B 820 -10.15 24.02 -39.87
CA GLY B 820 -9.92 25.24 -39.12
C GLY B 820 -9.76 26.40 -40.06
N GLN B 821 -9.04 27.42 -39.59
CA GLN B 821 -8.85 28.62 -40.38
C GLN B 821 -7.51 29.28 -40.04
N ASN B 822 -7.17 30.29 -40.83
CA ASN B 822 -6.16 31.27 -40.49
C ASN B 822 -6.83 32.52 -39.94
N ALA B 823 -6.75 32.74 -38.64
CA ALA B 823 -7.16 34.02 -38.10
C ALA B 823 -5.95 34.78 -37.57
N ILE B 824 -6.17 36.02 -37.15
CA ILE B 824 -5.06 36.95 -36.94
C ILE B 824 -4.60 36.95 -35.48
N VAL B 825 -3.37 36.50 -35.28
CA VAL B 825 -2.72 36.42 -33.98
C VAL B 825 -2.20 37.79 -33.62
N ALA B 826 -2.39 38.20 -32.38
CA ALA B 826 -1.82 39.44 -31.88
C ALA B 826 -1.49 39.32 -30.40
N ILE B 827 -0.26 38.95 -30.07
CA ILE B 827 0.06 38.49 -28.73
C ILE B 827 0.30 39.70 -27.87
N ALA B 828 -0.75 40.24 -27.28
CA ALA B 828 -0.57 41.46 -26.52
C ALA B 828 -1.67 41.58 -25.49
N CYS B 829 -1.26 41.65 -24.23
CA CYS B 829 -2.17 41.92 -23.12
C CYS B 829 -2.89 43.19 -23.44
N TYR B 830 -4.20 43.15 -23.40
CA TYR B 830 -4.93 44.29 -23.88
C TYR B 830 -5.71 44.87 -22.72
N SER B 831 -6.68 44.16 -22.17
CA SER B 831 -7.40 44.66 -21.02
C SER B 831 -7.60 43.58 -20.03
N GLY B 832 -6.58 42.78 -19.79
CA GLY B 832 -6.65 41.77 -18.76
C GLY B 832 -7.52 40.59 -19.09
N TYR B 833 -8.08 40.53 -20.27
CA TYR B 833 -8.94 39.43 -20.56
C TYR B 833 -8.20 38.25 -21.05
N ASN B 834 -6.91 38.37 -21.28
CA ASN B 834 -6.25 37.12 -21.61
C ASN B 834 -5.32 36.64 -20.51
N GLN B 835 -5.47 37.17 -19.30
CA GLN B 835 -4.72 36.71 -18.14
C GLN B 835 -4.92 35.21 -17.90
N GLU B 836 -3.84 34.45 -18.11
CA GLU B 836 -3.85 32.99 -18.09
C GLU B 836 -4.84 32.39 -19.08
N ASP B 837 -4.48 32.50 -20.36
CA ASP B 837 -4.84 31.55 -21.39
C ASP B 837 -6.23 31.75 -21.92
N SER B 838 -6.97 32.75 -21.46
CA SER B 838 -8.18 33.12 -22.18
C SER B 838 -7.78 33.96 -23.37
N MET B 839 -8.76 34.47 -24.10
CA MET B 839 -8.39 35.19 -25.31
C MET B 839 -9.50 36.16 -25.70
N ILE B 840 -9.21 36.90 -26.75
CA ILE B 840 -10.08 37.94 -27.26
C ILE B 840 -10.50 37.53 -28.65
N MET B 841 -11.78 37.70 -28.98
CA MET B 841 -12.19 37.44 -30.35
C MET B 841 -13.14 38.52 -30.86
N ASN B 842 -12.83 39.01 -32.06
CA ASN B 842 -13.55 40.11 -32.69
C ASN B 842 -14.87 39.64 -33.28
N GLN B 843 -15.97 40.17 -32.74
CA GLN B 843 -17.29 39.64 -33.03
C GLN B 843 -17.68 39.88 -34.47
N SER B 844 -17.22 40.98 -35.03
CA SER B 844 -17.51 41.25 -36.42
C SER B 844 -16.88 40.22 -37.34
N SER B 845 -15.75 39.64 -36.93
CA SER B 845 -15.16 38.61 -37.75
C SER B 845 -15.97 37.33 -37.69
N ILE B 846 -16.58 37.03 -36.55
CA ILE B 846 -17.50 35.91 -36.46
C ILE B 846 -18.74 36.16 -37.31
N ASP B 847 -19.22 37.38 -37.27
CA ASP B 847 -20.35 37.78 -38.10
C ASP B 847 -20.03 37.65 -39.57
N ARG B 848 -18.78 37.75 -39.93
CA ARG B 848 -18.37 37.44 -41.28
C ARG B 848 -18.26 35.96 -41.53
N GLY B 849 -18.40 35.13 -40.50
CA GLY B 849 -18.47 33.70 -40.70
C GLY B 849 -17.40 32.89 -40.02
N LEU B 850 -16.70 33.44 -39.04
CA LEU B 850 -15.50 32.81 -38.50
C LEU B 850 -15.85 31.54 -37.74
N PHE B 851 -15.41 30.41 -38.29
CA PHE B 851 -15.53 29.09 -37.69
C PHE B 851 -16.96 28.69 -37.40
N ARG B 852 -17.94 29.24 -38.09
CA ARG B 852 -19.34 28.93 -37.77
C ARG B 852 -19.64 27.46 -38.14
N SER B 853 -20.40 26.78 -37.29
CA SER B 853 -20.29 25.33 -37.20
C SER B 853 -21.59 24.64 -37.56
N LEU B 854 -21.52 23.72 -38.52
CA LEU B 854 -22.67 22.85 -38.75
C LEU B 854 -22.72 21.76 -37.69
N PHE B 855 -23.95 21.35 -37.36
CA PHE B 855 -24.20 20.34 -36.34
C PHE B 855 -25.18 19.30 -36.82
N PHE B 856 -24.76 18.04 -36.89
CA PHE B 856 -25.62 16.95 -37.35
C PHE B 856 -25.77 15.91 -36.27
N ARG B 857 -26.86 15.14 -36.36
CA ARG B 857 -27.11 14.04 -35.43
C ARG B 857 -28.11 13.07 -36.03
N SER B 858 -27.83 11.77 -35.95
CA SER B 858 -28.78 10.76 -36.39
C SER B 858 -29.39 10.03 -35.21
N TYR B 859 -30.72 9.95 -35.19
CA TYR B 859 -31.47 9.15 -34.23
C TYR B 859 -31.83 7.80 -34.83
N MET B 860 -32.71 7.07 -34.14
CA MET B 860 -33.06 5.71 -34.50
C MET B 860 -34.29 5.27 -33.73
N ASP B 861 -35.06 4.35 -34.33
CA ASP B 861 -36.10 3.54 -33.69
C ASP B 861 -36.50 2.44 -34.68
N GLN B 862 -37.18 1.41 -34.19
CA GLN B 862 -37.55 0.27 -34.99
C GLN B 862 -38.78 -0.38 -34.39
N GLU B 863 -39.41 -1.27 -35.14
CA GLU B 863 -40.60 -1.93 -34.62
C GLU B 863 -40.26 -3.24 -33.93
N LYS B 864 -40.91 -3.46 -32.81
CA LYS B 864 -40.78 -4.70 -32.07
C LYS B 864 -42.02 -5.53 -32.32
N ARG B 865 -41.90 -6.81 -32.05
CA ARG B 865 -42.98 -7.75 -32.26
C ARG B 865 -43.27 -8.46 -30.95
N PHE B 866 -44.43 -8.17 -30.35
CA PHE B 866 -44.80 -8.75 -29.07
C PHE B 866 -45.71 -9.95 -29.20
N GLY B 867 -46.02 -10.35 -30.42
CA GLY B 867 -46.79 -11.54 -30.64
C GLY B 867 -46.85 -11.80 -32.13
N ILE B 868 -47.32 -12.99 -32.48
CA ILE B 868 -47.41 -13.36 -33.89
C ILE B 868 -48.43 -12.48 -34.59
N SER B 869 -49.46 -12.07 -33.86
CA SER B 869 -50.46 -11.14 -34.37
C SER B 869 -50.35 -9.79 -33.67
N ILE B 870 -49.32 -9.59 -32.85
CA ILE B 870 -49.20 -8.40 -32.01
C ILE B 870 -47.87 -7.73 -32.35
N VAL B 871 -47.91 -6.60 -33.04
CA VAL B 871 -46.69 -5.88 -33.41
C VAL B 871 -46.83 -4.43 -32.98
N GLU B 872 -45.86 -3.63 -33.42
CA GLU B 872 -45.83 -2.21 -33.12
C GLU B 872 -46.20 -1.37 -34.32
N GLU B 873 -46.46 -0.09 -34.06
CA GLU B 873 -46.92 0.82 -35.09
C GLU B 873 -46.57 2.25 -34.70
N PHE B 874 -45.77 2.90 -35.55
CA PHE B 874 -45.44 4.29 -35.35
C PHE B 874 -46.62 5.13 -35.82
N GLU B 875 -47.42 5.62 -34.89
CA GLU B 875 -48.54 6.44 -35.32
C GLU B 875 -48.61 7.64 -34.41
N LYS B 876 -49.47 8.58 -34.78
CA LYS B 876 -49.74 9.75 -33.96
C LYS B 876 -50.73 9.34 -32.88
N PRO B 877 -50.33 9.28 -31.62
CA PRO B 877 -51.22 8.78 -30.57
C PRO B 877 -52.21 9.84 -30.14
N THR B 878 -53.37 9.40 -29.69
CA THR B 878 -54.41 10.31 -29.24
C THR B 878 -54.11 10.79 -27.83
N ARG B 879 -55.01 11.62 -27.31
CA ARG B 879 -54.99 11.91 -25.88
C ARG B 879 -55.90 10.99 -25.09
N ALA B 880 -56.57 10.04 -25.75
CA ALA B 880 -57.49 9.18 -25.04
C ALA B 880 -57.00 7.73 -24.98
N THR B 881 -56.76 7.11 -26.14
CA THR B 881 -56.54 5.68 -26.21
C THR B 881 -55.17 5.24 -25.71
N THR B 882 -54.29 6.18 -25.37
CA THR B 882 -52.87 5.91 -25.22
C THR B 882 -52.43 6.27 -23.80
N LEU B 883 -51.50 5.51 -23.24
CA LEU B 883 -51.10 5.72 -21.86
C LEU B 883 -49.82 6.50 -21.77
N ARG B 884 -49.75 7.40 -20.77
CA ARG B 884 -48.55 8.17 -20.41
C ARG B 884 -48.00 8.94 -21.60
N LEU B 885 -48.76 9.93 -22.05
CA LEU B 885 -48.25 10.89 -23.02
C LEU B 885 -47.06 11.63 -22.42
N LYS B 886 -46.04 11.88 -23.25
CA LYS B 886 -44.91 12.68 -22.80
C LYS B 886 -45.36 14.11 -22.58
N HIS B 887 -44.73 14.79 -21.61
CA HIS B 887 -45.20 16.13 -21.25
C HIS B 887 -44.83 17.22 -22.24
N GLY B 888 -44.20 16.88 -23.36
CA GLY B 888 -44.16 17.78 -24.49
C GLY B 888 -45.48 17.76 -25.24
N THR B 889 -45.53 18.54 -26.32
CA THR B 889 -46.68 18.46 -27.22
C THR B 889 -46.45 17.40 -28.28
N TYR B 890 -47.46 17.21 -29.13
CA TYR B 890 -47.40 16.22 -30.20
C TYR B 890 -47.67 16.81 -31.57
N GLU B 891 -47.89 18.13 -31.63
CA GLU B 891 -48.37 18.84 -32.79
C GLU B 891 -47.48 18.67 -34.00
N LYS B 892 -46.18 18.62 -33.81
CA LYS B 892 -45.25 18.57 -34.92
C LYS B 892 -45.25 17.23 -35.61
N LEU B 893 -45.88 16.22 -35.04
CA LEU B 893 -45.98 14.93 -35.68
C LEU B 893 -46.91 15.00 -36.89
N ASP B 894 -46.77 14.02 -37.77
CA ASP B 894 -47.59 13.93 -38.97
C ASP B 894 -48.62 12.81 -38.84
N GLU B 895 -49.29 12.51 -39.95
CA GLU B 895 -50.23 11.39 -40.02
C GLU B 895 -49.55 10.04 -39.84
N ASP B 896 -48.27 9.93 -40.20
CA ASP B 896 -47.56 8.66 -40.17
C ASP B 896 -46.50 8.60 -39.08
N GLY B 897 -46.55 9.50 -38.11
CA GLY B 897 -45.71 9.41 -36.93
C GLY B 897 -44.32 9.99 -37.05
N LEU B 898 -43.87 10.30 -38.26
CA LEU B 898 -42.56 10.86 -38.45
C LEU B 898 -42.72 12.26 -38.98
N ILE B 899 -42.10 13.22 -38.30
CA ILE B 899 -42.26 14.63 -38.61
C ILE B 899 -41.67 14.97 -39.99
N ALA B 900 -42.45 15.81 -40.77
CA ALA B 900 -42.03 16.26 -42.10
C ALA B 900 -40.86 17.22 -41.99
N PRO B 901 -39.92 17.16 -42.93
CA PRO B 901 -38.77 18.08 -42.88
C PRO B 901 -39.18 19.47 -43.32
N GLY B 902 -38.29 20.41 -43.04
CA GLY B 902 -38.59 21.81 -43.20
C GLY B 902 -39.15 22.44 -41.94
N VAL B 903 -39.64 21.64 -41.02
CA VAL B 903 -40.33 22.15 -39.84
C VAL B 903 -39.32 22.45 -38.74
N ARG B 904 -39.39 23.68 -38.23
CA ARG B 904 -38.62 24.08 -37.06
C ARG B 904 -38.93 23.18 -35.88
N VAL B 905 -37.90 22.69 -35.22
CA VAL B 905 -38.11 21.84 -34.06
C VAL B 905 -37.38 22.40 -32.86
N SER B 906 -38.00 22.25 -31.72
CA SER B 906 -37.47 22.60 -30.43
C SER B 906 -37.11 21.31 -29.71
N GLY B 907 -36.42 21.43 -28.60
CA GLY B 907 -36.30 20.30 -27.71
C GLY B 907 -37.61 19.98 -27.03
N ASP B 908 -37.68 18.82 -26.37
CA ASP B 908 -38.80 18.34 -25.55
C ASP B 908 -40.06 18.02 -26.33
N ASP B 909 -40.02 18.04 -27.65
CA ASP B 909 -41.17 17.58 -28.42
C ASP B 909 -40.78 16.42 -29.32
N ILE B 910 -41.77 15.67 -29.75
CA ILE B 910 -41.59 14.33 -30.29
C ILE B 910 -40.91 14.44 -31.64
N ILE B 911 -40.20 13.39 -32.05
CA ILE B 911 -40.16 13.05 -33.46
C ILE B 911 -40.71 11.66 -33.78
N ILE B 912 -40.43 10.62 -33.01
CA ILE B 912 -40.77 9.28 -33.46
C ILE B 912 -41.65 8.65 -32.39
N GLY B 913 -42.96 8.66 -32.61
CA GLY B 913 -43.91 8.15 -31.64
C GLY B 913 -44.20 6.68 -31.88
N LYS B 914 -43.55 5.83 -31.10
CA LYS B 914 -43.74 4.39 -31.23
C LYS B 914 -44.82 3.99 -30.25
N THR B 915 -46.01 3.72 -30.78
CA THR B 915 -47.16 3.28 -29.99
C THR B 915 -47.29 1.78 -30.07
N THR B 916 -47.21 1.13 -28.91
CA THR B 916 -47.54 -0.27 -28.81
C THR B 916 -48.91 -0.36 -28.14
N PRO B 917 -49.85 -1.10 -28.70
CA PRO B 917 -51.03 -1.46 -27.93
C PRO B 917 -50.61 -2.46 -26.87
N ILE B 918 -51.11 -2.24 -25.66
CA ILE B 918 -50.82 -3.13 -24.55
C ILE B 918 -51.44 -4.48 -24.87
N PRO B 919 -50.66 -5.56 -24.84
CA PRO B 919 -51.21 -6.90 -25.00
C PRO B 919 -52.21 -7.20 -23.90
N PRO B 920 -53.30 -7.94 -24.20
CA PRO B 920 -54.49 -8.00 -23.34
C PRO B 920 -54.29 -8.56 -21.94
N TYR B 931 -61.37 1.69 -22.10
CA TYR B 931 -60.40 1.47 -23.18
C TYR B 931 -58.98 1.58 -22.65
N HIS B 932 -58.24 2.57 -23.18
CA HIS B 932 -56.94 3.00 -22.68
C HIS B 932 -55.93 1.86 -22.74
N THR B 933 -55.60 1.40 -23.96
CA THR B 933 -54.81 0.20 -24.16
C THR B 933 -53.56 0.37 -25.03
N LYS B 934 -53.16 1.58 -25.38
CA LYS B 934 -51.94 1.77 -26.15
C LYS B 934 -50.86 2.39 -25.27
N ARG B 935 -49.62 2.06 -25.57
CA ARG B 935 -48.53 2.65 -24.83
C ARG B 935 -47.83 3.71 -25.66
N ASP B 936 -47.78 4.92 -25.13
CA ASP B 936 -46.96 5.98 -25.70
C ASP B 936 -45.51 5.81 -25.32
N ALA B 937 -44.69 5.39 -26.28
CA ALA B 937 -43.27 5.16 -26.09
C ALA B 937 -42.47 5.97 -27.10
N SER B 938 -42.75 7.26 -27.17
CA SER B 938 -42.14 8.16 -28.13
C SER B 938 -40.65 8.33 -27.87
N THR B 939 -39.91 8.55 -28.94
CA THR B 939 -38.47 8.80 -28.93
C THR B 939 -38.23 10.27 -29.20
N PRO B 940 -37.98 11.10 -28.18
CA PRO B 940 -37.96 12.54 -28.39
C PRO B 940 -36.58 13.10 -28.74
N LEU B 941 -36.61 14.34 -29.20
CA LEU B 941 -35.39 15.11 -29.41
C LEU B 941 -34.88 15.57 -28.06
N ARG B 942 -33.57 15.85 -27.97
CA ARG B 942 -32.91 16.05 -26.69
C ARG B 942 -33.37 17.32 -26.01
N SER B 943 -33.11 17.41 -24.70
CA SER B 943 -33.65 18.52 -23.91
C SER B 943 -32.85 19.80 -24.08
N THR B 944 -31.77 19.77 -24.83
CA THR B 944 -30.90 20.92 -24.99
C THR B 944 -31.01 21.58 -26.35
N GLU B 945 -31.57 20.90 -27.35
CA GLU B 945 -31.29 21.26 -28.72
C GLU B 945 -32.44 22.01 -29.36
N ASN B 946 -32.08 22.69 -30.45
CA ASN B 946 -32.99 23.38 -31.34
C ASN B 946 -32.65 22.91 -32.73
N GLY B 947 -33.53 23.18 -33.70
CA GLY B 947 -33.12 22.84 -35.05
C GLY B 947 -34.25 22.86 -36.06
N ILE B 948 -33.86 22.54 -37.29
CA ILE B 948 -34.68 22.49 -38.48
C ILE B 948 -34.23 21.28 -39.28
N VAL B 949 -35.19 20.46 -39.73
CA VAL B 949 -34.89 19.05 -39.93
C VAL B 949 -34.61 18.77 -41.40
N ASP B 950 -33.73 17.81 -41.65
CA ASP B 950 -33.04 17.62 -42.91
C ASP B 950 -33.55 16.49 -43.79
N GLN B 951 -33.51 15.24 -43.33
CA GLN B 951 -33.57 14.13 -44.26
C GLN B 951 -34.06 12.89 -43.53
N VAL B 952 -35.36 12.68 -43.55
CA VAL B 952 -36.00 11.81 -42.57
C VAL B 952 -36.16 10.44 -43.20
N LEU B 953 -35.23 9.54 -42.90
CA LEU B 953 -35.20 8.22 -43.52
C LEU B 953 -36.33 7.37 -42.99
N LEU B 954 -36.87 6.52 -43.87
CA LEU B 954 -37.94 5.57 -43.53
C LEU B 954 -37.80 4.32 -44.35
N THR B 955 -37.68 3.17 -43.69
CA THR B 955 -37.43 1.94 -44.42
C THR B 955 -37.78 0.73 -43.55
N THR B 956 -37.34 -0.43 -44.02
CA THR B 956 -37.64 -1.71 -43.42
C THR B 956 -36.39 -2.28 -42.78
N ASN B 957 -36.58 -2.92 -41.64
CA ASN B 957 -35.48 -3.36 -40.83
C ASN B 957 -34.91 -4.69 -41.31
N GLN B 958 -34.00 -5.23 -40.51
CA GLN B 958 -33.54 -6.60 -40.69
C GLN B 958 -34.66 -7.58 -40.44
N GLU B 959 -35.56 -7.22 -39.53
CA GLU B 959 -36.63 -8.04 -39.03
C GLU B 959 -37.76 -8.22 -40.05
N GLY B 960 -37.93 -7.29 -40.96
CA GLY B 960 -39.06 -7.29 -41.85
C GLY B 960 -40.10 -6.26 -41.53
N LEU B 961 -40.11 -5.74 -40.30
CA LEU B 961 -40.97 -4.63 -39.94
C LEU B 961 -40.41 -3.31 -40.42
N LYS B 962 -40.97 -2.22 -39.93
CA LYS B 962 -40.46 -0.91 -40.31
C LYS B 962 -39.13 -0.61 -39.64
N PHE B 963 -38.54 0.52 -40.04
CA PHE B 963 -37.34 1.05 -39.42
C PHE B 963 -37.28 2.53 -39.71
N VAL B 964 -36.75 3.31 -38.77
CA VAL B 964 -36.59 4.74 -38.99
C VAL B 964 -35.17 5.17 -38.61
N LYS B 965 -34.74 6.28 -39.19
CA LYS B 965 -33.56 7.07 -38.83
C LYS B 965 -33.85 8.51 -39.23
N VAL B 966 -33.45 9.46 -38.40
CA VAL B 966 -33.75 10.88 -38.61
C VAL B 966 -32.44 11.63 -38.48
N ARG B 967 -32.18 12.59 -39.37
CA ARG B 967 -30.98 13.39 -39.25
C ARG B 967 -31.29 14.86 -39.03
N MET B 968 -31.50 15.25 -37.78
CA MET B 968 -31.79 16.61 -37.40
C MET B 968 -30.51 17.43 -37.58
N ARG B 969 -30.65 18.73 -37.76
CA ARG B 969 -29.48 19.59 -37.80
C ARG B 969 -29.78 21.00 -37.35
N THR B 970 -28.74 21.64 -36.82
CA THR B 970 -28.73 23.06 -36.53
C THR B 970 -27.29 23.56 -36.65
N THR B 971 -27.07 24.80 -36.26
CA THR B 971 -25.81 25.46 -36.52
C THR B 971 -25.43 26.32 -35.34
N LYS B 972 -24.23 26.11 -34.83
CA LYS B 972 -23.86 26.69 -33.57
C LYS B 972 -22.89 27.85 -33.77
N VAL B 973 -23.21 28.98 -33.15
CA VAL B 973 -22.42 30.20 -33.25
C VAL B 973 -21.25 30.04 -32.31
N PRO B 974 -20.02 30.24 -32.76
CA PRO B 974 -18.90 30.16 -31.84
C PRO B 974 -18.90 31.34 -30.89
N GLN B 975 -19.31 31.11 -29.65
CA GLN B 975 -19.56 32.20 -28.73
C GLN B 975 -18.72 32.01 -27.46
N ILE B 976 -18.93 32.91 -26.49
CA ILE B 976 -18.12 33.03 -25.29
C ILE B 976 -18.08 31.78 -24.46
N GLY B 977 -16.89 31.21 -24.32
CA GLY B 977 -16.69 30.00 -23.59
C GLY B 977 -16.30 28.84 -24.47
N ASP B 978 -16.48 28.97 -25.77
CA ASP B 978 -16.12 27.90 -26.67
C ASP B 978 -14.61 27.78 -26.75
N LYS B 979 -14.12 26.60 -26.41
CA LYS B 979 -12.71 26.29 -26.38
C LYS B 979 -12.14 26.38 -27.79
N PHE B 980 -10.92 26.91 -27.89
CA PHE B 980 -10.12 26.95 -29.10
C PHE B 980 -8.74 26.46 -28.76
N ALA B 981 -7.89 26.38 -29.76
CA ALA B 981 -6.62 25.76 -29.51
C ALA B 981 -5.63 26.30 -30.50
N SER B 982 -4.41 26.48 -30.06
CA SER B 982 -3.37 26.85 -30.97
C SER B 982 -2.97 25.66 -31.81
N ARG B 983 -1.86 25.78 -32.49
CA ARG B 983 -1.22 24.57 -32.92
C ARG B 983 0.01 24.26 -32.10
N HIS B 984 0.08 24.80 -30.90
CA HIS B 984 1.15 24.52 -29.96
C HIS B 984 0.61 24.44 -28.55
N GLY B 985 -0.70 24.25 -28.45
CA GLY B 985 -1.27 23.93 -27.16
C GLY B 985 -1.70 25.11 -26.36
N GLN B 986 -1.39 26.33 -26.82
CA GLN B 986 -1.62 27.54 -26.05
C GLN B 986 -3.13 27.77 -26.03
N LYS B 987 -3.84 26.96 -25.28
CA LYS B 987 -5.25 26.82 -25.53
C LYS B 987 -6.04 27.69 -24.59
N GLY B 988 -7.34 27.45 -24.54
CA GLY B 988 -8.18 28.27 -23.72
C GLY B 988 -9.49 28.56 -24.42
N THR B 989 -10.28 29.37 -23.76
CA THR B 989 -11.64 29.64 -24.14
C THR B 989 -11.72 31.04 -24.70
N ILE B 990 -12.79 31.33 -25.44
CA ILE B 990 -13.04 32.70 -25.81
C ILE B 990 -13.43 33.48 -24.57
N GLY B 991 -12.52 34.31 -24.10
CA GLY B 991 -12.72 35.00 -22.86
C GLY B 991 -13.75 36.09 -23.02
N VAL B 992 -13.68 36.82 -24.14
CA VAL B 992 -14.48 38.01 -24.30
C VAL B 992 -14.64 38.31 -25.78
N THR B 993 -15.72 38.96 -26.12
CA THR B 993 -15.96 39.38 -27.48
C THR B 993 -16.01 40.89 -27.57
N TYR B 994 -15.20 41.42 -28.47
CA TYR B 994 -15.13 42.82 -28.80
C TYR B 994 -15.66 43.02 -30.21
N ARG B 995 -16.39 44.10 -30.44
CA ARG B 995 -16.78 44.42 -31.80
C ARG B 995 -15.60 44.96 -32.58
N HIS B 996 -15.87 45.46 -33.78
CA HIS B 996 -14.79 45.62 -34.74
C HIS B 996 -13.86 46.77 -34.40
N GLU B 997 -14.43 47.92 -34.09
CA GLU B 997 -13.64 49.11 -33.87
C GLU B 997 -12.80 49.02 -32.62
N ASP B 998 -13.19 48.22 -31.65
CA ASP B 998 -12.55 48.28 -30.36
C ASP B 998 -11.28 47.46 -30.30
N MET B 999 -10.93 46.80 -31.38
CA MET B 999 -9.69 46.08 -31.45
C MET B 999 -8.53 47.07 -31.46
N PRO B 1000 -7.32 46.62 -31.20
CA PRO B 1000 -6.18 47.40 -31.63
C PRO B 1000 -6.07 47.23 -33.13
N PHE B 1001 -5.36 48.12 -33.79
CA PHE B 1001 -5.28 48.03 -35.25
C PHE B 1001 -4.04 48.71 -35.77
N SER B 1002 -3.38 48.03 -36.68
CA SER B 1002 -2.10 48.51 -37.15
C SER B 1002 -2.30 49.58 -38.20
N ALA B 1003 -1.21 49.88 -38.90
CA ALA B 1003 -1.10 51.14 -39.60
C ALA B 1003 -1.95 51.13 -40.87
N GLU B 1004 -2.27 49.95 -41.35
CA GLU B 1004 -3.01 49.83 -42.58
C GLU B 1004 -4.52 49.70 -42.36
N GLY B 1005 -4.96 49.26 -41.20
CA GLY B 1005 -6.37 48.98 -41.01
C GLY B 1005 -6.67 47.58 -40.58
N ILE B 1006 -5.68 46.71 -40.64
CA ILE B 1006 -5.81 45.33 -40.21
C ILE B 1006 -6.13 45.30 -38.74
N VAL B 1007 -7.16 44.59 -38.36
CA VAL B 1007 -7.42 44.42 -36.95
C VAL B 1007 -7.08 42.95 -36.70
N PRO B 1008 -7.01 42.46 -35.48
CA PRO B 1008 -6.86 41.02 -35.28
C PRO B 1008 -8.13 40.31 -34.85
N ASP B 1009 -8.04 38.99 -34.82
CA ASP B 1009 -9.17 38.21 -34.34
C ASP B 1009 -8.84 37.34 -33.16
N LEU B 1010 -7.59 37.04 -32.92
CA LEU B 1010 -7.37 36.21 -31.76
C LEU B 1010 -6.09 36.66 -31.09
N ILE B 1011 -6.17 36.85 -29.79
CA ILE B 1011 -5.17 37.52 -28.99
C ILE B 1011 -4.80 36.55 -27.87
N ILE B 1012 -3.77 35.75 -28.08
CA ILE B 1012 -3.29 34.92 -27.03
C ILE B 1012 -2.46 35.82 -26.13
N ASN B 1013 -2.14 35.35 -24.94
CA ASN B 1013 -1.52 36.15 -23.87
C ASN B 1013 -0.01 36.13 -23.98
N PRO B 1014 0.61 37.29 -23.76
CA PRO B 1014 2.02 37.27 -23.41
C PRO B 1014 2.34 36.33 -22.30
N HIS B 1015 1.59 36.35 -21.20
CA HIS B 1015 1.95 35.47 -20.10
C HIS B 1015 1.68 34.02 -20.39
N ALA B 1016 1.00 33.72 -21.47
CA ALA B 1016 0.92 32.34 -21.90
C ALA B 1016 2.25 31.83 -22.43
N ILE B 1017 3.12 32.69 -22.91
CA ILE B 1017 4.36 32.21 -23.52
C ILE B 1017 5.55 31.88 -22.63
N PRO B 1018 6.05 32.79 -21.77
CA PRO B 1018 7.47 32.72 -21.42
C PRO B 1018 7.84 31.54 -20.54
N SER B 1019 6.87 30.93 -19.86
CA SER B 1019 7.14 29.71 -19.12
C SER B 1019 6.79 28.48 -19.92
N ARG B 1020 5.79 28.56 -20.77
CA ARG B 1020 5.47 27.38 -21.56
C ARG B 1020 6.50 27.10 -22.62
N MET B 1021 7.33 28.10 -22.97
CA MET B 1021 8.56 27.91 -23.76
C MET B 1021 8.26 27.35 -25.14
N THR B 1022 7.19 27.83 -25.77
CA THR B 1022 6.81 27.34 -27.08
C THR B 1022 7.16 28.35 -28.15
N VAL B 1023 8.43 28.32 -28.57
CA VAL B 1023 8.95 29.36 -29.44
C VAL B 1023 8.57 29.04 -30.87
N ALA B 1024 8.20 27.80 -31.13
CA ALA B 1024 7.66 27.41 -32.44
C ALA B 1024 6.41 28.20 -32.79
N HIS B 1025 5.64 28.63 -31.79
CA HIS B 1025 4.41 29.36 -32.07
C HIS B 1025 4.70 30.71 -32.68
N LEU B 1026 5.72 31.36 -32.18
CA LEU B 1026 6.17 32.60 -32.78
C LEU B 1026 6.73 32.36 -34.17
N ILE B 1027 7.46 31.26 -34.36
CA ILE B 1027 8.03 31.00 -35.67
C ILE B 1027 6.94 30.74 -36.69
N GLU B 1028 5.86 30.09 -36.27
CA GLU B 1028 4.72 29.91 -37.17
C GLU B 1028 4.06 31.24 -37.51
N CYS B 1029 3.88 32.13 -36.54
CA CYS B 1029 3.20 33.39 -36.84
C CYS B 1029 3.98 34.22 -37.83
N LEU B 1030 5.31 34.22 -37.67
CA LEU B 1030 6.15 35.00 -38.57
C LEU B 1030 6.17 34.42 -39.97
N LEU B 1031 6.36 33.10 -40.08
CA LEU B 1031 6.40 32.47 -41.39
C LEU B 1031 5.06 32.60 -42.08
N SER B 1032 3.99 32.65 -41.29
CA SER B 1032 2.66 32.86 -41.81
C SER B 1032 2.53 34.21 -42.47
N LYS B 1033 2.99 35.25 -41.80
CA LYS B 1033 2.81 36.60 -42.34
C LYS B 1033 3.59 36.78 -43.63
N VAL B 1034 4.80 36.20 -43.67
CA VAL B 1034 5.62 36.30 -44.88
C VAL B 1034 4.99 35.54 -46.03
N GLY B 1035 4.60 34.30 -45.78
CA GLY B 1035 4.01 33.51 -46.85
C GLY B 1035 2.64 34.03 -47.27
N SER B 1036 2.01 34.83 -46.43
CA SER B 1036 0.85 35.55 -46.89
C SER B 1036 1.24 36.64 -47.87
N ILE B 1037 2.27 37.43 -47.55
CA ILE B 1037 2.55 38.61 -48.37
C ILE B 1037 3.24 38.23 -49.67
N ARG B 1038 4.27 37.40 -49.62
CA ARG B 1038 4.74 36.81 -50.87
C ARG B 1038 3.79 35.77 -51.44
N GLY B 1039 2.73 35.41 -50.73
CA GLY B 1039 1.59 34.76 -51.34
C GLY B 1039 1.70 33.27 -51.62
N TYR B 1040 2.47 32.53 -50.85
CA TYR B 1040 2.57 31.11 -51.13
C TYR B 1040 2.83 30.42 -49.81
N GLU B 1041 2.77 29.11 -49.84
CA GLU B 1041 2.74 28.35 -48.60
C GLU B 1041 4.13 27.81 -48.29
N GLY B 1042 4.73 28.33 -47.22
CA GLY B 1042 6.13 28.07 -46.96
C GLY B 1042 6.35 26.75 -46.26
N ASP B 1043 7.39 26.05 -46.69
CA ASP B 1043 7.68 24.71 -46.22
C ASP B 1043 8.14 24.79 -44.78
N ALA B 1044 7.25 24.43 -43.88
CA ALA B 1044 7.51 24.38 -42.46
C ALA B 1044 7.63 22.96 -41.94
N THR B 1045 7.86 22.01 -42.83
CA THR B 1045 8.26 20.68 -42.42
C THR B 1045 9.57 20.79 -41.66
N PRO B 1046 9.67 20.17 -40.49
CA PRO B 1046 10.78 20.44 -39.59
C PRO B 1046 12.11 19.92 -40.10
N PHE B 1047 13.16 20.32 -39.41
CA PHE B 1047 14.53 19.84 -39.59
C PHE B 1047 15.07 20.16 -40.96
N THR B 1048 14.84 21.36 -41.42
CA THR B 1048 15.46 21.84 -42.64
C THR B 1048 16.48 22.92 -42.29
N ASP B 1049 17.05 23.52 -43.32
CA ASP B 1049 17.83 24.73 -43.06
C ASP B 1049 17.00 25.99 -43.06
N LEU B 1050 15.69 25.88 -42.98
CA LEU B 1050 14.88 27.06 -42.80
C LEU B 1050 15.12 27.63 -41.42
N THR B 1051 15.90 28.69 -41.37
CA THR B 1051 16.23 29.35 -40.12
C THR B 1051 15.16 30.37 -39.82
N VAL B 1052 15.49 31.27 -38.90
CA VAL B 1052 14.67 32.46 -38.73
C VAL B 1052 15.22 33.60 -39.60
N ASP B 1053 16.49 33.51 -40.01
CA ASP B 1053 17.13 34.63 -40.71
C ASP B 1053 16.55 34.87 -42.09
N ALA B 1054 16.21 33.80 -42.80
CA ALA B 1054 15.62 33.99 -44.12
C ALA B 1054 14.26 34.66 -44.01
N VAL B 1055 13.51 34.30 -42.97
CA VAL B 1055 12.18 34.85 -42.79
C VAL B 1055 12.26 36.30 -42.37
N SER B 1056 13.27 36.62 -41.57
CA SER B 1056 13.47 37.99 -41.13
C SER B 1056 13.83 38.89 -42.30
N ASN B 1057 14.80 38.46 -43.11
CA ASN B 1057 15.25 39.26 -44.24
C ASN B 1057 14.14 39.45 -45.25
N LEU B 1058 13.33 38.41 -45.48
CA LEU B 1058 12.27 38.55 -46.47
C LEU B 1058 11.17 39.49 -45.99
N LEU B 1059 10.84 39.44 -44.69
CA LEU B 1059 9.83 40.36 -44.19
C LEU B 1059 10.32 41.78 -44.25
N ARG B 1060 11.62 42.00 -43.99
CA ARG B 1060 12.12 43.36 -44.09
C ARG B 1060 12.14 43.81 -45.53
N ASP B 1061 12.68 42.99 -46.42
CA ASP B 1061 12.88 43.41 -47.79
C ASP B 1061 11.60 43.37 -48.60
N ASN B 1062 10.49 42.96 -48.03
CA ASN B 1062 9.21 43.28 -48.63
C ASN B 1062 8.52 44.43 -47.93
N GLY B 1063 9.28 45.32 -47.30
CA GLY B 1063 8.76 46.58 -46.83
C GLY B 1063 8.11 46.56 -45.47
N TYR B 1064 8.75 45.95 -44.47
CA TYR B 1064 8.20 45.83 -43.13
C TYR B 1064 9.29 45.81 -42.08
N GLN B 1065 8.84 45.67 -40.84
CA GLN B 1065 9.75 45.50 -39.72
C GLN B 1065 10.30 44.08 -39.71
N SER B 1066 11.52 43.93 -39.21
CA SER B 1066 12.23 42.67 -39.37
C SER B 1066 11.74 41.58 -38.45
N ARG B 1067 11.31 41.94 -37.26
CA ARG B 1067 10.95 41.01 -36.20
C ARG B 1067 9.46 41.06 -35.89
N GLY B 1068 8.63 41.37 -36.85
CA GLY B 1068 7.21 41.15 -36.74
C GLY B 1068 6.37 42.36 -36.35
N PHE B 1069 6.91 43.30 -35.62
CA PHE B 1069 6.08 44.26 -34.93
C PHE B 1069 5.54 45.34 -35.85
N GLU B 1070 4.32 45.76 -35.60
CA GLU B 1070 3.84 47.03 -36.14
C GLU B 1070 3.25 47.87 -35.04
N VAL B 1071 3.27 49.18 -35.25
CA VAL B 1071 2.96 50.11 -34.18
C VAL B 1071 1.46 50.20 -34.00
N MET B 1072 0.95 49.46 -33.05
CA MET B 1072 -0.49 49.35 -33.04
C MET B 1072 -1.05 50.32 -32.02
N TYR B 1073 -2.36 50.52 -32.09
CA TYR B 1073 -3.03 51.61 -31.39
C TYR B 1073 -4.07 51.11 -30.43
N ASN B 1074 -4.38 51.93 -29.46
CA ASN B 1074 -5.66 51.87 -28.81
C ASN B 1074 -6.76 52.07 -29.82
N GLY B 1075 -7.84 51.33 -29.63
CA GLY B 1075 -9.04 51.62 -30.37
C GLY B 1075 -9.91 52.66 -29.67
N HIS B 1076 -9.60 52.96 -28.42
CA HIS B 1076 -10.42 53.90 -27.68
C HIS B 1076 -9.80 55.30 -27.67
N THR B 1077 -8.52 55.41 -28.02
CA THR B 1077 -7.93 56.71 -28.27
C THR B 1077 -7.16 56.84 -29.56
N GLY B 1078 -6.42 55.82 -29.96
CA GLY B 1078 -5.47 56.01 -31.02
C GLY B 1078 -4.13 56.51 -30.54
N LYS B 1079 -4.07 56.94 -29.27
CA LYS B 1079 -2.80 57.14 -28.61
C LYS B 1079 -2.02 55.85 -28.68
N LYS B 1080 -0.88 55.94 -29.35
CA LYS B 1080 -0.12 54.82 -29.83
C LYS B 1080 0.29 53.91 -28.69
N LEU B 1081 0.20 52.60 -28.92
CA LEU B 1081 0.61 51.68 -27.89
C LEU B 1081 2.12 51.73 -27.79
N MET B 1082 2.57 52.07 -26.58
CA MET B 1082 3.95 52.44 -26.31
C MET B 1082 4.93 51.40 -26.77
N ALA B 1083 4.60 50.14 -26.65
CA ALA B 1083 5.44 49.10 -27.18
C ALA B 1083 4.84 48.62 -28.48
N GLN B 1084 5.70 48.23 -29.39
CA GLN B 1084 5.22 47.73 -30.65
C GLN B 1084 4.76 46.30 -30.48
N VAL B 1085 3.67 45.99 -31.15
CA VAL B 1085 2.86 44.81 -30.89
C VAL B 1085 3.17 43.83 -31.98
N PHE B 1086 3.34 42.57 -31.61
CA PHE B 1086 3.61 41.53 -32.58
C PHE B 1086 2.32 40.90 -33.08
N PHE B 1087 2.26 40.55 -34.36
CA PHE B 1087 0.97 40.60 -35.04
C PHE B 1087 1.01 39.89 -36.40
N GLY B 1088 0.15 38.88 -36.58
CA GLY B 1088 0.12 38.13 -37.82
C GLY B 1088 -1.00 37.11 -37.95
N PRO B 1089 -1.02 36.35 -39.04
CA PRO B 1089 -1.97 35.25 -39.14
C PRO B 1089 -1.32 34.00 -38.59
N THR B 1090 -2.09 32.93 -38.37
CA THR B 1090 -1.62 31.65 -37.81
C THR B 1090 -2.76 30.68 -38.04
N TYR B 1091 -2.50 29.37 -38.07
CA TYR B 1091 -3.59 28.44 -38.30
C TYR B 1091 -4.27 28.01 -37.01
N TYR B 1092 -5.59 28.19 -36.94
CA TYR B 1092 -6.38 27.84 -35.79
C TYR B 1092 -7.35 26.72 -36.09
N GLN B 1093 -7.86 26.11 -35.03
CA GLN B 1093 -8.75 24.97 -35.10
C GLN B 1093 -9.80 25.08 -34.02
N ARG B 1094 -10.71 24.14 -33.99
CA ARG B 1094 -11.87 24.24 -33.13
C ARG B 1094 -12.09 22.92 -32.40
N LEU B 1095 -11.88 22.91 -31.09
CA LEU B 1095 -12.00 21.65 -30.38
C LEU B 1095 -13.46 21.35 -30.07
N ARG B 1096 -13.74 20.07 -29.81
CA ARG B 1096 -15.12 19.58 -29.90
C ARG B 1096 -16.01 20.01 -28.76
N HIS B 1097 -15.46 20.56 -27.69
CA HIS B 1097 -16.26 20.91 -26.53
C HIS B 1097 -16.90 22.23 -26.86
N MET B 1098 -18.00 22.52 -26.21
CA MET B 1098 -18.58 23.85 -26.20
C MET B 1098 -19.11 24.10 -24.81
N VAL B 1099 -19.69 25.28 -24.58
CA VAL B 1099 -20.22 25.52 -23.25
C VAL B 1099 -21.66 25.10 -23.20
N ASP B 1100 -22.29 24.94 -24.35
CA ASP B 1100 -23.69 24.56 -24.39
C ASP B 1100 -23.89 23.08 -24.18
N ASP B 1101 -22.83 22.33 -23.94
CA ASP B 1101 -22.94 20.91 -23.66
C ASP B 1101 -22.54 20.57 -22.23
N LYS B 1102 -22.04 21.52 -21.46
CA LYS B 1102 -21.59 21.23 -20.12
C LYS B 1102 -22.18 22.16 -19.09
N ILE B 1103 -22.92 23.18 -19.53
CA ILE B 1103 -23.79 23.86 -18.59
C ILE B 1103 -24.88 22.89 -18.16
N HIS B 1104 -25.16 22.90 -16.86
CA HIS B 1104 -26.21 22.12 -16.22
C HIS B 1104 -26.41 22.64 -14.81
N ALA B 1105 -27.66 22.80 -14.41
CA ALA B 1105 -28.00 23.06 -13.02
C ALA B 1105 -29.26 22.28 -12.70
N ARG B 1106 -29.53 22.08 -11.42
CA ARG B 1106 -30.61 21.19 -11.05
C ARG B 1106 -31.25 21.57 -9.73
N ALA B 1107 -32.55 21.87 -9.76
CA ALA B 1107 -33.26 22.01 -8.52
C ALA B 1107 -33.54 20.63 -7.92
N ARG B 1108 -34.34 19.80 -8.59
CA ARG B 1108 -34.80 18.51 -8.09
C ARG B 1108 -35.02 17.57 -9.26
N GLY B 1109 -35.80 16.53 -9.02
CA GLY B 1109 -36.30 15.77 -10.12
C GLY B 1109 -36.08 14.29 -10.00
N PRO B 1110 -35.29 13.74 -10.91
CA PRO B 1110 -35.19 12.28 -11.02
C PRO B 1110 -34.35 11.66 -9.93
N VAL B 1111 -34.98 10.80 -9.17
CA VAL B 1111 -34.33 10.01 -8.14
C VAL B 1111 -34.43 8.55 -8.52
N GLN B 1112 -33.41 7.79 -8.13
CA GLN B 1112 -33.43 6.35 -8.38
C GLN B 1112 -34.43 5.68 -7.45
N VAL B 1113 -34.98 4.55 -7.91
CA VAL B 1113 -35.87 3.76 -7.08
C VAL B 1113 -35.07 3.11 -5.95
N LEU B 1114 -33.90 2.60 -6.29
CA LEU B 1114 -33.07 1.78 -5.41
C LEU B 1114 -32.61 2.51 -4.16
N THR B 1115 -32.19 3.76 -4.27
CA THR B 1115 -31.59 4.47 -3.15
C THR B 1115 -32.15 5.86 -2.90
N ARG B 1116 -32.99 6.39 -3.79
CA ARG B 1116 -33.66 7.71 -3.63
C ARG B 1116 -32.69 8.87 -3.47
N GLN B 1117 -31.47 8.68 -3.83
CA GLN B 1117 -30.50 9.73 -4.04
C GLN B 1117 -30.50 10.13 -5.50
N PRO B 1118 -30.42 11.42 -5.79
CA PRO B 1118 -30.62 11.89 -7.16
C PRO B 1118 -29.57 11.36 -8.14
N VAL B 1119 -29.95 11.29 -9.42
CA VAL B 1119 -29.39 10.36 -10.39
C VAL B 1119 -28.09 10.85 -11.00
N GLU B 1120 -27.44 9.99 -11.77
CA GLU B 1120 -26.09 10.24 -12.21
C GLU B 1120 -25.97 10.29 -13.72
N GLY B 1121 -25.34 11.35 -14.23
CA GLY B 1121 -25.20 11.57 -15.66
C GLY B 1121 -25.74 12.94 -16.04
N ARG B 1122 -25.33 13.48 -17.17
CA ARG B 1122 -25.88 14.75 -17.60
C ARG B 1122 -27.22 14.50 -18.29
N SER B 1123 -27.28 13.40 -19.03
CA SER B 1123 -28.38 13.13 -19.95
C SER B 1123 -29.74 13.01 -19.28
N ARG B 1124 -29.80 12.66 -18.01
CA ARG B 1124 -31.06 12.55 -17.29
C ARG B 1124 -31.23 13.72 -16.34
N ASP B 1125 -30.46 14.79 -16.54
CA ASP B 1125 -30.35 15.93 -15.64
C ASP B 1125 -30.09 15.48 -14.21
N GLY B 1126 -28.97 14.81 -14.01
CA GLY B 1126 -28.60 14.37 -12.70
C GLY B 1126 -28.07 15.48 -11.81
N GLY B 1127 -27.48 15.08 -10.70
CA GLY B 1127 -26.93 16.00 -9.74
C GLY B 1127 -25.45 15.74 -9.52
N LEU B 1128 -24.78 16.69 -8.89
CA LEU B 1128 -23.35 16.57 -8.72
C LEU B 1128 -22.97 15.81 -7.47
N ARG B 1129 -21.78 15.22 -7.49
CA ARG B 1129 -21.28 14.44 -6.38
C ARG B 1129 -20.52 15.33 -5.42
N PHE B 1130 -21.21 15.80 -4.39
CA PHE B 1130 -20.61 16.56 -3.30
C PHE B 1130 -19.81 15.55 -2.49
N GLY B 1131 -18.61 15.27 -2.98
CA GLY B 1131 -17.86 14.10 -2.62
C GLY B 1131 -17.21 14.19 -1.26
N GLU B 1132 -16.34 13.20 -1.01
CA GLU B 1132 -15.63 13.05 0.25
C GLU B 1132 -14.86 14.30 0.62
N MET B 1133 -14.05 14.77 -0.30
CA MET B 1133 -13.06 15.73 0.10
C MET B 1133 -13.65 17.11 0.16
N GLU B 1134 -14.80 17.28 -0.49
CA GLU B 1134 -15.65 18.42 -0.18
C GLU B 1134 -16.14 18.39 1.26
N ARG B 1135 -16.54 17.23 1.76
CA ARG B 1135 -16.96 17.15 3.16
C ARG B 1135 -15.77 17.38 4.07
N ASP B 1136 -14.58 16.99 3.62
CA ASP B 1136 -13.36 17.24 4.36
C ASP B 1136 -13.12 18.72 4.54
N CYS B 1137 -13.26 19.49 3.47
CA CYS B 1137 -13.03 20.91 3.62
C CYS B 1137 -14.19 21.58 4.35
N MET B 1138 -15.37 20.98 4.31
CA MET B 1138 -16.42 21.52 5.17
C MET B 1138 -16.14 21.28 6.64
N ILE B 1139 -15.50 20.16 6.95
CA ILE B 1139 -15.10 19.92 8.33
C ILE B 1139 -13.99 20.88 8.72
N ALA B 1140 -13.13 21.20 7.76
CA ALA B 1140 -12.02 22.08 8.09
C ALA B 1140 -12.51 23.47 8.40
N HIS B 1141 -13.43 23.98 7.60
CA HIS B 1141 -14.15 25.17 8.01
C HIS B 1141 -15.01 24.93 9.22
N GLY B 1142 -15.55 23.73 9.35
CA GLY B 1142 -16.18 23.39 10.58
C GLY B 1142 -17.65 23.70 10.67
N ALA B 1143 -18.18 24.51 9.76
CA ALA B 1143 -19.58 24.87 9.86
C ALA B 1143 -20.41 23.66 9.44
N ALA B 1144 -20.65 22.79 10.42
CA ALA B 1144 -21.27 21.52 10.11
C ALA B 1144 -22.76 21.67 9.85
N GLY B 1145 -23.35 22.80 10.21
CA GLY B 1145 -24.75 23.02 9.92
C GLY B 1145 -25.01 23.08 8.42
N PHE B 1146 -24.03 23.58 7.67
CA PHE B 1146 -24.09 23.46 6.22
C PHE B 1146 -24.04 22.02 5.79
N LEU B 1147 -23.25 21.20 6.49
CA LEU B 1147 -23.16 19.79 6.13
C LEU B 1147 -24.46 19.07 6.43
N LYS B 1148 -25.19 19.52 7.44
CA LYS B 1148 -26.48 18.93 7.74
C LYS B 1148 -27.53 19.45 6.77
N GLU B 1149 -27.28 20.59 6.14
CA GLU B 1149 -28.10 20.90 4.99
C GLU B 1149 -27.83 19.94 3.85
N ARG B 1150 -26.55 19.71 3.54
CA ARG B 1150 -26.20 18.96 2.34
C ARG B 1150 -26.58 17.51 2.42
N LEU B 1151 -26.28 16.83 3.51
CA LEU B 1151 -26.56 15.41 3.48
C LEU B 1151 -27.86 15.03 4.15
N MET B 1152 -28.77 15.97 4.37
CA MET B 1152 -30.11 15.61 4.79
C MET B 1152 -31.14 16.18 3.84
N GLU B 1153 -30.96 17.42 3.42
CA GLU B 1153 -32.12 18.23 3.07
C GLU B 1153 -32.23 18.44 1.58
N ALA B 1154 -31.11 18.44 0.88
CA ALA B 1154 -31.18 18.49 -0.57
C ALA B 1154 -30.94 17.13 -1.19
N SER B 1155 -31.40 16.09 -0.53
CA SER B 1155 -31.11 14.71 -0.88
C SER B 1155 -32.27 13.84 -0.43
N ASP B 1156 -32.00 12.58 -0.15
CA ASP B 1156 -32.97 11.61 0.35
C ASP B 1156 -33.38 11.83 1.81
N ALA B 1157 -34.06 12.94 2.11
CA ALA B 1157 -34.60 13.13 3.44
C ALA B 1157 -35.65 12.07 3.72
N PHE B 1158 -35.47 11.36 4.81
CA PHE B 1158 -36.30 10.17 5.00
C PHE B 1158 -36.62 9.97 6.46
N ARG B 1159 -37.84 9.53 6.74
CA ARG B 1159 -38.40 9.54 8.08
C ARG B 1159 -38.82 8.13 8.46
N VAL B 1160 -38.31 7.64 9.57
CA VAL B 1160 -38.61 6.28 10.04
C VAL B 1160 -39.12 6.40 11.46
N HIS B 1161 -39.40 5.26 12.08
CA HIS B 1161 -39.84 5.20 13.47
C HIS B 1161 -39.03 4.18 14.26
N VAL B 1162 -38.95 4.39 15.57
CA VAL B 1162 -38.33 3.43 16.48
C VAL B 1162 -39.19 3.19 17.72
N CYS B 1163 -39.33 1.91 18.06
CA CYS B 1163 -39.79 1.47 19.36
C CYS B 1163 -38.68 1.66 20.36
N GLY B 1164 -38.99 2.30 21.47
CA GLY B 1164 -37.92 2.68 22.37
C GLY B 1164 -37.39 1.58 23.24
N ILE B 1165 -37.92 0.37 23.14
CA ILE B 1165 -37.46 -0.70 24.03
C ILE B 1165 -36.49 -1.62 23.34
N CYS B 1166 -36.92 -2.28 22.27
CA CYS B 1166 -35.98 -3.08 21.51
C CYS B 1166 -35.20 -2.23 20.51
N GLY B 1167 -35.45 -0.93 20.46
CA GLY B 1167 -34.59 -0.01 19.75
C GLY B 1167 -34.63 -0.09 18.25
N LEU B 1168 -35.50 -0.91 17.68
CA LEU B 1168 -35.42 -1.13 16.26
C LEU B 1168 -36.44 -0.29 15.51
N MET B 1169 -36.35 -0.34 14.19
CA MET B 1169 -37.36 0.21 13.28
C MET B 1169 -38.33 -0.84 12.77
N SER B 1170 -38.98 -1.62 13.62
CA SER B 1170 -39.94 -2.58 13.11
C SER B 1170 -41.34 -2.04 13.15
N VAL B 1171 -41.50 -0.83 13.63
CA VAL B 1171 -42.81 -0.29 14.00
C VAL B 1171 -43.61 0.02 12.76
N ILE B 1172 -44.71 -0.68 12.62
CA ILE B 1172 -45.56 -0.58 11.46
C ILE B 1172 -46.34 0.72 11.60
N ALA B 1173 -46.42 1.48 10.53
CA ALA B 1173 -46.94 2.84 10.57
C ALA B 1173 -48.20 2.95 9.74
N ASN B 1174 -49.35 2.91 10.40
CA ASN B 1174 -50.58 3.38 9.80
C ASN B 1174 -50.85 4.75 10.39
N LEU B 1175 -51.26 5.69 9.54
CA LEU B 1175 -51.29 7.09 9.95
C LEU B 1175 -52.68 7.68 9.96
N LYS B 1176 -53.49 7.43 8.92
CA LYS B 1176 -54.86 7.95 8.98
C LYS B 1176 -55.69 7.18 9.98
N LYS B 1177 -55.27 5.97 10.34
CA LYS B 1177 -55.81 5.32 11.52
C LYS B 1177 -54.92 5.51 12.74
N ASN B 1178 -53.65 5.90 12.53
CA ASN B 1178 -52.78 6.49 13.56
C ASN B 1178 -52.50 5.51 14.70
N GLN B 1179 -51.99 4.33 14.34
CA GLN B 1179 -51.77 3.28 15.32
C GLN B 1179 -50.45 2.57 14.98
N PHE B 1180 -49.83 1.95 15.99
CA PHE B 1180 -48.49 1.38 15.86
C PHE B 1180 -48.36 0.16 16.74
N GLU B 1181 -47.45 -0.75 16.38
CA GLU B 1181 -47.23 -1.94 17.19
C GLU B 1181 -45.85 -2.54 16.96
N CYS B 1182 -44.98 -2.42 17.94
CA CYS B 1182 -43.73 -3.17 17.94
C CYS B 1182 -44.09 -4.62 18.20
N ARG B 1183 -44.18 -5.42 17.14
CA ARG B 1183 -44.79 -6.73 17.29
C ARG B 1183 -43.86 -7.76 17.92
N SER B 1184 -42.60 -7.40 18.16
CA SER B 1184 -41.76 -8.30 18.94
C SER B 1184 -41.82 -7.99 20.41
N CYS B 1185 -42.55 -6.96 20.78
CA CYS B 1185 -42.47 -6.47 22.14
C CYS B 1185 -43.82 -6.22 22.78
N LYS B 1186 -44.89 -6.16 21.99
CA LYS B 1186 -46.16 -5.56 22.37
C LYS B 1186 -45.91 -4.20 23.01
N ASN B 1187 -45.17 -3.37 22.28
CA ASN B 1187 -44.93 -2.00 22.69
C ASN B 1187 -45.83 -1.12 21.84
N LYS B 1188 -46.58 -0.25 22.50
CA LYS B 1188 -47.53 0.63 21.82
C LYS B 1188 -47.36 2.08 22.24
N THR B 1189 -46.39 2.38 23.08
CA THR B 1189 -46.26 3.75 23.61
C THR B 1189 -44.85 4.31 23.47
N ASN B 1190 -43.82 3.48 23.60
CA ASN B 1190 -42.45 3.97 23.63
C ASN B 1190 -41.95 4.08 22.19
N ILE B 1191 -42.48 5.09 21.49
CA ILE B 1191 -42.35 5.21 20.04
C ILE B 1191 -41.84 6.60 19.68
N TYR B 1192 -40.74 6.64 18.94
CA TYR B 1192 -40.27 7.90 18.40
C TYR B 1192 -40.01 7.77 16.92
N GLN B 1193 -39.98 8.90 16.24
CA GLN B 1193 -39.55 8.96 14.87
C GLN B 1193 -38.17 9.60 14.79
N LEU B 1194 -37.54 9.51 13.64
CA LEU B 1194 -36.23 10.09 13.43
C LEU B 1194 -36.21 10.86 12.13
N HIS B 1195 -35.03 11.37 11.79
CA HIS B 1195 -34.75 11.97 10.49
C HIS B 1195 -33.38 11.49 10.03
N ILE B 1196 -33.35 10.45 9.22
CA ILE B 1196 -32.08 9.88 8.79
C ILE B 1196 -32.06 9.82 7.28
N PRO B 1197 -30.88 9.68 6.69
CA PRO B 1197 -30.83 9.49 5.22
C PRO B 1197 -31.38 8.14 4.82
N TYR B 1198 -32.04 8.12 3.66
CA TYR B 1198 -32.69 6.90 3.17
C TYR B 1198 -31.67 5.82 2.90
N ALA B 1199 -30.47 6.22 2.52
CA ALA B 1199 -29.41 5.24 2.40
C ALA B 1199 -28.93 4.74 3.75
N ALA B 1200 -29.07 5.54 4.82
CA ALA B 1200 -28.73 5.00 6.13
C ALA B 1200 -29.75 3.96 6.57
N LYS B 1201 -31.02 4.21 6.25
CA LYS B 1201 -32.06 3.23 6.49
C LYS B 1201 -31.79 1.99 5.66
N LEU B 1202 -31.28 2.19 4.44
CA LEU B 1202 -30.93 1.08 3.57
C LEU B 1202 -29.84 0.23 4.19
N LEU B 1203 -28.84 0.89 4.79
CA LEU B 1203 -27.83 0.18 5.57
C LEU B 1203 -28.47 -0.64 6.66
N PHE B 1204 -29.45 -0.07 7.37
CA PHE B 1204 -30.05 -0.78 8.49
C PHE B 1204 -30.84 -2.00 8.04
N GLN B 1205 -31.60 -1.89 6.96
CA GLN B 1205 -32.36 -3.03 6.48
C GLN B 1205 -31.46 -4.09 5.90
N GLU B 1206 -30.40 -3.70 5.20
CA GLU B 1206 -29.41 -4.65 4.71
C GLU B 1206 -28.73 -5.40 5.85
N LEU B 1207 -28.38 -4.70 6.93
CA LEU B 1207 -27.71 -5.35 8.04
C LEU B 1207 -28.63 -6.29 8.78
N MET B 1208 -29.87 -5.87 9.01
CA MET B 1208 -30.80 -6.75 9.71
C MET B 1208 -31.17 -7.93 8.83
N ALA B 1209 -31.03 -7.78 7.52
CA ALA B 1209 -31.14 -8.94 6.65
C ALA B 1209 -29.84 -9.71 6.58
N MET B 1210 -28.77 -9.24 7.22
CA MET B 1210 -27.64 -10.11 7.43
C MET B 1210 -27.46 -10.55 8.86
N ASN B 1211 -28.45 -10.30 9.73
CA ASN B 1211 -28.35 -10.55 11.18
C ASN B 1211 -27.18 -9.86 11.85
N ILE B 1212 -27.14 -8.54 11.80
CA ILE B 1212 -26.50 -7.70 12.80
C ILE B 1212 -27.60 -6.74 13.24
N ALA B 1213 -27.61 -6.35 14.51
CA ALA B 1213 -28.75 -5.59 15.01
C ALA B 1213 -28.36 -4.19 15.43
N PRO B 1214 -28.48 -3.22 14.57
CA PRO B 1214 -28.24 -1.84 15.01
C PRO B 1214 -29.43 -1.38 15.81
N ARG B 1215 -29.22 -1.01 17.05
CA ARG B 1215 -30.33 -0.53 17.84
C ARG B 1215 -30.07 0.91 18.24
N LEU B 1216 -31.06 1.78 18.04
CA LEU B 1216 -30.83 3.20 18.17
C LEU B 1216 -31.51 3.72 19.43
N TYR B 1217 -30.77 3.78 20.52
CA TYR B 1217 -31.36 4.38 21.70
C TYR B 1217 -31.03 5.86 21.73
N THR B 1218 -32.04 6.64 22.03
CA THR B 1218 -32.01 8.07 21.87
C THR B 1218 -31.51 8.77 23.12
N GLU B 1219 -30.91 8.04 24.05
CA GLU B 1219 -30.39 8.61 25.28
C GLU B 1219 -29.05 7.97 25.63
N ARG B 1220 -28.17 8.76 26.23
CA ARG B 1220 -26.86 8.29 26.64
C ARG B 1220 -27.03 7.38 27.85
N SER B 1221 -26.30 6.26 27.87
CA SER B 1221 -26.54 5.24 28.89
C SER B 1221 -25.32 4.96 29.74
N GLY B 1222 -24.15 4.83 29.11
CA GLY B 1222 -22.94 4.57 29.84
C GLY B 1222 -22.40 3.18 29.58
N GLU C 4 -10.84 76.51 -38.41
CA GLU C 4 -9.50 75.95 -38.20
C GLU C 4 -9.19 74.59 -38.89
N PRO C 5 -10.01 73.54 -38.78
CA PRO C 5 -9.58 72.25 -39.29
C PRO C 5 -9.65 72.18 -40.80
N LYS C 6 -8.67 71.52 -41.38
CA LYS C 6 -8.48 71.59 -42.82
C LYS C 6 -8.40 70.20 -43.42
N VAL C 7 -9.03 70.06 -44.57
CA VAL C 7 -9.15 68.80 -45.27
C VAL C 7 -8.16 68.85 -46.41
N ASN C 8 -7.58 67.71 -46.75
CA ASN C 8 -6.69 67.66 -47.89
C ASN C 8 -6.82 66.28 -48.52
N ILE C 9 -7.61 66.19 -49.59
CA ILE C 9 -7.75 64.95 -50.32
C ILE C 9 -6.45 64.72 -51.05
N ILE C 10 -5.97 63.48 -51.06
CA ILE C 10 -4.73 63.19 -51.75
C ILE C 10 -4.97 62.34 -52.97
N ASN C 11 -5.59 61.19 -52.77
CA ASN C 11 -6.10 60.41 -53.88
C ASN C 11 -7.60 60.38 -53.77
N ALA C 12 -8.23 60.05 -54.88
CA ALA C 12 -9.60 59.63 -54.83
C ALA C 12 -9.84 58.75 -56.04
N GLN C 13 -10.44 57.62 -55.78
CA GLN C 13 -11.14 56.87 -56.79
C GLN C 13 -12.36 56.31 -56.10
N ASP C 14 -13.01 55.33 -56.70
CA ASP C 14 -14.32 54.97 -56.22
C ASP C 14 -14.25 53.80 -55.24
N ASP C 15 -13.12 53.09 -55.22
CA ASP C 15 -12.96 52.04 -54.23
C ASP C 15 -12.23 52.50 -52.98
N GLU C 16 -11.59 53.66 -53.02
CA GLU C 16 -10.90 54.16 -51.83
C GLU C 16 -10.71 55.66 -51.90
N VAL C 17 -10.43 56.23 -50.74
CA VAL C 17 -10.07 57.63 -50.57
C VAL C 17 -8.98 57.68 -49.50
N GLU C 18 -7.91 58.40 -49.77
CA GLU C 18 -6.86 58.62 -48.80
C GLU C 18 -6.74 60.11 -48.52
N LEU C 19 -7.32 60.57 -47.42
CA LEU C 19 -7.33 62.01 -47.24
C LEU C 19 -6.31 62.35 -46.17
N MET C 20 -6.17 63.65 -45.93
CA MET C 20 -5.28 64.14 -44.89
C MET C 20 -5.99 65.19 -44.06
N LEU C 21 -6.74 64.72 -43.08
CA LEU C 21 -7.39 65.59 -42.13
C LEU C 21 -6.32 66.24 -41.30
N SER C 22 -6.33 67.57 -41.24
CA SER C 22 -5.32 68.27 -40.47
C SER C 22 -5.99 69.14 -39.43
N ASP C 23 -5.30 69.24 -38.30
CA ASP C 23 -5.61 70.17 -37.21
C ASP C 23 -6.98 69.90 -36.60
N VAL C 24 -7.16 68.68 -36.10
CA VAL C 24 -8.15 68.39 -35.08
C VAL C 24 -7.41 67.66 -33.97
N ASN C 25 -8.11 67.41 -32.88
CA ASN C 25 -7.55 66.57 -31.83
C ASN C 25 -7.39 65.13 -32.31
N LEU C 26 -6.76 64.31 -31.47
CA LEU C 26 -6.61 62.92 -31.83
C LEU C 26 -7.87 62.14 -31.56
N SER C 27 -8.59 62.48 -30.49
CA SER C 27 -9.81 61.78 -30.16
C SER C 27 -10.88 61.98 -31.22
N LEU C 28 -10.90 63.16 -31.83
CA LEU C 28 -11.98 63.42 -32.77
C LEU C 28 -11.75 62.66 -34.06
N ALA C 29 -10.49 62.52 -34.47
CA ALA C 29 -10.21 61.76 -35.67
C ALA C 29 -10.47 60.28 -35.44
N ASN C 30 -10.11 59.77 -34.28
CA ASN C 30 -10.34 58.34 -34.08
C ASN C 30 -11.83 58.07 -33.85
N SER C 31 -12.56 59.06 -33.35
CA SER C 31 -14.00 58.94 -33.25
C SER C 31 -14.66 58.88 -34.62
N LEU C 32 -14.14 59.65 -35.57
CA LEU C 32 -14.55 59.49 -36.95
C LEU C 32 -14.29 58.08 -37.44
N ARG C 33 -13.13 57.51 -37.08
CA ARG C 33 -12.81 56.16 -37.52
C ARG C 33 -13.80 55.13 -36.96
N ARG C 34 -14.14 55.28 -35.69
CA ARG C 34 -15.06 54.34 -35.06
C ARG C 34 -16.44 54.46 -35.65
N THR C 35 -16.85 55.67 -36.01
CA THR C 35 -18.11 55.83 -36.70
C THR C 35 -18.09 55.13 -38.04
N MET C 36 -17.05 55.35 -38.84
CA MET C 36 -17.07 54.85 -40.20
C MET C 36 -16.83 53.35 -40.29
N LEU C 37 -16.45 52.71 -39.19
CA LEU C 37 -16.74 51.28 -39.17
C LEU C 37 -18.13 50.99 -38.65
N ALA C 38 -18.57 51.67 -37.61
CA ALA C 38 -19.72 51.13 -36.90
C ALA C 38 -21.06 51.72 -37.29
N GLU C 39 -21.28 53.01 -37.13
CA GLU C 39 -22.66 53.50 -37.07
C GLU C 39 -23.21 54.02 -38.37
N VAL C 40 -22.92 53.39 -39.50
CA VAL C 40 -23.49 53.90 -40.75
C VAL C 40 -24.73 53.11 -41.13
N PRO C 41 -25.91 53.72 -41.08
CA PRO C 41 -27.14 52.98 -41.39
C PRO C 41 -27.19 52.59 -42.86
N THR C 42 -27.18 51.28 -43.10
CA THR C 42 -27.29 50.74 -44.45
C THR C 42 -28.31 49.61 -44.44
N LEU C 43 -28.34 48.86 -45.53
CA LEU C 43 -29.44 47.96 -45.80
C LEU C 43 -28.92 46.59 -46.22
N ALA C 44 -29.48 45.53 -45.65
CA ALA C 44 -29.08 44.19 -46.04
C ALA C 44 -30.21 43.20 -45.74
N ILE C 45 -29.91 41.91 -45.94
CA ILE C 45 -30.93 40.88 -45.96
C ILE C 45 -31.20 40.35 -44.57
N ASP C 46 -32.41 40.60 -44.06
CA ASP C 46 -32.71 40.48 -42.65
C ASP C 46 -33.57 39.28 -42.25
N LEU C 47 -34.60 38.91 -43.02
CA LEU C 47 -35.27 37.64 -42.81
C LEU C 47 -35.28 36.91 -44.14
N VAL C 48 -34.85 35.65 -44.14
CA VAL C 48 -34.80 34.86 -45.37
C VAL C 48 -35.81 33.74 -45.24
N GLU C 49 -36.61 33.55 -46.28
CA GLU C 49 -37.59 32.48 -46.34
C GLU C 49 -37.36 31.70 -47.62
N ILE C 50 -36.85 30.49 -47.49
CA ILE C 50 -36.75 29.57 -48.61
C ILE C 50 -38.18 29.17 -49.01
N LYS C 51 -38.52 29.40 -50.26
CA LYS C 51 -39.71 28.77 -50.78
C LYS C 51 -39.46 27.31 -51.11
N MET C 52 -38.37 27.02 -51.82
CA MET C 52 -37.99 25.65 -52.11
C MET C 52 -36.49 25.55 -52.30
N ASN C 53 -35.86 24.65 -51.56
CA ASN C 53 -34.43 24.38 -51.69
C ASN C 53 -34.24 22.88 -51.86
N THR C 54 -33.31 22.51 -52.75
CA THR C 54 -32.84 21.15 -52.88
C THR C 54 -31.35 21.07 -53.18
N SER C 55 -30.55 21.90 -52.56
CA SER C 55 -29.23 22.10 -53.11
C SER C 55 -28.21 21.10 -52.58
N VAL C 56 -26.96 21.31 -52.98
CA VAL C 56 -25.84 20.74 -52.26
C VAL C 56 -25.44 21.56 -51.06
N LEU C 57 -26.10 22.68 -50.81
CA LEU C 57 -25.78 23.48 -49.64
C LEU C 57 -27.00 23.61 -48.75
N ALA C 58 -26.73 23.63 -47.45
CA ALA C 58 -27.80 23.76 -46.49
C ALA C 58 -28.28 25.19 -46.42
N ASP C 59 -29.17 25.44 -45.48
CA ASP C 59 -30.11 26.51 -45.72
C ASP C 59 -29.67 27.81 -45.08
N GLU C 60 -29.52 27.79 -43.77
CA GLU C 60 -28.94 28.89 -43.02
C GLU C 60 -27.54 29.23 -43.48
N PHE C 61 -26.82 28.26 -44.04
CA PHE C 61 -25.61 28.51 -44.82
C PHE C 61 -25.85 29.58 -45.88
N ILE C 62 -26.85 29.37 -46.72
CA ILE C 62 -27.06 30.28 -47.84
C ILE C 62 -27.65 31.58 -47.34
N SER C 63 -28.41 31.52 -46.25
CA SER C 63 -28.92 32.77 -45.68
C SER C 63 -27.80 33.62 -45.09
N HIS C 64 -26.83 32.97 -44.46
CA HIS C 64 -25.59 33.60 -44.02
C HIS C 64 -24.84 34.27 -45.16
N ARG C 65 -24.61 33.53 -46.24
CA ARG C 65 -23.85 34.09 -47.34
C ARG C 65 -24.62 35.21 -48.01
N LEU C 66 -25.95 35.13 -48.03
CA LEU C 66 -26.73 36.24 -48.56
C LEU C 66 -26.65 37.45 -47.67
N GLY C 67 -26.56 37.22 -46.37
CA GLY C 67 -26.36 38.33 -45.45
C GLY C 67 -25.05 39.05 -45.68
N LEU C 68 -24.03 38.34 -46.15
CA LEU C 68 -22.82 39.07 -46.51
C LEU C 68 -22.88 39.82 -47.83
N ILE C 69 -24.00 39.92 -48.52
CA ILE C 69 -23.93 40.47 -49.88
C ILE C 69 -24.10 41.98 -49.96
N PRO C 70 -23.23 42.65 -50.69
CA PRO C 70 -23.28 44.11 -50.80
C PRO C 70 -24.42 44.59 -51.69
N LEU C 71 -25.29 45.42 -51.11
CA LEU C 71 -26.38 46.08 -51.79
C LEU C 71 -26.04 47.55 -52.04
N VAL C 72 -26.78 48.18 -52.92
CA VAL C 72 -26.75 49.64 -53.03
C VAL C 72 -27.62 50.21 -51.92
N SER C 73 -27.09 51.13 -51.12
CA SER C 73 -27.93 51.87 -50.20
C SER C 73 -27.67 53.36 -50.26
N GLU C 74 -27.53 53.92 -51.45
CA GLU C 74 -27.26 55.36 -51.57
C GLU C 74 -28.44 56.18 -51.06
N ASP C 75 -29.65 55.65 -51.21
CA ASP C 75 -30.84 56.41 -50.92
C ASP C 75 -31.42 56.09 -49.55
N VAL C 76 -30.60 55.52 -48.66
CA VAL C 76 -31.14 54.71 -47.60
C VAL C 76 -31.73 55.52 -46.44
N GLU C 77 -31.40 56.80 -46.32
CA GLU C 77 -31.86 57.51 -45.13
C GLU C 77 -33.31 57.95 -45.21
N GLU C 78 -33.91 57.87 -46.40
CA GLU C 78 -35.37 57.92 -46.45
C GLU C 78 -36.00 56.54 -46.39
N MET C 79 -35.24 55.54 -45.97
CA MET C 79 -35.81 54.29 -45.52
C MET C 79 -35.54 54.15 -44.03
N LYS C 80 -36.57 53.80 -43.28
CA LYS C 80 -36.53 53.83 -41.82
C LYS C 80 -35.89 52.56 -41.28
N TYR C 81 -35.73 52.49 -39.96
CA TYR C 81 -35.27 51.25 -39.35
C TYR C 81 -36.39 50.25 -39.27
N SER C 82 -36.02 48.97 -39.31
CA SER C 82 -36.99 47.89 -39.29
C SER C 82 -37.79 47.86 -38.01
N ARG C 83 -37.13 48.08 -36.88
CA ARG C 83 -37.79 47.82 -35.62
C ARG C 83 -38.66 48.98 -35.18
N ASP C 84 -38.71 50.05 -35.97
CA ASP C 84 -39.65 51.12 -35.73
C ASP C 84 -40.45 51.50 -36.97
N CYS C 85 -40.50 50.64 -37.98
CA CYS C 85 -41.38 50.90 -39.12
C CYS C 85 -42.77 50.38 -38.82
N THR C 86 -43.77 51.13 -39.29
CA THR C 86 -45.16 51.07 -38.81
C THR C 86 -45.92 49.84 -39.31
N CYS C 87 -45.23 48.79 -39.76
CA CYS C 87 -45.92 47.56 -40.11
C CYS C 87 -45.58 46.44 -39.14
N GLU C 88 -46.61 45.64 -38.82
CA GLU C 88 -46.40 44.23 -38.53
C GLU C 88 -46.01 43.55 -39.83
N ASP C 89 -45.49 42.34 -39.71
CA ASP C 89 -44.40 41.75 -40.52
C ASP C 89 -44.53 42.02 -42.02
N TYR C 90 -43.39 42.09 -42.69
CA TYR C 90 -42.94 42.97 -43.76
C TYR C 90 -44.02 43.45 -44.73
N CYS C 91 -43.90 44.72 -45.11
CA CYS C 91 -44.67 45.26 -46.23
C CYS C 91 -43.72 46.03 -47.16
N ASP C 92 -44.27 46.81 -48.08
CA ASP C 92 -43.47 47.54 -49.06
C ASP C 92 -43.23 49.00 -48.65
N GLU C 93 -43.34 49.32 -47.37
CA GLU C 93 -42.83 50.56 -46.82
C GLU C 93 -41.37 50.46 -46.44
N CYS C 94 -40.93 49.32 -45.89
CA CYS C 94 -39.58 49.14 -45.36
C CYS C 94 -38.91 47.85 -45.78
N SER C 95 -39.23 47.29 -46.94
CA SER C 95 -38.55 46.07 -47.33
C SER C 95 -38.06 46.24 -48.75
N VAL C 96 -37.07 45.43 -49.12
CA VAL C 96 -36.75 45.17 -50.51
C VAL C 96 -36.82 43.68 -50.72
N VAL C 97 -37.97 43.20 -51.12
CA VAL C 97 -38.23 41.78 -51.19
C VAL C 97 -37.55 41.22 -52.43
N LEU C 98 -36.51 40.43 -52.23
CA LEU C 98 -35.95 39.64 -53.30
C LEU C 98 -36.58 38.27 -53.29
N GLU C 99 -37.23 37.93 -54.39
CA GLU C 99 -37.58 36.56 -54.68
C GLU C 99 -36.72 36.07 -55.82
N LEU C 100 -35.99 35.00 -55.56
CA LEU C 100 -35.15 34.44 -56.59
C LEU C 100 -35.46 32.97 -56.75
N SER C 101 -35.60 32.53 -57.99
CA SER C 101 -35.43 31.11 -58.24
C SER C 101 -34.70 30.92 -59.56
N ALA C 102 -33.38 30.83 -59.51
CA ALA C 102 -32.69 30.14 -60.57
C ALA C 102 -32.95 28.66 -60.39
N ARG C 103 -32.77 27.92 -61.46
CA ARG C 103 -33.13 26.52 -61.48
C ARG C 103 -32.42 25.84 -62.62
N HIS C 104 -31.55 24.89 -62.29
CA HIS C 104 -30.77 24.19 -63.29
C HIS C 104 -31.72 23.27 -64.02
N GLU C 105 -32.40 23.83 -65.02
CA GLU C 105 -33.24 23.08 -65.92
C GLU C 105 -32.39 22.53 -67.05
N GLY C 106 -32.63 21.28 -67.39
CA GLY C 106 -31.71 20.53 -68.21
C GLY C 106 -30.83 19.77 -67.25
N GLU C 107 -30.57 18.50 -67.53
CA GLU C 107 -30.06 17.64 -66.49
C GLU C 107 -28.54 17.51 -66.53
N GLU C 108 -27.85 18.52 -67.05
CA GLU C 108 -26.41 18.48 -67.19
C GLU C 108 -25.81 19.85 -66.95
N GLY C 109 -24.98 19.94 -65.92
CA GLY C 109 -24.08 21.07 -65.83
C GLY C 109 -24.20 21.93 -64.58
N THR C 110 -23.43 23.01 -64.62
CA THR C 110 -23.09 23.85 -63.49
C THR C 110 -23.83 25.16 -63.59
N THR C 111 -24.57 25.50 -62.55
CA THR C 111 -25.40 26.70 -62.55
C THR C 111 -24.99 27.61 -61.41
N ASP C 112 -24.33 28.72 -61.73
CA ASP C 112 -23.86 29.62 -60.70
C ASP C 112 -24.84 30.75 -60.49
N VAL C 113 -25.65 30.66 -59.43
CA VAL C 113 -26.53 31.73 -59.02
C VAL C 113 -25.65 32.88 -58.60
N TYR C 114 -25.57 33.92 -59.41
CA TYR C 114 -24.72 35.04 -59.08
C TYR C 114 -25.50 36.20 -58.49
N SER C 115 -24.72 37.22 -58.18
CA SER C 115 -25.30 38.45 -57.68
C SER C 115 -26.10 39.16 -58.75
N SER C 116 -25.71 39.04 -60.02
CA SER C 116 -26.41 39.81 -61.03
C SER C 116 -27.77 39.24 -61.35
N SER C 117 -28.03 37.98 -61.02
CA SER C 117 -29.34 37.42 -61.27
C SER C 117 -30.34 37.77 -60.18
N LEU C 118 -29.89 38.39 -59.11
CA LEU C 118 -30.75 38.67 -57.97
C LEU C 118 -31.77 39.73 -58.37
N ILE C 119 -33.05 39.47 -58.11
CA ILE C 119 -34.13 40.32 -58.60
C ILE C 119 -34.73 41.12 -57.47
N LYS C 120 -34.69 42.43 -57.59
CA LYS C 120 -35.58 43.25 -56.81
C LYS C 120 -36.99 43.11 -57.35
N VAL C 121 -37.90 42.70 -56.47
CA VAL C 121 -39.31 42.62 -56.80
C VAL C 121 -40.05 43.85 -56.34
N SER C 122 -39.78 44.31 -55.13
CA SER C 122 -40.39 45.55 -54.66
C SER C 122 -39.41 46.24 -53.72
N GLY C 123 -39.86 47.31 -53.10
CA GLY C 123 -39.01 48.27 -52.45
C GLY C 123 -39.76 49.58 -52.45
N PRO C 124 -39.56 50.42 -51.45
CA PRO C 124 -40.29 51.69 -51.41
C PRO C 124 -39.72 52.67 -52.42
N GLY C 125 -40.09 52.44 -53.67
CA GLY C 125 -39.38 53.07 -54.77
C GLY C 125 -39.82 54.49 -55.01
N ASN C 126 -39.19 55.13 -56.00
CA ASN C 126 -38.18 54.52 -56.88
C ASN C 126 -36.77 54.79 -56.41
N LEU C 127 -36.59 54.83 -55.09
CA LEU C 127 -35.27 54.98 -54.51
C LEU C 127 -34.41 53.79 -54.90
N ASN C 128 -33.25 54.06 -55.49
CA ASN C 128 -32.45 53.00 -56.11
C ASN C 128 -31.69 52.28 -55.01
N VAL C 129 -32.42 51.50 -54.23
CA VAL C 129 -31.86 50.75 -53.12
C VAL C 129 -31.85 49.29 -53.52
N GLY C 130 -31.09 48.48 -52.79
CA GLY C 130 -31.22 47.04 -52.84
C GLY C 130 -30.78 46.38 -54.13
N GLU C 131 -30.25 47.12 -55.06
CA GLU C 131 -29.62 46.47 -56.17
C GLU C 131 -28.31 45.88 -55.68
N PRO C 132 -27.90 44.73 -56.17
CA PRO C 132 -26.54 44.26 -55.87
C PRO C 132 -25.54 45.20 -56.50
N VAL C 133 -24.47 45.48 -55.76
CA VAL C 133 -23.50 46.44 -56.24
C VAL C 133 -22.71 45.83 -57.37
N ARG C 134 -22.52 46.61 -58.43
CA ARG C 134 -21.93 46.16 -59.66
C ARG C 134 -20.63 46.89 -59.89
N ARG C 135 -19.54 46.12 -60.03
CA ARG C 135 -18.24 46.72 -60.36
C ARG C 135 -18.29 47.42 -61.70
N ASP C 136 -18.42 46.63 -62.75
CA ASP C 136 -18.80 47.10 -64.05
C ASP C 136 -20.26 46.70 -64.15
N ASP C 137 -20.88 46.90 -65.31
CA ASP C 137 -22.23 46.37 -65.43
C ASP C 137 -22.24 44.91 -65.86
N TYR C 138 -21.11 44.39 -66.31
CA TYR C 138 -20.93 42.98 -66.64
C TYR C 138 -20.35 42.21 -65.47
N ASP C 139 -20.74 42.62 -64.27
CA ASP C 139 -20.27 42.07 -63.02
C ASP C 139 -21.27 41.04 -62.51
N GLN C 140 -21.09 39.78 -62.93
CA GLN C 140 -21.95 38.72 -62.43
C GLN C 140 -21.82 38.54 -60.94
N GLY C 141 -20.62 38.30 -60.45
CA GLY C 141 -20.28 38.69 -59.10
C GLY C 141 -20.22 37.61 -58.04
N ILE C 142 -21.07 37.74 -57.04
CA ILE C 142 -20.97 37.02 -55.79
C ILE C 142 -21.37 35.57 -55.98
N LEU C 143 -20.50 34.69 -55.55
CA LEU C 143 -20.65 33.28 -55.86
C LEU C 143 -21.53 32.60 -54.83
N LEU C 144 -22.84 32.61 -55.06
CA LEU C 144 -23.80 32.10 -54.09
C LEU C 144 -24.03 30.60 -54.13
N CYS C 145 -24.04 29.95 -55.29
CA CYS C 145 -24.42 28.56 -55.31
C CYS C 145 -23.89 27.92 -56.58
N LYS C 146 -23.72 26.61 -56.53
CA LYS C 146 -23.48 25.87 -57.74
C LYS C 146 -24.53 24.78 -57.86
N LEU C 147 -25.43 24.92 -58.83
CA LEU C 147 -26.57 24.03 -58.94
C LEU C 147 -26.42 23.05 -60.08
N ARG C 148 -26.95 21.84 -59.85
CA ARG C 148 -27.03 20.74 -60.80
C ARG C 148 -28.48 20.27 -60.95
N ASN C 149 -28.61 19.10 -61.59
CA ASN C 149 -29.83 18.51 -62.13
C ASN C 149 -31.02 18.65 -61.20
N HIS C 150 -32.04 19.36 -61.68
CA HIS C 150 -33.32 19.60 -61.04
C HIS C 150 -33.25 20.25 -59.68
N GLN C 151 -32.10 20.77 -59.25
CA GLN C 151 -31.95 21.18 -57.86
C GLN C 151 -32.63 22.51 -57.64
N GLU C 152 -33.91 22.44 -57.31
CA GLU C 152 -34.74 23.62 -57.30
C GLU C 152 -34.38 24.47 -56.09
N LEU C 153 -34.01 25.69 -56.39
CA LEU C 153 -33.63 26.67 -55.39
C LEU C 153 -34.56 27.86 -55.59
N ASN C 154 -35.62 27.92 -54.80
CA ASN C 154 -36.53 29.07 -54.85
C ASN C 154 -36.49 29.75 -53.50
N ILE C 155 -35.98 30.97 -53.47
CA ILE C 155 -35.75 31.69 -52.23
C ILE C 155 -36.47 33.02 -52.26
N ARG C 156 -36.86 33.47 -51.06
CA ARG C 156 -37.53 34.75 -50.89
C ARG C 156 -36.92 35.47 -49.71
N CYS C 157 -36.26 36.58 -49.98
CA CYS C 157 -35.63 37.37 -48.94
C CYS C 157 -36.37 38.66 -48.69
N ILE C 158 -36.18 39.21 -47.50
CA ILE C 158 -36.60 40.55 -47.14
C ILE C 158 -35.31 41.32 -46.98
N ALA C 159 -35.33 42.63 -47.18
CA ALA C 159 -34.19 43.47 -46.88
C ALA C 159 -34.59 44.56 -45.90
N LYS C 160 -33.96 44.58 -44.73
CA LYS C 160 -34.27 45.57 -43.73
C LYS C 160 -32.99 46.22 -43.24
N LYS C 161 -33.14 47.23 -42.41
CA LYS C 161 -32.10 48.24 -42.26
C LYS C 161 -31.45 48.21 -40.90
N GLY C 162 -30.22 47.73 -40.86
CA GLY C 162 -29.50 47.55 -39.61
C GLY C 162 -28.13 48.18 -39.73
N ILE C 163 -27.45 48.27 -38.58
CA ILE C 163 -26.17 48.93 -38.49
C ILE C 163 -25.16 47.88 -38.12
N ALA C 164 -23.90 48.28 -37.99
CA ALA C 164 -22.90 47.27 -37.66
C ALA C 164 -23.01 46.79 -36.22
N LYS C 165 -23.74 47.51 -35.37
CA LYS C 165 -23.84 47.12 -33.96
C LYS C 165 -24.64 45.85 -33.77
N GLU C 166 -25.69 45.67 -34.55
CA GLU C 166 -26.47 44.45 -34.46
C GLU C 166 -25.63 43.24 -34.88
N HIS C 167 -24.84 43.42 -35.92
CA HIS C 167 -24.18 42.34 -36.59
C HIS C 167 -23.32 42.99 -37.64
N ALA C 168 -22.27 42.32 -38.08
CA ALA C 168 -21.43 42.99 -39.07
C ALA C 168 -21.79 42.64 -40.50
N LYS C 169 -22.94 42.04 -40.74
CA LYS C 169 -23.36 41.98 -42.12
C LYS C 169 -23.80 43.34 -42.61
N TRP C 170 -24.12 44.25 -41.70
CA TRP C 170 -24.32 45.63 -42.06
C TRP C 170 -23.05 46.45 -41.92
N SER C 171 -21.91 45.89 -42.23
CA SER C 171 -20.71 46.71 -42.36
C SER C 171 -20.83 47.62 -43.57
N PRO C 172 -20.77 48.94 -43.38
CA PRO C 172 -20.64 49.82 -44.54
C PRO C 172 -19.31 49.69 -45.24
N CYS C 173 -18.21 49.57 -44.54
CA CYS C 173 -16.91 49.68 -45.17
C CYS C 173 -15.91 48.70 -44.61
N SER C 174 -14.71 48.74 -45.18
CA SER C 174 -13.82 47.61 -45.20
C SER C 174 -12.60 47.72 -44.31
N ALA C 175 -11.75 48.73 -44.51
CA ALA C 175 -10.49 48.75 -43.78
C ALA C 175 -9.93 50.16 -43.70
N ILE C 176 -9.54 50.58 -42.50
CA ILE C 176 -9.28 51.99 -42.22
C ILE C 176 -7.85 52.15 -41.73
N ALA C 177 -6.98 52.69 -42.58
CA ALA C 177 -5.67 53.10 -42.11
C ALA C 177 -5.79 54.33 -41.22
N PHE C 178 -4.74 54.60 -40.45
CA PHE C 178 -4.78 55.68 -39.48
C PHE C 178 -3.36 55.90 -39.02
N GLU C 179 -2.79 57.09 -39.22
CA GLU C 179 -1.56 57.42 -38.52
C GLU C 179 -1.31 58.91 -38.48
N TYR C 180 -0.55 59.31 -37.48
CA TYR C 180 -0.23 60.68 -37.13
C TYR C 180 1.17 60.64 -36.54
N ASP C 181 1.92 61.73 -36.77
CA ASP C 181 3.31 61.84 -36.37
C ASP C 181 4.13 60.64 -36.87
N PRO C 182 4.38 60.55 -38.16
CA PRO C 182 5.13 59.40 -38.67
C PRO C 182 6.59 59.41 -38.28
N HIS C 183 7.12 60.53 -37.80
CA HIS C 183 8.48 60.58 -37.32
C HIS C 183 8.59 60.68 -35.81
N ASN C 184 7.52 60.39 -35.07
CA ASN C 184 7.56 60.13 -33.63
C ASN C 184 8.08 61.32 -32.84
N LYS C 185 7.81 62.53 -33.35
CA LYS C 185 8.34 63.73 -32.71
C LYS C 185 7.67 64.05 -31.38
N LEU C 186 6.67 63.28 -30.98
CA LEU C 186 6.14 63.42 -29.65
C LEU C 186 6.71 62.42 -28.68
N LYS C 187 7.42 61.40 -29.19
CA LYS C 187 7.77 60.19 -28.45
C LYS C 187 6.56 59.59 -27.74
N HIS C 188 5.40 59.65 -28.37
CA HIS C 188 4.30 58.83 -27.92
C HIS C 188 4.58 57.37 -28.07
N THR C 189 5.27 56.96 -29.11
CA THR C 189 5.63 55.57 -29.15
C THR C 189 7.10 55.44 -28.81
N ASP C 190 7.46 54.23 -28.47
CA ASP C 190 8.80 53.87 -28.05
C ASP C 190 9.15 52.64 -28.85
N PHE C 191 10.21 52.70 -29.62
CA PHE C 191 10.59 51.55 -30.39
C PHE C 191 11.26 50.51 -29.50
N TRP C 192 10.91 49.26 -29.75
CA TRP C 192 11.78 48.16 -29.38
C TRP C 192 12.87 48.05 -30.43
N PHE C 193 14.10 47.80 -30.00
CA PHE C 193 15.20 47.83 -30.93
C PHE C 193 16.34 46.95 -30.45
N GLU C 194 16.91 46.20 -31.38
CA GLU C 194 18.12 45.48 -31.07
C GLU C 194 19.28 46.46 -30.97
N VAL C 195 19.57 47.11 -32.09
CA VAL C 195 20.87 47.71 -32.30
C VAL C 195 20.70 49.22 -32.24
N ASP C 196 19.79 49.74 -33.06
CA ASP C 196 19.71 51.18 -33.24
C ASP C 196 18.36 51.53 -33.84
N ALA C 197 17.72 52.55 -33.28
CA ALA C 197 16.31 52.78 -33.52
C ALA C 197 16.06 53.29 -34.92
N LYS C 198 17.02 53.98 -35.50
CA LYS C 198 16.71 54.67 -36.74
C LYS C 198 16.74 53.72 -37.92
N LYS C 199 17.56 52.69 -37.87
CA LYS C 199 17.83 51.92 -39.08
C LYS C 199 16.69 50.99 -39.45
N GLU C 200 16.06 50.36 -38.47
CA GLU C 200 15.32 49.14 -38.78
C GLU C 200 13.84 49.32 -38.99
N TRP C 201 13.22 50.36 -38.47
CA TRP C 201 11.81 50.60 -38.70
C TRP C 201 11.62 51.42 -39.95
N PRO C 202 11.06 50.86 -41.01
CA PRO C 202 11.05 51.56 -42.29
C PRO C 202 10.03 52.66 -42.30
N ASP C 203 10.28 53.62 -43.19
CA ASP C 203 9.57 54.90 -43.18
C ASP C 203 8.12 54.69 -43.55
N SER C 204 7.30 55.63 -43.15
CA SER C 204 5.91 55.55 -43.50
C SER C 204 5.70 55.90 -44.96
N LYS C 205 4.53 55.56 -45.46
CA LYS C 205 4.02 56.13 -46.69
C LYS C 205 3.61 57.57 -46.53
N TYR C 206 3.68 58.13 -45.34
CA TYR C 206 3.56 59.56 -45.16
C TYR C 206 4.84 60.17 -44.61
N ALA C 207 5.96 59.45 -44.71
CA ALA C 207 7.23 60.05 -44.32
C ALA C 207 7.58 61.20 -45.23
N THR C 208 7.37 61.04 -46.52
CA THR C 208 7.78 62.02 -47.49
C THR C 208 6.82 63.19 -47.58
N TRP C 209 5.76 63.21 -46.79
CA TRP C 209 4.92 64.39 -46.69
C TRP C 209 5.38 65.36 -45.63
N GLU C 210 6.39 65.01 -44.84
CA GLU C 210 6.99 65.93 -43.88
C GLU C 210 8.50 65.74 -43.86
N GLU C 211 9.14 66.44 -42.92
CA GLU C 211 10.59 66.58 -42.73
C GLU C 211 11.08 65.60 -41.68
N PRO C 212 12.38 65.32 -41.61
CA PRO C 212 12.91 64.55 -40.49
C PRO C 212 13.04 65.41 -39.24
N PRO C 213 13.35 64.82 -38.09
CA PRO C 213 13.72 65.64 -36.94
C PRO C 213 15.23 65.87 -36.91
N LYS C 214 15.63 66.98 -36.29
CA LYS C 214 17.04 67.31 -36.17
C LYS C 214 17.53 66.88 -34.79
N PRO C 215 18.73 66.29 -34.71
CA PRO C 215 19.18 65.72 -33.44
C PRO C 215 19.42 66.74 -32.33
N GLY C 216 19.62 68.00 -32.67
CA GLY C 216 19.87 69.01 -31.65
C GLY C 216 18.60 69.55 -31.04
N GLU C 217 17.46 69.21 -31.61
CA GLU C 217 16.21 69.75 -31.12
C GLU C 217 15.82 69.10 -29.80
N VAL C 218 15.24 69.88 -28.89
CA VAL C 218 14.73 69.35 -27.64
C VAL C 218 13.37 68.72 -27.87
N PHE C 219 12.91 68.02 -26.84
CA PHE C 219 11.58 67.45 -26.79
C PHE C 219 10.55 68.56 -26.67
N ASP C 220 9.80 68.79 -27.73
CA ASP C 220 8.77 69.82 -27.69
C ASP C 220 7.62 69.28 -26.87
N TYR C 221 7.72 69.48 -25.57
CA TYR C 221 6.74 69.04 -24.60
C TYR C 221 5.40 69.74 -24.76
N LYS C 222 5.34 70.99 -25.19
CA LYS C 222 4.04 71.59 -25.41
C LYS C 222 3.48 71.33 -26.79
N ALA C 223 4.15 70.52 -27.60
CA ALA C 223 3.57 70.12 -28.86
C ALA C 223 2.53 69.04 -28.63
N LYS C 224 1.63 68.89 -29.59
CA LYS C 224 0.56 67.90 -29.54
C LYS C 224 0.50 67.24 -30.92
N PRO C 225 -0.19 66.10 -31.07
CA PRO C 225 -0.36 65.54 -32.42
C PRO C 225 -1.30 66.41 -33.24
N ASN C 226 -0.98 66.59 -34.51
CA ASN C 226 -1.76 67.59 -35.21
C ASN C 226 -2.09 67.30 -36.65
N ARG C 227 -1.47 66.29 -37.26
CA ARG C 227 -1.77 65.93 -38.64
C ARG C 227 -1.97 64.43 -38.77
N PHE C 228 -3.04 64.04 -39.45
CA PHE C 228 -3.55 62.69 -39.47
C PHE C 228 -3.54 62.20 -40.90
N TYR C 229 -3.79 60.91 -41.11
CA TYR C 229 -3.99 60.35 -42.44
C TYR C 229 -4.88 59.13 -42.29
N MET C 230 -5.95 59.04 -43.07
CA MET C 230 -6.76 57.84 -42.97
C MET C 230 -7.19 57.39 -44.35
N THR C 231 -7.74 56.18 -44.43
CA THR C 231 -8.08 55.55 -45.70
C THR C 231 -9.42 54.86 -45.57
N VAL C 232 -10.45 55.46 -46.12
CA VAL C 232 -11.81 54.96 -45.99
C VAL C 232 -12.17 54.28 -47.30
N GLU C 233 -11.96 52.98 -47.41
CA GLU C 233 -12.31 52.28 -48.65
C GLU C 233 -13.81 52.01 -48.71
N THR C 234 -14.24 51.44 -49.83
CA THR C 234 -15.64 51.13 -50.02
C THR C 234 -15.81 49.65 -50.32
N THR C 235 -16.97 49.14 -49.92
CA THR C 235 -17.50 47.87 -50.39
C THR C 235 -18.19 48.01 -51.73
N GLY C 236 -18.37 49.23 -52.18
CA GLY C 236 -19.23 49.49 -53.30
C GLY C 236 -20.64 49.84 -52.89
N SER C 237 -21.02 49.59 -51.64
CA SER C 237 -22.38 49.83 -51.20
C SER C 237 -22.70 51.30 -51.19
N LEU C 238 -21.72 52.12 -50.89
CA LEU C 238 -21.83 53.56 -50.99
C LEU C 238 -20.64 54.03 -51.80
N LYS C 239 -20.62 55.30 -52.15
CA LYS C 239 -19.39 55.87 -52.66
C LYS C 239 -18.72 56.66 -51.54
N ALA C 240 -17.38 56.76 -51.61
CA ALA C 240 -16.58 57.07 -50.42
C ALA C 240 -16.88 58.45 -49.86
N ASN C 241 -17.15 59.40 -50.74
CA ASN C 241 -17.63 60.71 -50.33
C ASN C 241 -18.93 60.62 -49.54
N GLN C 242 -19.85 59.77 -49.98
CA GLN C 242 -21.12 59.62 -49.28
C GLN C 242 -20.90 58.97 -47.93
N VAL C 243 -19.96 58.03 -47.87
CA VAL C 243 -19.59 57.35 -46.63
C VAL C 243 -19.15 58.34 -45.60
N PHE C 244 -18.16 59.14 -45.98
CA PHE C 244 -17.58 60.16 -45.15
C PHE C 244 -18.64 61.14 -44.68
N SER C 245 -19.48 61.58 -45.63
CA SER C 245 -20.51 62.57 -45.34
C SER C 245 -21.50 62.04 -44.34
N ARG C 246 -22.03 60.85 -44.59
CA ARG C 246 -23.07 60.34 -43.72
C ARG C 246 -22.52 59.87 -42.39
N GLY C 247 -21.25 59.47 -42.35
CA GLY C 247 -20.64 59.11 -41.08
C GLY C 247 -20.52 60.31 -40.18
N ILE C 248 -20.06 61.42 -40.75
CA ILE C 248 -20.05 62.67 -40.01
C ILE C 248 -21.45 63.04 -39.60
N LYS C 249 -22.41 62.85 -40.52
CA LYS C 249 -23.80 63.23 -40.27
C LYS C 249 -24.39 62.44 -39.13
N THR C 250 -24.13 61.14 -39.11
CA THR C 250 -24.66 60.28 -38.06
C THR C 250 -24.04 60.62 -36.73
N LEU C 251 -22.75 60.92 -36.75
CA LEU C 251 -22.05 61.24 -35.51
C LEU C 251 -22.56 62.56 -34.94
N GLN C 252 -22.84 63.52 -35.82
CA GLN C 252 -23.57 64.72 -35.46
C GLN C 252 -24.88 64.41 -34.80
N GLU C 253 -25.64 63.48 -35.38
CA GLU C 253 -26.99 63.23 -34.89
C GLU C 253 -26.98 62.58 -33.53
N LYS C 254 -26.01 61.71 -33.28
CA LYS C 254 -25.88 61.11 -31.95
C LYS C 254 -25.47 62.15 -30.92
N LEU C 255 -24.53 63.01 -31.30
CA LEU C 255 -24.10 64.07 -30.39
C LEU C 255 -25.24 65.03 -30.11
N ALA C 256 -26.06 65.29 -31.11
CA ALA C 256 -27.18 66.20 -30.93
C ALA C 256 -28.26 65.58 -30.07
N ASN C 257 -28.41 64.26 -30.14
CA ASN C 257 -29.39 63.62 -29.27
C ASN C 257 -28.94 63.66 -27.83
N VAL C 258 -27.62 63.52 -27.60
CA VAL C 258 -27.09 63.69 -26.25
C VAL C 258 -27.34 65.10 -25.76
N LEU C 259 -27.15 66.08 -26.64
CA LEU C 259 -27.46 67.47 -26.35
C LEU C 259 -28.92 67.65 -25.97
N PHE C 260 -29.82 66.98 -26.70
CA PHE C 260 -31.24 67.18 -26.43
C PHE C 260 -31.64 66.52 -25.13
N GLU C 261 -31.02 65.39 -24.80
CA GLU C 261 -31.36 64.77 -23.54
C GLU C 261 -30.84 65.57 -22.38
N LEU C 262 -29.70 66.25 -22.58
CA LEU C 262 -29.26 67.24 -21.62
C LEU C 262 -30.29 68.32 -21.45
N GLU C 263 -30.71 68.92 -22.54
CA GLU C 263 -31.58 70.07 -22.48
C GLU C 263 -33.02 69.71 -22.11
N ASN C 264 -33.41 68.45 -22.22
CA ASN C 264 -34.74 68.01 -21.85
C ASN C 264 -34.81 67.51 -20.43
N SER C 265 -33.75 66.84 -19.96
CA SER C 265 -33.54 66.70 -18.53
C SER C 265 -33.49 68.04 -17.84
N ARG C 266 -32.83 69.01 -18.47
CA ARG C 266 -32.90 70.41 -18.08
C ARG C 266 -34.33 70.90 -18.24
N VAL D 3 -46.07 11.33 24.45
CA VAL D 3 -46.34 12.74 24.70
C VAL D 3 -45.82 13.15 26.08
N SER D 4 -46.63 12.94 27.12
CA SER D 4 -46.20 13.26 28.48
C SER D 4 -45.51 12.03 29.08
N THR D 5 -44.37 12.25 29.74
CA THR D 5 -43.55 11.17 30.26
C THR D 5 -43.23 11.43 31.73
N SER D 6 -42.52 10.47 32.36
CA SER D 6 -42.28 10.56 33.79
C SER D 6 -40.81 10.44 34.17
N THR D 7 -40.55 10.32 35.48
CA THR D 7 -39.19 10.18 35.99
C THR D 7 -38.57 8.83 35.68
N VAL D 8 -39.37 7.75 35.72
CA VAL D 8 -38.79 6.42 35.49
C VAL D 8 -38.42 6.28 34.02
N GLY D 9 -37.13 6.00 33.77
CA GLY D 9 -36.68 5.75 32.41
C GLY D 9 -36.03 4.41 32.21
N GLU D 22 -47.88 -8.60 35.35
CA GLU D 22 -49.31 -8.35 35.16
C GLU D 22 -49.88 -7.68 36.41
N GLU D 23 -50.49 -6.51 36.19
CA GLU D 23 -51.03 -5.73 37.30
C GLU D 23 -52.20 -6.41 37.97
N ASN D 24 -52.04 -6.65 39.27
CA ASN D 24 -53.01 -7.33 40.12
C ASN D 24 -53.01 -6.51 41.40
N ALA D 25 -54.07 -5.74 41.68
CA ALA D 25 -54.07 -4.99 42.93
C ALA D 25 -54.09 -5.90 44.15
N THR D 26 -54.67 -7.10 44.01
CA THR D 26 -54.69 -8.07 45.10
C THR D 26 -53.28 -8.49 45.49
N LEU D 27 -52.40 -8.70 44.50
CA LEU D 27 -51.02 -9.10 44.77
C LEU D 27 -50.04 -7.92 44.84
N LEU D 28 -50.55 -6.68 44.89
CA LEU D 28 -49.70 -5.49 44.96
C LEU D 28 -48.71 -5.39 43.80
N ARG D 29 -49.14 -5.78 42.60
CA ARG D 29 -48.31 -5.59 41.42
C ARG D 29 -48.88 -4.40 40.65
N LEU D 30 -48.23 -3.25 40.77
CA LEU D 30 -48.75 -2.00 40.21
C LEU D 30 -48.03 -1.56 38.95
N GLY D 31 -47.14 -2.38 38.41
CA GLY D 31 -46.45 -2.05 37.18
C GLY D 31 -45.21 -1.21 37.39
N PRO D 32 -44.57 -0.84 36.28
CA PRO D 32 -43.26 -0.16 36.35
C PRO D 32 -43.33 1.28 36.81
N GLU D 33 -44.49 1.92 36.68
CA GLU D 33 -44.64 3.34 37.03
C GLU D 33 -44.87 3.56 38.51
N PHE D 34 -45.46 2.60 39.22
CA PHE D 34 -45.84 2.88 40.60
C PHE D 34 -45.10 1.99 41.60
N ALA D 35 -43.79 1.88 41.41
CA ALA D 35 -42.90 1.19 42.35
C ALA D 35 -42.93 1.86 43.72
N LEU D 36 -42.47 1.12 44.74
CA LEU D 36 -42.41 1.65 46.09
C LEU D 36 -41.52 2.89 46.18
N LYS D 37 -40.34 2.86 45.56
CA LYS D 37 -39.41 3.98 45.58
C LYS D 37 -39.50 4.74 44.25
N GLN D 38 -39.99 5.98 44.31
CA GLN D 38 -40.02 6.90 43.18
C GLN D 38 -38.87 7.90 43.27
N TYR D 39 -38.71 8.69 42.20
CA TYR D 39 -37.71 9.76 42.18
C TYR D 39 -38.35 11.04 41.70
N ASP D 40 -38.03 12.15 42.38
CA ASP D 40 -38.55 13.46 42.00
C ASP D 40 -37.73 14.03 40.84
N HIS D 41 -38.06 15.28 40.44
CA HIS D 41 -37.34 15.92 39.34
C HIS D 41 -35.93 16.35 39.68
N ASP D 42 -35.36 15.99 40.83
CA ASP D 42 -33.97 16.30 41.14
C ASP D 42 -33.11 15.05 41.27
N GLY D 43 -33.70 13.86 41.16
CA GLY D 43 -32.98 12.62 41.32
C GLY D 43 -32.99 12.06 42.71
N ASN D 44 -33.62 12.76 43.66
CA ASN D 44 -33.66 12.29 45.03
C ASN D 44 -34.66 11.15 45.18
N GLU D 45 -34.33 10.21 46.04
CA GLU D 45 -35.18 9.05 46.29
C GLU D 45 -36.38 9.47 47.13
N HIS D 46 -37.49 8.78 46.94
CA HIS D 46 -38.74 9.16 47.56
C HIS D 46 -39.69 7.98 47.53
N ASP D 47 -40.38 7.76 48.66
CA ASP D 47 -41.40 6.73 48.74
C ASP D 47 -42.59 7.10 47.87
N LEU D 48 -43.26 6.07 47.34
CA LEU D 48 -44.42 6.30 46.47
C LEU D 48 -45.51 7.03 47.22
N ILE D 49 -46.13 8.00 46.56
CA ILE D 49 -47.15 8.85 47.17
C ILE D 49 -48.50 8.33 46.67
N ALA D 50 -49.09 7.44 47.45
CA ALA D 50 -50.44 6.95 47.24
C ALA D 50 -51.38 7.77 48.11
N LEU D 51 -52.53 8.14 47.55
CA LEU D 51 -53.41 9.10 48.21
C LEU D 51 -54.77 8.46 48.46
N SER D 52 -55.23 8.55 49.71
CA SER D 52 -56.59 8.15 50.02
C SER D 52 -57.57 9.11 49.36
N LEU D 53 -58.84 8.73 49.35
CA LEU D 53 -59.86 9.59 48.78
C LEU D 53 -59.92 10.92 49.51
N SER D 54 -59.59 10.91 50.79
CA SER D 54 -59.71 12.11 51.62
C SER D 54 -58.54 13.07 51.39
N GLU D 55 -57.31 12.53 51.40
CA GLU D 55 -56.13 13.29 50.98
C GLU D 55 -56.34 13.95 49.62
N SER D 56 -56.67 13.14 48.61
CA SER D 56 -56.88 13.62 47.25
C SER D 56 -57.91 14.75 47.18
N ARG D 57 -58.94 14.69 48.01
CA ARG D 57 -59.94 15.74 47.99
C ARG D 57 -59.32 17.05 48.44
N LEU D 58 -58.44 17.01 49.45
CA LEU D 58 -57.80 18.24 49.93
C LEU D 58 -56.86 18.83 48.89
N LEU D 59 -55.95 18.00 48.34
CA LEU D 59 -55.00 18.50 47.33
C LEU D 59 -55.72 19.10 46.12
N ILE D 60 -56.67 18.37 45.54
CA ILE D 60 -57.30 18.85 44.32
C ILE D 60 -58.04 20.15 44.56
N ARG D 61 -58.80 20.22 45.66
CA ARG D 61 -59.53 21.44 45.97
C ARG D 61 -58.59 22.59 46.31
N GLU D 62 -57.52 22.31 47.05
CA GLU D 62 -56.57 23.37 47.38
C GLU D 62 -55.89 23.89 46.10
N ALA D 63 -55.39 22.98 45.27
CA ALA D 63 -54.70 23.36 44.05
C ALA D 63 -55.59 24.19 43.12
N LEU D 64 -56.88 23.86 43.05
CA LEU D 64 -57.75 24.56 42.11
C LEU D 64 -58.04 25.97 42.59
N LYS D 65 -58.28 26.15 43.88
CA LYS D 65 -58.58 27.50 44.37
C LYS D 65 -57.31 28.34 44.50
N ALA D 66 -56.16 27.71 44.75
CA ALA D 66 -54.88 28.42 44.73
C ALA D 66 -54.54 28.93 43.34
N ARG D 67 -54.84 28.14 42.30
CA ARG D 67 -54.61 28.61 40.93
C ARG D 67 -55.54 29.77 40.59
N SER D 68 -56.79 29.71 41.05
CA SER D 68 -57.73 30.80 40.80
C SER D 68 -57.30 32.07 41.51
N ARG D 69 -56.75 31.94 42.70
CA ARG D 69 -56.31 33.11 43.45
C ARG D 69 -55.08 33.74 42.81
N ALA D 70 -54.14 32.92 42.33
CA ALA D 70 -52.94 33.44 41.66
C ALA D 70 -53.30 34.20 40.39
N ARG D 71 -54.28 33.73 39.64
CA ARG D 71 -54.73 34.46 38.45
C ARG D 71 -55.41 35.77 38.80
N ASN D 72 -55.93 35.90 40.02
CA ASN D 72 -56.57 37.14 40.47
C ASN D 72 -55.61 38.04 41.25
N GLY D 73 -54.31 37.78 41.18
CA GLY D 73 -53.36 38.63 41.85
C GLY D 73 -53.40 38.59 43.37
N GLY D 74 -54.16 37.67 43.96
CA GLY D 74 -54.21 37.59 45.41
C GLY D 74 -55.43 38.22 46.05
N VAL D 75 -56.62 37.95 45.51
CA VAL D 75 -57.86 38.24 46.21
C VAL D 75 -58.40 36.99 46.90
N ILE D 84 -64.92 27.23 47.15
CA ILE D 84 -66.15 26.95 47.89
C ILE D 84 -66.92 25.79 47.22
N ASP D 85 -67.65 26.09 46.14
CA ASP D 85 -68.49 25.12 45.46
C ASP D 85 -67.67 24.33 44.43
N ASP D 86 -67.98 23.04 44.31
CA ASP D 86 -67.19 22.17 43.43
C ASP D 86 -67.48 22.45 41.95
N ASP D 87 -68.74 22.73 41.61
CA ASP D 87 -69.05 23.03 40.21
C ASP D 87 -68.39 24.32 39.76
N GLU D 88 -68.20 25.26 40.68
CA GLU D 88 -67.48 26.49 40.39
C GLU D 88 -65.97 26.28 40.46
N LEU D 89 -65.52 25.44 41.40
CA LEU D 89 -64.09 25.17 41.56
C LEU D 89 -63.52 24.40 40.37
N ALA D 90 -64.33 23.55 39.73
CA ALA D 90 -63.89 22.80 38.57
C ALA D 90 -63.82 23.64 37.30
N LYS D 91 -64.45 24.82 37.30
CA LYS D 91 -64.38 25.73 36.16
C LYS D 91 -63.04 26.45 36.07
N VAL D 92 -62.19 26.33 37.09
CA VAL D 92 -60.84 26.88 37.03
C VAL D 92 -60.00 26.22 35.93
N THR D 93 -60.29 24.96 35.60
CA THR D 93 -59.55 24.23 34.58
C THR D 93 -59.76 24.82 33.18
N SER D 94 -58.92 24.38 32.25
CA SER D 94 -58.85 24.92 30.90
C SER D 94 -59.29 23.83 29.94
N GLY D 95 -60.42 24.05 29.26
CA GLY D 95 -60.90 23.08 28.29
C GLY D 95 -62.04 22.23 28.83
N ALA D 96 -63.02 21.92 27.98
CA ALA D 96 -64.20 21.18 28.42
C ALA D 96 -63.86 19.75 28.85
N VAL D 97 -62.82 19.15 28.29
CA VAL D 97 -62.40 17.82 28.72
C VAL D 97 -61.93 17.86 30.18
N ALA D 98 -61.14 18.87 30.54
CA ALA D 98 -60.67 19.01 31.91
C ALA D 98 -61.80 19.38 32.86
N ASN D 99 -62.72 20.26 32.43
CA ASN D 99 -63.87 20.56 33.27
C ASN D 99 -64.63 19.29 33.63
N GLY D 100 -64.75 18.38 32.67
CA GLY D 100 -65.47 17.13 32.85
C GLY D 100 -64.80 16.21 33.85
N VAL D 101 -63.53 15.89 33.63
CA VAL D 101 -62.84 14.95 34.50
C VAL D 101 -62.76 15.49 35.92
N VAL D 102 -62.59 16.80 36.07
CA VAL D 102 -62.42 17.37 37.40
C VAL D 102 -63.76 17.41 38.13
N LYS D 103 -64.83 17.80 37.44
CA LYS D 103 -66.15 17.81 38.06
C LYS D 103 -66.58 16.40 38.46
N LYS D 104 -66.37 15.42 37.58
CA LYS D 104 -66.72 14.04 37.94
C LYS D 104 -65.87 13.53 39.09
N THR D 105 -64.62 14.01 39.21
CA THR D 105 -63.76 13.53 40.29
C THR D 105 -64.13 14.19 41.63
N LEU D 106 -64.50 15.47 41.61
CA LEU D 106 -64.84 16.13 42.86
C LEU D 106 -66.12 15.55 43.47
N ASP D 107 -67.16 15.38 42.66
CA ASP D 107 -68.42 14.81 43.16
C ASP D 107 -68.21 13.41 43.71
N TYR D 108 -67.37 12.60 43.07
CA TYR D 108 -67.04 11.29 43.61
C TYR D 108 -66.38 11.42 44.98
N LEU D 109 -65.35 12.27 45.07
CA LEU D 109 -64.68 12.54 46.34
C LEU D 109 -65.60 13.23 47.35
N ASN D 110 -66.53 14.07 46.87
CA ASN D 110 -67.46 14.74 47.76
C ASN D 110 -68.41 13.77 48.45
N THR D 111 -68.67 12.60 47.86
CA THR D 111 -69.62 11.64 48.39
C THR D 111 -68.97 10.37 48.91
N PHE D 112 -67.63 10.30 49.00
CA PHE D 112 -66.98 9.11 49.55
C PHE D 112 -65.74 9.41 50.39
N ALA D 113 -65.36 10.67 50.54
CA ALA D 113 -64.25 11.04 51.41
C ALA D 113 -64.78 11.12 52.83
N ARG D 114 -64.37 10.17 53.67
CA ARG D 114 -64.85 10.12 55.04
C ARG D 114 -64.38 11.34 55.82
N PHE D 115 -63.09 11.65 55.74
CA PHE D 115 -62.49 12.69 56.55
C PHE D 115 -62.41 13.95 55.70
N LYS D 116 -63.47 14.75 55.75
CA LYS D 116 -63.68 15.86 54.82
C LYS D 116 -63.02 17.16 55.29
N ASP D 117 -62.16 17.10 56.29
CA ASP D 117 -61.39 18.26 56.71
C ASP D 117 -59.97 17.84 57.08
N GLU D 118 -59.08 18.83 57.14
CA GLU D 118 -57.67 18.54 57.37
C GLU D 118 -57.38 18.18 58.82
N GLU D 119 -58.21 18.66 59.76
CA GLU D 119 -58.09 18.26 61.15
C GLU D 119 -58.20 16.74 61.29
N THR D 120 -59.33 16.17 60.89
CA THR D 120 -59.50 14.72 60.89
C THR D 120 -58.47 14.02 60.01
N CYS D 121 -58.13 14.63 58.88
CA CYS D 121 -57.22 14.00 57.93
C CYS D 121 -55.83 13.80 58.52
N THR D 122 -55.30 14.84 59.16
CA THR D 122 -54.00 14.70 59.83
C THR D 122 -54.10 13.71 60.98
N ALA D 123 -55.24 13.66 61.67
CA ALA D 123 -55.45 12.63 62.68
C ALA D 123 -55.34 11.23 62.08
N VAL D 124 -55.97 11.01 60.93
CA VAL D 124 -55.82 9.74 60.23
C VAL D 124 -54.40 9.57 59.73
N ASP D 125 -53.74 10.67 59.36
CA ASP D 125 -52.36 10.58 58.91
C ASP D 125 -51.45 10.06 60.01
N GLN D 126 -51.57 10.64 61.21
CA GLN D 126 -50.74 10.20 62.33
C GLN D 126 -51.14 8.80 62.80
N LEU D 127 -52.44 8.48 62.76
CA LEU D 127 -52.90 7.15 63.15
C LEU D 127 -52.26 6.05 62.32
N LEU D 128 -52.10 6.29 61.02
CA LEU D 128 -51.55 5.29 60.10
C LEU D 128 -50.03 5.36 59.99
N HIS D 129 -49.43 6.52 60.27
CA HIS D 129 -47.97 6.66 60.25
C HIS D 129 -47.41 6.84 61.66
N LEU D 137 -45.88 -1.75 56.34
CA LEU D 137 -47.01 -0.93 55.89
C LEU D 137 -46.76 -0.31 54.50
N HIS D 138 -47.44 -0.86 53.47
CA HIS D 138 -47.25 -0.38 52.10
C HIS D 138 -48.10 0.85 51.82
N PRO D 139 -47.61 1.80 51.01
CA PRO D 139 -48.39 3.03 50.74
C PRO D 139 -49.74 2.78 50.07
N PHE D 140 -49.87 1.71 49.29
CA PHE D 140 -51.16 1.37 48.67
C PHE D 140 -52.19 0.98 49.73
N GLU D 141 -51.79 0.15 50.71
CA GLU D 141 -52.69 -0.28 51.76
C GLU D 141 -53.11 0.90 52.64
N ILE D 142 -52.17 1.81 52.93
CA ILE D 142 -52.46 2.95 53.81
C ILE D 142 -53.58 3.80 53.22
N ALA D 143 -53.59 3.94 51.89
CA ALA D 143 -54.64 4.71 51.23
C ALA D 143 -55.95 3.94 51.14
N GLN D 144 -55.89 2.61 51.02
CA GLN D 144 -57.11 1.81 50.93
C GLN D 144 -57.87 1.80 52.26
N LEU D 145 -57.17 1.52 53.37
CA LEU D 145 -57.78 1.55 54.70
C LEU D 145 -58.51 2.86 54.98
N SER D 146 -57.98 3.99 54.50
CA SER D 146 -58.64 5.26 54.70
C SER D 146 -59.82 5.46 53.77
N SER D 147 -59.72 4.97 52.53
CA SER D 147 -60.76 5.21 51.54
C SER D 147 -61.98 4.32 51.76
N LEU D 148 -61.76 3.05 52.09
CA LEU D 148 -62.81 2.06 52.23
C LEU D 148 -63.21 1.94 53.70
N GLY D 149 -64.40 2.41 54.03
CA GLY D 149 -64.91 2.19 55.38
C GLY D 149 -65.12 0.71 55.65
N CYS D 150 -64.76 0.28 56.85
CA CYS D 150 -64.89 -1.13 57.22
C CYS D 150 -65.40 -1.24 58.64
N GLU D 151 -66.08 -2.35 58.92
CA GLU D 151 -66.56 -2.68 60.26
C GLU D 151 -65.53 -3.47 61.05
N ASP D 152 -65.17 -4.65 60.56
CA ASP D 152 -64.33 -5.59 61.30
C ASP D 152 -63.07 -5.91 60.52
N VAL D 153 -62.16 -6.62 61.20
CA VAL D 153 -60.93 -7.09 60.55
C VAL D 153 -61.25 -8.07 59.43
N ASP D 154 -62.34 -8.83 59.56
CA ASP D 154 -62.70 -9.79 58.50
C ASP D 154 -62.93 -9.12 57.16
N GLU D 155 -63.58 -7.93 57.17
CA GLU D 155 -63.85 -7.21 55.94
C GLU D 155 -62.60 -6.52 55.37
N ALA D 156 -61.61 -6.21 56.22
CA ALA D 156 -60.43 -5.51 55.75
C ALA D 156 -59.45 -6.45 55.04
N ILE D 157 -59.20 -7.63 55.59
CA ILE D 157 -58.28 -8.57 54.95
C ILE D 157 -58.87 -9.25 53.73
N THR D 158 -60.17 -9.10 53.50
CA THR D 158 -60.80 -9.60 52.28
C THR D 158 -60.61 -8.61 51.13
N LEU D 159 -61.12 -7.38 51.32
CA LEU D 159 -61.00 -6.34 50.30
C LEU D 159 -59.55 -5.91 50.04
N ILE D 160 -58.66 -6.11 51.00
CA ILE D 160 -57.24 -5.76 50.87
C ILE D 160 -56.42 -7.00 51.21
N PRO D 161 -56.36 -7.98 50.32
CA PRO D 161 -55.74 -9.27 50.67
C PRO D 161 -54.23 -9.20 50.88
N SER D 162 -53.66 -8.00 50.86
CA SER D 162 -52.23 -7.86 51.06
C SER D 162 -51.86 -7.77 52.53
N LEU D 163 -52.83 -7.39 53.38
CA LEU D 163 -52.60 -7.30 54.82
C LEU D 163 -52.49 -8.66 55.49
N ALA D 164 -52.68 -9.75 54.74
CA ALA D 164 -52.58 -11.11 55.23
C ALA D 164 -51.30 -11.34 56.02
N ALA D 165 -50.20 -11.51 55.30
CA ALA D 165 -48.92 -11.88 55.91
C ALA D 165 -48.12 -10.69 56.41
N LYS D 166 -48.73 -9.70 57.07
CA LYS D 166 -47.92 -8.66 57.67
C LYS D 166 -47.83 -8.76 59.18
N LYS D 167 -48.85 -9.36 59.82
CA LYS D 167 -48.80 -9.84 61.20
C LYS D 167 -48.77 -8.73 62.26
N GLU D 168 -49.40 -7.58 62.03
CA GLU D 168 -49.29 -6.51 63.02
C GLU D 168 -50.56 -5.66 62.93
N VAL D 169 -51.53 -6.01 63.77
CA VAL D 169 -52.89 -5.49 63.61
C VAL D 169 -52.95 -4.15 64.37
N ASN D 170 -53.69 -4.11 65.48
CA ASN D 170 -54.34 -2.93 66.06
C ASN D 170 -55.45 -2.49 65.11
N LEU D 171 -55.35 -2.95 63.85
CA LEU D 171 -56.30 -2.87 62.75
C LEU D 171 -57.70 -2.52 63.25
N GLN D 172 -58.15 -3.27 64.27
CA GLN D 172 -59.51 -3.09 64.75
C GLN D 172 -59.68 -1.71 65.38
N ARG D 173 -58.76 -1.31 66.26
CA ARG D 173 -58.85 0.02 66.85
C ARG D 173 -58.51 1.09 65.81
N ILE D 174 -57.70 0.74 64.81
CA ILE D 174 -57.55 1.58 63.63
C ILE D 174 -58.90 1.81 62.98
N LEU D 175 -59.58 0.73 62.60
CA LEU D 175 -60.91 0.84 62.00
C LEU D 175 -61.90 1.50 62.95
N ASP D 176 -61.79 1.21 64.25
CA ASP D 176 -62.67 1.84 65.22
C ASP D 176 -62.39 3.34 65.30
N GLU D 177 -61.12 3.73 65.38
CA GLU D 177 -60.81 5.15 65.41
C GLU D 177 -61.16 5.81 64.08
N LEU D 178 -60.83 5.15 62.97
CA LEU D 178 -61.23 5.64 61.65
C LEU D 178 -62.74 5.84 61.56
N ASN D 179 -63.51 4.86 62.03
CA ASN D 179 -64.97 4.98 61.99
C ASN D 179 -65.48 6.02 62.97
N ARG D 180 -64.80 6.19 64.12
CA ARG D 180 -65.21 7.22 65.06
C ARG D 180 -64.85 8.60 64.52
N LEU D 181 -63.64 8.74 63.97
CA LEU D 181 -63.25 9.99 63.32
C LEU D 181 -64.14 10.32 62.13
N GLU D 182 -64.71 9.31 61.48
CA GLU D 182 -65.60 9.51 60.34
C GLU D 182 -66.82 10.34 60.74
N ASP D 183 -66.94 11.54 60.19
CA ASP D 183 -68.05 12.41 60.51
C ASP D 183 -69.37 11.85 60.00
N PRO D 184 -70.50 12.25 60.58
CA PRO D 184 -71.80 11.86 60.04
C PRO D 184 -72.09 12.53 58.70
N TYR D 185 -73.14 12.05 58.04
CA TYR D 185 -73.55 12.58 56.74
C TYR D 185 -75.07 12.68 56.61
N GLU E 2 42.90 -2.29 27.88
CA GLU E 2 42.72 -3.56 27.19
C GLU E 2 41.25 -3.96 27.21
N ASP E 3 40.97 -5.18 26.73
CA ASP E 3 39.60 -5.69 26.69
C ASP E 3 39.01 -5.84 28.09
N ASN E 4 39.84 -5.98 29.12
CA ASN E 4 39.33 -6.01 30.47
C ASN E 4 38.98 -4.61 30.99
N ASN E 5 39.82 -3.61 30.66
CA ASN E 5 39.61 -2.24 31.15
C ASN E 5 38.30 -1.67 30.67
N ARG E 6 37.94 -1.96 29.42
CA ARG E 6 36.68 -1.44 28.92
C ARG E 6 35.51 -2.10 29.61
N ILE E 7 35.62 -3.38 29.97
CA ILE E 7 34.51 -4.06 30.63
C ILE E 7 34.31 -3.49 32.02
N ILE E 8 35.41 -3.30 32.74
CA ILE E 8 35.35 -2.75 34.08
C ILE E 8 34.83 -1.32 34.05
N SER E 9 35.22 -0.57 33.02
CA SER E 9 34.77 0.81 32.93
C SER E 9 33.30 0.88 32.55
N ARG E 10 32.84 -0.07 31.75
CA ARG E 10 31.41 -0.13 31.45
C ARG E 10 30.62 -0.43 32.70
N LEU E 11 31.14 -1.35 33.51
CA LEU E 11 30.56 -1.61 34.82
C LEU E 11 30.57 -0.36 35.67
N TRP E 12 31.63 0.45 35.53
CA TRP E 12 31.77 1.64 36.36
C TRP E 12 30.74 2.69 36.01
N ARG E 13 30.58 2.95 34.72
CA ARG E 13 29.58 3.91 34.26
C ARG E 13 28.19 3.39 34.58
N SER E 14 28.03 2.08 34.47
CA SER E 14 26.78 1.45 34.80
C SER E 14 26.47 1.59 36.28
N PHE E 15 27.50 1.54 37.09
CA PHE E 15 27.34 1.61 38.54
C PHE E 15 26.95 3.01 38.96
N ARG E 16 27.60 4.01 38.37
CA ARG E 16 27.20 5.39 38.62
C ARG E 16 25.81 5.65 38.06
N THR E 17 25.46 4.92 37.01
CA THR E 17 24.14 5.06 36.43
C THR E 17 23.07 4.52 37.35
N VAL E 18 23.31 3.35 37.92
CA VAL E 18 22.35 2.77 38.84
C VAL E 18 22.25 3.63 40.09
N LYS E 19 23.37 4.17 40.53
CA LYS E 19 23.32 5.09 41.66
C LYS E 19 22.60 6.37 41.29
N GLU E 20 22.65 6.74 40.02
CA GLU E 20 21.84 7.88 39.59
C GLU E 20 20.37 7.53 39.61
N MET E 21 20.04 6.27 39.32
CA MET E 21 18.64 5.86 39.44
C MET E 21 18.18 5.97 40.87
N ALA E 22 19.05 5.55 41.80
CA ALA E 22 18.72 5.61 43.21
C ALA E 22 18.54 7.04 43.68
N ALA E 23 19.40 7.94 43.23
CA ALA E 23 19.30 9.33 43.67
C ALA E 23 18.12 10.03 43.03
N ASP E 24 17.75 9.65 41.81
CA ASP E 24 16.70 10.37 41.13
C ASP E 24 15.33 10.05 41.71
N ARG E 25 15.12 8.79 42.03
CA ARG E 25 13.81 8.38 42.51
C ARG E 25 13.55 8.83 43.93
N GLY E 26 14.61 8.92 44.74
CA GLY E 26 14.49 9.34 46.13
C GLY E 26 15.44 8.67 47.09
N TYR E 27 16.25 7.71 46.65
CA TYR E 27 17.13 7.00 47.56
C TYR E 27 18.45 7.73 47.74
N PHE E 28 19.06 7.53 48.91
CA PHE E 28 20.17 8.36 49.36
C PHE E 28 21.50 7.66 49.18
N ILE E 29 22.36 8.24 48.37
CA ILE E 29 23.77 7.86 48.30
C ILE E 29 24.57 9.04 48.81
N SER E 30 25.59 8.75 49.61
CA SER E 30 26.54 9.77 50.03
C SER E 30 27.27 10.36 48.85
N GLN E 31 27.69 11.61 48.98
CA GLN E 31 28.47 12.26 47.96
C GLN E 31 29.83 11.63 47.78
N GLU E 32 30.38 11.04 48.83
CA GLU E 32 31.65 10.34 48.70
C GLU E 32 31.51 9.07 47.88
N GLU E 33 30.32 8.47 47.87
CA GLU E 33 30.12 7.30 47.03
C GLU E 33 29.66 7.69 45.63
N MET E 34 28.80 8.72 45.54
CA MET E 34 28.30 9.26 44.29
C MET E 34 29.42 9.59 43.33
N ASP E 35 30.47 10.19 43.85
CA ASP E 35 31.56 10.66 43.04
C ASP E 35 32.71 9.69 43.01
N GLN E 36 32.42 8.40 43.05
CA GLN E 36 33.46 7.38 42.96
C GLN E 36 34.15 7.47 41.61
N SER E 37 35.46 7.47 41.62
CA SER E 37 36.23 7.55 40.39
C SER E 37 36.40 6.17 39.79
N LEU E 38 37.36 6.06 38.87
CA LEU E 38 37.64 4.77 38.26
C LEU E 38 38.59 3.94 39.11
N GLU E 39 39.68 4.55 39.58
CA GLU E 39 40.75 3.75 40.16
C GLU E 39 40.41 3.31 41.57
N GLU E 40 39.71 4.14 42.30
CA GLU E 40 39.15 3.75 43.59
C GLU E 40 38.15 2.62 43.41
N PHE E 41 37.43 2.65 42.30
CA PHE E 41 36.51 1.58 41.99
C PHE E 41 37.26 0.28 41.70
N ARG E 42 38.39 0.36 40.98
CA ARG E 42 39.17 -0.86 40.74
C ARG E 42 39.90 -1.30 42.00
N SER E 43 40.11 -0.37 42.92
CA SER E 43 40.70 -0.71 44.20
C SER E 43 39.75 -1.55 45.01
N LYS E 44 38.48 -1.16 45.04
CA LYS E 44 37.51 -1.90 45.80
C LYS E 44 37.16 -3.23 45.15
N ILE E 45 36.82 -3.21 43.87
CA ILE E 45 36.08 -4.30 43.28
C ILE E 45 36.97 -5.29 42.56
N CYS E 46 37.97 -4.83 41.82
CA CYS E 46 38.84 -5.72 41.07
C CYS E 46 39.65 -6.58 42.01
N ASP E 47 40.08 -7.73 41.51
CA ASP E 47 40.74 -8.72 42.33
C ASP E 47 42.20 -8.38 42.56
N SER E 48 42.98 -9.36 43.00
CA SER E 48 44.43 -9.22 42.95
C SER E 48 44.97 -9.41 41.53
N MET E 49 44.12 -9.83 40.59
CA MET E 49 44.53 -10.02 39.20
C MET E 49 43.88 -9.03 38.24
N GLY E 50 42.75 -8.43 38.61
CA GLY E 50 42.06 -7.51 37.73
C GLY E 50 40.68 -7.98 37.29
N ASN E 51 39.93 -8.63 38.15
CA ASN E 51 38.66 -9.21 37.75
C ASN E 51 37.54 -8.81 38.72
N PRO E 52 36.29 -8.71 38.26
CA PRO E 52 35.27 -8.03 39.07
C PRO E 52 34.74 -8.86 40.23
N GLN E 53 34.11 -8.15 41.16
CA GLN E 53 33.37 -8.74 42.27
C GLN E 53 32.01 -8.08 42.34
N ARG E 54 31.01 -8.69 41.72
CA ARG E 54 29.68 -8.10 41.75
C ARG E 54 29.07 -8.20 43.13
N LYS E 55 29.35 -9.28 43.84
CA LYS E 55 28.70 -9.44 45.15
C LYS E 55 29.39 -8.61 46.22
N LEU E 56 30.48 -7.93 45.91
CA LEU E 56 30.92 -6.85 46.77
C LEU E 56 30.41 -5.51 46.26
N MET E 57 29.62 -5.51 45.19
CA MET E 57 28.91 -4.33 44.74
C MET E 57 27.45 -4.38 45.11
N SER E 58 26.98 -5.55 45.50
CA SER E 58 25.59 -5.67 45.89
C SER E 58 25.36 -4.92 47.18
N PHE E 59 24.40 -4.02 47.17
CA PHE E 59 24.33 -3.12 48.30
C PHE E 59 22.89 -2.70 48.55
N LEU E 60 22.72 -2.03 49.68
CA LEU E 60 21.43 -1.55 50.17
C LEU E 60 21.44 -0.04 50.17
N ALA E 61 20.29 0.54 49.83
CA ALA E 61 20.15 1.98 49.94
C ALA E 61 18.84 2.28 50.64
N ASN E 62 18.67 3.55 50.96
CA ASN E 62 17.59 4.07 51.78
C ASN E 62 17.22 5.45 51.26
N PRO E 63 16.02 5.94 51.54
CA PRO E 63 15.62 7.23 50.98
C PRO E 63 16.41 8.38 51.57
N THR E 64 16.64 9.40 50.74
CA THR E 64 16.71 10.74 51.26
C THR E 64 15.40 11.04 51.98
N PRO E 65 15.44 11.76 53.10
CA PRO E 65 14.27 11.77 53.98
C PRO E 65 13.09 12.58 53.47
N GLU E 66 13.33 13.67 52.76
CA GLU E 66 12.20 14.46 52.25
C GLU E 66 11.53 13.77 51.09
N ALA E 67 12.27 12.89 50.42
CA ALA E 67 11.61 11.96 49.51
C ALA E 67 10.69 11.05 50.29
N LEU E 68 11.11 10.67 51.50
CA LEU E 68 10.26 9.79 52.29
C LEU E 68 9.09 10.58 52.88
N GLU E 69 9.23 11.90 52.96
CA GLU E 69 8.05 12.74 53.10
C GLU E 69 7.17 12.66 51.86
N LYS E 70 7.78 12.72 50.69
CA LYS E 70 7.01 12.79 49.44
C LYS E 70 6.39 11.46 49.09
N TYR E 71 7.14 10.37 49.24
CA TYR E 71 6.66 9.06 48.84
C TYR E 71 6.40 8.26 50.11
N SER E 72 5.13 7.95 50.37
CA SER E 72 4.76 7.27 51.59
C SER E 72 5.07 5.78 51.56
N ASP E 73 5.61 5.30 50.46
CA ASP E 73 5.73 3.88 50.19
C ASP E 73 7.09 3.51 49.64
N LEU E 74 8.00 4.46 49.56
CA LEU E 74 9.32 4.22 49.04
C LEU E 74 10.13 3.56 50.14
N GLY E 75 10.14 2.24 50.16
CA GLY E 75 10.74 1.52 51.26
C GLY E 75 12.23 1.40 51.11
N THR E 76 12.72 0.18 51.13
CA THR E 76 14.15 -0.07 51.05
C THR E 76 14.51 -0.68 49.71
N LEU E 77 15.74 -0.41 49.27
CA LEU E 77 16.21 -0.71 47.92
C LEU E 77 17.41 -1.63 47.99
N TRP E 78 17.25 -2.85 47.52
CA TRP E 78 18.38 -3.76 47.40
C TRP E 78 18.76 -3.82 45.93
N VAL E 79 19.97 -3.41 45.62
CA VAL E 79 20.49 -3.50 44.27
C VAL E 79 21.57 -4.54 44.25
N GLU E 80 21.33 -5.63 43.53
CA GLU E 80 22.25 -6.75 43.58
C GLU E 80 22.56 -7.18 42.17
N PHE E 81 23.80 -7.56 41.94
CA PHE E 81 24.26 -7.95 40.62
C PHE E 81 24.49 -9.45 40.66
N CYS E 82 23.90 -10.16 39.74
CA CYS E 82 24.07 -11.59 39.69
C CYS E 82 25.31 -11.95 38.89
N ASP E 83 26.23 -12.65 39.53
CA ASP E 83 27.41 -13.16 38.84
C ASP E 83 27.06 -14.18 37.75
N GLU E 84 25.90 -14.82 37.84
CA GLU E 84 25.53 -15.86 36.90
C GLU E 84 24.91 -15.18 35.69
N PRO E 85 25.38 -15.44 34.48
CA PRO E 85 24.72 -14.87 33.29
C PRO E 85 23.28 -15.34 33.10
N SER E 86 23.06 -16.65 33.01
CA SER E 86 21.72 -17.19 32.84
C SER E 86 20.95 -16.98 34.13
N VAL E 87 19.75 -16.43 34.03
CA VAL E 87 18.91 -16.16 35.20
C VAL E 87 17.67 -17.02 35.10
N GLY E 88 17.62 -18.08 35.92
CA GLY E 88 16.48 -18.97 35.98
C GLY E 88 15.84 -19.00 37.36
N ILE E 89 15.15 -20.10 37.63
CA ILE E 89 14.29 -20.22 38.81
C ILE E 89 15.11 -20.32 40.09
N LYS E 90 16.31 -20.90 40.03
CA LYS E 90 17.08 -21.13 41.25
C LYS E 90 17.68 -19.84 41.77
N THR E 91 18.31 -19.09 40.88
CA THR E 91 18.89 -17.81 41.27
C THR E 91 17.81 -16.83 41.66
N MET E 92 16.72 -16.79 40.90
CA MET E 92 15.58 -15.96 41.26
C MET E 92 14.97 -16.40 42.59
N ARG E 93 14.96 -17.69 42.87
CA ARG E 93 14.28 -18.17 44.06
C ARG E 93 15.15 -17.99 45.30
N ASN E 94 16.45 -18.23 45.17
CA ASN E 94 17.41 -17.80 46.19
C ASN E 94 17.33 -16.31 46.41
N PHE E 95 17.13 -15.56 45.33
CA PHE E 95 17.02 -14.12 45.46
C PHE E 95 15.77 -13.74 46.22
N CYS E 96 14.64 -14.38 45.90
CA CYS E 96 13.40 -14.11 46.60
C CYS E 96 13.51 -14.47 48.07
N LEU E 97 14.24 -15.56 48.36
CA LEU E 97 14.58 -15.90 49.73
C LEU E 97 15.38 -14.80 50.42
N ARG E 98 16.42 -14.31 49.75
CA ARG E 98 17.30 -13.33 50.37
C ARG E 98 16.58 -11.99 50.53
N ILE E 99 15.60 -11.73 49.68
CA ILE E 99 14.79 -10.52 49.82
C ILE E 99 13.85 -10.66 51.01
N GLN E 100 13.12 -11.77 51.08
CA GLN E 100 12.13 -11.97 52.13
C GLN E 100 12.77 -12.01 53.50
N GLU E 101 13.99 -12.56 53.58
CA GLU E 101 14.69 -12.59 54.86
C GLU E 101 15.09 -11.19 55.29
N LYS E 102 15.66 -10.41 54.37
CA LYS E 102 15.97 -9.03 54.69
C LYS E 102 14.79 -8.10 54.50
N ASN E 103 13.59 -8.65 54.30
CA ASN E 103 12.25 -8.04 54.35
C ASN E 103 12.17 -6.62 53.73
N PHE E 104 12.55 -6.54 52.46
CA PHE E 104 12.60 -5.26 51.76
C PHE E 104 11.21 -4.77 51.38
N SER E 105 11.21 -3.64 50.67
CA SER E 105 9.97 -3.21 50.02
C SER E 105 10.10 -3.26 48.50
N THR E 106 11.23 -2.83 47.93
CA THR E 106 11.47 -2.99 46.51
C THR E 106 12.95 -3.21 46.29
N GLY E 107 13.32 -4.43 45.94
CA GLY E 107 14.68 -4.72 45.57
C GLY E 107 14.75 -4.84 44.08
N ILE E 108 15.82 -4.36 43.47
CA ILE E 108 15.93 -4.30 42.02
C ILE E 108 17.15 -5.09 41.61
N PHE E 109 16.94 -6.07 40.73
CA PHE E 109 17.86 -7.17 40.52
C PHE E 109 18.48 -7.04 39.14
N ILE E 110 19.77 -6.77 39.09
CA ILE E 110 20.43 -6.43 37.84
C ILE E 110 21.26 -7.61 37.37
N TYR E 111 20.97 -8.07 36.18
CA TYR E 111 21.58 -9.25 35.63
C TYR E 111 22.60 -8.87 34.58
N GLN E 112 23.31 -9.87 34.07
CA GLN E 112 24.28 -9.65 33.01
C GLN E 112 23.73 -9.93 31.62
N ASN E 113 23.03 -11.05 31.42
CA ASN E 113 22.57 -11.31 30.07
C ASN E 113 21.06 -11.39 29.90
N ASN E 114 20.39 -12.30 30.57
CA ASN E 114 19.04 -12.64 30.16
C ASN E 114 18.34 -13.44 31.23
N ILE E 115 17.02 -13.57 31.07
CA ILE E 115 16.12 -14.09 32.08
C ILE E 115 15.36 -15.25 31.44
N THR E 116 15.05 -16.28 32.22
CA THR E 116 14.08 -17.26 31.75
C THR E 116 12.67 -16.67 31.80
N PRO E 117 11.81 -17.02 30.84
CA PRO E 117 10.43 -16.52 30.90
C PRO E 117 9.65 -17.12 32.04
N SER E 118 10.09 -18.26 32.56
CA SER E 118 9.58 -18.74 33.84
C SER E 118 9.93 -17.76 34.96
N ALA E 119 11.11 -17.15 34.89
CA ALA E 119 11.43 -16.15 35.90
C ALA E 119 10.75 -14.82 35.60
N ASN E 120 10.38 -14.57 34.35
CA ASN E 120 9.41 -13.52 34.07
C ASN E 120 8.09 -13.84 34.75
N LYS E 121 7.71 -15.09 34.80
CA LYS E 121 6.54 -15.46 35.60
C LYS E 121 6.83 -15.37 37.10
N MET E 122 8.10 -15.35 37.52
CA MET E 122 8.39 -15.19 38.93
C MET E 122 8.48 -13.75 39.35
N ILE E 123 8.15 -12.83 38.45
CA ILE E 123 8.10 -11.41 38.80
C ILE E 123 6.87 -11.08 39.65
N PRO E 124 5.62 -11.37 39.28
CA PRO E 124 4.51 -10.87 40.11
C PRO E 124 4.31 -11.64 41.40
N THR E 125 4.95 -12.79 41.57
CA THR E 125 4.61 -13.75 42.60
C THR E 125 5.16 -13.40 43.97
N VAL E 126 5.88 -12.31 44.10
CA VAL E 126 6.70 -12.14 45.29
C VAL E 126 6.29 -10.82 45.95
N SER E 127 5.10 -10.35 45.59
CA SER E 127 4.49 -9.20 46.21
C SER E 127 4.27 -9.44 47.70
N PRO E 128 4.35 -8.38 48.52
CA PRO E 128 4.55 -6.95 48.29
C PRO E 128 5.99 -6.58 47.96
N ALA E 129 6.91 -7.51 48.13
CA ALA E 129 8.29 -7.23 47.80
C ALA E 129 8.50 -7.22 46.29
N ILE E 130 8.45 -6.03 45.69
CA ILE E 130 8.40 -5.89 44.24
C ILE E 130 9.82 -6.01 43.71
N ILE E 131 9.99 -6.85 42.70
CA ILE E 131 11.30 -7.18 42.14
C ILE E 131 11.34 -6.77 40.67
N GLU E 132 12.37 -6.02 40.28
CA GLU E 132 12.51 -5.47 38.93
C GLU E 132 13.92 -5.68 38.41
N THR E 133 14.07 -5.74 37.08
CA THR E 133 15.34 -6.12 36.46
C THR E 133 15.76 -5.17 35.36
N PHE E 134 17.03 -5.24 34.96
CA PHE E 134 17.63 -4.46 33.88
C PHE E 134 18.80 -5.22 33.31
N GLN E 135 19.03 -5.11 32.01
CA GLN E 135 20.23 -5.71 31.46
C GLN E 135 21.38 -4.70 31.59
N GLU E 136 22.60 -5.22 31.61
CA GLU E 136 23.78 -4.37 31.77
C GLU E 136 23.96 -3.40 30.62
N SER E 137 23.88 -3.91 29.38
CA SER E 137 24.21 -3.07 28.23
C SER E 137 23.17 -1.99 28.03
N ASP E 138 21.89 -2.31 28.26
CA ASP E 138 20.84 -1.31 28.14
C ASP E 138 20.96 -0.22 29.19
N LEU E 139 21.57 -0.48 30.32
CA LEU E 139 21.92 0.59 31.24
C LEU E 139 23.41 0.73 31.45
N VAL E 140 24.19 0.66 30.39
CA VAL E 140 25.54 1.19 30.47
C VAL E 140 25.49 2.68 30.70
N VAL E 141 24.80 3.42 29.84
CA VAL E 141 24.82 4.87 29.86
C VAL E 141 23.49 5.34 30.41
N ASN E 142 23.52 6.33 31.29
CA ASN E 142 22.28 6.96 31.72
C ASN E 142 21.73 7.72 30.55
N ILE E 143 20.52 7.35 30.17
CA ILE E 143 19.92 8.02 29.05
C ILE E 143 19.30 9.33 29.46
N THR E 144 19.01 9.51 30.74
CA THR E 144 18.26 10.72 31.10
C THR E 144 19.10 11.98 31.08
N HIS E 145 20.39 11.91 30.81
CA HIS E 145 21.15 13.12 30.61
C HIS E 145 20.99 13.70 29.21
N HIS E 146 20.22 13.05 28.35
CA HIS E 146 20.21 13.39 26.93
C HIS E 146 19.49 14.70 26.68
N GLU E 147 19.84 15.40 25.60
CA GLU E 147 19.10 16.60 25.27
C GLU E 147 17.72 16.23 24.73
N LEU E 148 17.65 15.16 23.96
CA LEU E 148 16.39 14.69 23.42
C LEU E 148 15.49 14.10 24.49
N VAL E 149 16.04 13.55 25.55
CA VAL E 149 15.23 12.91 26.56
C VAL E 149 15.18 13.80 27.78
N PRO E 150 14.05 14.36 28.12
CA PRO E 150 14.00 15.30 29.23
C PRO E 150 13.90 14.59 30.58
N LYS E 151 13.60 15.37 31.62
CA LYS E 151 13.68 14.88 32.99
C LYS E 151 12.32 14.42 33.50
N HIS E 152 12.33 13.66 34.60
CA HIS E 152 11.17 12.91 35.02
C HIS E 152 10.96 12.98 36.52
N ILE E 153 9.80 13.49 36.92
CA ILE E 153 9.43 13.68 38.31
C ILE E 153 8.09 13.02 38.52
N ARG E 154 8.07 11.94 39.26
CA ARG E 154 6.80 11.27 39.49
C ARG E 154 6.01 12.04 40.52
N LEU E 155 4.73 12.26 40.22
CA LEU E 155 3.82 12.87 41.15
C LEU E 155 3.68 12.07 42.43
N SER E 156 3.25 12.76 43.48
CA SER E 156 2.68 12.08 44.61
C SER E 156 1.27 11.67 44.26
N ASP E 157 0.66 10.94 45.18
CA ASP E 157 -0.73 10.59 44.98
C ASP E 157 -1.62 11.81 45.16
N GLY E 158 -1.26 12.70 46.08
CA GLY E 158 -2.02 13.93 46.24
C GLY E 158 -1.85 14.84 45.05
N GLU E 159 -0.63 14.91 44.53
CA GLU E 159 -0.36 15.69 43.34
C GLU E 159 -1.09 15.11 42.14
N LYS E 160 -1.22 13.79 42.11
CA LYS E 160 -1.98 13.14 41.06
C LYS E 160 -3.46 13.50 41.15
N SER E 161 -4.02 13.48 42.36
CA SER E 161 -5.44 13.80 42.48
C SER E 161 -5.70 15.25 42.13
N GLN E 162 -4.73 16.11 42.43
CA GLN E 162 -4.84 17.50 42.06
C GLN E 162 -4.84 17.66 40.55
N LEU E 163 -4.00 16.86 39.88
CA LEU E 163 -3.98 16.86 38.41
C LEU E 163 -5.32 16.46 37.83
N LEU E 164 -5.89 15.38 38.34
CA LEU E 164 -7.09 14.87 37.66
C LEU E 164 -8.33 15.62 38.11
N GLN E 165 -8.25 16.39 39.18
CA GLN E 165 -9.32 17.34 39.41
C GLN E 165 -9.24 18.48 38.42
N ARG E 166 -8.01 18.90 38.09
CA ARG E 166 -7.86 20.13 37.30
C ARG E 166 -8.39 19.95 35.90
N TYR E 167 -7.79 19.07 35.10
CA TYR E 167 -8.23 18.87 33.73
C TYR E 167 -9.52 18.07 33.65
N LYS E 168 -10.03 17.57 34.78
CA LYS E 168 -11.32 16.90 34.90
C LYS E 168 -11.41 15.65 34.05
N LEU E 169 -10.61 14.65 34.41
CA LEU E 169 -10.57 13.38 33.70
C LEU E 169 -10.89 12.21 34.62
N LYS E 170 -10.72 11.01 34.07
CA LYS E 170 -10.57 9.76 34.78
C LYS E 170 -9.39 9.00 34.20
N GLU E 171 -8.91 8.00 34.92
CA GLU E 171 -7.49 7.66 34.89
C GLU E 171 -7.07 7.01 33.59
N SER E 172 -8.02 6.65 32.73
CA SER E 172 -7.70 6.01 31.45
C SER E 172 -7.51 7.02 30.30
N GLN E 173 -7.85 8.27 30.56
CA GLN E 173 -7.79 9.32 29.52
C GLN E 173 -6.48 10.11 29.32
N LEU E 174 -5.38 9.66 29.92
CA LEU E 174 -4.12 10.35 29.74
C LEU E 174 -3.37 9.77 28.57
N PRO E 175 -2.51 10.57 27.97
CA PRO E 175 -1.45 10.01 27.15
C PRO E 175 -0.69 8.98 27.94
N ARG E 176 -0.35 7.89 27.29
CA ARG E 176 0.12 6.73 28.00
C ARG E 176 1.59 6.48 27.74
N ILE E 177 2.22 5.73 28.64
CA ILE E 177 3.55 5.18 28.39
C ILE E 177 3.49 3.69 28.68
N GLN E 178 4.29 2.92 27.95
CA GLN E 178 4.44 1.51 28.24
C GLN E 178 5.08 1.34 29.61
N ARG E 179 4.83 0.21 30.25
CA ARG E 179 5.55 -0.02 31.48
C ARG E 179 7.00 -0.35 31.19
N GLU E 180 7.26 -1.11 30.14
CA GLU E 180 8.65 -1.39 29.80
C GLU E 180 9.24 -0.43 28.80
N ASP E 181 8.72 0.78 28.71
CA ASP E 181 9.51 1.87 28.18
C ASP E 181 10.71 2.13 29.09
N PRO E 182 11.90 2.39 28.53
CA PRO E 182 13.10 2.45 29.37
C PRO E 182 13.11 3.54 30.43
N VAL E 183 12.42 4.65 30.19
CA VAL E 183 12.33 5.64 31.25
C VAL E 183 11.44 5.12 32.38
N ALA E 184 10.36 4.42 32.05
CA ALA E 184 9.39 4.00 33.06
C ALA E 184 9.95 2.90 33.95
N ARG E 185 11.02 2.28 33.54
CA ARG E 185 11.71 1.37 34.43
C ARG E 185 12.87 2.06 35.11
N TYR E 186 13.43 3.08 34.46
CA TYR E 186 14.38 3.95 35.12
C TYR E 186 13.73 4.70 36.27
N LEU E 187 12.43 4.94 36.22
CA LEU E 187 11.73 5.38 37.42
C LEU E 187 10.96 4.27 38.10
N GLY E 188 11.07 3.04 37.60
CA GLY E 188 10.48 1.86 38.22
C GLY E 188 8.99 1.95 38.40
N LEU E 189 8.26 2.19 37.32
CA LEU E 189 6.91 2.71 37.50
C LEU E 189 5.91 1.62 37.78
N LYS E 190 4.83 2.02 38.43
CA LYS E 190 3.68 1.15 38.66
C LYS E 190 2.44 1.75 38.01
N ARG E 191 1.36 0.97 38.06
CA ARG E 191 0.12 1.38 37.42
C ARG E 191 -0.52 2.51 38.20
N GLY E 192 -0.99 3.51 37.50
CA GLY E 192 -1.48 4.70 38.13
C GLY E 192 -0.43 5.75 38.38
N GLN E 193 0.84 5.40 38.29
CA GLN E 193 1.86 6.40 38.50
C GLN E 193 2.04 7.28 37.27
N VAL E 194 1.74 8.56 37.45
CA VAL E 194 1.71 9.53 36.37
C VAL E 194 2.90 10.47 36.50
N VAL E 195 3.85 10.34 35.60
CA VAL E 195 5.08 11.14 35.65
C VAL E 195 4.83 12.54 35.16
N LYS E 196 5.83 13.41 35.34
CA LYS E 196 5.85 14.77 34.80
C LYS E 196 7.07 14.94 33.90
N ILE E 197 6.89 15.66 32.80
CA ILE E 197 7.94 15.89 31.82
C ILE E 197 7.91 17.34 31.39
N ILE E 198 9.05 17.99 31.42
CA ILE E 198 9.19 19.35 30.97
C ILE E 198 9.91 19.35 29.64
N ARG E 199 9.31 19.95 28.61
CA ARG E 199 9.96 19.92 27.31
C ARG E 199 10.44 21.28 26.82
N ARG E 200 11.54 21.21 26.08
CA ARG E 200 11.98 22.28 25.21
C ARG E 200 10.86 22.69 24.28
N SER E 201 10.32 23.87 24.50
CA SER E 201 9.12 24.25 23.77
C SER E 201 9.40 25.42 22.85
N GLU E 202 9.81 25.12 21.63
CA GLU E 202 10.34 26.14 20.75
C GLU E 202 9.28 27.06 20.16
N THR E 203 8.07 27.07 20.67
CA THR E 203 7.14 28.15 20.41
C THR E 203 6.48 28.68 21.67
N SER E 204 6.89 28.19 22.85
CA SER E 204 6.47 28.83 24.08
C SER E 204 7.55 28.88 25.14
N GLY E 205 8.73 28.35 24.87
CA GLY E 205 9.75 28.25 25.89
C GLY E 205 9.73 26.92 26.63
N ARG E 206 8.74 26.70 27.46
CA ARG E 206 8.74 25.59 28.39
C ARG E 206 7.42 24.87 28.38
N TYR E 207 7.43 23.56 28.21
CA TYR E 207 6.15 22.88 28.10
C TYR E 207 6.09 21.69 29.03
N ALA E 208 4.96 21.56 29.69
CA ALA E 208 4.82 20.68 30.82
C ALA E 208 3.97 19.49 30.44
N SER E 209 4.58 18.33 30.31
CA SER E 209 3.86 17.13 29.94
C SER E 209 3.54 16.28 31.15
N TYR E 210 2.53 15.43 31.00
CA TYR E 210 2.30 14.31 31.88
C TYR E 210 1.95 13.12 31.02
N ARG E 211 2.51 11.96 31.31
CA ARG E 211 2.09 10.73 30.65
C ARG E 211 1.92 9.64 31.68
N ILE E 212 1.03 8.70 31.40
CA ILE E 212 0.61 7.74 32.41
C ILE E 212 1.22 6.39 32.07
N CYS E 213 1.44 5.59 33.10
CA CYS E 213 2.03 4.28 32.94
C CYS E 213 1.04 3.28 32.39
N LEU E 214 1.56 2.22 31.78
CA LEU E 214 0.80 1.03 31.50
C LEU E 214 1.59 -0.18 31.96
N GLU F 71 -25.75 17.57 39.16
CA GLU F 71 -25.17 16.35 38.61
C GLU F 71 -23.92 16.70 37.80
N LEU F 72 -24.10 17.51 36.75
CA LEU F 72 -22.96 17.98 35.98
C LEU F 72 -22.70 19.46 36.19
N ALA F 73 -23.74 20.28 36.14
CA ALA F 73 -23.63 21.72 35.85
C ALA F 73 -22.84 22.47 36.92
N ILE F 74 -22.14 23.51 36.48
CA ILE F 74 -21.23 24.28 37.31
C ILE F 74 -21.86 25.63 37.58
N LEU F 75 -21.59 26.19 38.75
CA LEU F 75 -22.02 27.54 39.10
C LEU F 75 -21.35 28.56 38.18
N LYS F 76 -21.95 29.75 38.10
CA LYS F 76 -21.47 30.77 37.17
C LYS F 76 -20.35 31.62 37.76
N GLU F 77 -19.58 31.06 38.70
CA GLU F 77 -18.50 31.80 39.32
C GLU F 77 -17.16 31.12 39.14
N GLU F 78 -17.17 29.80 38.91
CA GLU F 78 -15.96 29.07 38.61
C GLU F 78 -15.63 29.06 37.13
N ARG F 79 -16.10 30.05 36.39
CA ARG F 79 -16.10 29.98 34.95
C ARG F 79 -14.71 30.27 34.43
N THR F 80 -14.01 29.20 34.06
CA THR F 80 -12.62 29.27 33.61
C THR F 80 -12.46 29.14 32.12
N THR F 81 -13.53 29.28 31.34
CA THR F 81 -13.37 29.32 29.91
C THR F 81 -13.26 30.77 29.44
N THR F 82 -12.90 30.94 28.17
CA THR F 82 -12.59 32.27 27.68
C THR F 82 -13.87 33.10 27.53
N PRO F 83 -13.87 34.34 27.99
CA PRO F 83 -15.08 35.15 27.97
C PRO F 83 -15.35 35.86 26.64
N TYR F 84 -14.68 35.46 25.58
CA TYR F 84 -14.90 36.07 24.28
C TYR F 84 -15.93 35.26 23.51
N LEU F 85 -16.67 35.92 22.65
CA LEU F 85 -17.23 35.20 21.54
C LEU F 85 -16.08 34.85 20.62
N THR F 86 -16.04 33.62 20.11
CA THR F 86 -15.16 33.40 18.99
C THR F 86 -15.98 33.19 17.72
N LYS F 87 -15.29 33.11 16.59
CA LYS F 87 -15.94 33.31 15.31
C LYS F 87 -16.92 32.20 14.96
N TYR F 88 -16.71 31.02 15.50
CA TYR F 88 -17.60 29.91 15.24
C TYR F 88 -18.89 30.08 16.00
N GLU F 89 -18.74 30.40 17.29
CA GLU F 89 -19.85 30.86 18.11
C GLU F 89 -20.58 32.01 17.45
N ARG F 90 -19.82 32.99 16.94
CA ARG F 90 -20.38 34.16 16.28
C ARG F 90 -21.21 33.76 15.08
N ALA F 91 -20.70 32.79 14.32
CA ALA F 91 -21.37 32.33 13.14
C ALA F 91 -22.70 31.71 13.48
N ARG F 92 -22.72 30.87 14.52
CA ARG F 92 -23.98 30.21 14.82
C ARG F 92 -24.97 31.20 15.38
N ILE F 93 -24.50 32.16 16.17
CA ILE F 93 -25.39 33.19 16.72
C ILE F 93 -26.01 34.00 15.60
N LEU F 94 -25.20 34.35 14.59
CA LEU F 94 -25.71 35.11 13.46
C LEU F 94 -26.74 34.30 12.67
N GLY F 95 -26.44 33.03 12.44
CA GLY F 95 -27.35 32.20 11.68
C GLY F 95 -28.68 32.01 12.37
N THR F 96 -28.64 31.76 13.67
CA THR F 96 -29.85 31.38 14.36
C THR F 96 -30.70 32.60 14.67
N ARG F 97 -30.05 33.70 15.06
CA ARG F 97 -30.78 34.94 15.26
C ARG F 97 -31.39 35.44 13.96
N ALA F 98 -30.68 35.26 12.85
CA ALA F 98 -31.22 35.67 11.56
C ALA F 98 -32.35 34.76 11.14
N LEU F 99 -32.28 33.49 11.52
CA LEU F 99 -33.36 32.58 11.19
C LEU F 99 -34.61 32.95 11.96
N GLN F 100 -34.44 33.35 13.22
CA GLN F 100 -35.59 33.79 13.99
C GLN F 100 -36.20 35.06 13.43
N ILE F 101 -35.37 36.03 13.07
CA ILE F 101 -35.89 37.30 12.60
C ILE F 101 -36.43 37.16 11.19
N SER F 102 -35.97 36.14 10.48
CA SER F 102 -36.65 35.73 9.26
C SER F 102 -38.04 35.18 9.54
N MET F 103 -38.22 34.52 10.69
CA MET F 103 -39.53 34.00 11.07
C MET F 103 -40.25 34.96 11.98
N ASN F 104 -40.10 36.26 11.73
CA ASN F 104 -40.97 37.31 12.23
C ASN F 104 -40.80 37.52 13.74
N ALA F 105 -39.55 37.44 14.19
CA ALA F 105 -39.21 37.88 15.54
C ALA F 105 -38.76 39.34 15.49
N PRO F 106 -39.47 40.22 16.20
CA PRO F 106 -39.25 41.67 16.04
C PRO F 106 -37.91 42.13 16.58
N VAL F 107 -37.41 43.17 15.97
CA VAL F 107 -36.02 43.60 16.09
C VAL F 107 -35.91 44.63 17.19
N LEU F 108 -34.87 44.52 17.99
CA LEU F 108 -34.60 45.44 19.08
C LEU F 108 -33.87 46.69 18.63
N VAL F 109 -33.28 46.70 17.43
CA VAL F 109 -32.50 47.83 16.96
C VAL F 109 -33.24 48.50 15.80
N ASP F 110 -32.81 49.71 15.46
CA ASP F 110 -33.45 50.47 14.41
C ASP F 110 -33.16 49.84 13.06
N ILE F 111 -33.98 50.16 12.06
CA ILE F 111 -33.86 49.55 10.75
C ILE F 111 -33.70 50.66 9.73
N GLU F 112 -32.46 50.95 9.33
CA GLU F 112 -32.23 52.05 8.41
C GLU F 112 -32.39 51.65 6.95
N GLY F 113 -31.51 50.78 6.48
CA GLY F 113 -31.58 50.23 5.14
C GLY F 113 -31.28 48.76 5.22
N GLU F 114 -30.91 48.35 6.42
CA GLU F 114 -30.49 46.98 6.70
C GLU F 114 -31.74 46.16 6.90
N THR F 115 -32.34 45.70 5.80
CA THR F 115 -33.57 44.92 5.87
C THR F 115 -33.37 43.45 5.56
N ASP F 116 -32.29 43.10 4.87
CA ASP F 116 -31.95 41.69 4.75
C ASP F 116 -31.52 41.15 6.10
N PRO F 117 -31.88 39.91 6.44
CA PRO F 117 -31.81 39.47 7.84
C PRO F 117 -30.41 39.38 8.40
N LEU F 118 -29.42 39.11 7.53
CA LEU F 118 -28.06 39.00 7.99
C LEU F 118 -27.51 40.35 8.43
N GLN F 119 -27.88 41.42 7.72
CA GLN F 119 -27.45 42.73 8.14
C GLN F 119 -28.17 43.17 9.40
N ILE F 120 -29.41 42.70 9.61
CA ILE F 120 -30.12 42.93 10.86
C ILE F 120 -29.39 42.26 12.02
N ALA F 121 -28.91 41.05 11.79
CA ALA F 121 -28.22 40.31 12.84
C ALA F 121 -26.90 40.96 13.19
N MET F 122 -26.15 41.44 12.18
CA MET F 122 -24.89 42.12 12.48
C MET F 122 -25.13 43.50 13.09
N LYS F 123 -26.28 44.11 12.82
CA LYS F 123 -26.63 45.34 13.52
C LYS F 123 -26.93 45.06 14.99
N GLU F 124 -27.50 43.89 15.28
CA GLU F 124 -27.68 43.58 16.70
C GLU F 124 -26.37 43.24 17.37
N LEU F 125 -25.57 42.35 16.78
CA LEU F 125 -24.34 41.90 17.42
C LEU F 125 -23.34 43.05 17.57
N SER F 126 -23.43 44.03 16.68
CA SER F 126 -22.69 45.28 16.84
C SER F 126 -23.02 45.98 18.16
N GLN F 127 -24.23 45.80 18.65
CA GLN F 127 -24.64 46.47 19.86
C GLN F 127 -24.71 45.53 21.05
N ARG F 128 -24.52 44.23 20.80
CA ARG F 128 -24.65 43.16 21.80
C ARG F 128 -26.06 43.17 22.41
N LYS F 129 -27.06 42.85 21.58
CA LYS F 129 -28.46 42.84 21.96
C LYS F 129 -29.12 41.50 21.70
N ILE F 130 -28.52 40.39 22.12
CA ILE F 130 -28.92 39.08 21.64
C ILE F 130 -29.48 38.20 22.76
N PRO F 131 -30.74 37.82 22.69
CA PRO F 131 -31.32 36.95 23.73
C PRO F 131 -31.03 35.47 23.49
N LEU F 132 -29.76 35.09 23.58
CA LEU F 132 -29.39 33.69 23.47
C LEU F 132 -28.43 33.32 24.58
N VAL F 133 -28.13 32.02 24.67
CA VAL F 133 -27.23 31.48 25.68
C VAL F 133 -26.36 30.42 25.03
N ILE F 134 -25.04 30.58 25.12
CA ILE F 134 -24.13 29.52 24.70
C ILE F 134 -24.11 28.45 25.77
N ARG F 135 -24.25 27.21 25.36
CA ARG F 135 -23.98 26.10 26.25
C ARG F 135 -22.74 25.40 25.70
N ARG F 136 -21.58 25.83 26.17
CA ARG F 136 -20.33 25.18 25.83
C ARG F 136 -20.27 23.87 26.59
N TYR F 137 -20.27 22.77 25.88
CA TYR F 137 -20.12 21.49 26.56
C TYR F 137 -18.68 21.27 26.91
N LEU F 138 -18.35 21.50 28.13
CA LEU F 138 -17.02 21.17 28.58
C LEU F 138 -16.86 19.66 28.64
N PRO F 139 -15.69 19.15 28.34
CA PRO F 139 -15.61 17.75 27.89
C PRO F 139 -15.66 16.72 28.99
N ASP F 140 -16.04 17.09 30.20
CA ASP F 140 -16.60 16.09 31.07
C ASP F 140 -18.03 15.75 30.68
N GLY F 141 -18.77 16.74 30.20
CA GLY F 141 -20.20 16.70 30.11
C GLY F 141 -20.89 17.89 30.74
N SER F 142 -20.23 18.54 31.71
CA SER F 142 -20.80 19.74 32.28
C SER F 142 -20.65 20.91 31.31
N TYR F 143 -21.12 22.07 31.77
CA TYR F 143 -21.33 23.13 30.80
C TYR F 143 -21.46 24.45 31.53
N GLU F 144 -20.90 25.50 30.94
CA GLU F 144 -20.94 26.84 31.51
C GLU F 144 -21.96 27.67 30.76
N ASP F 145 -23.08 27.94 31.39
CA ASP F 145 -24.13 28.74 30.78
C ASP F 145 -23.69 30.20 30.67
N TRP F 146 -23.05 30.54 29.57
CA TRP F 146 -22.69 31.92 29.29
C TRP F 146 -23.88 32.60 28.64
N GLY F 147 -24.28 33.73 29.18
CA GLY F 147 -25.16 34.62 28.44
C GLY F 147 -24.41 35.30 27.32
N CYS F 148 -25.15 35.75 26.31
CA CYS F 148 -24.52 36.59 25.29
C CYS F 148 -24.09 37.91 25.85
N ASP F 149 -24.87 38.44 26.80
CA ASP F 149 -24.69 39.80 27.30
C ASP F 149 -23.36 39.96 28.00
N GLU F 150 -22.92 38.94 28.71
CA GLU F 150 -21.67 39.07 29.39
C GLU F 150 -20.46 38.89 28.49
N LEU F 151 -20.55 38.08 27.43
CA LEU F 151 -19.34 37.74 26.69
C LEU F 151 -18.87 38.89 25.82
N ILE F 152 -17.56 39.04 25.75
CA ILE F 152 -16.99 40.16 25.03
C ILE F 152 -17.03 39.87 23.54
N VAL F 153 -17.82 40.65 22.83
CA VAL F 153 -17.90 40.65 21.38
C VAL F 153 -16.55 41.08 20.83
N ASP F 154 -16.02 40.29 19.90
CA ASP F 154 -14.72 40.55 19.31
C ASP F 154 -14.67 41.80 18.44
N MET G 1 -57.56 4.77 41.93
CA MET G 1 -56.51 4.95 42.92
C MET G 1 -55.68 6.19 42.59
N PHE G 2 -55.68 7.15 43.52
CA PHE G 2 -55.04 8.45 43.31
C PHE G 2 -53.57 8.43 43.71
N PHE G 3 -52.74 9.09 42.91
CA PHE G 3 -51.33 9.25 43.21
C PHE G 3 -50.88 10.68 42.93
N LEU G 4 -49.73 11.03 43.51
CA LEU G 4 -48.96 12.19 43.06
C LEU G 4 -47.84 11.67 42.18
N LYS G 5 -47.78 12.14 40.94
CA LYS G 5 -46.81 11.68 39.96
C LYS G 5 -46.00 12.85 39.44
N ASP G 6 -44.68 12.65 39.34
CA ASP G 6 -43.78 13.63 38.76
C ASP G 6 -43.65 13.40 37.26
N LEU G 7 -44.25 14.28 36.45
CA LEU G 7 -44.32 14.14 35.01
C LEU G 7 -43.59 15.29 34.32
N SER G 8 -43.48 15.21 33.00
CA SER G 8 -42.91 16.28 32.20
C SER G 8 -43.46 16.22 30.79
N LEU G 9 -43.46 17.37 30.12
CA LEU G 9 -44.02 17.51 28.79
C LEU G 9 -43.06 18.30 27.93
N ILE G 10 -42.76 17.80 26.74
CA ILE G 10 -41.93 18.53 25.79
C ILE G 10 -42.84 19.46 24.99
N LEU G 11 -42.57 20.75 25.05
CA LEU G 11 -43.31 21.75 24.30
C LEU G 11 -42.36 22.41 23.31
N THR G 12 -42.75 22.45 22.05
CA THR G 12 -41.99 23.12 21.00
C THR G 12 -42.68 24.42 20.63
N LEU G 13 -41.92 25.51 20.63
CA LEU G 13 -42.46 26.85 20.44
C LEU G 13 -41.92 27.44 19.15
N HIS G 14 -42.84 27.92 18.32
CA HIS G 14 -42.51 28.57 17.06
C HIS G 14 -41.95 29.97 17.32
N PRO G 15 -41.00 30.42 16.50
CA PRO G 15 -40.35 31.71 16.79
C PRO G 15 -41.31 32.89 16.87
N SER G 16 -42.45 32.86 16.18
CA SER G 16 -43.37 33.98 16.34
C SER G 16 -43.93 34.11 17.75
N TYR G 17 -43.68 33.14 18.62
CA TYR G 17 -44.10 33.18 20.01
C TYR G 17 -42.98 33.63 20.94
N PHE G 18 -41.86 34.08 20.38
CA PHE G 18 -40.71 34.49 21.18
C PHE G 18 -40.94 35.93 21.62
N GLY G 19 -41.88 36.08 22.57
CA GLY G 19 -42.29 37.38 23.06
C GLY G 19 -42.18 37.53 24.56
N PRO G 20 -42.65 38.67 25.08
CA PRO G 20 -42.43 38.96 26.51
C PRO G 20 -43.23 38.11 27.48
N GLN G 21 -44.25 37.40 27.05
CA GLN G 21 -45.02 36.54 27.95
C GLN G 21 -44.80 35.06 27.64
N MET G 22 -43.59 34.71 27.19
CA MET G 22 -43.34 33.36 26.69
C MET G 22 -43.55 32.32 27.80
N ASN G 23 -42.97 32.53 28.97
CA ASN G 23 -43.08 31.53 30.04
C ASN G 23 -44.52 31.35 30.49
N GLN G 24 -45.28 32.44 30.59
CA GLN G 24 -46.67 32.30 31.02
C GLN G 24 -47.49 31.55 29.96
N TYR G 25 -47.24 31.82 28.68
CA TYR G 25 -47.88 31.04 27.62
C TYR G 25 -47.61 29.55 27.76
N LEU G 26 -46.36 29.17 28.08
CA LEU G 26 -46.05 27.75 28.17
C LEU G 26 -46.75 27.12 29.36
N ARG G 27 -46.89 27.86 30.46
CA ARG G 27 -47.56 27.31 31.64
C ARG G 27 -49.03 27.08 31.35
N GLU G 28 -49.71 28.04 30.71
CA GLU G 28 -51.09 27.82 30.29
C GLU G 28 -51.18 26.68 29.29
N LYS G 29 -50.20 26.59 28.38
CA LYS G 29 -50.22 25.55 27.35
C LYS G 29 -50.11 24.16 27.99
N LEU G 30 -49.22 24.00 28.98
CA LEU G 30 -49.12 22.73 29.70
C LEU G 30 -50.46 22.31 30.28
N LEU G 31 -51.16 23.24 30.94
CA LEU G 31 -52.43 22.90 31.59
C LEU G 31 -53.48 22.51 30.56
N THR G 32 -53.59 23.29 29.48
CA THR G 32 -54.55 22.97 28.44
C THR G 32 -54.28 21.60 27.82
N ASP G 33 -53.02 21.19 27.76
CA ASP G 33 -52.65 19.99 27.03
C ASP G 33 -52.67 18.74 27.89
N VAL G 34 -52.53 18.87 29.21
CA VAL G 34 -52.30 17.74 30.09
C VAL G 34 -53.49 17.45 31.00
N GLU G 35 -54.20 18.47 31.44
CA GLU G 35 -55.29 18.27 32.38
C GLU G 35 -56.50 17.64 31.72
N GLY G 36 -56.98 16.53 32.30
CA GLY G 36 -58.12 15.81 31.78
C GLY G 36 -57.82 14.71 30.80
N THR G 37 -56.60 14.64 30.28
CA THR G 37 -56.24 13.61 29.33
C THR G 37 -55.90 12.32 30.05
N CYS G 38 -56.04 11.20 29.33
CA CYS G 38 -55.82 9.89 29.90
C CYS G 38 -54.77 9.13 29.09
N THR G 39 -53.93 8.37 29.78
CA THR G 39 -53.00 7.43 29.16
C THR G 39 -53.03 6.12 29.95
N GLY G 40 -52.85 5.01 29.25
CA GLY G 40 -52.75 3.75 29.95
C GLY G 40 -51.54 3.65 30.88
N GLN G 41 -50.52 4.47 30.65
CA GLN G 41 -49.28 4.38 31.43
C GLN G 41 -49.40 5.04 32.81
N PHE G 42 -50.09 6.18 32.89
CA PHE G 42 -50.27 6.92 34.14
C PHE G 42 -51.71 7.03 34.60
N GLY G 43 -52.67 6.93 33.69
CA GLY G 43 -54.05 7.14 34.03
C GLY G 43 -54.57 8.50 33.62
N TYR G 44 -55.63 8.91 34.32
CA TYR G 44 -56.17 10.24 34.11
C TYR G 44 -55.30 11.24 34.88
N ILE G 45 -54.90 12.31 34.22
CA ILE G 45 -54.22 13.41 34.89
C ILE G 45 -55.31 14.37 35.33
N VAL G 46 -55.60 14.39 36.63
CA VAL G 46 -56.79 15.08 37.13
C VAL G 46 -56.53 16.58 37.22
N THR G 47 -55.60 16.99 38.08
CA THR G 47 -55.20 18.39 38.18
C THR G 47 -53.70 18.47 38.41
N VAL G 48 -53.09 19.53 37.88
CA VAL G 48 -51.66 19.80 38.04
C VAL G 48 -51.46 20.69 39.27
N LEU G 49 -50.48 20.34 40.09
CA LEU G 49 -50.20 21.10 41.30
C LEU G 49 -49.37 22.34 40.98
N ASP G 50 -49.73 23.46 41.60
CA ASP G 50 -48.91 24.68 41.59
C ASP G 50 -48.69 25.19 40.16
N GLY G 51 -49.77 25.24 39.39
CA GLY G 51 -49.65 25.49 37.97
C GLY G 51 -49.01 26.82 37.65
N MET G 52 -49.34 27.88 38.40
CA MET G 52 -48.83 29.20 38.10
C MET G 52 -47.36 29.38 38.48
N ASN G 53 -46.75 28.41 39.16
CA ASN G 53 -45.33 28.50 39.54
C ASN G 53 -44.47 27.44 38.86
N ILE G 54 -44.99 26.77 37.83
CA ILE G 54 -44.22 25.71 37.18
C ILE G 54 -42.99 26.31 36.53
N ASP G 55 -41.83 25.67 36.77
CA ASP G 55 -40.57 26.09 36.15
C ASP G 55 -40.45 25.45 34.77
N VAL G 56 -40.56 26.28 33.73
CA VAL G 56 -40.54 25.79 32.36
C VAL G 56 -39.13 25.61 31.82
N GLY G 57 -38.12 26.12 32.53
CA GLY G 57 -36.74 25.98 32.10
C GLY G 57 -36.43 26.92 30.94
N LYS G 58 -35.31 26.65 30.28
CA LYS G 58 -34.90 27.41 29.10
C LYS G 58 -35.17 26.59 27.84
N GLY G 59 -35.57 27.29 26.78
CA GLY G 59 -35.81 26.62 25.52
C GLY G 59 -34.54 26.46 24.73
N ARG G 60 -34.27 25.21 24.32
CA ARG G 60 -33.16 24.89 23.43
C ARG G 60 -33.58 25.17 22.00
N ILE G 61 -32.82 25.98 21.28
CA ILE G 61 -33.13 26.24 19.87
C ILE G 61 -32.72 25.01 19.08
N ILE G 62 -33.66 24.46 18.29
CA ILE G 62 -33.38 23.29 17.46
C ILE G 62 -32.56 23.70 16.24
N PRO G 63 -31.37 23.16 16.05
CA PRO G 63 -30.57 23.51 14.87
C PRO G 63 -31.33 23.20 13.59
N GLY G 64 -31.37 24.20 12.71
CA GLY G 64 -31.97 24.06 11.40
C GLY G 64 -33.43 24.44 11.32
N SER G 65 -34.11 24.64 12.45
CA SER G 65 -35.53 24.98 12.44
C SER G 65 -35.88 26.23 13.22
N GLY G 66 -34.99 26.73 14.08
CA GLY G 66 -35.26 27.99 14.75
C GLY G 66 -36.18 27.88 15.94
N SER G 67 -37.08 26.90 15.92
CA SER G 67 -38.01 26.66 17.01
C SER G 67 -37.28 26.24 18.28
N ALA G 68 -37.93 26.45 19.41
CA ALA G 68 -37.34 26.19 20.72
C ALA G 68 -38.07 25.04 21.39
N GLU G 69 -37.32 24.19 22.06
CA GLU G 69 -37.83 23.00 22.73
C GLU G 69 -37.68 23.18 24.24
N PHE G 70 -38.80 23.17 24.94
CA PHE G 70 -38.86 23.25 26.40
C PHE G 70 -39.27 21.89 26.98
N GLU G 71 -38.62 21.49 28.07
CA GLU G 71 -39.10 20.37 28.88
C GLU G 71 -39.74 20.92 30.15
N VAL G 72 -41.06 20.95 30.19
CA VAL G 72 -41.82 21.50 31.32
C VAL G 72 -42.03 20.36 32.33
N LYS G 73 -41.26 20.38 33.42
CA LYS G 73 -41.45 19.42 34.50
C LYS G 73 -42.53 19.89 35.47
N TYR G 74 -43.37 18.95 35.94
CA TYR G 74 -44.47 19.28 36.83
C TYR G 74 -44.84 18.06 37.66
N ARG G 75 -45.75 18.27 38.61
CA ARG G 75 -46.26 17.22 39.49
C ARG G 75 -47.79 17.28 39.49
N ALA G 76 -48.44 16.14 39.29
CA ALA G 76 -49.90 16.12 39.18
C ALA G 76 -50.52 15.06 40.08
N VAL G 77 -51.81 15.25 40.34
CA VAL G 77 -52.67 14.21 40.88
C VAL G 77 -53.16 13.36 39.72
N VAL G 78 -52.87 12.06 39.76
CA VAL G 78 -53.28 11.15 38.70
C VAL G 78 -54.15 10.06 39.32
N TRP G 79 -55.06 9.52 38.51
CA TRP G 79 -55.95 8.43 38.91
C TRP G 79 -55.85 7.27 37.93
N LYS G 80 -55.32 6.12 38.39
CA LYS G 80 -55.31 4.94 37.54
C LYS G 80 -55.96 3.77 38.27
N PRO G 81 -56.89 3.06 37.63
CA PRO G 81 -57.48 1.86 38.22
C PRO G 81 -56.61 0.63 38.01
N PHE G 82 -56.90 -0.42 38.79
CA PHE G 82 -56.12 -1.65 38.73
C PHE G 82 -57.05 -2.85 38.81
N LYS G 83 -56.70 -3.93 38.11
CA LYS G 83 -57.40 -5.20 38.29
C LYS G 83 -57.18 -5.70 39.71
N GLY G 84 -58.27 -6.01 40.41
CA GLY G 84 -58.22 -6.45 41.79
C GLY G 84 -58.57 -5.38 42.79
N GLU G 85 -58.53 -4.11 42.39
CA GLU G 85 -58.72 -2.97 43.29
C GLU G 85 -60.19 -2.80 43.62
N VAL G 86 -60.53 -2.76 44.91
CA VAL G 86 -61.90 -2.48 45.34
C VAL G 86 -62.06 -0.98 45.52
N VAL G 87 -63.18 -0.45 44.98
CA VAL G 87 -63.49 0.97 44.99
C VAL G 87 -65.00 1.13 45.18
N ASP G 88 -65.40 2.30 45.68
CA ASP G 88 -66.80 2.67 45.75
C ASP G 88 -67.20 3.41 44.47
N ALA G 89 -68.50 3.54 44.25
CA ALA G 89 -68.98 4.14 43.00
C ALA G 89 -70.42 4.59 43.15
N ILE G 90 -70.89 5.32 42.14
CA ILE G 90 -72.28 5.77 42.04
C ILE G 90 -72.86 5.31 40.72
N VAL G 91 -73.92 4.50 40.77
CA VAL G 91 -74.48 3.93 39.54
C VAL G 91 -75.13 5.03 38.72
N SER G 92 -74.82 5.07 37.43
CA SER G 92 -75.37 6.07 36.51
C SER G 92 -76.55 5.57 35.72
N ASN G 93 -76.56 4.29 35.35
CA ASN G 93 -77.63 3.72 34.56
C ASN G 93 -77.80 2.26 34.98
N VAL G 94 -79.02 1.74 34.82
CA VAL G 94 -79.32 0.34 34.98
C VAL G 94 -80.06 -0.16 33.75
N SER G 95 -79.63 -1.31 33.22
CA SER G 95 -80.20 -1.84 31.99
C SER G 95 -80.26 -3.37 32.12
N PRO G 96 -80.94 -4.06 31.20
CA PRO G 96 -80.99 -5.53 31.29
C PRO G 96 -79.65 -6.26 31.29
N ILE G 97 -78.55 -5.63 30.87
CA ILE G 97 -77.25 -6.31 30.81
C ILE G 97 -76.39 -5.99 32.03
N GLY G 98 -76.94 -5.28 33.01
CA GLY G 98 -76.25 -4.89 34.22
C GLY G 98 -76.42 -3.43 34.55
N PHE G 99 -75.42 -2.83 35.19
CA PHE G 99 -75.47 -1.40 35.46
C PHE G 99 -74.11 -0.77 35.24
N PHE G 100 -74.12 0.55 35.12
CA PHE G 100 -72.93 1.35 34.93
C PHE G 100 -72.74 2.24 36.14
N ALA G 101 -71.52 2.31 36.65
CA ALA G 101 -71.19 2.99 37.90
C ALA G 101 -70.03 3.95 37.66
N ASP G 102 -70.21 5.20 38.10
CA ASP G 102 -69.22 6.25 37.94
C ASP G 102 -68.23 6.18 39.10
N VAL G 103 -66.98 5.82 38.81
CA VAL G 103 -65.92 5.86 39.81
C VAL G 103 -64.99 7.00 39.48
N GLY G 104 -65.39 8.23 39.83
CA GLY G 104 -64.56 9.39 39.59
C GLY G 104 -64.58 9.80 38.14
N PRO G 105 -63.39 9.75 37.52
CA PRO G 105 -63.25 10.19 36.14
C PRO G 105 -64.05 9.36 35.15
N LEU G 106 -64.01 8.05 35.28
CA LEU G 106 -64.48 7.12 34.26
C LEU G 106 -65.73 6.40 34.73
N ASN G 107 -66.21 5.49 33.88
CA ASN G 107 -67.44 4.75 34.09
C ASN G 107 -67.15 3.25 34.03
N VAL G 108 -67.72 2.50 34.96
CA VAL G 108 -67.48 1.06 35.06
C VAL G 108 -68.77 0.31 34.72
N PHE G 109 -68.65 -0.73 33.92
CA PHE G 109 -69.78 -1.57 33.52
C PHE G 109 -69.75 -2.85 34.36
N VAL G 110 -70.85 -3.13 35.07
CA VAL G 110 -71.03 -4.41 35.75
C VAL G 110 -72.11 -5.19 35.01
N SER G 111 -71.75 -6.36 34.48
CA SER G 111 -72.68 -7.18 33.71
C SER G 111 -73.50 -8.08 34.62
N THR G 112 -74.56 -8.64 34.04
CA THR G 112 -75.50 -9.46 34.82
C THR G 112 -74.83 -10.72 35.36
N ARG G 113 -73.88 -11.30 34.62
CA ARG G 113 -73.20 -12.50 35.11
C ARG G 113 -72.24 -12.21 36.27
N LEU G 114 -71.89 -10.94 36.51
CA LEU G 114 -71.13 -10.54 37.69
C LEU G 114 -71.99 -9.86 38.75
N ILE G 115 -73.30 -10.15 38.75
CA ILE G 115 -74.22 -9.68 39.79
C ILE G 115 -74.79 -10.91 40.48
N PRO G 116 -74.84 -10.95 41.82
CA PRO G 116 -75.43 -12.10 42.51
C PRO G 116 -76.83 -12.41 42.00
N ASP G 117 -77.18 -13.70 42.05
CA ASP G 117 -78.39 -14.18 41.40
C ASP G 117 -79.66 -13.58 42.00
N ASN G 118 -79.67 -13.33 43.30
CA ASN G 118 -80.89 -12.81 43.93
C ASN G 118 -81.21 -11.37 43.55
N LEU G 119 -80.31 -10.66 42.87
CA LEU G 119 -80.59 -9.30 42.42
C LEU G 119 -81.21 -9.37 41.02
N VAL G 120 -82.50 -9.02 40.92
CA VAL G 120 -83.27 -9.21 39.70
C VAL G 120 -83.64 -7.84 39.13
N TYR G 121 -83.38 -7.65 37.85
CA TYR G 121 -83.74 -6.41 37.17
C TYR G 121 -85.25 -6.25 37.08
N ASN G 122 -85.77 -5.15 37.60
CA ASN G 122 -87.20 -4.89 37.67
C ASN G 122 -87.50 -3.62 36.88
N PRO G 123 -87.91 -3.74 35.61
CA PRO G 123 -88.26 -2.53 34.83
C PRO G 123 -89.56 -1.89 35.26
N SER G 124 -90.54 -2.68 35.73
CA SER G 124 -91.83 -2.13 36.12
C SER G 124 -91.71 -1.22 37.34
N ASN G 125 -90.70 -1.44 38.18
CA ASN G 125 -90.50 -0.62 39.36
C ASN G 125 -90.24 0.83 38.94
N SER G 126 -90.61 1.77 39.81
CA SER G 126 -90.30 3.19 39.59
C SER G 126 -89.54 3.77 40.78
N PRO G 127 -88.24 4.09 40.57
CA PRO G 127 -87.47 3.95 39.33
C PRO G 127 -86.87 2.56 39.09
N PRO G 128 -86.51 2.25 37.84
CA PRO G 128 -85.99 0.92 37.53
C PRO G 128 -84.72 0.61 38.32
N ALA G 129 -84.59 -0.65 38.73
CA ALA G 129 -83.50 -1.04 39.60
C ALA G 129 -83.32 -2.55 39.54
N TYR G 130 -82.16 -3.00 40.04
CA TYR G 130 -81.95 -4.39 40.40
C TYR G 130 -82.32 -4.60 41.86
N MET G 131 -83.23 -5.52 42.14
CA MET G 131 -83.83 -5.57 43.46
C MET G 131 -83.66 -6.96 44.06
N SER G 132 -83.69 -7.00 45.38
CA SER G 132 -83.80 -8.24 46.14
C SER G 132 -84.76 -7.94 47.29
N ASN G 133 -84.72 -8.77 48.31
CA ASN G 133 -85.41 -8.51 49.57
C ASN G 133 -84.32 -8.15 50.57
N ASP G 134 -84.07 -6.84 50.66
CA ASP G 134 -83.17 -6.05 51.53
C ASP G 134 -82.07 -5.40 50.71
N GLU G 135 -82.09 -5.59 49.39
CA GLU G 135 -81.14 -4.99 48.46
C GLU G 135 -81.86 -4.10 47.46
N LEU G 136 -81.20 -3.04 47.01
CA LEU G 136 -81.86 -2.09 46.10
C LEU G 136 -80.80 -1.26 45.38
N ILE G 137 -80.58 -1.56 44.09
CA ILE G 137 -79.60 -0.86 43.28
C ILE G 137 -80.32 -0.08 42.16
N THR G 138 -80.70 1.16 42.43
CA THR G 138 -81.23 2.08 41.42
C THR G 138 -80.22 3.17 41.14
N LYS G 139 -80.54 4.03 40.17
CA LYS G 139 -79.64 5.10 39.79
C LYS G 139 -79.36 6.02 40.98
N GLY G 140 -78.09 6.29 41.24
CA GLY G 140 -77.69 7.06 42.39
C GLY G 140 -77.39 6.27 43.64
N SER G 141 -77.40 4.93 43.55
CA SER G 141 -77.11 4.07 44.68
C SER G 141 -75.62 3.92 44.91
N LYS G 142 -75.18 4.19 46.13
CA LYS G 142 -73.80 3.94 46.49
C LYS G 142 -73.56 2.44 46.43
N VAL G 143 -72.52 2.04 45.70
CA VAL G 143 -72.20 0.63 45.50
C VAL G 143 -70.70 0.48 45.69
N ARG G 144 -70.28 -0.71 46.10
CA ARG G 144 -68.88 -1.03 46.28
C ARG G 144 -68.53 -2.19 45.36
N LEU G 145 -67.65 -1.93 44.40
CA LEU G 145 -67.35 -2.91 43.38
C LEU G 145 -65.85 -3.20 43.38
N LYS G 146 -65.47 -4.18 42.57
CA LYS G 146 -64.09 -4.59 42.44
C LYS G 146 -63.78 -4.54 40.96
N VAL G 147 -62.71 -3.83 40.60
CA VAL G 147 -62.31 -3.73 39.20
C VAL G 147 -61.64 -5.03 38.80
N VAL G 148 -62.27 -5.75 37.88
CA VAL G 148 -61.82 -7.08 37.45
C VAL G 148 -61.19 -7.06 36.07
N GLY G 149 -61.15 -5.90 35.41
CA GLY G 149 -60.54 -5.79 34.10
C GLY G 149 -60.48 -4.34 33.65
N THR G 150 -59.29 -3.91 33.22
CA THR G 150 -59.05 -2.58 32.66
C THR G 150 -58.62 -2.67 31.20
N ARG G 151 -59.36 -2.00 30.32
CA ARG G 151 -59.09 -1.95 28.88
C ARG G 151 -58.73 -0.49 28.60
N THR G 152 -57.75 -0.28 27.72
CA THR G 152 -57.19 1.04 27.43
C THR G 152 -57.35 1.46 25.98
N ASP G 153 -58.00 2.60 25.78
CA ASP G 153 -58.17 3.24 24.48
C ASP G 153 -57.21 4.43 24.31
N VAL G 154 -56.34 4.67 25.30
CA VAL G 154 -55.42 5.80 25.41
C VAL G 154 -56.14 7.16 25.42
N ASN G 155 -57.47 7.13 25.37
CA ASN G 155 -58.29 8.33 25.34
C ASN G 155 -59.21 8.36 26.54
N GLU G 156 -59.85 7.23 26.78
CA GLU G 156 -60.71 6.89 27.89
C GLU G 156 -60.39 5.42 28.14
N ILE G 157 -60.38 5.05 29.37
CA ILE G 157 -60.05 3.70 29.80
C ILE G 157 -61.39 3.05 30.10
N TYR G 158 -61.47 1.74 29.93
CA TYR G 158 -62.70 1.03 30.18
C TYR G 158 -62.42 -0.11 31.14
N ALA G 159 -63.20 -0.09 32.21
CA ALA G 159 -63.09 -0.99 33.35
C ALA G 159 -64.42 -1.70 33.50
N ILE G 160 -64.34 -3.01 33.76
CA ILE G 160 -65.51 -3.84 34.01
C ILE G 160 -65.43 -4.28 35.46
N GLY G 161 -66.55 -4.12 36.18
CA GLY G 161 -66.62 -4.47 37.58
C GLY G 161 -67.41 -5.74 37.88
N SER G 162 -67.54 -5.98 39.17
CA SER G 162 -68.22 -7.15 39.70
C SER G 162 -68.63 -6.85 41.13
N ILE G 163 -69.83 -7.28 41.50
CA ILE G 163 -70.26 -7.34 42.88
C ILE G 163 -70.61 -8.78 43.29
N LYS G 164 -70.10 -9.74 42.53
CA LYS G 164 -70.31 -11.18 42.74
C LYS G 164 -69.33 -11.77 43.75
N GLU G 165 -69.00 -11.03 44.80
CA GLU G 165 -68.02 -11.48 45.78
C GLU G 165 -68.40 -10.93 47.16
N ASP G 166 -67.65 -11.34 48.17
CA ASP G 166 -67.92 -10.97 49.55
C ASP G 166 -67.71 -9.48 49.80
N PHE G 167 -68.58 -8.90 50.63
CA PHE G 167 -68.56 -7.52 51.11
C PHE G 167 -68.78 -6.50 49.99
N LEU G 168 -69.02 -6.94 48.76
CA LEU G 168 -69.32 -6.09 47.62
C LEU G 168 -70.83 -6.06 47.37
N GLY G 169 -71.34 -4.90 46.99
CA GLY G 169 -72.75 -4.73 46.73
C GLY G 169 -73.19 -3.36 47.15
N ALA G 170 -74.50 -3.19 47.36
CA ALA G 170 -74.99 -1.90 47.82
C ALA G 170 -74.50 -1.62 49.23
N ILE G 171 -74.38 -0.34 49.56
CA ILE G 171 -73.90 0.07 50.87
C ILE G 171 -74.74 1.21 51.43
N SER H 3 10.54 82.51 2.72
CA SER H 3 9.87 81.29 2.30
C SER H 3 10.90 80.22 2.00
N ALA H 4 11.83 80.55 1.11
CA ALA H 4 12.97 79.71 0.77
C ALA H 4 13.79 79.45 2.01
N LEU H 5 14.07 78.18 2.25
CA LEU H 5 14.78 77.83 3.45
C LEU H 5 16.19 77.38 3.18
N PHE H 6 16.56 77.38 1.91
CA PHE H 6 17.89 76.99 1.49
C PHE H 6 18.23 77.95 0.38
N ASP H 7 19.52 78.19 0.18
CA ASP H 7 20.01 78.67 -1.11
C ASP H 7 21.49 78.38 -1.20
N ASP H 8 21.91 77.95 -2.40
CA ASP H 8 23.31 77.67 -2.71
C ASP H 8 23.42 77.46 -4.22
N ILE H 9 24.66 77.43 -4.71
CA ILE H 9 24.99 77.29 -6.12
C ILE H 9 25.93 76.11 -6.26
N PHE H 10 25.75 75.29 -7.29
CA PHE H 10 26.38 73.99 -7.31
C PHE H 10 27.13 73.66 -8.60
N THR H 11 28.07 72.73 -8.45
CA THR H 11 28.97 72.26 -9.49
C THR H 11 28.56 70.87 -9.90
N VAL H 12 28.34 70.67 -11.19
CA VAL H 12 27.87 69.38 -11.66
C VAL H 12 29.08 68.49 -11.89
N GLN H 13 29.19 67.42 -11.12
CA GLN H 13 30.39 66.64 -11.33
C GLN H 13 30.14 65.34 -12.05
N THR H 14 29.05 64.65 -11.73
CA THR H 14 28.77 63.36 -12.35
C THR H 14 27.33 63.31 -12.82
N VAL H 15 27.10 62.60 -13.91
CA VAL H 15 25.78 62.38 -14.46
C VAL H 15 25.68 60.88 -14.72
N ASP H 16 24.64 60.23 -14.18
CA ASP H 16 24.41 58.82 -14.44
C ASP H 16 23.07 58.65 -15.15
N ASN H 17 23.11 58.48 -16.46
CA ASN H 17 21.91 58.15 -17.21
C ASN H 17 21.58 56.69 -16.97
N GLY H 18 22.49 55.82 -17.44
CA GLY H 18 22.58 54.44 -17.01
C GLY H 18 21.34 53.58 -17.19
N ARG H 19 20.72 53.29 -16.06
CA ARG H 19 19.57 52.39 -16.01
C ARG H 19 18.34 53.04 -16.63
N TYR H 20 18.34 54.35 -16.75
CA TYR H 20 17.13 55.08 -17.09
C TYR H 20 17.37 55.98 -18.28
N ASN H 21 16.51 55.86 -19.28
CA ASN H 21 16.70 56.68 -20.46
C ASN H 21 16.19 58.09 -20.27
N LYS H 22 15.24 58.30 -19.38
CA LYS H 22 14.68 59.63 -19.19
C LYS H 22 15.12 60.26 -17.89
N VAL H 23 15.79 59.54 -17.02
CA VAL H 23 16.10 60.01 -15.68
C VAL H 23 17.60 59.87 -15.43
N SER H 24 18.20 60.95 -14.93
CA SER H 24 19.64 60.96 -14.67
C SER H 24 19.90 61.37 -13.23
N ARG H 25 21.04 60.94 -12.70
CA ARG H 25 21.46 61.26 -11.35
C ARG H 25 22.63 62.22 -11.37
N ILE H 26 22.47 63.39 -10.75
CA ILE H 26 23.58 64.32 -10.62
C ILE H 26 24.11 64.23 -9.20
N ILE H 27 25.37 64.60 -9.03
CA ILE H 27 26.00 64.72 -7.72
C ILE H 27 26.70 66.07 -7.68
N GLY H 28 26.15 66.99 -6.90
CA GLY H 28 26.64 68.35 -6.91
C GLY H 28 27.32 68.68 -5.60
N ILE H 29 28.59 69.05 -5.71
CA ILE H 29 29.38 69.49 -4.57
C ILE H 29 29.38 71.00 -4.56
N SER H 30 29.00 71.58 -3.42
CA SER H 30 28.80 73.02 -3.30
C SER H 30 30.08 73.81 -3.57
N THR H 31 29.92 75.05 -4.00
CA THR H 31 31.06 75.94 -4.12
C THR H 31 31.23 76.80 -2.90
N THR H 32 30.15 77.43 -2.45
CA THR H 32 30.19 78.47 -1.43
C THR H 32 30.58 77.96 -0.05
N ASN H 33 30.44 76.66 0.19
CA ASN H 33 30.88 76.03 1.44
C ASN H 33 31.02 74.55 1.10
N SER H 34 32.26 74.07 1.02
CA SER H 34 32.44 72.66 0.65
C SER H 34 32.10 71.77 1.83
N ALA H 35 32.23 70.46 1.58
CA ALA H 35 31.60 69.40 2.36
C ALA H 35 30.11 69.63 2.56
N ILE H 36 29.45 70.20 1.56
CA ILE H 36 28.01 70.18 1.42
C ILE H 36 27.73 69.40 0.14
N LYS H 37 27.41 68.12 0.28
CA LYS H 37 27.24 67.20 -0.83
C LYS H 37 25.76 67.10 -1.17
N LEU H 38 25.43 67.24 -2.45
CA LEU H 38 24.05 67.25 -2.92
C LEU H 38 23.88 66.32 -4.09
N THR H 39 22.92 65.40 -3.98
CA THR H 39 22.57 64.45 -5.02
C THR H 39 21.11 64.65 -5.39
N LEU H 40 20.82 64.80 -6.67
CA LEU H 40 19.45 64.94 -7.11
C LEU H 40 19.22 64.19 -8.40
N ASP H 41 18.38 63.17 -8.35
CA ASP H 41 17.95 62.50 -9.56
C ASP H 41 17.06 63.43 -10.36
N ILE H 42 17.22 63.44 -11.68
CA ILE H 42 16.54 64.42 -12.51
C ILE H 42 16.12 63.84 -13.84
N ASN H 43 15.16 64.52 -14.45
CA ASN H 43 14.65 64.15 -15.77
C ASN H 43 15.48 64.84 -16.83
N ASN H 44 15.92 64.07 -17.82
CA ASN H 44 16.57 64.67 -18.98
C ASN H 44 15.59 65.55 -19.74
N GLU H 45 14.54 64.94 -20.27
CA GLU H 45 13.79 65.63 -21.31
C GLU H 45 12.80 66.64 -20.77
N MET H 46 12.82 66.92 -19.49
CA MET H 46 12.22 68.18 -19.13
C MET H 46 13.29 69.25 -18.91
N PHE H 47 14.52 68.85 -18.60
CA PHE H 47 15.56 69.79 -18.20
C PHE H 47 16.92 69.13 -18.29
N PRO H 48 17.50 69.09 -19.48
CA PRO H 48 18.77 68.38 -19.64
C PRO H 48 19.89 69.16 -18.97
N VAL H 49 20.74 68.45 -18.26
CA VAL H 49 21.85 69.04 -17.54
C VAL H 49 23.11 68.35 -18.02
N SER H 50 24.25 68.91 -17.66
CA SER H 50 25.50 68.44 -18.21
C SER H 50 26.62 68.68 -17.20
N GLN H 51 27.75 68.05 -17.46
CA GLN H 51 28.82 68.08 -16.49
C GLN H 51 29.48 69.46 -16.46
N ASP H 52 29.74 69.92 -15.24
CA ASP H 52 30.34 71.21 -14.88
C ASP H 52 29.52 72.39 -15.39
N ASP H 53 28.22 72.38 -15.10
CA ASP H 53 27.40 73.57 -15.33
C ASP H 53 27.23 74.31 -14.02
N SER H 54 26.30 75.25 -14.01
CA SER H 54 25.95 75.99 -12.81
C SER H 54 24.48 75.76 -12.48
N LEU H 55 24.22 75.52 -11.19
CA LEU H 55 22.88 75.19 -10.75
C LEU H 55 22.56 76.03 -9.52
N THR H 56 21.50 76.82 -9.61
CA THR H 56 20.95 77.48 -8.45
C THR H 56 19.89 76.58 -7.85
N VAL H 57 20.09 76.19 -6.59
CA VAL H 57 19.27 75.18 -5.95
C VAL H 57 18.61 75.81 -4.76
N THR H 58 17.31 75.63 -4.64
CA THR H 58 16.51 76.28 -3.63
C THR H 58 15.56 75.27 -3.06
N LEU H 59 15.38 75.27 -1.75
CA LEU H 59 14.37 74.45 -1.11
C LEU H 59 13.36 75.34 -0.39
N ALA H 60 12.09 75.13 -0.68
CA ALA H 60 11.03 75.91 -0.09
C ALA H 60 10.03 74.97 0.55
N ASN H 61 9.14 75.54 1.34
CA ASN H 61 8.02 74.80 1.88
C ASN H 61 6.68 75.37 1.45
N SER H 62 6.66 76.59 0.93
CA SER H 62 5.42 77.08 0.36
C SER H 62 5.74 77.99 -0.80
N LEU H 63 5.19 77.67 -1.97
CA LEU H 63 5.45 78.41 -3.18
C LEU H 63 4.58 79.63 -3.30
N SER H 64 3.56 79.74 -2.45
CA SER H 64 2.87 81.00 -2.25
C SER H 64 3.87 81.99 -1.67
N LEU H 65 3.78 83.24 -2.10
CA LEU H 65 4.79 84.19 -1.72
C LEU H 65 4.47 84.83 -0.37
N LYS H 76 -8.12 71.17 -1.34
CA LYS H 76 -6.66 71.23 -1.42
C LYS H 76 -6.09 70.45 -2.58
N SER H 77 -6.96 69.86 -3.38
CA SER H 77 -6.55 68.99 -4.46
C SER H 77 -6.00 69.85 -5.59
N TRP H 78 -4.88 69.43 -6.16
CA TRP H 78 -4.21 70.17 -7.22
C TRP H 78 -5.06 70.27 -8.48
N ARG H 79 -5.47 71.47 -8.83
CA ARG H 79 -5.92 71.62 -10.20
C ARG H 79 -4.72 72.11 -10.99
N PRO H 80 -4.74 71.98 -12.31
CA PRO H 80 -3.71 72.58 -13.13
C PRO H 80 -3.74 74.10 -13.04
N PRO H 81 -2.60 74.76 -13.23
CA PRO H 81 -2.48 76.16 -12.80
C PRO H 81 -3.18 77.13 -13.72
N LYS H 82 -3.69 78.19 -13.13
CA LYS H 82 -4.30 79.26 -13.89
C LYS H 82 -3.22 80.13 -14.56
N PRO H 83 -3.59 81.08 -15.41
CA PRO H 83 -2.62 82.13 -15.76
C PRO H 83 -2.61 83.31 -14.80
N THR H 84 -3.72 83.56 -14.09
CA THR H 84 -3.85 84.78 -13.31
C THR H 84 -3.04 84.74 -12.02
N ASP H 85 -2.71 83.56 -11.54
CA ASP H 85 -1.95 83.45 -10.32
C ASP H 85 -0.47 83.45 -10.63
N LYS H 86 0.34 83.35 -9.57
CA LYS H 86 1.78 83.36 -9.76
C LYS H 86 2.43 82.61 -8.62
N SER H 87 3.68 82.20 -8.84
CA SER H 87 4.36 81.31 -7.92
C SER H 87 5.72 81.86 -7.59
N LEU H 88 6.37 81.22 -6.62
CA LEU H 88 7.79 81.40 -6.46
C LEU H 88 8.54 80.80 -7.64
N ALA H 89 7.96 79.79 -8.27
CA ALA H 89 8.64 79.04 -9.31
C ALA H 89 8.75 79.79 -10.61
N ASP H 90 8.19 81.00 -10.71
CA ASP H 90 8.07 81.67 -11.99
C ASP H 90 9.41 82.11 -12.55
N ASP H 91 10.43 82.16 -11.72
CA ASP H 91 11.78 82.44 -12.16
C ASP H 91 12.64 81.19 -12.16
N TYR H 92 12.08 80.04 -12.52
CA TYR H 92 12.77 78.78 -12.40
C TYR H 92 12.42 77.89 -13.58
N ASP H 93 13.02 76.71 -13.62
CA ASP H 93 12.90 75.90 -14.83
C ASP H 93 12.62 74.43 -14.60
N TYR H 94 12.59 73.94 -13.36
CA TYR H 94 12.42 72.51 -13.12
C TYR H 94 11.93 72.33 -11.70
N VAL H 95 10.64 72.20 -11.52
CA VAL H 95 10.06 72.35 -10.20
C VAL H 95 9.47 71.02 -9.74
N MET H 96 10.05 70.42 -8.72
CA MET H 96 9.61 69.12 -8.24
C MET H 96 9.23 69.21 -6.78
N PHE H 97 8.16 68.53 -6.42
CA PHE H 97 7.64 68.47 -5.07
C PHE H 97 8.05 67.14 -4.45
N GLY H 98 8.26 67.12 -3.15
CA GLY H 98 8.84 65.95 -2.52
C GLY H 98 8.30 65.77 -1.12
N THR H 99 8.87 64.82 -0.39
CA THR H 99 8.45 64.54 0.98
C THR H 99 9.66 64.18 1.82
N VAL H 100 9.75 64.76 3.01
CA VAL H 100 10.88 64.52 3.89
C VAL H 100 10.69 63.19 4.59
N TYR H 101 11.46 62.19 4.22
CA TYR H 101 11.13 60.86 4.67
C TYR H 101 12.10 60.29 5.69
N LYS H 102 13.30 60.85 5.82
CA LYS H 102 14.26 60.34 6.78
C LYS H 102 15.22 61.44 7.17
N PHE H 103 15.22 61.80 8.44
CA PHE H 103 16.06 62.88 8.94
C PHE H 103 16.96 62.37 10.04
N GLU H 104 18.26 62.32 9.76
CA GLU H 104 19.22 61.64 10.62
C GLU H 104 20.28 62.60 11.11
N GLU H 105 20.21 62.96 12.40
CA GLU H 105 21.26 63.72 13.06
C GLU H 105 22.42 62.76 13.28
N GLY H 106 23.49 62.94 12.52
CA GLY H 106 24.59 62.01 12.55
C GLY H 106 25.72 62.46 13.46
N ASP H 107 26.90 62.53 12.86
CA ASP H 107 28.17 62.77 13.53
C ASP H 107 28.33 64.25 13.86
N GLU H 108 29.60 64.61 14.03
CA GLU H 108 30.10 65.96 14.30
C GLU H 108 29.38 67.01 13.48
N ASP H 109 29.45 66.89 12.15
CA ASP H 109 28.53 67.68 11.33
C ASP H 109 28.13 66.89 10.11
N LYS H 110 28.23 65.56 10.19
CA LYS H 110 27.67 64.69 9.17
C LYS H 110 26.17 64.66 9.39
N ILE H 111 25.46 65.61 8.77
CA ILE H 111 24.03 65.76 8.99
C ILE H 111 23.33 65.52 7.65
N LYS H 112 22.60 64.41 7.59
CA LYS H 112 22.07 63.86 6.35
C LYS H 112 20.55 63.99 6.37
N VAL H 113 20.02 64.56 5.30
CA VAL H 113 18.59 64.73 5.13
C VAL H 113 18.21 63.88 3.94
N TYR H 114 17.20 63.06 4.11
CA TYR H 114 16.66 62.29 3.00
C TYR H 114 15.23 62.71 2.73
N VAL H 115 15.03 63.39 1.60
CA VAL H 115 13.73 63.86 1.14
C VAL H 115 13.49 63.25 -0.22
N SER H 116 12.33 62.61 -0.41
CA SER H 116 12.06 61.88 -1.63
C SER H 116 11.05 62.61 -2.51
N PHE H 117 11.35 62.69 -3.80
CA PHE H 117 10.49 63.30 -4.79
C PHE H 117 9.69 62.23 -5.52
N GLY H 118 9.04 61.36 -4.76
CA GLY H 118 8.12 60.39 -5.32
C GLY H 118 8.73 59.46 -6.33
N GLY H 119 9.53 58.51 -5.90
CA GLY H 119 10.35 57.77 -6.80
C GLY H 119 11.68 58.43 -7.10
N LEU H 120 11.81 59.71 -6.78
CA LEU H 120 13.09 60.38 -6.96
C LEU H 120 13.68 60.79 -5.62
N LEU H 121 14.99 60.99 -5.59
CA LEU H 121 15.76 61.03 -4.36
C LEU H 121 16.57 62.31 -4.21
N MET H 122 16.90 62.64 -2.96
CA MET H 122 17.64 63.85 -2.67
C MET H 122 18.38 63.72 -1.35
N CYS H 123 19.69 63.48 -1.41
CA CYS H 123 20.56 63.40 -0.24
C CYS H 123 21.27 64.73 -0.07
N LEU H 124 21.42 65.17 1.17
CA LEU H 124 22.03 66.45 1.45
C LEU H 124 22.81 66.38 2.75
N GLU H 125 24.06 66.84 2.72
CA GLU H 125 24.95 66.84 3.87
C GLU H 125 25.53 68.22 4.06
N GLY H 126 26.21 68.43 5.18
CA GLY H 126 26.85 69.71 5.42
C GLY H 126 26.58 70.23 6.82
N GLY H 127 26.74 71.55 6.96
CA GLY H 127 26.70 72.20 8.25
C GLY H 127 25.33 72.21 8.86
N TYR H 128 25.30 72.20 10.20
CA TYR H 128 24.04 72.26 10.91
C TYR H 128 23.36 73.61 10.73
N LYS H 129 24.18 74.66 10.55
CA LYS H 129 23.66 76.00 10.52
C LYS H 129 22.86 76.28 9.26
N SER H 130 23.09 75.53 8.19
CA SER H 130 22.22 75.62 7.04
C SER H 130 20.97 74.77 7.20
N LEU H 131 21.15 73.48 7.48
CA LEU H 131 20.08 72.50 7.41
C LEU H 131 19.15 72.57 8.61
N ALA H 132 19.42 73.45 9.58
CA ALA H 132 18.76 73.39 10.87
C ALA H 132 17.28 73.72 10.79
N SER H 133 16.86 74.46 9.77
CA SER H 133 15.44 74.77 9.67
C SER H 133 14.67 73.72 8.90
N LEU H 134 15.33 72.71 8.33
CA LEU H 134 14.71 71.88 7.32
C LEU H 134 13.76 70.82 7.86
N LYS H 135 13.59 70.69 9.17
CA LYS H 135 12.90 69.53 9.73
C LYS H 135 11.39 69.71 9.50
N GLN H 136 10.96 69.31 8.31
CA GLN H 136 9.60 69.48 7.84
C GLN H 136 9.08 68.18 7.26
N ASP H 137 7.97 68.27 6.52
CA ASP H 137 7.38 67.06 5.95
C ASP H 137 7.34 67.13 4.44
N ASN H 138 6.89 68.27 3.91
CA ASN H 138 6.77 68.49 2.48
C ASN H 138 7.67 69.62 2.06
N LEU H 139 8.74 69.26 1.34
CA LEU H 139 9.70 70.24 0.89
C LEU H 139 9.91 70.16 -0.60
N TYR H 140 9.69 71.30 -1.24
CA TYR H 140 9.81 71.50 -2.67
C TYR H 140 11.26 71.51 -3.09
N ILE H 141 11.46 71.87 -4.33
CA ILE H 141 12.78 72.16 -4.87
C ILE H 141 12.51 73.04 -6.08
N LEU H 142 13.48 73.85 -6.48
CA LEU H 142 13.28 74.82 -7.54
C LEU H 142 14.61 75.11 -8.18
N ILE H 143 14.95 74.34 -9.20
CA ILE H 143 16.21 74.51 -9.89
C ILE H 143 16.08 75.72 -10.80
N ARG H 144 17.03 76.63 -10.69
CA ARG H 144 17.19 77.74 -11.61
C ARG H 144 18.36 77.44 -12.52
N ARG H 145 18.19 77.77 -13.81
CA ARG H 145 19.21 77.60 -14.85
C ARG H 145 19.67 76.18 -15.05
N SER I 3 36.86 -26.83 -11.31
CA SER I 3 36.49 -27.62 -12.47
C SER I 3 36.81 -29.09 -12.27
N PHE I 4 35.78 -29.94 -12.27
CA PHE I 4 35.96 -31.37 -12.04
C PHE I 4 35.74 -32.14 -13.33
N ARG I 5 36.55 -33.18 -13.52
CA ARG I 5 36.59 -34.00 -14.72
C ARG I 5 35.55 -35.12 -14.64
N PHE I 6 35.25 -35.72 -15.78
CA PHE I 6 34.11 -36.60 -15.91
C PHE I 6 34.49 -38.05 -15.69
N CYS I 7 33.46 -38.88 -15.46
CA CYS I 7 33.64 -40.32 -15.57
C CYS I 7 33.63 -40.72 -17.04
N LEU I 8 34.55 -41.61 -17.40
CA LEU I 8 34.64 -42.11 -18.76
C LEU I 8 33.93 -43.43 -18.93
N GLU I 9 33.46 -44.00 -17.82
CA GLU I 9 32.86 -45.33 -17.78
C GLU I 9 31.40 -45.33 -17.39
N CYS I 10 30.99 -44.43 -16.49
CA CYS I 10 29.60 -44.28 -16.12
C CYS I 10 29.08 -42.87 -16.35
N ASN I 11 29.95 -41.95 -16.78
CA ASN I 11 29.68 -40.62 -17.32
C ASN I 11 29.17 -39.65 -16.28
N ASN I 12 29.34 -39.94 -14.98
CA ASN I 12 29.11 -38.89 -13.99
C ASN I 12 30.29 -37.94 -13.96
N MET I 13 30.18 -36.95 -13.08
CA MET I 13 31.38 -36.31 -12.58
C MET I 13 32.10 -37.31 -11.69
N LEU I 14 33.41 -37.24 -11.66
CA LEU I 14 34.19 -38.03 -10.72
C LEU I 14 34.10 -37.41 -9.34
N TYR I 15 34.74 -38.02 -8.36
CA TYR I 15 34.63 -37.31 -7.10
C TYR I 15 35.99 -37.19 -6.41
N PRO I 16 36.21 -36.06 -5.72
CA PRO I 16 37.44 -35.91 -4.93
C PRO I 16 37.30 -36.57 -3.57
N LYS I 17 38.43 -37.13 -3.09
CA LYS I 17 38.47 -37.82 -1.81
C LYS I 17 39.94 -37.94 -1.41
N GLU I 18 40.21 -38.03 -0.11
CA GLU I 18 41.56 -38.31 0.38
C GLU I 18 41.82 -39.80 0.51
N ASP I 19 42.93 -40.26 -0.07
CA ASP I 19 43.53 -41.51 0.36
C ASP I 19 44.16 -41.22 1.71
N LYS I 20 43.46 -41.58 2.78
CA LYS I 20 43.98 -41.34 4.12
C LYS I 20 45.20 -42.20 4.39
N GLU I 21 45.29 -43.36 3.75
CA GLU I 21 46.37 -44.29 4.03
C GLU I 21 47.67 -43.84 3.38
N ASN I 22 47.67 -43.64 2.07
CA ASN I 22 48.90 -43.34 1.37
C ASN I 22 49.22 -41.85 1.36
N GLN I 23 48.43 -41.04 2.07
CA GLN I 23 48.60 -39.59 2.23
C GLN I 23 48.57 -38.84 0.89
N ARG I 24 47.98 -39.49 -0.11
CA ARG I 24 47.95 -38.95 -1.46
C ARG I 24 46.52 -38.55 -1.78
N LEU I 25 46.36 -37.66 -2.75
CA LEU I 25 45.05 -37.10 -3.02
C LEU I 25 44.58 -37.63 -4.37
N LEU I 26 43.27 -37.88 -4.50
CA LEU I 26 42.79 -38.77 -5.55
C LEU I 26 41.61 -38.18 -6.30
N TYR I 27 41.16 -38.95 -7.30
CA TYR I 27 39.81 -38.84 -7.87
C TYR I 27 39.29 -40.23 -8.17
N SER I 28 38.19 -40.59 -7.56
CA SER I 28 37.48 -41.80 -7.94
C SER I 28 36.01 -41.50 -8.20
N CYS I 29 35.32 -42.47 -8.79
CA CYS I 29 33.93 -42.29 -9.18
C CYS I 29 32.99 -42.67 -8.06
N ARG I 30 31.71 -42.55 -8.34
CA ARG I 30 30.69 -43.03 -7.44
C ARG I 30 29.84 -44.13 -8.05
N ASN I 31 29.37 -43.97 -9.28
CA ASN I 31 28.47 -44.94 -9.88
C ASN I 31 29.21 -45.98 -10.72
N CYS I 32 30.52 -45.90 -10.78
CA CYS I 32 31.35 -47.03 -11.16
C CYS I 32 32.50 -47.05 -10.16
N ASP I 33 33.55 -47.79 -10.47
CA ASP I 33 34.65 -47.87 -9.52
C ASP I 33 35.98 -47.43 -10.11
N TYR I 34 35.96 -46.53 -11.09
CA TYR I 34 37.19 -45.96 -11.60
C TYR I 34 37.85 -45.08 -10.54
N THR I 35 39.17 -45.11 -10.49
CA THR I 35 39.93 -44.51 -9.40
C THR I 35 41.33 -44.13 -9.89
N GLU I 36 41.73 -42.89 -9.62
CA GLU I 36 43.10 -42.44 -9.89
C GLU I 36 43.47 -41.25 -9.01
N LEU I 37 44.69 -40.77 -9.23
CA LEU I 37 45.32 -39.74 -8.41
C LEU I 37 44.86 -38.35 -8.86
N ALA I 38 45.02 -37.35 -7.99
CA ALA I 38 44.45 -36.02 -8.22
C ALA I 38 45.47 -35.03 -8.78
N GLU I 39 45.08 -33.75 -8.80
CA GLU I 39 45.85 -32.69 -9.47
C GLU I 39 45.96 -31.41 -8.65
N ASP I 40 45.05 -31.14 -7.71
CA ASP I 40 44.96 -29.84 -7.06
C ASP I 40 44.57 -30.05 -5.60
N PRO I 41 45.44 -29.71 -4.65
CA PRO I 41 45.03 -29.73 -3.24
C PRO I 41 44.05 -28.64 -2.90
N LYS I 42 44.12 -27.47 -3.54
CA LYS I 42 43.07 -26.48 -3.39
C LYS I 42 41.81 -26.99 -4.07
N VAL I 43 40.84 -27.41 -3.28
CA VAL I 43 39.62 -27.99 -3.84
C VAL I 43 38.50 -26.98 -3.95
N TYR I 44 37.97 -26.47 -2.85
CA TYR I 44 36.85 -25.55 -2.96
C TYR I 44 37.42 -24.15 -3.06
N ARG I 45 36.65 -23.28 -3.68
CA ARG I 45 36.92 -21.86 -3.69
C ARG I 45 35.57 -21.15 -3.67
N HIS I 46 35.53 -20.02 -2.99
CA HIS I 46 34.41 -19.09 -3.07
C HIS I 46 35.07 -17.73 -3.18
N GLU I 47 35.07 -17.15 -4.35
CA GLU I 47 35.74 -15.88 -4.59
C GLU I 47 35.00 -14.77 -3.87
N LEU I 48 35.71 -13.70 -3.58
CA LEU I 48 35.09 -12.53 -2.98
C LEU I 48 35.31 -11.30 -3.86
N ILE I 49 36.57 -11.01 -4.19
CA ILE I 49 36.92 -9.90 -5.07
C ILE I 49 37.32 -10.50 -6.42
N THR I 50 36.62 -10.10 -7.47
CA THR I 50 36.95 -10.51 -8.83
C THR I 50 36.72 -9.38 -9.81
N ASN I 51 37.31 -9.54 -11.00
CA ASN I 51 37.08 -8.65 -12.14
C ASN I 51 36.92 -9.43 -13.44
N ILE I 52 36.29 -10.59 -13.39
CA ILE I 52 36.17 -11.47 -14.54
C ILE I 52 34.75 -11.41 -15.08
N GLY I 53 34.65 -11.31 -16.41
CA GLY I 53 33.45 -10.81 -17.08
C GLY I 53 33.65 -9.44 -17.68
N GLU I 54 34.91 -9.09 -17.93
CA GLU I 54 35.36 -7.72 -18.11
C GLU I 54 35.33 -7.30 -19.59
N THR I 55 35.84 -8.17 -20.46
CA THR I 55 36.00 -7.95 -21.88
C THR I 55 34.97 -8.71 -22.70
N ALA I 56 33.73 -8.76 -22.22
CA ALA I 56 32.67 -9.71 -22.63
C ALA I 56 32.39 -9.57 -24.13
N GLY I 57 32.26 -8.37 -24.66
CA GLY I 57 31.91 -8.19 -26.05
C GLY I 57 33.07 -8.17 -27.02
N ILE I 58 33.68 -9.31 -27.31
CA ILE I 58 34.76 -9.41 -28.29
C ILE I 58 34.46 -10.56 -29.25
N VAL I 59 34.36 -10.23 -30.55
CA VAL I 59 34.19 -11.21 -31.63
C VAL I 59 35.13 -10.84 -32.79
N ASP I 60 35.14 -11.69 -33.82
CA ASP I 60 36.06 -11.49 -34.95
C ASP I 60 35.65 -10.32 -35.85
N ASP I 61 34.39 -10.23 -36.25
CA ASP I 61 33.92 -9.18 -37.14
C ASP I 61 33.32 -8.02 -36.36
N ILE I 62 33.95 -7.66 -35.24
CA ILE I 62 33.34 -6.82 -34.22
C ILE I 62 33.12 -5.37 -34.71
N GLY I 63 34.10 -4.77 -35.39
CA GLY I 63 33.93 -3.41 -35.86
C GLY I 63 33.02 -3.28 -37.06
N GLN I 64 32.87 -4.36 -37.81
CA GLN I 64 31.97 -4.40 -38.95
C GLN I 64 30.52 -4.27 -38.54
N ASP I 65 30.19 -4.65 -37.31
CA ASP I 65 28.99 -4.15 -36.66
C ASP I 65 29.25 -2.67 -36.49
N PRO I 66 28.54 -1.82 -37.21
CA PRO I 66 28.96 -0.43 -37.36
C PRO I 66 28.61 0.45 -36.20
N THR I 67 28.28 -0.13 -35.05
CA THR I 67 27.94 0.59 -33.85
C THR I 67 29.17 1.03 -33.06
N LEU I 68 30.36 0.78 -33.56
CA LEU I 68 31.50 0.86 -32.67
C LEU I 68 32.44 1.98 -33.06
N PRO I 69 32.72 2.89 -32.12
CA PRO I 69 33.59 4.02 -32.43
C PRO I 69 35.02 3.57 -32.57
N ARG I 70 35.79 4.31 -33.35
CA ARG I 70 37.17 3.94 -33.58
C ARG I 70 38.08 4.96 -32.91
N SER I 71 39.35 4.61 -32.81
CA SER I 71 40.26 5.38 -31.98
C SER I 71 41.37 5.96 -32.83
N ASP I 72 42.17 6.80 -32.19
CA ASP I 72 43.44 7.25 -32.72
C ASP I 72 44.60 6.83 -31.86
N LYS I 73 44.47 5.72 -31.14
CA LYS I 73 45.62 5.16 -30.44
C LYS I 73 46.51 4.37 -31.38
N GLU I 74 47.73 4.12 -30.94
CA GLU I 74 48.65 3.30 -31.72
C GLU I 74 48.64 1.87 -31.19
N CYS I 75 48.54 0.91 -32.11
CA CYS I 75 48.54 -0.50 -31.72
C CYS I 75 49.94 -0.92 -31.29
N PRO I 76 50.05 -1.84 -30.30
CA PRO I 76 51.38 -2.38 -29.96
C PRO I 76 51.99 -3.21 -31.07
N GLU I 77 51.16 -3.91 -31.83
CA GLU I 77 51.60 -4.85 -32.85
C GLU I 77 52.13 -4.15 -34.09
N CYS I 78 51.27 -3.39 -34.74
CA CYS I 78 51.48 -2.97 -36.11
C CYS I 78 51.77 -1.48 -36.28
N HIS I 79 51.67 -0.70 -35.19
CA HIS I 79 52.06 0.71 -35.13
C HIS I 79 51.24 1.61 -36.04
N SER I 80 50.08 1.14 -36.49
CA SER I 80 49.10 2.02 -37.11
C SER I 80 48.46 2.91 -36.04
N ARG I 81 47.76 3.95 -36.49
CA ARG I 81 47.12 4.90 -35.60
C ARG I 81 45.64 4.50 -35.53
N ASP I 82 45.39 3.21 -35.45
CA ASP I 82 44.10 2.67 -35.86
C ASP I 82 43.66 1.58 -34.89
N CYS I 83 42.55 1.82 -34.19
CA CYS I 83 41.82 0.80 -33.43
C CYS I 83 40.42 1.33 -33.11
N VAL I 84 39.65 0.52 -32.38
CA VAL I 84 38.33 0.89 -31.91
C VAL I 84 38.43 1.06 -30.42
N PHE I 85 37.31 1.40 -29.77
CA PHE I 85 37.30 1.39 -28.31
C PHE I 85 35.89 1.17 -27.82
N PHE I 86 35.81 0.72 -26.56
CA PHE I 86 34.60 0.64 -25.74
C PHE I 86 35.00 0.37 -24.30
N GLN I 87 34.07 0.60 -23.37
CA GLN I 87 34.37 0.47 -21.95
C GLN I 87 34.48 -0.99 -21.54
N SER I 88 34.64 -1.23 -20.25
CA SER I 88 34.53 -2.60 -19.77
C SER I 88 33.07 -3.04 -19.74
N GLN I 89 32.82 -4.26 -20.23
CA GLN I 89 31.50 -4.81 -20.48
C GLN I 89 30.85 -5.45 -19.26
N GLN I 90 31.61 -5.65 -18.20
CA GLN I 90 31.05 -6.04 -16.91
C GLN I 90 30.10 -4.95 -16.45
N ARG I 91 28.96 -5.35 -15.87
CA ARG I 91 27.89 -4.40 -15.61
C ARG I 91 27.66 -4.16 -14.12
N ARG I 92 28.62 -4.56 -13.27
CA ARG I 92 28.59 -4.17 -11.87
C ARG I 92 28.74 -2.67 -11.71
N LYS I 93 28.42 -2.19 -10.52
CA LYS I 93 28.24 -0.74 -10.33
C LYS I 93 29.55 0.01 -10.28
N ASP I 94 30.62 -0.62 -9.84
CA ASP I 94 31.89 0.06 -9.69
C ASP I 94 32.70 0.11 -10.97
N THR I 95 32.22 -0.55 -12.03
CA THR I 95 33.07 -1.21 -13.01
C THR I 95 34.03 -0.25 -13.70
N ASN I 96 35.25 -0.73 -13.94
CA ASN I 96 36.35 0.08 -14.41
C ASN I 96 36.04 0.65 -15.79
N MET I 97 35.67 1.93 -15.80
CA MET I 97 35.15 2.58 -16.99
C MET I 97 36.22 2.99 -17.98
N THR I 98 37.44 2.49 -17.83
CA THR I 98 38.46 2.78 -18.81
C THR I 98 38.25 1.92 -20.04
N LEU I 99 38.91 2.31 -21.12
CA LEU I 99 38.56 1.88 -22.46
C LEU I 99 39.21 0.56 -22.82
N PHE I 100 38.66 -0.09 -23.84
CA PHE I 100 39.21 -1.30 -24.42
C PHE I 100 39.51 -1.06 -25.89
N TYR I 101 40.76 -0.78 -26.19
CA TYR I 101 41.15 -0.57 -27.57
C TYR I 101 41.41 -1.91 -28.24
N VAL I 102 40.38 -2.48 -28.85
CA VAL I 102 40.51 -3.65 -29.69
C VAL I 102 41.06 -3.16 -31.02
N CYS I 103 42.13 -3.79 -31.48
CA CYS I 103 42.71 -3.37 -32.74
C CYS I 103 41.87 -3.88 -33.90
N LEU I 104 42.04 -3.26 -35.06
CA LEU I 104 41.44 -3.79 -36.28
C LEU I 104 42.47 -4.37 -37.24
N ASN I 105 43.71 -4.56 -36.80
CA ASN I 105 44.70 -5.34 -37.56
C ASN I 105 44.85 -6.72 -36.94
N CYS I 106 45.27 -6.76 -35.68
CA CYS I 106 45.59 -7.99 -34.95
C CYS I 106 44.66 -8.27 -33.80
N LYS I 107 43.89 -7.26 -33.38
CA LYS I 107 42.81 -7.35 -32.39
C LYS I 107 43.33 -7.63 -30.98
N LYS I 108 44.44 -7.02 -30.58
CA LYS I 108 44.72 -6.94 -29.16
C LYS I 108 43.87 -5.85 -28.52
N THR I 109 43.25 -6.17 -27.39
CA THR I 109 42.61 -5.19 -26.52
C THR I 109 43.69 -4.49 -25.72
N PHE I 110 43.75 -3.15 -25.82
CA PHE I 110 44.54 -2.35 -24.88
C PHE I 110 43.69 -1.20 -24.38
N ARG I 111 44.26 -0.35 -23.53
CA ARG I 111 43.48 0.47 -22.62
C ARG I 111 44.05 1.89 -22.55
N ASP I 112 43.58 2.63 -21.54
CA ASP I 112 44.09 3.96 -21.20
C ASP I 112 44.55 4.06 -19.76
N GLU I 113 44.71 2.93 -19.08
CA GLU I 113 45.37 2.96 -17.77
C GLU I 113 46.87 2.72 -17.89
N MET J 1 -13.94 25.20 -49.57
CA MET J 1 -15.33 24.95 -49.91
C MET J 1 -15.58 25.83 -51.10
N ILE J 2 -16.16 26.98 -50.85
CA ILE J 2 -16.45 27.94 -51.89
C ILE J 2 -16.17 29.29 -51.29
N ILE J 3 -15.83 30.25 -52.13
CA ILE J 3 -15.21 31.50 -51.72
C ILE J 3 -16.17 32.25 -50.82
N PRO J 4 -15.69 32.87 -49.77
CA PRO J 4 -16.58 33.70 -48.95
C PRO J 4 -16.78 35.03 -49.62
N VAL J 5 -17.49 35.93 -48.95
CA VAL J 5 -17.84 37.15 -49.64
C VAL J 5 -16.89 38.26 -49.30
N ARG J 6 -16.82 38.63 -48.03
CA ARG J 6 -15.93 39.65 -47.57
C ARG J 6 -14.60 39.02 -47.24
N CYS J 7 -13.70 39.84 -46.76
CA CYS J 7 -12.58 39.34 -46.01
C CYS J 7 -13.03 38.95 -44.62
N PHE J 8 -12.26 38.10 -43.95
CA PHE J 8 -12.55 37.84 -42.54
C PHE J 8 -12.05 38.96 -41.66
N SER J 9 -10.84 39.46 -41.92
CA SER J 9 -10.31 40.54 -41.11
C SER J 9 -10.93 41.87 -41.49
N CYS J 10 -10.68 42.36 -42.70
CA CYS J 10 -11.16 43.70 -42.97
C CYS J 10 -12.63 43.76 -43.32
N GLY J 11 -13.05 43.21 -44.46
CA GLY J 11 -14.40 43.40 -44.95
C GLY J 11 -14.52 43.99 -46.34
N LYS J 12 -13.51 43.82 -47.18
CA LYS J 12 -13.62 44.10 -48.60
C LYS J 12 -14.24 42.90 -49.30
N VAL J 13 -15.29 43.13 -50.09
CA VAL J 13 -15.99 42.03 -50.75
C VAL J 13 -15.08 41.44 -51.80
N VAL J 14 -14.86 40.13 -51.74
CA VAL J 14 -13.89 39.47 -52.60
C VAL J 14 -14.48 38.38 -53.46
N GLY J 15 -15.67 37.91 -53.17
CA GLY J 15 -16.22 36.67 -53.71
C GLY J 15 -16.29 36.59 -55.21
N ASP J 16 -16.52 37.73 -55.84
CA ASP J 16 -16.45 37.85 -57.28
C ASP J 16 -15.09 37.51 -57.83
N LYS J 17 -14.03 37.73 -57.06
CA LYS J 17 -12.70 37.61 -57.59
C LYS J 17 -12.19 36.19 -57.50
N TRP J 18 -13.09 35.21 -57.45
CA TRP J 18 -12.63 33.83 -57.49
C TRP J 18 -12.47 33.36 -58.93
N ASP J 19 -13.48 33.58 -59.76
CA ASP J 19 -13.45 33.09 -61.13
C ASP J 19 -12.38 33.80 -61.94
N ALA J 20 -12.29 35.11 -61.75
CA ALA J 20 -11.19 35.87 -62.34
C ALA J 20 -9.86 35.36 -61.86
N TYR J 21 -9.78 34.93 -60.60
CA TYR J 21 -8.50 34.43 -60.08
C TYR J 21 -8.11 33.12 -60.74
N LEU J 22 -9.08 32.24 -60.96
CA LEU J 22 -8.74 31.00 -61.63
C LEU J 22 -8.37 31.26 -63.07
N ARG J 23 -9.06 32.20 -63.72
CA ARG J 23 -8.77 32.48 -65.12
C ARG J 23 -7.39 33.13 -65.27
N LEU J 24 -7.00 33.94 -64.29
CA LEU J 24 -5.63 34.44 -64.29
C LEU J 24 -4.64 33.34 -63.99
N LEU J 25 -5.04 32.35 -63.20
CA LEU J 25 -4.15 31.23 -62.96
C LEU J 25 -3.95 30.36 -64.18
N GLU J 26 -4.93 30.36 -65.09
CA GLU J 26 -4.87 29.45 -66.23
C GLU J 26 -3.75 29.82 -67.19
N GLU J 27 -3.36 31.07 -67.22
CA GLU J 27 -2.34 31.53 -68.15
C GLU J 27 -0.96 31.31 -67.68
N GLY J 28 -0.79 30.79 -66.47
CA GLY J 28 0.52 30.57 -65.93
C GLY J 28 1.03 31.65 -64.99
N LYS J 29 0.14 32.46 -64.42
CA LYS J 29 0.55 33.49 -63.49
C LYS J 29 1.09 32.87 -62.20
N GLN J 30 1.66 33.73 -61.37
CA GLN J 30 1.94 33.31 -60.01
C GLN J 30 1.00 34.01 -59.05
N GLU J 31 0.69 33.30 -57.97
CA GLU J 31 -0.52 33.54 -57.20
C GLU J 31 -0.46 34.89 -56.51
N GLY J 32 0.73 35.22 -56.01
CA GLY J 32 0.94 36.54 -55.47
C GLY J 32 0.78 37.62 -56.52
N ASP J 33 1.32 37.39 -57.70
CA ASP J 33 1.21 38.38 -58.77
C ASP J 33 -0.23 38.49 -59.24
N ALA J 34 -0.96 37.39 -59.20
CA ALA J 34 -2.36 37.45 -59.56
C ALA J 34 -3.16 38.25 -58.54
N LEU J 35 -2.84 38.10 -57.25
CA LEU J 35 -3.48 38.92 -56.24
C LEU J 35 -3.06 40.37 -56.39
N ASP J 36 -1.84 40.58 -56.88
CA ASP J 36 -1.36 41.93 -57.14
C ASP J 36 -2.21 42.59 -58.19
N GLU J 37 -2.55 41.86 -59.25
CA GLU J 37 -3.32 42.47 -60.31
C GLU J 37 -4.75 42.76 -59.88
N LEU J 38 -5.32 41.91 -59.04
CA LEU J 38 -6.69 42.11 -58.62
C LEU J 38 -6.88 43.24 -57.63
N LYS J 39 -5.82 43.97 -57.31
CA LYS J 39 -5.78 44.94 -56.22
C LYS J 39 -6.18 44.31 -54.88
N LEU J 40 -5.33 43.42 -54.40
CA LEU J 40 -5.41 42.89 -53.05
C LEU J 40 -4.11 43.23 -52.37
N LYS J 41 -4.12 44.23 -51.50
CA LYS J 41 -2.84 44.73 -51.01
C LYS J 41 -2.65 44.54 -49.50
N ARG J 42 -3.68 44.68 -48.69
CA ARG J 42 -3.54 44.18 -47.32
C ARG J 42 -3.51 42.67 -47.38
N TYR J 43 -2.82 42.04 -46.42
CA TYR J 43 -2.85 40.58 -46.45
C TYR J 43 -4.18 39.99 -45.99
N CYS J 44 -5.12 40.80 -45.50
CA CYS J 44 -6.41 40.27 -45.08
C CYS J 44 -7.17 39.74 -46.27
N CYS J 45 -7.28 40.55 -47.31
CA CYS J 45 -7.82 40.05 -48.55
C CYS J 45 -6.78 39.31 -49.37
N ARG J 46 -5.68 38.88 -48.74
CA ARG J 46 -4.82 37.94 -49.43
C ARG J 46 -4.94 36.55 -48.84
N ARG J 47 -5.21 36.46 -47.54
CA ARG J 47 -5.45 35.15 -46.97
C ARG J 47 -6.88 34.72 -47.21
N MET J 48 -7.76 35.66 -47.51
CA MET J 48 -9.13 35.22 -47.71
C MET J 48 -9.32 34.61 -49.07
N VAL J 49 -8.33 34.72 -49.95
CA VAL J 49 -8.45 34.04 -51.24
C VAL J 49 -7.30 33.06 -51.43
N LEU J 50 -6.13 33.33 -50.84
CA LEU J 50 -4.97 32.50 -51.08
C LEU J 50 -5.08 31.12 -50.45
N THR J 51 -5.56 31.04 -49.22
CA THR J 51 -5.65 29.78 -48.52
C THR J 51 -6.69 28.86 -49.11
N HIS J 52 -7.66 29.41 -49.81
CA HIS J 52 -8.95 28.77 -49.86
C HIS J 52 -8.96 27.60 -50.82
N VAL J 53 -9.59 26.52 -50.38
CA VAL J 53 -9.51 25.20 -51.01
C VAL J 53 -10.95 24.75 -51.23
N ASP J 54 -11.17 23.99 -52.30
CA ASP J 54 -12.44 23.95 -53.00
C ASP J 54 -13.04 22.55 -52.92
N LEU J 55 -14.20 22.45 -52.24
CA LEU J 55 -14.85 21.16 -52.02
C LEU J 55 -16.16 21.04 -52.79
N ILE J 56 -16.71 22.15 -53.24
CA ILE J 56 -18.08 22.10 -53.70
C ILE J 56 -18.11 21.49 -55.09
N GLU J 57 -16.96 21.47 -55.77
CA GLU J 57 -16.78 20.62 -56.94
C GLU J 57 -16.97 19.16 -56.59
N LYS J 58 -16.38 18.71 -55.47
CA LYS J 58 -16.56 17.33 -55.04
C LYS J 58 -18.01 17.06 -54.69
N PHE J 59 -18.73 18.05 -54.18
CA PHE J 59 -20.16 17.83 -53.92
C PHE J 59 -20.96 17.73 -55.19
N LEU J 60 -20.53 18.44 -56.23
CA LEU J 60 -21.22 18.23 -57.49
C LEU J 60 -20.67 17.03 -58.24
N ARG J 61 -19.72 16.31 -57.67
CA ARG J 61 -19.38 15.05 -58.31
C ARG J 61 -20.42 13.98 -58.04
N TYR J 62 -21.30 14.18 -57.07
CA TYR J 62 -22.39 13.24 -56.85
C TYR J 62 -23.38 13.37 -57.97
N ASN J 63 -23.33 12.40 -58.86
CA ASN J 63 -24.27 12.15 -59.94
C ASN J 63 -25.64 11.98 -59.29
N PRO J 64 -26.73 12.45 -59.96
CA PRO J 64 -27.82 13.16 -59.25
C PRO J 64 -28.44 12.46 -58.05
N LEU J 65 -28.59 13.22 -56.98
CA LEU J 65 -29.25 12.75 -55.76
C LEU J 65 -30.72 12.43 -56.01
N GLU J 66 -31.36 13.16 -56.92
CA GLU J 66 -32.78 13.00 -57.14
C GLU J 66 -33.07 12.65 -58.59
N MET K 1 -26.56 30.99 -25.72
CA MET K 1 -27.94 30.58 -25.62
C MET K 1 -28.62 31.48 -24.58
N ASN K 2 -27.81 32.03 -23.68
CA ASN K 2 -28.19 33.22 -22.93
C ASN K 2 -27.77 34.48 -23.69
N ALA K 3 -27.68 34.41 -25.00
CA ALA K 3 -27.14 35.52 -25.79
C ALA K 3 -28.16 36.63 -25.93
N PRO K 4 -27.89 37.83 -25.40
CA PRO K 4 -28.87 38.90 -25.43
C PRO K 4 -28.94 39.59 -26.78
N ASP K 5 -29.66 40.71 -26.76
CA ASP K 5 -29.84 41.54 -27.94
C ASP K 5 -28.57 42.30 -28.27
N ARG K 6 -28.34 42.56 -29.55
CA ARG K 6 -27.27 43.44 -29.96
C ARG K 6 -27.80 44.76 -30.49
N PHE K 7 -29.04 45.10 -30.14
CA PHE K 7 -29.50 46.48 -30.17
C PHE K 7 -29.58 47.09 -28.76
N GLU K 8 -29.07 46.36 -27.76
CA GLU K 8 -28.71 46.91 -26.45
C GLU K 8 -27.53 47.88 -26.52
N LEU K 9 -26.94 48.08 -27.70
CA LEU K 9 -25.85 49.03 -27.86
C LEU K 9 -26.33 50.45 -28.11
N PHE K 10 -27.56 50.65 -28.61
CA PHE K 10 -28.00 52.01 -28.89
C PHE K 10 -29.44 52.36 -28.50
N ILE K 11 -30.37 51.41 -28.39
CA ILE K 11 -31.75 51.72 -28.07
C ILE K 11 -31.94 51.73 -26.56
N LEU K 12 -32.46 52.84 -26.06
CA LEU K 12 -32.77 53.05 -24.66
C LEU K 12 -33.98 52.20 -24.26
N PRO K 13 -34.13 51.82 -23.00
CA PRO K 13 -35.42 51.27 -22.54
C PRO K 13 -36.49 52.34 -22.38
N ASP K 14 -37.62 51.91 -21.82
CA ASP K 14 -38.77 52.79 -21.74
C ASP K 14 -38.69 53.82 -20.60
N ASP K 15 -38.70 53.38 -19.35
CA ASP K 15 -38.69 54.30 -18.22
C ASP K 15 -37.29 54.57 -17.69
N VAL K 16 -36.24 54.24 -18.45
CA VAL K 16 -34.86 54.58 -18.14
C VAL K 16 -34.53 55.82 -18.96
N PRO K 17 -34.00 56.88 -18.37
CA PRO K 17 -33.60 58.03 -19.17
C PRO K 17 -32.34 57.72 -19.96
N LYS K 18 -32.20 58.40 -21.10
CA LYS K 18 -30.97 58.30 -21.88
C LYS K 18 -29.82 58.93 -21.13
N LEU K 19 -30.11 59.97 -20.35
CA LEU K 19 -29.04 60.70 -19.71
C LEU K 19 -29.42 60.86 -18.25
N LYS K 20 -28.72 60.13 -17.40
CA LYS K 20 -29.06 59.97 -15.98
C LYS K 20 -27.97 60.62 -15.14
N ILE K 21 -28.27 61.78 -14.57
CA ILE K 21 -27.30 62.56 -13.81
C ILE K 21 -27.51 62.27 -12.34
N THR K 22 -26.42 62.15 -11.59
CA THR K 22 -26.42 62.23 -10.15
C THR K 22 -25.25 63.09 -9.71
N PRO K 23 -25.51 64.19 -9.00
CA PRO K 23 -24.42 65.00 -8.47
C PRO K 23 -23.75 64.32 -7.29
N ASP K 24 -22.42 64.29 -7.35
CA ASP K 24 -21.58 63.65 -6.34
C ASP K 24 -21.32 64.69 -5.26
N SER K 25 -21.74 64.37 -4.05
CA SER K 25 -21.61 65.35 -2.98
C SER K 25 -20.35 65.17 -2.14
N ARG K 26 -19.36 64.44 -2.62
CA ARG K 26 -18.09 64.41 -1.90
C ARG K 26 -17.40 65.76 -1.99
N VAL K 27 -17.14 66.23 -3.20
CA VAL K 27 -16.51 67.52 -3.42
C VAL K 27 -17.60 68.44 -3.93
N PRO K 28 -17.45 69.77 -3.77
CA PRO K 28 -18.43 70.67 -4.35
C PRO K 28 -18.27 70.73 -5.86
N ASN K 29 -19.41 70.92 -6.54
CA ASN K 29 -19.47 71.27 -7.95
C ASN K 29 -18.89 70.15 -8.81
N CYS K 30 -19.38 68.94 -8.57
CA CYS K 30 -19.02 67.79 -9.36
C CYS K 30 -20.26 66.96 -9.63
N ILE K 31 -20.25 66.20 -10.72
CA ILE K 31 -21.41 65.42 -11.13
C ILE K 31 -21.00 64.09 -11.72
N ILE K 32 -21.92 63.14 -11.61
CA ILE K 32 -21.79 61.79 -12.16
C ILE K 32 -22.96 61.59 -13.10
N ILE K 33 -22.68 61.15 -14.31
CA ILE K 33 -23.71 61.04 -15.34
C ILE K 33 -23.69 59.64 -15.91
N LYS K 34 -24.85 58.97 -15.80
CA LYS K 34 -25.02 57.59 -16.23
C LYS K 34 -25.58 57.60 -17.64
N PHE K 35 -24.68 57.64 -18.62
CA PHE K 35 -25.04 57.51 -20.02
C PHE K 35 -25.63 56.13 -20.28
N GLU K 36 -26.71 56.11 -21.03
CA GLU K 36 -27.25 54.86 -21.54
C GLU K 36 -26.77 54.58 -22.95
N ARG K 37 -26.48 53.31 -23.20
CA ARG K 37 -26.50 52.70 -24.53
C ARG K 37 -25.47 53.30 -25.47
N GLU K 38 -24.21 53.27 -25.05
CA GLU K 38 -23.13 53.81 -25.87
C GLU K 38 -21.87 52.99 -25.67
N ASP K 39 -20.77 53.48 -26.24
CA ASP K 39 -19.42 52.98 -26.05
C ASP K 39 -18.45 54.15 -25.96
N HIS K 40 -17.19 53.84 -26.22
CA HIS K 40 -16.12 54.83 -26.21
C HIS K 40 -16.36 55.97 -27.18
N THR K 41 -16.99 55.68 -28.31
CA THR K 41 -17.10 56.57 -29.47
C THR K 41 -17.67 57.93 -29.09
N LEU K 42 -18.59 57.94 -28.14
CA LEU K 42 -18.98 59.22 -27.56
C LEU K 42 -17.94 59.69 -26.55
N ALA K 43 -17.39 58.77 -25.78
CA ALA K 43 -16.81 59.13 -24.50
C ALA K 43 -15.46 59.81 -24.65
N ASN K 44 -14.60 59.25 -25.47
CA ASN K 44 -13.26 59.79 -25.64
C ASN K 44 -13.30 61.17 -26.28
N LEU K 45 -14.19 61.30 -27.27
CA LEU K 45 -14.48 62.57 -27.90
C LEU K 45 -14.94 63.59 -26.88
N LEU K 46 -15.77 63.19 -25.94
CA LEU K 46 -16.13 64.14 -24.89
C LEU K 46 -14.98 64.39 -23.94
N ARG K 47 -14.10 63.40 -23.75
CA ARG K 47 -13.05 63.52 -22.75
C ARG K 47 -12.02 64.56 -23.15
N GLU K 48 -11.42 64.40 -24.33
CA GLU K 48 -10.38 65.32 -24.73
C GLU K 48 -10.94 66.71 -25.00
N GLU K 49 -12.21 66.78 -25.40
CA GLU K 49 -12.81 68.07 -25.62
C GLU K 49 -13.14 68.78 -24.33
N LEU K 50 -13.46 68.02 -23.28
CA LEU K 50 -13.61 68.68 -22.00
C LEU K 50 -12.26 68.95 -21.36
N ALA K 51 -11.21 68.35 -21.89
CA ALA K 51 -9.91 68.49 -21.24
C ALA K 51 -9.28 69.85 -21.45
N LEU K 52 -9.35 70.41 -22.65
CA LEU K 52 -8.54 71.56 -22.97
C LEU K 52 -9.14 72.85 -22.47
N TYR K 53 -10.32 72.82 -21.97
CA TYR K 53 -10.96 74.07 -21.56
C TYR K 53 -10.38 74.54 -20.23
N PRO K 54 -10.37 75.84 -19.97
CA PRO K 54 -9.79 76.31 -18.71
C PRO K 54 -10.59 75.95 -17.51
N ASP K 55 -11.86 76.33 -17.49
CA ASP K 55 -12.70 76.24 -16.32
C ASP K 55 -12.97 74.81 -15.86
N VAL K 56 -12.80 73.84 -16.73
CA VAL K 56 -12.99 72.45 -16.39
C VAL K 56 -11.77 71.99 -15.61
N THR K 57 -12.00 71.38 -14.44
CA THR K 57 -10.91 70.85 -13.66
C THR K 57 -10.78 69.34 -13.73
N PHE K 58 -11.84 68.60 -13.46
CA PHE K 58 -11.68 67.16 -13.47
C PHE K 58 -12.78 66.57 -14.31
N VAL K 59 -12.39 65.73 -15.25
CA VAL K 59 -13.36 64.99 -16.03
C VAL K 59 -12.80 63.63 -16.41
N ALA K 60 -13.55 62.58 -16.08
CA ALA K 60 -13.08 61.21 -16.29
C ALA K 60 -14.26 60.27 -16.38
N TYR K 61 -14.12 59.27 -17.24
CA TYR K 61 -15.18 58.34 -17.58
C TYR K 61 -14.67 56.93 -17.36
N LYS K 62 -15.57 55.99 -17.11
CA LYS K 62 -15.16 54.61 -17.16
C LYS K 62 -16.25 53.77 -17.78
N VAL K 63 -15.83 52.73 -18.48
CA VAL K 63 -16.73 51.73 -19.03
C VAL K 63 -16.62 50.54 -18.10
N GLU K 64 -17.66 50.28 -17.30
CA GLU K 64 -17.56 49.28 -16.24
C GLU K 64 -17.28 47.89 -16.77
N HIS K 65 -18.00 47.46 -17.78
CA HIS K 65 -17.57 46.21 -18.38
C HIS K 65 -17.94 46.23 -19.85
N PRO K 66 -17.00 45.89 -20.72
CA PRO K 66 -17.26 46.02 -22.16
C PRO K 66 -18.23 45.01 -22.71
N LEU K 67 -18.69 44.07 -21.90
CA LEU K 67 -19.83 43.28 -22.31
C LEU K 67 -21.14 43.89 -21.84
N PHE K 68 -21.16 45.19 -21.56
CA PHE K 68 -22.37 45.92 -21.27
C PHE K 68 -22.22 47.30 -21.86
N ALA K 69 -23.19 47.72 -22.68
CA ALA K 69 -23.02 48.91 -23.50
C ALA K 69 -23.35 50.19 -22.74
N ASN K 70 -22.77 50.32 -21.56
CA ASN K 70 -22.98 51.51 -20.77
C ASN K 70 -21.65 52.01 -20.27
N PHE K 71 -21.65 53.23 -19.77
CA PHE K 71 -20.48 53.81 -19.16
C PHE K 71 -20.91 54.98 -18.30
N VAL K 72 -20.01 55.39 -17.43
CA VAL K 72 -20.31 56.41 -16.45
C VAL K 72 -19.13 57.36 -16.38
N MET K 73 -19.42 58.64 -16.13
CA MET K 73 -18.42 59.68 -16.22
C MET K 73 -18.48 60.59 -15.00
N ARG K 74 -17.33 61.16 -14.64
CA ARG K 74 -17.21 62.11 -13.53
C ARG K 74 -16.89 63.48 -14.08
N LEU K 75 -17.48 64.52 -13.51
CA LEU K 75 -17.29 65.86 -14.08
C LEU K 75 -17.24 66.91 -12.97
N GLN K 76 -16.05 67.38 -12.64
CA GLN K 76 -15.88 68.52 -11.75
C GLN K 76 -15.14 69.62 -12.48
N THR K 77 -15.79 70.76 -12.64
CA THR K 77 -15.12 71.94 -13.14
C THR K 77 -14.74 72.80 -11.94
N GLU K 78 -14.41 74.07 -12.20
CA GLU K 78 -14.08 74.96 -11.10
C GLU K 78 -15.32 75.30 -10.28
N GLU K 79 -15.13 76.25 -9.36
CA GLU K 79 -16.20 76.72 -8.50
C GLU K 79 -17.39 77.28 -9.25
N GLY K 80 -17.16 78.18 -10.21
CA GLY K 80 -18.25 79.01 -10.70
C GLY K 80 -19.20 78.28 -11.64
N THR K 81 -18.66 77.37 -12.43
CA THR K 81 -19.36 76.78 -13.56
C THR K 81 -20.32 75.66 -13.13
N ARG K 82 -21.61 75.85 -13.44
CA ARG K 82 -22.43 74.65 -13.52
C ARG K 82 -21.97 73.82 -14.69
N PRO K 83 -21.54 72.59 -14.45
CA PRO K 83 -20.72 71.89 -15.46
C PRO K 83 -21.52 71.36 -16.64
N LYS K 84 -22.80 71.09 -16.38
CA LYS K 84 -23.77 70.79 -17.42
C LYS K 84 -23.76 71.85 -18.51
N GLN K 85 -23.68 73.12 -18.12
CA GLN K 85 -23.59 74.21 -19.08
C GLN K 85 -22.34 74.10 -19.92
N ALA K 86 -21.23 73.75 -19.27
CA ALA K 86 -19.96 73.63 -19.97
C ALA K 86 -20.00 72.49 -20.97
N LEU K 87 -20.65 71.38 -20.61
CA LEU K 87 -20.73 70.25 -21.52
C LEU K 87 -21.65 70.56 -22.71
N GLU K 88 -22.71 71.32 -22.47
CA GLU K 88 -23.57 71.74 -23.57
C GLU K 88 -22.83 72.66 -24.52
N ARG K 89 -22.00 73.57 -23.99
CA ARG K 89 -21.16 74.38 -24.86
C ARG K 89 -20.13 73.52 -25.57
N ALA K 90 -19.70 72.43 -24.94
CA ALA K 90 -18.74 71.54 -25.57
C ALA K 90 -19.34 70.88 -26.79
N CYS K 91 -20.58 70.39 -26.67
CA CYS K 91 -21.31 69.86 -27.82
C CYS K 91 -21.47 70.90 -28.92
N ALA K 92 -21.76 72.14 -28.53
CA ALA K 92 -21.89 73.22 -29.51
C ALA K 92 -20.62 73.41 -30.31
N SER K 93 -19.48 73.41 -29.63
CA SER K 93 -18.21 73.62 -30.31
C SER K 93 -17.85 72.43 -31.22
N ILE K 94 -18.18 71.23 -30.78
CA ILE K 94 -17.85 70.06 -31.58
C ILE K 94 -18.67 70.03 -32.87
N ILE K 95 -19.96 70.31 -32.77
CA ILE K 95 -20.78 70.31 -33.98
C ILE K 95 -20.40 71.47 -34.88
N ASN K 96 -19.92 72.57 -34.28
CA ASN K 96 -19.40 73.69 -35.06
C ASN K 96 -18.21 73.26 -35.90
N LYS K 97 -17.23 72.61 -35.27
CA LYS K 97 -16.06 72.13 -35.98
C LYS K 97 -16.41 71.12 -37.06
N LEU K 98 -17.27 70.18 -36.75
CA LEU K 98 -17.56 69.13 -37.72
C LEU K 98 -18.43 69.63 -38.87
N LYS K 99 -19.28 70.61 -38.65
CA LYS K 99 -20.11 71.07 -39.75
C LYS K 99 -19.28 71.92 -40.69
N THR K 100 -18.30 72.62 -40.12
CA THR K 100 -17.26 73.22 -40.95
C THR K 100 -16.49 72.15 -41.71
N LEU K 101 -16.28 71.00 -41.07
CA LEU K 101 -15.51 69.94 -41.70
C LEU K 101 -16.25 69.34 -42.88
N ASP K 102 -17.53 69.04 -42.70
CA ASP K 102 -18.38 68.55 -43.79
C ASP K 102 -18.45 69.55 -44.92
N HIS K 103 -18.54 70.83 -44.58
CA HIS K 103 -18.63 71.90 -45.57
C HIS K 103 -17.43 71.94 -46.48
N LYS K 104 -16.24 72.03 -45.89
CA LYS K 104 -15.05 72.08 -46.73
C LYS K 104 -14.80 70.76 -47.43
N PHE K 105 -15.26 69.64 -46.85
CA PHE K 105 -15.08 68.39 -47.56
C PHE K 105 -15.95 68.31 -48.79
N ASN K 106 -17.18 68.80 -48.69
CA ASN K 106 -18.05 68.89 -49.86
C ASN K 106 -17.41 69.72 -50.93
N GLU K 107 -16.84 70.88 -50.54
CA GLU K 107 -16.16 71.74 -51.51
C GLU K 107 -14.97 71.03 -52.15
N GLU K 108 -14.26 70.24 -51.35
CA GLU K 108 -13.04 69.69 -51.88
C GLU K 108 -13.32 68.49 -52.79
N TRP K 109 -14.41 67.77 -52.52
CA TRP K 109 -14.79 66.72 -53.43
C TRP K 109 -15.38 67.31 -54.70
N ASN K 110 -16.00 68.48 -54.59
CA ASN K 110 -16.46 69.20 -55.78
C ASN K 110 -15.30 69.56 -56.67
N ILE K 111 -14.19 70.00 -56.08
CA ILE K 111 -13.04 70.35 -56.90
C ILE K 111 -12.35 69.11 -57.46
N LYS K 112 -12.28 68.04 -56.66
CA LYS K 112 -11.45 66.91 -57.02
C LYS K 112 -12.06 66.04 -58.10
N ASN K 113 -13.38 66.08 -58.26
CA ASN K 113 -14.04 65.46 -59.40
C ASN K 113 -13.58 66.08 -60.73
N GLY L 28 -50.45 9.96 -48.65
CA GLY L 28 -50.61 11.34 -49.06
C GLY L 28 -49.28 12.07 -49.20
N VAL L 29 -48.35 11.70 -48.33
CA VAL L 29 -47.01 12.29 -48.25
C VAL L 29 -46.24 11.88 -49.48
N LYS L 30 -45.60 12.83 -50.15
CA LYS L 30 -44.64 12.47 -51.17
C LYS L 30 -43.46 11.78 -50.50
N TYR L 31 -43.43 10.47 -50.58
CA TYR L 31 -42.27 9.73 -50.17
C TYR L 31 -41.37 9.66 -51.38
N THR L 32 -40.28 10.40 -51.32
CA THR L 32 -39.41 10.47 -52.47
C THR L 32 -38.68 9.16 -52.57
N CYS L 33 -38.62 8.59 -53.77
CA CYS L 33 -37.89 7.35 -53.98
C CYS L 33 -36.41 7.62 -53.79
N GLY L 34 -35.69 6.60 -53.35
CA GLY L 34 -34.26 6.77 -53.25
C GLY L 34 -33.49 6.56 -54.54
N ALA L 35 -34.13 5.98 -55.54
CA ALA L 35 -33.44 5.70 -56.80
C ALA L 35 -33.98 6.50 -57.96
N CYS L 36 -35.27 6.37 -58.25
CA CYS L 36 -35.85 6.91 -59.46
C CYS L 36 -36.55 8.25 -59.25
N ALA L 37 -36.40 8.85 -58.07
CA ALA L 37 -36.93 10.17 -57.69
C ALA L 37 -38.45 10.24 -57.75
N HIS L 38 -39.14 9.11 -57.77
CA HIS L 38 -40.57 9.12 -58.00
C HIS L 38 -41.29 9.58 -56.75
N ASN L 39 -42.15 10.59 -56.91
CA ASN L 39 -43.01 11.03 -55.82
C ASN L 39 -44.20 10.07 -55.72
N PHE L 40 -44.16 9.18 -54.74
CA PHE L 40 -45.28 8.27 -54.57
C PHE L 40 -45.70 8.28 -53.13
N SER L 41 -47.00 8.39 -52.94
CA SER L 41 -47.58 8.33 -51.62
C SER L 41 -47.98 6.90 -51.34
N LEU L 42 -47.90 6.53 -50.07
CA LEU L 42 -48.21 5.17 -49.67
C LEU L 42 -49.27 5.25 -48.57
N ASN L 43 -50.14 4.26 -48.54
CA ASN L 43 -51.40 4.37 -47.81
C ASN L 43 -51.32 3.63 -46.48
N LYS L 44 -50.13 3.72 -45.86
CA LYS L 44 -49.75 3.06 -44.61
C LYS L 44 -49.88 1.54 -44.67
N SER L 45 -49.89 1.00 -45.89
CA SER L 45 -50.17 -0.39 -46.14
C SER L 45 -49.21 -1.01 -47.15
N ASP L 46 -48.62 -0.19 -48.01
CA ASP L 46 -47.81 -0.71 -49.08
C ASP L 46 -46.45 -1.14 -48.55
N PRO L 47 -45.93 -2.27 -49.02
CA PRO L 47 -44.53 -2.58 -48.79
C PRO L 47 -43.66 -1.59 -49.54
N VAL L 48 -42.62 -1.13 -48.87
CA VAL L 48 -42.01 0.15 -49.18
C VAL L 48 -40.76 -0.10 -50.03
N ARG L 49 -40.90 0.10 -51.33
CA ARG L 49 -39.81 -0.12 -52.26
C ARG L 49 -39.94 0.85 -53.42
N CYS L 50 -38.95 0.83 -54.31
CA CYS L 50 -39.06 1.51 -55.59
C CYS L 50 -39.95 0.71 -56.52
N LYS L 51 -40.86 1.40 -57.20
CA LYS L 51 -41.74 0.73 -58.13
C LYS L 51 -41.03 0.42 -59.43
N GLU L 52 -39.80 0.91 -59.59
CA GLU L 52 -39.10 0.77 -60.85
C GLU L 52 -37.97 -0.25 -60.76
N CYS L 53 -37.33 -0.38 -59.58
CA CYS L 53 -36.22 -1.32 -59.46
C CYS L 53 -36.16 -2.06 -58.11
N GLY L 54 -37.14 -1.89 -57.24
CA GLY L 54 -37.13 -2.58 -55.96
C GLY L 54 -36.33 -1.92 -54.87
N HIS L 55 -35.76 -0.76 -55.16
CA HIS L 55 -35.00 0.03 -54.19
C HIS L 55 -35.90 0.45 -53.03
N ARG L 56 -35.58 -0.01 -51.83
CA ARG L 56 -36.51 0.07 -50.71
C ARG L 56 -36.35 1.31 -49.84
N VAL L 57 -35.55 2.27 -50.26
CA VAL L 57 -35.25 3.43 -49.44
C VAL L 57 -36.13 4.57 -49.91
N ILE L 58 -36.91 5.13 -48.99
CA ILE L 58 -37.62 6.36 -49.28
C ILE L 58 -37.17 7.41 -48.29
N TYR L 59 -37.62 8.63 -48.52
CA TYR L 59 -37.46 9.75 -47.61
C TYR L 59 -38.70 10.61 -47.79
N LYS L 60 -39.05 11.38 -46.77
CA LYS L 60 -40.13 12.34 -46.96
C LYS L 60 -39.63 13.51 -47.78
N ALA L 61 -40.54 14.24 -48.42
CA ALA L 61 -40.11 15.46 -49.07
C ALA L 61 -40.41 16.65 -48.16
N ARG L 62 -40.01 17.84 -48.61
CA ARG L 62 -40.13 19.04 -47.81
C ARG L 62 -41.61 19.39 -47.58
N THR L 63 -41.87 20.13 -46.51
CA THR L 63 -43.23 20.46 -46.10
C THR L 63 -43.93 21.41 -47.05
N LYS L 64 -45.20 21.68 -46.74
CA LYS L 64 -45.96 22.72 -47.43
C LYS L 64 -45.74 24.08 -46.80
N ARG L 65 -45.26 24.09 -45.56
CA ARG L 65 -44.96 25.33 -44.86
C ARG L 65 -43.78 26.05 -45.51
N MET L 66 -43.55 27.28 -45.07
CA MET L 66 -42.37 28.01 -45.49
C MET L 66 -41.38 28.14 -44.36
N ILE L 67 -40.14 27.72 -44.60
CA ILE L 67 -39.10 27.73 -43.58
C ILE L 67 -38.64 29.18 -43.43
N GLN L 68 -38.07 29.52 -42.27
CA GLN L 68 -37.56 30.87 -42.05
C GLN L 68 -36.15 30.85 -41.48
N PHE L 69 -35.41 31.92 -41.76
CA PHE L 69 -34.04 32.06 -41.32
C PHE L 69 -33.70 33.52 -41.13
N ASP L 70 -32.73 33.81 -40.26
CA ASP L 70 -32.39 35.20 -40.01
C ASP L 70 -30.98 35.56 -40.48
N ALA L 71 -30.31 34.68 -41.23
CA ALA L 71 -29.32 35.08 -42.23
C ALA L 71 -28.07 35.68 -41.64
N ARG L 72 -27.81 35.41 -40.37
CA ARG L 72 -26.62 35.95 -39.72
C ARG L 72 -25.53 34.88 -39.69
N PRO P 42 15.84 -45.11 2.58
CA PRO P 42 14.82 -45.95 1.97
C PRO P 42 15.34 -46.69 0.73
N HIS P 43 16.24 -47.65 0.94
CA HIS P 43 16.94 -48.27 -0.17
C HIS P 43 17.45 -49.64 0.24
N ARG P 44 17.93 -50.40 -0.74
CA ARG P 44 18.52 -51.71 -0.53
C ARG P 44 19.93 -51.72 -1.10
N TYR P 45 20.90 -52.15 -0.30
CA TYR P 45 22.24 -52.41 -0.80
C TYR P 45 22.58 -53.89 -0.77
N ARG P 46 23.84 -54.19 -1.08
CA ARG P 46 24.30 -55.56 -1.22
C ARG P 46 24.34 -56.25 0.14
N PRO P 47 24.18 -57.59 0.18
CA PRO P 47 24.20 -58.30 1.46
C PRO P 47 25.57 -58.25 2.12
N GLY P 48 25.60 -57.79 3.37
CA GLY P 48 26.84 -57.68 4.11
C GLY P 48 26.93 -56.41 4.93
N THR P 49 26.31 -55.33 4.45
CA THR P 49 26.32 -54.08 5.20
C THR P 49 25.46 -54.19 6.45
N VAL P 50 24.33 -54.87 6.34
CA VAL P 50 23.47 -55.12 7.49
C VAL P 50 24.18 -56.00 8.50
N ALA P 51 25.02 -56.94 8.01
CA ALA P 51 25.75 -57.84 8.88
C ALA P 51 26.77 -57.10 9.74
N LEU P 52 27.60 -56.27 9.11
CA LEU P 52 28.59 -55.51 9.86
C LEU P 52 27.92 -54.45 10.72
N ARG P 53 26.76 -53.96 10.30
CA ARG P 53 26.02 -53.00 11.11
C ARG P 53 25.47 -53.66 12.36
N GLU P 54 25.02 -54.91 12.25
CA GLU P 54 24.55 -55.63 13.43
C GLU P 54 25.70 -56.01 14.35
N ILE P 55 26.88 -56.32 13.78
CA ILE P 55 28.05 -56.63 14.61
C ILE P 55 28.45 -55.41 15.42
N ARG P 56 28.48 -54.23 14.77
CA ARG P 56 28.84 -53.01 15.50
C ARG P 56 27.76 -52.63 16.50
N ARG P 57 26.48 -52.77 16.13
CA ARG P 57 25.39 -52.41 17.02
C ARG P 57 25.35 -53.32 18.25
N TYR P 58 25.71 -54.59 18.10
CA TYR P 58 25.60 -55.49 19.23
C TYR P 58 26.87 -55.57 20.07
N GLN P 59 28.05 -55.34 19.48
CA GLN P 59 29.21 -55.15 20.32
C GLN P 59 29.20 -53.79 21.01
N LYS P 60 28.48 -52.80 20.47
CA LYS P 60 28.16 -51.62 21.26
C LYS P 60 27.17 -51.94 22.37
N SER P 61 26.21 -52.82 22.11
CA SER P 61 25.17 -53.06 23.08
C SER P 61 25.68 -53.96 24.20
N THR P 62 24.93 -54.00 25.28
CA THR P 62 25.31 -54.75 26.47
C THR P 62 24.38 -55.92 26.76
N GLU P 63 23.09 -55.66 26.89
CA GLU P 63 22.19 -56.56 27.61
C GLU P 63 21.71 -57.77 26.79
N LEU P 64 20.66 -58.41 27.30
CA LEU P 64 20.25 -59.75 26.89
C LEU P 64 19.77 -59.79 25.45
N LEU P 65 20.08 -60.90 24.77
CA LEU P 65 19.58 -61.16 23.43
C LEU P 65 18.42 -62.12 23.39
N ILE P 66 18.50 -63.25 24.09
CA ILE P 66 17.35 -64.12 24.25
C ILE P 66 16.41 -63.47 25.25
N ARG P 67 15.13 -63.38 24.91
CA ARG P 67 14.22 -62.68 25.79
C ARG P 67 13.86 -63.53 26.99
N LYS P 68 13.11 -62.92 27.91
CA LYS P 68 12.97 -63.45 29.26
C LYS P 68 12.02 -64.64 29.31
N LEU P 69 10.76 -64.43 28.94
CA LEU P 69 9.71 -65.39 29.24
C LEU P 69 9.81 -66.75 28.52
N PRO P 70 10.16 -66.85 27.22
CA PRO P 70 10.40 -68.19 26.67
C PRO P 70 11.56 -68.92 27.32
N PHE P 71 12.58 -68.17 27.75
CA PHE P 71 13.68 -68.79 28.48
C PHE P 71 13.22 -69.31 29.83
N GLN P 72 12.34 -68.54 30.50
CA GLN P 72 11.78 -68.98 31.77
C GLN P 72 10.97 -70.26 31.60
N ARG P 73 10.15 -70.32 30.55
CA ARG P 73 9.35 -71.53 30.37
C ARG P 73 10.19 -72.72 29.91
N LEU P 74 11.31 -72.47 29.22
CA LEU P 74 12.23 -73.56 28.89
C LEU P 74 12.90 -74.12 30.15
N VAL P 75 13.33 -73.23 31.04
CA VAL P 75 13.93 -73.65 32.30
C VAL P 75 12.92 -74.42 33.13
N ARG P 76 11.67 -73.97 33.15
CA ARG P 76 10.65 -74.69 33.91
C ARG P 76 10.32 -76.04 33.29
N GLU P 77 10.41 -76.14 31.96
CA GLU P 77 10.19 -77.43 31.29
C GLU P 77 11.24 -78.44 31.69
N ILE P 78 12.52 -78.05 31.62
CA ILE P 78 13.56 -79.01 32.01
C ILE P 78 13.57 -79.21 33.52
N ALA P 79 13.11 -78.21 34.28
CA ALA P 79 13.19 -78.29 35.74
C ALA P 79 12.12 -79.20 36.32
N GLN P 80 10.92 -79.21 35.73
CA GLN P 80 9.85 -80.03 36.27
C GLN P 80 10.13 -81.52 36.06
N ASP P 81 10.91 -81.85 35.03
CA ASP P 81 11.25 -83.22 34.71
C ASP P 81 12.22 -83.86 35.70
N PHE P 82 12.81 -83.09 36.61
CA PHE P 82 13.65 -83.65 37.65
C PHE P 82 13.05 -83.59 39.04
N LYS P 83 12.10 -82.71 39.26
CA LYS P 83 11.40 -82.60 40.53
C LYS P 83 10.13 -81.82 40.26
N THR P 84 9.05 -82.22 40.93
CA THR P 84 7.77 -81.57 40.70
C THR P 84 7.61 -80.33 41.58
N ASP P 85 6.93 -79.32 41.02
CA ASP P 85 6.39 -78.16 41.73
C ASP P 85 7.49 -77.33 42.41
N LEU P 86 8.32 -76.73 41.58
CA LEU P 86 9.36 -75.83 42.07
C LEU P 86 8.85 -74.40 42.18
N ARG P 87 9.64 -73.57 42.85
CA ARG P 87 9.44 -72.14 42.90
C ARG P 87 10.79 -71.46 42.74
N PHE P 88 10.82 -70.31 42.06
CA PHE P 88 12.06 -69.75 41.56
C PHE P 88 12.28 -68.30 42.00
N GLN P 89 13.54 -67.99 42.29
CA GLN P 89 13.98 -66.60 42.31
C GLN P 89 14.24 -66.14 40.88
N SER P 90 13.86 -64.89 40.60
CA SER P 90 14.00 -64.36 39.25
C SER P 90 15.46 -64.13 38.90
N ALA P 91 16.26 -63.74 39.89
CA ALA P 91 17.68 -63.51 39.65
C ALA P 91 18.40 -64.80 39.30
N ALA P 92 17.90 -65.93 39.83
CA ALA P 92 18.45 -67.23 39.45
C ALA P 92 18.26 -67.48 37.96
N ILE P 93 17.09 -67.13 37.43
CA ILE P 93 16.81 -67.37 36.03
C ILE P 93 17.61 -66.39 35.17
N GLY P 94 17.80 -65.17 35.65
CA GLY P 94 18.65 -64.23 34.94
C GLY P 94 20.10 -64.69 34.90
N ALA P 95 20.56 -65.30 35.99
CA ALA P 95 21.91 -65.87 36.02
C ALA P 95 22.03 -67.02 35.04
N LEU P 96 20.98 -67.85 34.95
CA LEU P 96 20.96 -68.92 33.95
C LEU P 96 21.06 -68.37 32.56
N GLN P 97 20.32 -67.29 32.29
CA GLN P 97 20.35 -66.65 30.99
C GLN P 97 21.73 -66.09 30.69
N GLU P 98 22.39 -65.54 31.71
CA GLU P 98 23.72 -64.99 31.53
C GLU P 98 24.71 -66.07 31.19
N ALA P 99 24.64 -67.20 31.90
CA ALA P 99 25.54 -68.31 31.64
C ALA P 99 25.28 -68.91 30.26
N SER P 100 24.01 -68.97 29.86
CA SER P 100 23.65 -69.51 28.56
C SER P 100 24.22 -68.65 27.44
N GLU P 101 24.06 -67.33 27.58
CA GLU P 101 24.59 -66.41 26.58
C GLU P 101 26.11 -66.46 26.54
N ALA P 102 26.74 -66.63 27.69
CA ALA P 102 28.19 -66.77 27.73
C ALA P 102 28.65 -68.02 27.00
N TYR P 103 27.97 -69.14 27.25
CA TYR P 103 28.37 -70.41 26.66
C TYR P 103 28.16 -70.41 25.15
N LEU P 104 27.06 -69.80 24.71
CA LEU P 104 26.80 -69.72 23.27
C LEU P 104 27.77 -68.77 22.58
N VAL P 105 28.13 -67.67 23.24
CA VAL P 105 29.07 -66.73 22.62
C VAL P 105 30.45 -67.36 22.49
N GLY P 106 30.87 -68.10 23.52
CA GLY P 106 32.14 -68.82 23.42
C GLY P 106 32.12 -69.88 22.33
N LEU P 107 30.99 -70.59 22.20
CA LEU P 107 30.87 -71.59 21.15
C LEU P 107 30.88 -70.95 19.77
N PHE P 108 30.24 -69.80 19.64
CA PHE P 108 30.22 -69.12 18.35
C PHE P 108 31.58 -68.55 18.00
N GLU P 109 32.35 -68.08 19.00
CA GLU P 109 33.69 -67.59 18.71
C GLU P 109 34.57 -68.70 18.21
N ASP P 110 34.51 -69.86 18.87
CA ASP P 110 35.30 -70.98 18.39
C ASP P 110 34.80 -71.49 17.05
N THR P 111 33.50 -71.41 16.80
CA THR P 111 32.95 -71.87 15.54
C THR P 111 33.39 -70.96 14.40
N ASN P 112 33.41 -69.66 14.67
CA ASN P 112 33.83 -68.72 13.63
C ASN P 112 35.31 -68.84 13.38
N LEU P 113 36.10 -69.14 14.40
CA LEU P 113 37.52 -69.37 14.18
C LEU P 113 37.76 -70.62 13.35
N CYS P 114 36.96 -71.67 13.59
CA CYS P 114 37.04 -72.86 12.74
C CYS P 114 36.63 -72.55 11.31
N ALA P 115 35.61 -71.71 11.14
CA ALA P 115 35.12 -71.40 9.81
C ALA P 115 36.14 -70.60 9.03
N ILE P 116 36.67 -69.54 9.63
CA ILE P 116 37.69 -68.72 8.99
C ILE P 116 38.97 -69.52 8.77
N HIS P 117 39.24 -70.51 9.62
CA HIS P 117 40.30 -71.45 9.32
C HIS P 117 40.00 -72.30 8.10
N ALA P 118 38.75 -72.69 7.90
CA ALA P 118 38.40 -73.56 6.79
C ALA P 118 38.21 -72.81 5.47
N LYS P 119 38.62 -71.54 5.40
CA LYS P 119 38.49 -70.66 4.24
C LYS P 119 37.03 -70.48 3.84
N ARG P 120 36.13 -70.57 4.79
CA ARG P 120 34.70 -70.44 4.58
C ARG P 120 34.15 -69.39 5.52
N VAL P 121 33.05 -68.77 5.13
CA VAL P 121 32.29 -67.95 6.05
C VAL P 121 30.94 -68.57 6.38
N THR P 122 30.39 -69.38 5.50
CA THR P 122 29.19 -70.16 5.79
C THR P 122 29.53 -71.23 6.82
N ILE P 123 29.11 -71.03 8.06
CA ILE P 123 29.29 -72.05 9.08
C ILE P 123 28.32 -73.20 8.82
N MET P 124 28.73 -74.39 9.20
CA MET P 124 27.99 -75.63 9.04
C MET P 124 28.08 -76.37 10.36
N PRO P 125 27.14 -77.29 10.64
CA PRO P 125 27.14 -77.94 11.96
C PRO P 125 28.35 -78.82 12.25
N LYS P 126 29.11 -79.22 11.23
CA LYS P 126 30.35 -79.93 11.52
C LYS P 126 31.43 -79.03 12.09
N ASP P 127 31.30 -77.71 11.91
CA ASP P 127 32.16 -76.78 12.64
C ASP P 127 31.88 -76.84 14.15
N ILE P 128 30.60 -76.87 14.54
CA ILE P 128 30.26 -77.02 15.95
C ILE P 128 30.66 -78.40 16.45
N GLN P 129 30.63 -79.41 15.57
CA GLN P 129 31.17 -80.73 15.90
C GLN P 129 32.65 -80.65 16.28
N LEU P 130 33.45 -79.99 15.44
CA LEU P 130 34.87 -79.84 15.74
C LEU P 130 35.10 -79.04 17.02
N ALA P 131 34.27 -78.00 17.23
CA ALA P 131 34.45 -77.13 18.38
C ALA P 131 34.16 -77.86 19.69
N ARG P 132 33.00 -78.48 19.80
CA ARG P 132 32.69 -79.21 21.02
C ARG P 132 33.40 -80.55 21.10
N ARG P 133 34.10 -80.97 20.05
CA ARG P 133 35.08 -82.03 20.21
C ARG P 133 36.30 -81.52 20.94
N ILE P 134 36.86 -80.40 20.49
CA ILE P 134 38.16 -79.98 20.98
C ILE P 134 38.05 -79.34 22.36
N ARG P 135 36.92 -78.71 22.68
CA ARG P 135 36.74 -78.37 24.10
C ARG P 135 36.50 -79.58 24.97
N GLY P 136 36.14 -80.73 24.40
CA GLY P 136 35.98 -81.94 25.18
C GLY P 136 34.77 -81.95 26.08
N GLU P 137 33.86 -81.00 25.91
CA GLU P 137 32.69 -80.89 26.76
C GLU P 137 31.50 -81.45 25.99
N ARG P 138 30.91 -82.50 26.51
CA ARG P 138 29.87 -83.22 25.77
C ARG P 138 28.57 -83.23 26.58
N ARG Q 27 5.54 -77.05 26.77
CA ARG Q 27 5.59 -77.76 25.50
C ARG Q 27 6.23 -76.89 24.42
N ASP Q 28 7.21 -77.48 23.71
CA ASP Q 28 7.85 -76.90 22.54
C ASP Q 28 8.54 -75.56 22.88
N ASN Q 29 8.99 -75.43 24.12
CA ASN Q 29 9.68 -74.22 24.51
C ASN Q 29 11.13 -74.20 24.06
N ILE Q 30 11.62 -75.30 23.50
CA ILE Q 30 12.90 -75.24 22.81
C ILE Q 30 12.79 -74.38 21.55
N GLN Q 31 11.59 -74.31 20.95
CA GLN Q 31 11.36 -73.37 19.87
C GLN Q 31 10.93 -72.01 20.37
N GLY Q 32 10.79 -71.84 21.69
CA GLY Q 32 10.78 -70.50 22.26
C GLY Q 32 12.08 -69.76 22.04
N ILE Q 33 13.18 -70.48 21.94
CA ILE Q 33 14.41 -69.95 21.36
C ILE Q 33 14.14 -69.68 19.89
N THR Q 34 14.07 -68.41 19.52
CA THR Q 34 13.65 -68.07 18.17
C THR Q 34 14.84 -68.09 17.22
N LYS Q 35 14.53 -68.16 15.93
CA LYS Q 35 15.55 -67.96 14.90
C LYS Q 35 16.21 -66.57 14.95
N PRO Q 36 15.50 -65.44 15.14
CA PRO Q 36 16.24 -64.18 15.34
C PRO Q 36 17.04 -64.13 16.63
N ALA Q 37 16.72 -64.92 17.65
CA ALA Q 37 17.56 -64.92 18.84
C ALA Q 37 18.90 -65.60 18.57
N ILE Q 38 18.88 -66.74 17.88
CA ILE Q 38 20.12 -67.39 17.46
C ILE Q 38 20.87 -66.51 16.49
N ARG Q 39 20.16 -65.76 15.66
CA ARG Q 39 20.80 -64.80 14.77
C ARG Q 39 21.49 -63.68 15.55
N ARG Q 40 20.81 -63.14 16.57
CA ARG Q 40 21.38 -62.06 17.38
C ARG Q 40 22.60 -62.51 18.16
N LEU Q 41 22.54 -63.70 18.77
CA LEU Q 41 23.70 -64.22 19.48
C LEU Q 41 24.82 -64.61 18.54
N ALA Q 42 24.51 -64.89 17.27
CA ALA Q 42 25.58 -65.08 16.32
C ALA Q 42 26.24 -63.76 15.98
N ARG Q 43 25.46 -62.68 15.89
CA ARG Q 43 26.03 -61.40 15.51
C ARG Q 43 26.88 -60.80 16.62
N ARG Q 44 26.43 -60.94 17.87
CA ARG Q 44 27.24 -60.45 18.99
C ARG Q 44 28.57 -61.19 19.08
N GLY Q 45 28.53 -62.50 18.88
CA GLY Q 45 29.75 -63.28 18.91
C GLY Q 45 30.67 -63.05 17.72
N GLY Q 46 30.13 -62.55 16.61
CA GLY Q 46 30.93 -62.20 15.48
C GLY Q 46 30.64 -62.96 14.21
N VAL Q 47 29.62 -63.78 14.20
CA VAL Q 47 29.32 -64.59 13.02
C VAL Q 47 28.66 -63.72 11.97
N LYS Q 48 29.08 -63.89 10.72
CA LYS Q 48 28.48 -63.15 9.62
C LYS Q 48 27.47 -63.98 8.83
N ARG Q 49 27.84 -65.19 8.42
CA ARG Q 49 27.01 -66.00 7.53
C ARG Q 49 26.44 -67.18 8.30
N ILE Q 50 25.15 -67.14 8.58
CA ILE Q 50 24.46 -68.13 9.40
C ILE Q 50 23.72 -69.08 8.49
N SER Q 51 24.00 -70.38 8.61
CA SER Q 51 23.27 -71.33 7.80
C SER Q 51 21.91 -71.63 8.42
N GLY Q 52 21.21 -72.58 7.81
CA GLY Q 52 19.89 -72.95 8.27
C GLY Q 52 19.89 -74.20 9.11
N LEU Q 53 20.96 -74.98 9.02
CA LEU Q 53 21.07 -76.20 9.79
C LEU Q 53 21.70 -75.96 11.15
N ILE Q 54 22.10 -74.73 11.44
CA ILE Q 54 22.79 -74.44 12.69
C ILE Q 54 21.82 -74.41 13.85
N TYR Q 55 20.58 -73.98 13.60
CA TYR Q 55 19.68 -73.51 14.65
C TYR Q 55 19.31 -74.61 15.63
N GLU Q 56 18.93 -75.78 15.12
CA GLU Q 56 18.47 -76.82 16.02
C GLU Q 56 19.62 -77.52 16.71
N GLU Q 57 20.80 -77.56 16.09
CA GLU Q 57 21.98 -78.02 16.79
C GLU Q 57 22.33 -77.10 17.94
N THR Q 58 22.18 -75.80 17.74
CA THR Q 58 22.40 -74.82 18.80
C THR Q 58 21.38 -74.99 19.91
N ARG Q 59 20.11 -75.25 19.54
CA ARG Q 59 19.07 -75.52 20.53
C ARG Q 59 19.39 -76.77 21.34
N GLY Q 60 19.92 -77.81 20.70
CA GLY Q 60 20.27 -79.03 21.42
C GLY Q 60 21.44 -78.83 22.38
N VAL Q 61 22.45 -78.06 21.97
CA VAL Q 61 23.59 -77.80 22.85
C VAL Q 61 23.17 -76.97 24.05
N LEU Q 62 22.33 -75.95 23.81
CA LEU Q 62 21.72 -75.18 24.89
C LEU Q 62 20.93 -76.08 25.85
N LYS Q 63 20.23 -77.07 25.29
CA LYS Q 63 19.44 -77.97 26.12
C LYS Q 63 20.32 -78.84 27.02
N VAL Q 64 21.41 -79.38 26.47
CA VAL Q 64 22.29 -80.25 27.26
C VAL Q 64 22.97 -79.45 28.37
N PHE Q 65 23.40 -78.23 28.05
CA PHE Q 65 23.98 -77.34 29.04
C PHE Q 65 23.00 -77.05 30.18
N LEU Q 66 21.77 -76.68 29.83
CA LEU Q 66 20.76 -76.42 30.84
C LEU Q 66 20.40 -77.67 31.64
N GLU Q 67 20.50 -78.85 31.02
CA GLU Q 67 20.27 -80.10 31.74
C GLU Q 67 21.28 -80.26 32.88
N ASN Q 68 22.58 -80.15 32.57
CA ASN Q 68 23.58 -80.35 33.61
C ASN Q 68 23.49 -79.29 34.70
N VAL Q 69 23.25 -78.04 34.29
CA VAL Q 69 23.19 -76.95 35.25
C VAL Q 69 21.99 -77.09 36.18
N ILE Q 70 20.81 -77.39 35.63
CA ILE Q 70 19.65 -77.48 36.48
C ILE Q 70 19.62 -78.78 37.29
N ARG Q 71 20.33 -79.84 36.83
CA ARG Q 71 20.55 -81.00 37.69
C ARG Q 71 21.31 -80.62 38.95
N ASP Q 72 22.40 -79.88 38.79
CA ASP Q 72 23.14 -79.43 39.97
C ASP Q 72 22.34 -78.46 40.82
N ALA Q 73 21.52 -77.62 40.19
CA ALA Q 73 20.73 -76.65 40.94
C ALA Q 73 19.67 -77.34 41.80
N VAL Q 74 18.98 -78.33 41.24
CA VAL Q 74 18.00 -79.08 42.00
C VAL Q 74 18.69 -79.92 43.06
N THR Q 75 19.92 -80.36 42.81
CA THR Q 75 20.68 -81.09 43.82
C THR Q 75 20.93 -80.23 45.06
N TYR Q 76 21.46 -79.02 44.84
CA TYR Q 76 21.66 -78.10 45.95
C TYR Q 76 20.35 -77.63 46.56
N THR Q 77 19.26 -77.64 45.81
CA THR Q 77 18.00 -77.23 46.39
C THR Q 77 17.44 -78.31 47.31
N GLU Q 78 17.53 -79.57 46.88
CA GLU Q 78 17.02 -80.66 47.72
C GLU Q 78 17.85 -80.84 48.96
N HIS Q 79 19.17 -80.64 48.85
CA HIS Q 79 19.94 -80.77 50.09
C HIS Q 79 19.77 -79.55 51.00
N ALA Q 80 19.23 -78.46 50.49
CA ALA Q 80 18.81 -77.38 51.35
C ALA Q 80 17.56 -77.69 52.14
N LYS Q 81 16.82 -78.75 51.76
CA LYS Q 81 15.50 -79.08 52.31
C LYS Q 81 14.55 -77.89 52.22
N ARG Q 82 14.57 -77.23 51.07
CA ARG Q 82 13.71 -76.10 50.82
C ARG Q 82 13.09 -76.26 49.45
N LYS Q 83 11.83 -75.87 49.33
CA LYS Q 83 11.08 -76.05 48.10
C LYS Q 83 11.23 -74.88 47.16
N THR Q 84 12.34 -74.14 47.26
CA THR Q 84 12.59 -72.99 46.42
C THR Q 84 14.06 -72.99 46.03
N VAL Q 85 14.33 -72.73 44.76
CA VAL Q 85 15.69 -72.68 44.24
C VAL Q 85 16.18 -71.24 44.34
N THR Q 86 17.35 -71.06 44.93
CA THR Q 86 17.89 -69.71 45.05
C THR Q 86 18.96 -69.45 44.02
N ALA Q 87 19.24 -68.16 43.82
CA ALA Q 87 20.30 -67.77 42.90
C ALA Q 87 21.66 -68.17 43.42
N MET Q 88 21.81 -68.19 44.75
CA MET Q 88 23.08 -68.57 45.37
C MET Q 88 23.44 -70.00 45.02
N ASP Q 89 22.43 -70.88 44.98
CA ASP Q 89 22.63 -72.26 44.59
C ASP Q 89 23.08 -72.37 43.15
N VAL Q 90 22.55 -71.50 42.29
CA VAL Q 90 22.98 -71.48 40.90
C VAL Q 90 24.44 -71.07 40.80
N VAL Q 91 24.84 -70.09 41.61
CA VAL Q 91 26.22 -69.61 41.63
C VAL Q 91 27.15 -70.73 42.09
N TYR Q 92 26.73 -71.45 43.12
CA TYR Q 92 27.60 -72.48 43.69
C TYR Q 92 27.73 -73.65 42.73
N ALA Q 93 26.65 -73.98 42.02
CA ALA Q 93 26.71 -75.02 41.01
C ALA Q 93 27.60 -74.61 39.84
N LEU Q 94 27.57 -73.34 39.48
CA LEU Q 94 28.46 -72.86 38.44
C LEU Q 94 29.91 -72.89 38.91
N LYS Q 95 30.14 -72.66 40.20
CA LYS Q 95 31.47 -72.83 40.77
C LYS Q 95 31.90 -74.29 40.70
N ARG Q 96 30.95 -75.21 40.82
CA ARG Q 96 31.27 -76.62 40.65
C ARG Q 96 31.60 -76.95 39.19
N GLN Q 97 31.14 -76.13 38.24
CA GLN Q 97 31.46 -76.37 36.84
C GLN Q 97 32.89 -75.98 36.50
N GLY Q 98 33.26 -74.74 36.80
CA GLY Q 98 34.46 -74.14 36.24
C GLY Q 98 34.17 -72.96 35.34
N ARG Q 99 32.96 -72.42 35.45
CA ARG Q 99 32.44 -71.35 34.59
C ARG Q 99 31.86 -70.25 35.47
N THR Q 100 32.65 -69.80 36.45
CA THR Q 100 32.14 -69.07 37.61
C THR Q 100 31.58 -67.70 37.22
N LEU Q 101 30.40 -67.40 37.76
CA LEU Q 101 29.69 -66.18 37.50
C LEU Q 101 29.78 -65.26 38.72
N TYR Q 102 30.30 -64.07 38.53
CA TYR Q 102 30.32 -63.08 39.59
C TYR Q 102 28.99 -62.33 39.63
N GLY Q 103 28.98 -61.22 40.36
CA GLY Q 103 27.96 -60.22 40.16
C GLY Q 103 26.70 -60.37 40.98
N PHE Q 104 26.24 -61.59 41.21
CA PHE Q 104 24.92 -61.79 41.77
C PHE Q 104 24.98 -62.25 43.22
N GLY Q 105 26.15 -62.17 43.84
CA GLY Q 105 26.35 -62.62 45.19
C GLY Q 105 27.09 -63.95 45.22
N GLY Q 106 27.94 -64.09 46.24
CA GLY Q 106 28.72 -65.31 46.43
C GLY Q 106 30.00 -65.34 45.63
N THR R 20 37.07 -105.19 63.98
CA THR R 20 36.96 -103.77 63.69
C THR R 20 35.53 -103.42 63.33
N ARG R 21 35.32 -102.18 62.88
CA ARG R 21 34.02 -101.74 62.40
C ARG R 21 33.79 -102.11 60.94
N SER R 22 34.81 -102.64 60.27
CA SER R 22 34.73 -102.91 58.85
C SER R 22 33.78 -104.05 58.56
N SER R 23 34.00 -105.20 59.21
CA SER R 23 33.07 -106.32 59.09
C SER R 23 31.74 -106.05 59.78
N ARG R 24 31.67 -105.04 60.65
CA ARG R 24 30.39 -104.59 61.19
C ARG R 24 29.51 -103.90 60.14
N ALA R 25 30.10 -103.53 59.01
CA ALA R 25 29.32 -103.18 57.83
C ALA R 25 29.61 -104.10 56.65
N GLY R 26 30.59 -104.98 56.76
CA GLY R 26 30.83 -105.97 55.73
C GLY R 26 31.49 -105.45 54.48
N LEU R 27 32.62 -104.76 54.62
CA LEU R 27 33.35 -104.23 53.48
C LEU R 27 34.81 -104.66 53.56
N GLN R 28 35.61 -104.11 52.66
CA GLN R 28 37.04 -104.35 52.65
C GLN R 28 37.86 -103.10 52.97
N PHE R 29 37.23 -101.94 53.02
CA PHE R 29 37.87 -100.66 53.31
C PHE R 29 37.61 -100.25 54.74
N PRO R 30 38.61 -99.71 55.43
CA PRO R 30 38.47 -99.45 56.86
C PRO R 30 37.61 -98.24 57.12
N VAL R 31 37.06 -98.18 58.32
CA VAL R 31 36.33 -96.99 58.72
C VAL R 31 37.22 -96.09 59.55
N GLY R 32 38.13 -96.68 60.32
CA GLY R 32 38.92 -95.90 61.26
C GLY R 32 39.95 -95.01 60.58
N ARG R 33 40.61 -95.54 59.55
CA ARG R 33 41.58 -94.75 58.79
C ARG R 33 40.91 -93.58 58.10
N VAL R 34 39.75 -93.82 57.51
CA VAL R 34 39.00 -92.77 56.84
C VAL R 34 38.51 -91.74 57.84
N HIS R 35 38.11 -92.20 59.03
CA HIS R 35 37.65 -91.29 60.06
C HIS R 35 38.80 -90.46 60.63
N ARG R 36 40.01 -91.02 60.61
CA ARG R 36 41.18 -90.24 60.96
C ARG R 36 41.49 -89.20 59.89
N LEU R 37 41.40 -89.60 58.63
CA LEU R 37 41.71 -88.70 57.52
C LEU R 37 40.72 -87.55 57.43
N LEU R 38 39.48 -87.78 57.84
CA LEU R 38 38.52 -86.67 57.83
C LEU R 38 38.78 -85.66 58.92
N ARG R 39 39.58 -86.00 59.94
CA ARG R 39 39.95 -85.00 60.93
C ARG R 39 41.30 -84.38 60.59
N LYS R 40 42.23 -85.16 60.07
CA LYS R 40 43.53 -84.62 59.70
C LYS R 40 43.55 -84.01 58.31
N GLY R 41 42.42 -83.95 57.63
CA GLY R 41 42.29 -83.09 56.48
C GLY R 41 41.65 -81.76 56.78
N ASN R 42 41.13 -81.61 58.01
CA ASN R 42 40.42 -80.43 58.50
C ASN R 42 39.23 -80.08 57.61
N TYR R 43 38.55 -81.11 57.13
CA TYR R 43 37.48 -80.95 56.16
C TYR R 43 36.22 -80.38 56.78
N SER R 44 36.08 -80.50 58.09
CA SER R 44 35.14 -79.69 58.87
C SER R 44 35.63 -79.72 60.30
N GLU R 45 34.75 -79.29 61.21
CA GLU R 45 35.05 -79.44 62.63
C GLU R 45 34.87 -80.88 63.06
N ARG R 46 33.65 -81.39 62.99
CA ARG R 46 33.33 -82.71 63.52
C ARG R 46 32.96 -83.66 62.39
N VAL R 47 33.07 -84.95 62.70
CA VAL R 47 32.76 -86.01 61.74
C VAL R 47 31.65 -86.87 62.32
N GLY R 48 30.61 -87.09 61.52
CA GLY R 48 29.48 -87.89 61.95
C GLY R 48 29.84 -89.36 62.08
N ALA R 49 28.84 -90.12 62.53
CA ALA R 49 29.11 -91.50 62.92
C ALA R 49 29.29 -92.40 61.70
N GLY R 50 28.26 -92.53 60.87
CA GLY R 50 28.31 -93.51 59.80
C GLY R 50 28.78 -93.01 58.46
N ALA R 51 29.07 -91.72 58.35
CA ALA R 51 29.52 -91.15 57.09
C ALA R 51 30.78 -91.79 56.48
N PRO R 52 31.84 -92.12 57.23
CA PRO R 52 32.94 -92.84 56.57
C PRO R 52 32.57 -94.24 56.14
N VAL R 53 31.59 -94.88 56.76
CA VAL R 53 31.10 -96.17 56.28
C VAL R 53 30.49 -96.01 54.89
N TYR R 54 29.68 -94.97 54.75
CA TYR R 54 29.06 -94.61 53.47
C TYR R 54 30.11 -94.37 52.42
N LEU R 55 31.17 -93.64 52.79
CA LEU R 55 32.22 -93.32 51.85
C LEU R 55 33.00 -94.57 51.46
N ALA R 56 33.19 -95.48 52.41
CA ALA R 56 33.86 -96.74 52.09
C ALA R 56 33.06 -97.56 51.11
N ALA R 57 31.73 -97.55 51.26
CA ALA R 57 30.88 -98.27 50.32
C ALA R 57 30.96 -97.66 48.92
N VAL R 58 30.99 -96.32 48.85
CA VAL R 58 31.07 -95.64 47.56
C VAL R 58 32.39 -95.97 46.87
N LEU R 59 33.48 -95.91 47.62
CA LEU R 59 34.80 -96.21 47.07
C LEU R 59 34.89 -97.65 46.60
N GLU R 60 34.32 -98.57 47.37
CA GLU R 60 34.45 -99.97 47.00
C GLU R 60 33.60 -100.29 45.80
N TYR R 61 32.45 -99.64 45.64
CA TYR R 61 31.67 -99.83 44.42
C TYR R 61 32.39 -99.29 43.20
N LEU R 62 33.04 -98.13 43.36
CA LEU R 62 33.79 -97.54 42.24
C LEU R 62 34.92 -98.45 41.80
N THR R 63 35.79 -98.84 42.73
CA THR R 63 36.90 -99.71 42.36
C THR R 63 36.45 -101.10 41.95
N ALA R 64 35.26 -101.53 42.38
CA ALA R 64 34.71 -102.79 41.91
C ALA R 64 34.39 -102.72 40.42
N GLU R 65 33.72 -101.63 40.00
CA GLU R 65 33.42 -101.48 38.58
C GLU R 65 34.69 -101.32 37.76
N ILE R 66 35.68 -100.59 38.32
CA ILE R 66 36.93 -100.37 37.60
C ILE R 66 37.68 -101.68 37.41
N LEU R 67 37.82 -102.45 38.48
CA LEU R 67 38.56 -103.70 38.36
C LEU R 67 37.77 -104.75 37.59
N GLU R 68 36.44 -104.64 37.55
CA GLU R 68 35.63 -105.48 36.69
C GLU R 68 36.00 -105.28 35.23
N LEU R 69 35.96 -104.02 34.78
CA LEU R 69 36.30 -103.75 33.39
C LEU R 69 37.78 -103.98 33.13
N ALA R 70 38.60 -103.81 34.16
CA ALA R 70 40.02 -104.16 34.05
C ALA R 70 40.21 -105.65 33.84
N GLY R 71 39.40 -106.46 34.51
CA GLY R 71 39.49 -107.90 34.32
C GLY R 71 39.04 -108.32 32.96
N ASN R 72 38.01 -107.65 32.42
CA ASN R 72 37.62 -107.91 31.04
C ASN R 72 38.71 -107.50 30.07
N ALA R 73 39.41 -106.42 30.37
CA ALA R 73 40.54 -106.02 29.55
C ALA R 73 41.69 -107.02 29.65
N ALA R 74 41.84 -107.64 30.81
CA ALA R 74 42.84 -108.69 30.97
C ALA R 74 42.45 -109.92 30.16
N ARG R 75 41.15 -110.19 30.08
CA ARG R 75 40.65 -111.25 29.22
C ARG R 75 40.87 -110.94 27.75
N ASP R 76 40.95 -109.65 27.40
CA ASP R 76 41.09 -109.28 26.00
C ASP R 76 42.44 -109.69 25.42
N ASN R 77 43.54 -109.38 26.10
CA ASN R 77 44.84 -109.75 25.58
C ASN R 77 45.33 -111.09 26.11
N LYS R 78 44.47 -111.80 26.87
CA LYS R 78 44.72 -113.16 27.36
C LYS R 78 45.92 -113.21 28.30
N LYS R 79 45.91 -112.32 29.29
CA LYS R 79 46.93 -112.30 30.34
C LYS R 79 46.23 -112.48 31.68
N THR R 80 47.01 -112.84 32.69
CA THR R 80 46.45 -113.08 34.02
C THR R 80 46.70 -111.93 34.99
N ARG R 81 47.85 -111.27 34.90
CA ARG R 81 48.15 -110.15 35.78
C ARG R 81 47.87 -108.86 35.03
N ILE R 82 47.22 -107.92 35.71
CA ILE R 82 46.70 -106.72 35.07
C ILE R 82 47.85 -105.75 34.80
N ILE R 83 48.04 -105.40 33.54
CA ILE R 83 49.01 -104.39 33.14
C ILE R 83 48.27 -103.06 33.01
N PRO R 84 48.93 -101.91 33.19
CA PRO R 84 48.19 -100.64 33.20
C PRO R 84 47.62 -100.23 31.84
N ARG R 85 48.08 -100.84 30.75
CA ARG R 85 47.42 -100.61 29.47
C ARG R 85 45.99 -101.11 29.50
N HIS R 86 45.76 -102.24 30.18
CA HIS R 86 44.42 -102.76 30.35
C HIS R 86 43.59 -101.81 31.18
N LEU R 87 44.21 -101.16 32.16
CA LEU R 87 43.55 -100.12 32.94
C LEU R 87 43.13 -98.96 32.06
N GLN R 88 44.04 -98.50 31.20
CA GLN R 88 43.76 -97.34 30.35
C GLN R 88 42.63 -97.63 29.39
N LEU R 89 42.66 -98.82 28.78
CA LEU R 89 41.61 -99.17 27.82
C LEU R 89 40.28 -99.36 28.51
N ALA R 90 40.28 -99.94 29.71
CA ALA R 90 39.02 -100.12 30.43
C ALA R 90 38.44 -98.80 30.91
N ILE R 91 39.30 -97.84 31.22
CA ILE R 91 38.78 -96.52 31.60
C ILE R 91 38.23 -95.80 30.39
N ARG R 92 38.93 -95.88 29.26
CA ARG R 92 38.53 -95.11 28.09
C ARG R 92 37.33 -95.72 27.35
N ASN R 93 37.08 -97.01 27.49
CA ASN R 93 36.01 -97.61 26.70
C ASN R 93 34.63 -97.27 27.23
N ASP R 94 34.43 -97.31 28.54
CA ASP R 94 33.14 -96.94 29.12
C ASP R 94 32.90 -95.45 28.91
N GLU R 95 31.62 -95.09 28.75
CA GLU R 95 31.28 -93.69 28.55
C GLU R 95 31.49 -92.89 29.82
N GLU R 96 30.86 -93.32 30.92
CA GLU R 96 30.92 -92.54 32.16
C GLU R 96 32.29 -92.59 32.80
N LEU R 97 33.02 -93.69 32.62
CA LEU R 97 34.38 -93.76 33.12
C LEU R 97 35.36 -93.02 32.25
N ASN R 98 34.98 -92.67 31.03
CA ASN R 98 35.76 -91.70 30.29
C ASN R 98 35.32 -90.30 30.63
N LYS R 99 34.10 -90.13 31.17
CA LYS R 99 33.67 -88.81 31.61
C LYS R 99 34.37 -88.39 32.89
N LEU R 100 34.42 -89.28 33.88
CA LEU R 100 35.11 -88.96 35.12
C LEU R 100 36.61 -88.83 34.89
N LEU R 101 37.25 -89.91 34.46
CA LEU R 101 38.69 -89.91 34.32
C LEU R 101 39.11 -89.54 32.91
N GLY R 102 38.60 -88.42 32.41
CA GLY R 102 39.02 -87.93 31.12
C GLY R 102 40.08 -86.87 31.31
N ARG R 103 39.92 -86.08 32.37
CA ARG R 103 40.87 -85.02 32.69
C ARG R 103 42.07 -85.52 33.47
N VAL R 104 42.18 -86.82 33.70
CA VAL R 104 43.31 -87.39 34.40
C VAL R 104 43.97 -88.39 33.47
N THR R 105 45.13 -88.03 32.97
CA THR R 105 45.92 -89.01 32.25
C THR R 105 46.58 -89.96 33.23
N ILE R 106 47.03 -91.10 32.71
CA ILE R 106 47.59 -92.15 33.54
C ILE R 106 48.96 -92.52 33.00
N ALA R 107 49.94 -92.62 33.89
CA ALA R 107 51.27 -93.11 33.53
C ALA R 107 51.20 -94.49 32.92
N GLN R 108 52.02 -94.70 31.88
CA GLN R 108 52.07 -95.91 31.06
C GLN R 108 50.72 -96.24 30.43
N GLY R 109 49.90 -95.22 30.20
CA GLY R 109 48.53 -95.45 29.78
C GLY R 109 48.38 -95.73 28.30
N GLY R 110 48.86 -94.81 27.48
CA GLY R 110 48.61 -94.91 26.07
C GLY R 110 47.21 -94.44 25.73
N VAL R 111 46.82 -94.67 24.50
CA VAL R 111 45.52 -94.28 24.01
C VAL R 111 44.86 -95.49 23.35
N LEU R 112 43.64 -95.29 22.86
CA LEU R 112 42.86 -96.34 22.25
C LEU R 112 43.44 -96.75 20.90
N PRO R 113 43.08 -97.92 20.39
CA PRO R 113 43.32 -98.19 18.97
C PRO R 113 42.40 -97.33 18.14
N ASN R 114 42.94 -96.29 17.51
CA ASN R 114 42.12 -95.29 16.85
C ASN R 114 42.70 -95.04 15.47
N ILE R 115 41.90 -95.29 14.44
CA ILE R 115 42.25 -95.03 13.06
C ILE R 115 41.13 -94.21 12.45
N GLN R 116 41.46 -93.07 11.87
CA GLN R 116 40.45 -92.29 11.18
C GLN R 116 40.14 -92.91 9.83
N ALA R 117 38.86 -93.20 9.61
CA ALA R 117 38.44 -93.94 8.41
C ALA R 117 38.58 -93.08 7.17
N VAL R 118 38.50 -91.75 7.33
CA VAL R 118 38.73 -90.84 6.20
C VAL R 118 40.18 -90.77 5.79
N LEU R 119 41.08 -91.42 6.52
CA LEU R 119 42.46 -91.55 6.12
C LEU R 119 42.78 -92.89 5.49
N LEU R 120 41.79 -93.78 5.38
CA LEU R 120 42.07 -95.13 4.91
C LEU R 120 42.28 -95.14 3.40
N PRO R 121 43.22 -95.94 2.90
CA PRO R 121 43.46 -96.00 1.47
C PRO R 121 42.39 -96.82 0.75
N LYS R 122 42.24 -96.53 -0.53
CA LYS R 122 41.22 -97.18 -1.33
C LYS R 122 41.63 -98.61 -1.69
N ARG S 35 63.23 -93.73 58.44
CA ARG S 35 62.36 -94.90 58.34
C ARG S 35 60.92 -94.57 58.73
N SER S 36 60.30 -93.63 58.01
CA SER S 36 58.91 -93.30 58.28
C SER S 36 58.01 -94.39 57.71
N ARG S 37 57.01 -94.78 58.48
CA ARG S 37 56.12 -95.88 58.12
C ARG S 37 55.01 -95.31 57.25
N LYS S 38 55.19 -95.43 55.94
CA LYS S 38 54.24 -94.92 54.97
C LYS S 38 53.12 -95.93 54.74
N GLU S 39 52.02 -95.43 54.18
CA GLU S 39 50.78 -96.19 54.06
C GLU S 39 50.40 -96.37 52.60
N SER S 40 49.50 -97.32 52.37
CA SER S 40 48.96 -97.58 51.04
C SER S 40 47.59 -98.21 51.21
N TYR S 41 47.08 -98.78 50.11
CA TYR S 41 45.78 -99.42 50.08
C TYR S 41 45.84 -100.79 49.43
N SER S 42 47.00 -101.44 49.47
CA SER S 42 47.24 -102.59 48.60
C SER S 42 46.38 -103.79 48.98
N ILE S 43 46.27 -104.06 50.28
CA ILE S 43 45.63 -105.29 50.71
C ILE S 43 44.12 -105.22 50.56
N TYR S 44 43.53 -104.04 50.70
CA TYR S 44 42.08 -103.92 50.68
C TYR S 44 41.54 -104.06 49.27
N VAL S 45 42.12 -103.30 48.35
CA VAL S 45 41.84 -103.41 46.93
C VAL S 45 42.22 -104.78 46.40
N TYR S 46 43.29 -105.37 46.95
CA TYR S 46 43.69 -106.69 46.53
C TYR S 46 42.66 -107.75 46.92
N LYS S 47 42.06 -107.60 48.10
CA LYS S 47 40.97 -108.49 48.49
C LYS S 47 39.72 -108.27 47.66
N VAL S 48 39.44 -107.03 47.26
CA VAL S 48 38.30 -106.77 46.38
C VAL S 48 38.51 -107.44 45.02
N LEU S 49 39.74 -107.36 44.51
CA LEU S 49 40.09 -108.03 43.26
C LEU S 49 39.95 -109.54 43.39
N LYS S 50 40.39 -110.09 44.52
CA LYS S 50 40.23 -111.53 44.72
C LYS S 50 38.77 -111.93 44.89
N GLN S 51 37.90 -111.02 45.31
CA GLN S 51 36.48 -111.33 45.27
C GLN S 51 35.97 -111.39 43.83
N VAL S 52 36.04 -110.28 43.10
CA VAL S 52 35.32 -110.23 41.83
C VAL S 52 36.08 -110.88 40.68
N HIS S 53 37.37 -111.14 40.83
CA HIS S 53 38.15 -111.84 39.82
C HIS S 53 39.20 -112.70 40.50
N PRO S 54 38.84 -113.91 40.90
CA PRO S 54 39.78 -114.74 41.66
C PRO S 54 40.91 -115.28 40.82
N ASP S 55 40.69 -115.53 39.53
CA ASP S 55 41.74 -116.00 38.65
C ASP S 55 42.34 -114.83 37.88
N THR S 56 42.85 -113.87 38.63
CA THR S 56 43.36 -112.63 38.06
C THR S 56 44.42 -112.05 38.97
N GLY S 57 45.59 -111.75 38.42
CA GLY S 57 46.65 -111.10 39.15
C GLY S 57 46.61 -109.60 38.98
N ILE S 58 47.67 -108.95 39.48
CA ILE S 58 47.80 -107.51 39.39
C ILE S 58 49.30 -107.19 39.47
N SER S 59 49.71 -106.14 38.75
CA SER S 59 51.03 -105.59 38.95
C SER S 59 50.99 -104.55 40.07
N SER S 60 52.11 -104.41 40.77
CA SER S 60 52.19 -103.44 41.86
C SER S 60 52.13 -102.02 41.36
N LYS S 61 52.57 -101.79 40.11
CA LYS S 61 52.47 -100.49 39.50
C LYS S 61 51.01 -100.07 39.37
N ALA S 62 50.17 -101.02 38.94
CA ALA S 62 48.73 -100.80 38.91
C ALA S 62 48.16 -100.56 40.29
N MET S 63 48.76 -101.16 41.32
CA MET S 63 48.28 -100.91 42.67
C MET S 63 48.57 -99.48 43.08
N GLY S 64 49.75 -98.96 42.72
CA GLY S 64 50.03 -97.56 42.96
C GLY S 64 49.08 -96.65 42.20
N ILE S 65 48.73 -97.05 40.97
CA ILE S 65 47.78 -96.30 40.16
C ILE S 65 46.43 -96.25 40.84
N MET S 66 45.95 -97.39 41.33
CA MET S 66 44.67 -97.44 41.99
C MET S 66 44.69 -96.67 43.30
N ASN S 67 45.84 -96.66 43.98
CA ASN S 67 45.95 -95.90 45.22
C ASN S 67 45.83 -94.42 44.95
N SER S 68 46.50 -93.95 43.90
CA SER S 68 46.36 -92.57 43.46
C SER S 68 44.93 -92.25 43.07
N PHE S 69 44.27 -93.21 42.42
CA PHE S 69 42.87 -93.07 42.03
C PHE S 69 41.97 -92.86 43.22
N VAL S 70 42.14 -93.69 44.25
CA VAL S 70 41.27 -93.59 45.42
C VAL S 70 41.56 -92.32 46.19
N ASN S 71 42.82 -91.89 46.22
CA ASN S 71 43.17 -90.62 46.85
C ASN S 71 42.50 -89.44 46.14
N ASP S 72 42.46 -89.49 44.81
CA ASP S 72 41.81 -88.45 44.03
C ASP S 72 40.31 -88.40 44.30
N ILE S 73 39.66 -89.57 44.25
CA ILE S 73 38.22 -89.66 44.49
C ILE S 73 37.90 -89.18 45.89
N PHE S 74 38.75 -89.54 46.84
CA PHE S 74 38.57 -89.17 48.23
C PHE S 74 38.69 -87.67 48.43
N GLU S 75 39.68 -87.04 47.81
CA GLU S 75 39.84 -85.60 47.97
C GLU S 75 38.71 -84.83 47.30
N ARG S 76 38.21 -85.33 46.17
CA ARG S 76 37.10 -84.64 45.52
C ARG S 76 35.84 -84.72 46.36
N ILE S 77 35.56 -85.89 46.92
CA ILE S 77 34.38 -86.04 47.76
C ILE S 77 34.53 -85.22 49.04
N ALA S 78 35.75 -85.11 49.54
CA ALA S 78 36.01 -84.29 50.72
C ALA S 78 35.75 -82.82 50.43
N GLY S 79 36.20 -82.34 49.27
CA GLY S 79 35.99 -80.94 48.95
C GLY S 79 34.55 -80.61 48.70
N GLU S 80 33.81 -81.54 48.12
CA GLU S 80 32.39 -81.29 47.91
C GLU S 80 31.64 -81.32 49.24
N ALA S 81 32.05 -82.20 50.15
CA ALA S 81 31.46 -82.20 51.49
C ALA S 81 31.78 -80.90 52.22
N SER S 82 32.99 -80.40 52.00
CA SER S 82 33.41 -79.12 52.56
C SER S 82 32.53 -77.99 52.09
N ARG S 83 32.32 -77.89 50.77
CA ARG S 83 31.49 -76.80 50.26
C ARG S 83 30.03 -76.98 50.64
N LEU S 84 29.57 -78.21 50.83
CA LEU S 84 28.23 -78.43 51.37
C LEU S 84 28.13 -77.87 52.77
N ALA S 85 29.15 -78.13 53.60
CA ALA S 85 29.16 -77.63 54.96
C ALA S 85 29.20 -76.12 55.00
N HIS S 86 29.96 -75.51 54.08
CA HIS S 86 30.01 -74.05 54.03
C HIS S 86 28.69 -73.46 53.56
N TYR S 87 28.13 -73.98 52.47
CA TYR S 87 26.91 -73.37 51.96
C TYR S 87 25.67 -73.84 52.70
N ASN S 88 25.81 -74.58 53.80
CA ASN S 88 24.66 -74.92 54.62
C ASN S 88 24.67 -74.30 56.01
N LYS S 89 25.73 -73.56 56.36
CA LYS S 89 25.89 -72.93 57.68
C LYS S 89 25.83 -73.96 58.82
N ARG S 90 26.36 -75.15 58.57
CA ARG S 90 26.47 -76.19 59.59
C ARG S 90 27.86 -76.80 59.49
N SER S 91 28.20 -77.62 60.49
CA SER S 91 29.50 -78.25 60.54
C SER S 91 29.43 -79.71 60.97
N THR S 92 28.24 -80.27 61.06
CA THR S 92 28.05 -81.65 61.45
C THR S 92 27.81 -82.48 60.20
N ILE S 93 28.84 -83.15 59.70
CA ILE S 93 28.76 -83.91 58.47
C ILE S 93 28.01 -85.20 58.77
N THR S 94 26.75 -85.26 58.33
CA THR S 94 26.03 -86.52 58.37
C THR S 94 26.41 -87.33 57.13
N SER S 95 25.80 -88.50 56.95
CA SER S 95 26.02 -89.21 55.70
C SER S 95 25.22 -88.60 54.55
N ARG S 96 24.27 -87.72 54.86
CA ARG S 96 23.41 -87.14 53.82
C ARG S 96 24.18 -86.17 52.94
N GLU S 97 25.10 -85.41 53.54
CA GLU S 97 25.99 -84.56 52.77
C GLU S 97 26.90 -85.38 51.87
N ILE S 98 27.38 -86.51 52.38
CA ILE S 98 28.22 -87.37 51.57
C ILE S 98 27.41 -87.94 50.42
N GLN S 99 26.12 -88.22 50.66
CA GLN S 99 25.23 -88.71 49.62
C GLN S 99 25.04 -87.68 48.50
N THR S 100 24.78 -86.43 48.87
CA THR S 100 24.57 -85.43 47.82
C THR S 100 25.88 -85.12 47.09
N ALA S 101 27.02 -85.30 47.75
CA ALA S 101 28.29 -85.11 47.05
C ALA S 101 28.55 -86.25 46.09
N VAL S 102 28.13 -87.46 46.46
CA VAL S 102 28.26 -88.59 45.56
C VAL S 102 27.41 -88.40 44.32
N ARG S 103 26.18 -87.91 44.49
CA ARG S 103 25.35 -87.66 43.31
C ARG S 103 25.85 -86.48 42.48
N LEU S 104 26.55 -85.52 43.09
CA LEU S 104 27.13 -84.44 42.30
C LEU S 104 28.31 -84.91 41.47
N LEU S 105 29.31 -85.47 42.14
CA LEU S 105 30.62 -85.70 41.51
C LEU S 105 30.56 -86.77 40.43
N LEU S 106 29.79 -87.80 40.63
CA LEU S 106 29.81 -88.91 39.70
C LEU S 106 28.77 -88.74 38.62
N PRO S 107 28.98 -89.35 37.45
CA PRO S 107 27.91 -89.41 36.45
C PRO S 107 26.73 -90.25 36.95
N GLY S 108 25.60 -90.05 36.29
CA GLY S 108 24.28 -90.41 36.80
C GLY S 108 23.99 -91.82 37.28
N GLU S 109 24.00 -92.80 36.37
CA GLU S 109 23.53 -94.13 36.71
C GLU S 109 24.52 -94.85 37.62
N LEU S 110 25.81 -94.58 37.42
CA LEU S 110 26.82 -95.09 38.33
C LEU S 110 26.62 -94.51 39.72
N ALA S 111 26.23 -93.24 39.79
CA ALA S 111 25.92 -92.64 41.10
C ALA S 111 24.66 -93.23 41.69
N LYS S 112 23.72 -93.67 40.84
CA LYS S 112 22.50 -94.30 41.35
C LYS S 112 22.81 -95.62 42.03
N HIS S 113 23.63 -96.45 41.38
CA HIS S 113 24.13 -97.66 42.02
C HIS S 113 24.97 -97.34 43.26
N ALA S 114 25.69 -96.22 43.23
CA ALA S 114 26.51 -95.84 44.37
C ALA S 114 25.65 -95.46 45.58
N VAL S 115 24.56 -94.73 45.34
CA VAL S 115 23.60 -94.42 46.39
C VAL S 115 22.98 -95.69 46.94
N SER S 116 22.73 -96.66 46.06
CA SER S 116 22.22 -97.97 46.50
C SER S 116 23.19 -98.66 47.44
N GLU S 117 24.46 -98.74 47.04
CA GLU S 117 25.50 -99.37 47.86
C GLU S 117 25.67 -98.66 49.19
N GLY S 118 25.65 -97.33 49.16
CA GLY S 118 25.89 -96.57 50.36
C GLY S 118 24.75 -96.69 51.36
N THR S 119 23.52 -96.59 50.87
CA THR S 119 22.36 -96.70 51.75
C THR S 119 22.25 -98.10 52.34
N LYS S 120 22.59 -99.12 51.53
CA LYS S 120 22.59 -100.50 52.02
C LYS S 120 23.63 -100.70 53.11
N ALA S 121 24.83 -100.12 52.93
CA ALA S 121 25.85 -100.25 53.95
C ALA S 121 25.48 -99.50 55.22
N VAL S 122 24.84 -98.33 55.09
CA VAL S 122 24.39 -97.58 56.26
C VAL S 122 23.36 -98.37 57.05
N THR S 123 22.39 -98.96 56.35
CA THR S 123 21.35 -99.71 57.03
C THR S 123 21.90 -100.97 57.69
N LYS S 124 22.81 -101.67 57.00
CA LYS S 124 23.36 -102.90 57.55
C LYS S 124 24.32 -102.61 58.72
N TYR S 125 24.93 -101.43 58.73
CA TYR S 125 25.81 -101.11 59.85
C TYR S 125 25.05 -100.54 61.04
N THR S 126 23.96 -99.82 60.80
CA THR S 126 23.25 -99.16 61.90
C THR S 126 22.13 -100.00 62.48
N SER S 127 21.59 -100.96 61.73
CA SER S 127 20.58 -101.85 62.31
C SER S 127 21.23 -102.83 63.28
N ALA S 128 22.32 -103.47 62.86
CA ALA S 128 23.17 -104.22 63.78
C ALA S 128 24.17 -103.24 64.41
N LYS S 129 25.19 -103.77 65.07
CA LYS S 129 26.14 -102.92 65.76
C LYS S 129 27.57 -103.18 65.28
N HIS T 43 61.28 -104.01 -2.79
CA HIS T 43 60.95 -102.87 -3.62
C HIS T 43 60.33 -101.75 -2.79
N ARG T 44 59.73 -100.79 -3.46
CA ARG T 44 59.13 -99.62 -2.84
C ARG T 44 57.63 -99.84 -2.65
N TYR T 45 57.09 -99.35 -1.54
CA TYR T 45 55.66 -99.42 -1.31
C TYR T 45 54.98 -98.13 -1.76
N ARG T 46 53.71 -98.05 -1.46
CA ARG T 46 52.97 -96.83 -1.70
C ARG T 46 52.97 -95.97 -0.43
N PRO T 47 52.80 -94.66 -0.57
CA PRO T 47 52.63 -93.82 0.63
C PRO T 47 51.32 -94.10 1.33
N GLY T 48 51.38 -94.16 2.66
CA GLY T 48 50.26 -94.51 3.50
C GLY T 48 50.33 -95.94 4.01
N THR T 49 51.02 -96.81 3.28
CA THR T 49 51.28 -98.16 3.76
C THR T 49 52.08 -98.13 5.06
N VAL T 50 53.28 -97.56 4.99
CA VAL T 50 54.19 -97.54 6.12
C VAL T 50 53.65 -96.63 7.21
N ALA T 51 53.00 -95.52 6.82
CA ALA T 51 52.55 -94.53 7.78
C ALA T 51 51.42 -95.06 8.66
N LEU T 52 50.34 -95.55 8.04
CA LEU T 52 49.25 -96.13 8.82
C LEU T 52 49.68 -97.43 9.49
N ARG T 53 50.61 -98.17 8.87
CA ARG T 53 51.11 -99.38 9.51
C ARG T 53 51.84 -99.05 10.80
N GLU T 54 52.56 -97.94 10.83
CA GLU T 54 53.20 -97.55 12.06
C GLU T 54 52.26 -96.84 13.02
N ILE T 55 51.15 -96.29 12.54
CA ILE T 55 50.11 -95.84 13.48
C ILE T 55 49.53 -97.03 14.22
N ARG T 56 49.28 -98.12 13.49
CA ARG T 56 48.84 -99.36 14.12
C ARG T 56 49.90 -99.89 15.09
N ARG T 57 51.15 -99.87 14.66
CA ARG T 57 52.24 -100.42 15.46
C ARG T 57 52.60 -99.54 16.65
N TYR T 58 52.21 -98.27 16.63
CA TYR T 58 52.51 -97.36 17.72
C TYR T 58 51.29 -96.88 18.49
N GLN T 59 50.12 -97.45 18.26
CA GLN T 59 49.05 -97.26 19.23
C GLN T 59 48.92 -98.42 20.19
N LYS T 60 49.96 -99.26 20.32
CA LYS T 60 49.90 -100.41 21.20
C LYS T 60 50.90 -100.37 22.34
N SER T 61 52.10 -99.86 22.13
CA SER T 61 53.11 -99.84 23.18
C SER T 61 53.12 -98.48 23.85
N THR T 62 52.98 -98.49 25.18
CA THR T 62 52.91 -97.26 25.95
C THR T 62 54.26 -96.85 26.50
N GLU T 63 55.32 -97.57 26.15
CA GLU T 63 56.67 -97.16 26.49
C GLU T 63 57.00 -95.82 25.84
N LEU T 64 57.81 -95.03 26.54
CA LEU T 64 58.06 -93.66 26.13
C LEU T 64 58.94 -93.60 24.89
N LEU T 65 58.78 -92.53 24.12
CA LEU T 65 59.45 -92.38 22.84
C LEU T 65 60.53 -91.32 22.87
N ILE T 66 60.26 -90.18 23.50
CA ILE T 66 61.30 -89.19 23.75
C ILE T 66 62.20 -89.78 24.81
N ARG T 67 63.37 -90.26 24.40
CA ARG T 67 64.22 -91.03 25.29
C ARG T 67 64.88 -90.14 26.33
N LYS T 68 65.66 -90.79 27.20
CA LYS T 68 65.89 -90.26 28.54
C LYS T 68 66.84 -89.07 28.52
N LEU T 69 68.09 -89.28 28.09
CA LEU T 69 69.16 -88.33 28.35
C LEU T 69 69.05 -86.98 27.63
N PRO T 70 68.69 -86.88 26.34
CA PRO T 70 68.53 -85.54 25.77
C PRO T 70 67.37 -84.77 26.37
N PHE T 71 66.26 -85.46 26.65
CA PHE T 71 65.16 -84.81 27.34
C PHE T 71 65.55 -84.37 28.73
N GLN T 72 66.43 -85.13 29.38
CA GLN T 72 66.92 -84.77 30.70
C GLN T 72 67.79 -83.52 30.65
N ARG T 73 68.69 -83.47 29.67
CA ARG T 73 69.53 -82.28 29.49
C ARG T 73 68.68 -81.07 29.15
N LEU T 74 67.59 -81.27 28.41
CA LEU T 74 66.67 -80.19 28.12
C LEU T 74 65.96 -79.69 29.38
N VAL T 75 65.49 -80.60 30.22
CA VAL T 75 64.78 -80.20 31.42
C VAL T 75 65.71 -79.47 32.39
N ARG T 76 66.96 -79.92 32.48
CA ARG T 76 67.90 -79.20 33.33
C ARG T 76 68.24 -77.84 32.75
N GLU T 77 68.27 -77.71 31.42
CA GLU T 77 68.47 -76.41 30.79
C GLU T 77 67.33 -75.46 31.10
N ILE T 78 66.09 -75.97 31.06
CA ILE T 78 64.94 -75.13 31.38
C ILE T 78 64.97 -74.70 32.83
N ALA T 79 65.25 -75.64 33.73
CA ALA T 79 65.19 -75.35 35.15
C ALA T 79 66.37 -74.52 35.62
N GLN T 80 67.45 -74.46 34.83
CA GLN T 80 68.68 -73.78 35.24
C GLN T 80 68.47 -72.31 35.52
N ASP T 81 67.54 -71.67 34.81
CA ASP T 81 67.26 -70.27 34.99
C ASP T 81 66.18 -70.01 36.02
N PHE T 82 66.05 -70.88 37.02
CA PHE T 82 65.18 -70.60 38.16
C PHE T 82 65.95 -70.56 39.46
N LYS T 83 66.90 -71.48 39.65
CA LYS T 83 67.85 -71.41 40.74
C LYS T 83 69.08 -72.18 40.28
N THR T 84 70.23 -71.78 40.79
CA THR T 84 71.49 -72.38 40.39
C THR T 84 71.67 -73.76 41.00
N ASP T 85 71.97 -74.74 40.15
CA ASP T 85 72.48 -76.07 40.50
C ASP T 85 71.50 -76.83 41.41
N LEU T 86 70.35 -77.13 40.85
CA LEU T 86 69.35 -77.90 41.56
C LEU T 86 69.49 -79.38 41.22
N ARG T 87 69.46 -80.21 42.25
CA ARG T 87 69.57 -81.64 42.06
C ARG T 87 68.19 -82.22 41.73
N PHE T 88 68.19 -83.36 41.06
CA PHE T 88 66.96 -83.95 40.54
C PHE T 88 66.80 -85.39 40.99
N GLN T 89 65.60 -85.72 41.44
CA GLN T 89 65.18 -87.11 41.49
C GLN T 89 64.97 -87.62 40.07
N SER T 90 64.99 -88.94 39.91
CA SER T 90 64.63 -89.51 38.63
C SER T 90 63.12 -89.56 38.45
N ALA T 91 62.36 -89.51 39.54
CA ALA T 91 60.93 -89.69 39.47
C ALA T 91 60.24 -88.47 38.88
N ALA T 92 60.76 -87.28 39.21
CA ALA T 92 60.20 -86.06 38.62
C ALA T 92 60.47 -86.01 37.12
N ILE T 93 61.65 -86.48 36.70
CA ILE T 93 61.98 -86.52 35.28
C ILE T 93 61.06 -87.50 34.55
N GLY T 94 60.81 -88.65 35.16
CA GLY T 94 59.88 -89.60 34.57
C GLY T 94 58.46 -89.09 34.49
N ALA T 95 58.02 -88.36 35.50
CA ALA T 95 56.67 -87.79 35.50
C ALA T 95 56.53 -86.72 34.43
N LEU T 96 57.53 -85.86 34.27
CA LEU T 96 57.43 -84.85 33.24
C LEU T 96 57.57 -85.44 31.86
N GLN T 97 58.27 -86.56 31.74
CA GLN T 97 58.41 -87.19 30.43
C GLN T 97 57.08 -87.82 30.00
N GLU T 98 56.42 -88.51 30.93
CA GLU T 98 55.08 -89.04 30.69
C GLU T 98 54.09 -87.93 30.37
N ALA T 99 54.13 -86.84 31.14
CA ALA T 99 53.18 -85.75 30.94
C ALA T 99 53.41 -85.05 29.61
N SER T 100 54.67 -84.93 29.20
CA SER T 100 54.99 -84.30 27.92
C SER T 100 54.44 -85.13 26.77
N GLU T 101 54.71 -86.44 26.78
CA GLU T 101 54.26 -87.24 25.65
C GLU T 101 52.73 -87.35 25.61
N ALA T 102 52.08 -87.41 26.78
CA ALA T 102 50.63 -87.48 26.79
C ALA T 102 50.01 -86.17 26.31
N TYR T 103 50.58 -85.04 26.72
CA TYR T 103 50.03 -83.75 26.32
C TYR T 103 50.20 -83.52 24.83
N LEU T 104 51.32 -83.98 24.26
CA LEU T 104 51.44 -83.84 22.83
C LEU T 104 50.58 -84.84 22.06
N VAL T 105 50.24 -85.99 22.65
CA VAL T 105 49.26 -86.87 22.02
C VAL T 105 47.90 -86.19 21.92
N GLY T 106 47.44 -85.58 23.03
CA GLY T 106 46.15 -84.90 22.99
C GLY T 106 46.14 -83.71 22.06
N LEU T 107 47.25 -82.96 22.05
CA LEU T 107 47.39 -81.84 21.14
C LEU T 107 47.36 -82.28 19.68
N PHE T 108 48.05 -83.37 19.35
CA PHE T 108 48.03 -83.87 17.98
C PHE T 108 46.66 -84.40 17.58
N GLU T 109 45.90 -84.95 18.52
CA GLU T 109 44.53 -85.36 18.19
C GLU T 109 43.69 -84.17 17.76
N ASP T 110 43.73 -83.08 18.54
CA ASP T 110 42.92 -81.93 18.14
C ASP T 110 43.46 -81.26 16.89
N THR T 111 44.78 -81.28 16.69
CA THR T 111 45.36 -80.76 15.46
C THR T 111 44.91 -81.54 14.24
N ASN T 112 44.91 -82.87 14.33
CA ASN T 112 44.54 -83.66 13.16
C ASN T 112 43.06 -83.58 12.88
N LEU T 113 42.23 -83.44 13.92
CA LEU T 113 40.81 -83.23 13.67
C LEU T 113 40.54 -81.90 13.00
N CYS T 114 41.28 -80.85 13.37
CA CYS T 114 41.17 -79.58 12.64
C CYS T 114 41.61 -79.73 11.19
N ALA T 115 42.75 -80.38 10.95
CA ALA T 115 43.30 -80.44 9.60
C ALA T 115 42.44 -81.29 8.68
N ILE T 116 41.74 -82.29 9.22
CA ILE T 116 40.79 -83.00 8.39
C ILE T 116 39.53 -82.18 8.19
N HIS T 117 39.05 -81.50 9.24
CA HIS T 117 37.81 -80.74 9.16
C HIS T 117 37.88 -79.59 8.17
N ALA T 118 39.06 -78.99 8.00
CA ALA T 118 39.21 -77.97 6.98
C ALA T 118 39.58 -78.55 5.62
N LYS T 119 39.21 -79.80 5.38
CA LYS T 119 39.30 -80.48 4.08
C LYS T 119 40.74 -80.62 3.60
N ARG T 120 41.61 -81.06 4.50
CA ARG T 120 42.98 -81.40 4.15
C ARG T 120 43.35 -82.73 4.81
N VAL T 121 44.47 -83.27 4.37
CA VAL T 121 44.96 -84.54 4.90
C VAL T 121 46.20 -84.34 5.76
N THR T 122 46.97 -83.31 5.49
CA THR T 122 48.26 -83.08 6.14
C THR T 122 48.18 -81.85 7.02
N ILE T 123 48.72 -81.95 8.23
CA ILE T 123 48.68 -80.85 9.19
C ILE T 123 49.64 -79.75 8.76
N MET T 124 49.40 -78.55 9.30
CA MET T 124 50.20 -77.34 9.15
C MET T 124 50.04 -76.52 10.41
N PRO T 125 51.04 -75.71 10.79
CA PRO T 125 51.08 -75.16 12.18
C PRO T 125 49.94 -74.24 12.56
N LYS T 126 49.22 -73.68 11.59
CA LYS T 126 48.05 -72.90 11.97
C LYS T 126 46.93 -73.77 12.50
N ASP T 127 46.94 -75.07 12.21
CA ASP T 127 46.04 -75.98 12.89
C ASP T 127 46.33 -76.02 14.39
N ILE T 128 47.61 -76.09 14.74
CA ILE T 128 48.02 -76.07 16.14
C ILE T 128 47.65 -74.75 16.79
N GLN T 129 47.82 -73.65 16.03
CA GLN T 129 47.42 -72.34 16.53
C GLN T 129 45.92 -72.27 16.77
N LEU T 130 45.15 -72.84 15.85
CA LEU T 130 43.69 -72.86 15.99
C LEU T 130 43.26 -73.66 17.21
N ALA T 131 43.84 -74.84 17.38
CA ALA T 131 43.47 -75.71 18.48
C ALA T 131 43.87 -75.11 19.82
N ARG T 132 45.05 -74.51 19.89
CA ARG T 132 45.48 -73.89 21.13
C ARG T 132 44.68 -72.64 21.42
N ARG T 133 44.21 -71.95 20.38
CA ARG T 133 43.27 -70.85 20.57
C ARG T 133 41.94 -71.36 21.11
N ILE T 134 41.53 -72.56 20.70
CA ILE T 134 40.30 -73.14 21.22
C ILE T 134 40.46 -73.47 22.69
N ARG T 135 41.55 -74.16 23.06
CA ARG T 135 41.70 -74.64 24.44
C ARG T 135 41.98 -73.54 25.45
N GLY T 136 42.19 -72.29 25.01
CA GLY T 136 42.31 -71.21 25.95
C GLY T 136 43.66 -71.03 26.58
N GLU T 137 44.72 -71.56 25.95
CA GLU T 137 46.07 -71.29 26.43
C GLU T 137 46.54 -69.91 25.98
N ARG T 138 46.39 -69.61 24.70
CA ARG T 138 46.69 -68.29 24.21
C ARG T 138 45.54 -67.35 24.56
N ALA T 139 45.84 -66.31 25.32
CA ALA T 139 44.81 -65.37 25.79
C ALA T 139 44.27 -64.52 24.65
N ASN U 29 71.02 -78.86 23.18
CA ASN U 29 70.06 -77.98 23.84
C ASN U 29 68.64 -78.45 23.58
N ILE U 30 67.92 -77.67 22.78
CA ILE U 30 66.56 -78.03 22.39
C ILE U 30 66.57 -79.16 21.37
N GLN U 31 67.70 -79.37 20.68
CA GLN U 31 67.75 -80.26 19.54
C GLN U 31 68.06 -81.70 19.91
N GLY U 32 67.81 -82.08 21.17
CA GLY U 32 67.63 -83.48 21.46
C GLY U 32 66.29 -84.00 21.01
N ILE U 33 65.34 -83.10 20.79
CA ILE U 33 64.02 -83.50 20.33
C ILE U 33 64.14 -83.74 18.83
N THR U 34 64.46 -84.97 18.45
CA THR U 34 64.76 -85.23 17.05
C THR U 34 63.49 -85.27 16.23
N LYS U 35 63.67 -85.00 14.94
CA LYS U 35 62.60 -85.10 13.94
C LYS U 35 61.82 -86.42 13.95
N PRO U 36 62.43 -87.62 13.92
CA PRO U 36 61.58 -88.82 13.88
C PRO U 36 60.86 -89.11 15.18
N ALA U 37 61.31 -88.56 16.31
CA ALA U 37 60.57 -88.73 17.55
C ALA U 37 59.29 -87.91 17.52
N ILE U 38 59.36 -86.69 16.99
CA ILE U 38 58.16 -85.88 16.79
C ILE U 38 57.25 -86.56 15.79
N ARG U 39 57.85 -87.24 14.79
CA ARG U 39 57.06 -88.05 13.88
C ARG U 39 56.34 -89.20 14.60
N ARG U 40 57.03 -89.84 15.56
CA ARG U 40 56.40 -90.93 16.30
C ARG U 40 55.24 -90.42 17.15
N LEU U 41 55.42 -89.25 17.75
CA LEU U 41 54.30 -88.64 18.48
C LEU U 41 53.16 -88.27 17.56
N ALA U 42 53.45 -87.89 16.32
CA ALA U 42 52.39 -87.66 15.34
C ALA U 42 51.72 -88.97 14.96
N ARG U 43 52.46 -90.06 14.97
CA ARG U 43 51.88 -91.37 14.68
C ARG U 43 50.92 -91.79 15.78
N ARG U 44 51.32 -91.63 17.03
CA ARG U 44 50.42 -92.03 18.12
C ARG U 44 49.26 -91.06 18.25
N GLY U 45 49.49 -89.77 17.97
CA GLY U 45 48.42 -88.79 18.05
C GLY U 45 47.34 -88.96 17.00
N GLY U 46 47.65 -89.66 15.92
CA GLY U 46 46.70 -89.94 14.88
C GLY U 46 46.95 -89.24 13.57
N VAL U 47 48.14 -88.71 13.34
CA VAL U 47 48.41 -87.89 12.17
C VAL U 47 49.15 -88.72 11.14
N LYS U 48 48.69 -88.66 9.90
CA LYS U 48 49.28 -89.45 8.82
C LYS U 48 50.49 -88.78 8.20
N ARG U 49 50.36 -87.54 7.75
CA ARG U 49 51.39 -86.86 6.98
C ARG U 49 51.70 -85.51 7.62
N ILE U 50 52.98 -85.13 7.61
CA ILE U 50 53.49 -84.03 8.41
C ILE U 50 54.08 -82.97 7.49
N SER U 51 53.85 -81.70 7.82
CA SER U 51 54.51 -80.57 7.17
C SER U 51 55.91 -80.34 7.73
N GLY U 52 56.48 -79.17 7.45
CA GLY U 52 57.82 -78.86 7.93
C GLY U 52 57.88 -78.07 9.22
N LEU U 53 57.06 -77.02 9.34
CA LEU U 53 57.17 -76.06 10.43
C LEU U 53 56.50 -76.52 11.71
N ILE U 54 55.83 -77.68 11.66
CA ILE U 54 55.30 -78.37 12.83
C ILE U 54 56.38 -78.60 13.86
N TYR U 55 57.61 -78.81 13.41
CA TYR U 55 58.74 -79.08 14.29
C TYR U 55 59.02 -77.89 15.20
N GLU U 56 59.15 -76.70 14.61
CA GLU U 56 59.42 -75.51 15.40
C GLU U 56 58.21 -75.14 16.26
N GLU U 57 57.00 -75.35 15.74
CA GLU U 57 55.82 -75.02 16.55
C GLU U 57 55.70 -75.95 17.75
N THR U 58 56.05 -77.22 17.56
CA THR U 58 56.04 -78.20 18.63
C THR U 58 57.07 -77.87 19.69
N ARG U 59 58.28 -77.48 19.27
CA ARG U 59 59.30 -77.08 20.22
C ARG U 59 58.87 -75.86 21.03
N GLY U 60 58.20 -74.91 20.38
CA GLY U 60 57.73 -73.73 21.10
C GLY U 60 56.68 -74.04 22.15
N VAL U 61 55.67 -74.83 21.77
CA VAL U 61 54.60 -75.16 22.71
C VAL U 61 55.13 -76.03 23.85
N LEU U 62 56.04 -76.95 23.51
CA LEU U 62 56.70 -77.79 24.51
C LEU U 62 57.47 -76.95 25.51
N LYS U 63 58.20 -75.94 25.03
CA LYS U 63 58.97 -75.09 25.92
C LYS U 63 58.08 -74.28 26.84
N VAL U 64 56.97 -73.76 26.32
CA VAL U 64 56.05 -72.95 27.13
C VAL U 64 55.44 -73.78 28.26
N PHE U 65 54.94 -74.98 27.90
CA PHE U 65 54.30 -75.83 28.90
C PHE U 65 55.29 -76.29 29.97
N LEU U 66 56.50 -76.68 29.56
CA LEU U 66 57.49 -77.08 30.54
C LEU U 66 57.95 -75.93 31.41
N GLU U 67 57.95 -74.70 30.88
CA GLU U 67 58.27 -73.54 31.70
C GLU U 67 57.26 -73.34 32.81
N ASN U 68 55.96 -73.39 32.47
CA ASN U 68 54.94 -73.23 33.50
C ASN U 68 55.02 -74.32 34.56
N VAL U 69 55.24 -75.56 34.12
CA VAL U 69 55.26 -76.66 35.06
C VAL U 69 56.48 -76.59 35.98
N ILE U 70 57.65 -76.31 35.42
CA ILE U 70 58.86 -76.25 36.24
C ILE U 70 58.85 -75.04 37.15
N ARG U 71 58.22 -73.92 36.74
CA ARG U 71 58.10 -72.79 37.65
C ARG U 71 57.23 -73.12 38.86
N ASP U 72 56.09 -73.79 38.64
CA ASP U 72 55.29 -74.18 39.80
C ASP U 72 55.99 -75.24 40.65
N ALA U 73 56.76 -76.12 40.03
CA ALA U 73 57.46 -77.16 40.78
C ALA U 73 58.56 -76.60 41.64
N VAL U 74 59.33 -75.66 41.10
CA VAL U 74 60.39 -75.06 41.89
C VAL U 74 59.83 -74.07 42.91
N THR U 75 58.62 -73.55 42.68
CA THR U 75 57.98 -72.77 43.74
C THR U 75 57.58 -73.66 44.92
N TYR U 76 57.02 -74.84 44.63
CA TYR U 76 56.79 -75.83 45.67
C TYR U 76 58.08 -76.24 46.38
N THR U 77 59.15 -76.42 45.62
CA THR U 77 60.41 -76.84 46.23
C THR U 77 61.00 -75.74 47.09
N GLU U 78 60.88 -74.49 46.67
CA GLU U 78 61.37 -73.39 47.47
C GLU U 78 60.53 -73.17 48.72
N HIS U 79 59.24 -73.50 48.68
CA HIS U 79 58.56 -73.51 49.96
C HIS U 79 58.94 -74.72 50.79
N ALA U 80 59.40 -75.80 50.16
CA ALA U 80 59.87 -76.94 50.93
C ALA U 80 61.25 -76.72 51.54
N LYS U 81 61.94 -75.63 51.15
CA LYS U 81 63.26 -75.26 51.66
C LYS U 81 64.28 -76.37 51.45
N ARG U 82 64.21 -77.02 50.30
CA ARG U 82 65.09 -78.11 49.97
C ARG U 82 65.64 -77.90 48.57
N LYS U 83 66.71 -78.61 48.25
CA LYS U 83 67.46 -78.34 47.04
C LYS U 83 67.10 -79.26 45.88
N THR U 84 66.26 -80.26 46.11
CA THR U 84 66.00 -81.27 45.08
C THR U 84 64.52 -81.34 44.79
N VAL U 85 64.19 -81.34 43.50
CA VAL U 85 62.79 -81.42 43.06
C VAL U 85 62.25 -82.80 43.34
N THR U 86 61.18 -82.87 44.12
CA THR U 86 60.55 -84.15 44.41
C THR U 86 59.72 -84.62 43.23
N ALA U 87 59.20 -85.84 43.35
CA ALA U 87 58.10 -86.22 42.49
C ALA U 87 56.81 -85.55 42.96
N MET U 88 56.68 -85.32 44.27
CA MET U 88 55.43 -84.82 44.82
C MET U 88 55.19 -83.38 44.43
N ASP U 89 56.24 -82.58 44.29
CA ASP U 89 56.08 -81.22 43.82
C ASP U 89 55.58 -81.20 42.38
N VAL U 90 56.08 -82.10 41.55
CA VAL U 90 55.59 -82.26 40.17
C VAL U 90 54.12 -82.64 40.17
N VAL U 91 53.74 -83.59 41.02
CA VAL U 91 52.37 -84.07 41.05
C VAL U 91 51.41 -82.97 41.51
N TYR U 92 51.76 -82.26 42.57
CA TYR U 92 50.85 -81.22 43.02
C TYR U 92 50.88 -80.00 42.11
N ALA U 93 51.97 -79.79 41.37
CA ALA U 93 51.98 -78.71 40.40
C ALA U 93 51.07 -79.02 39.23
N LEU U 94 51.07 -80.26 38.76
CA LEU U 94 50.15 -80.62 37.70
C LEU U 94 48.73 -80.68 38.21
N LYS U 95 48.54 -80.96 39.51
CA LYS U 95 47.24 -80.75 40.14
C LYS U 95 46.82 -79.29 40.05
N ARG U 96 47.76 -78.38 40.26
CA ARG U 96 47.43 -76.97 40.18
C ARG U 96 47.10 -76.56 38.75
N GLN U 97 47.63 -77.28 37.76
CA GLN U 97 47.29 -77.01 36.37
C GLN U 97 45.92 -77.53 35.97
N GLY U 98 45.27 -78.34 36.80
CA GLY U 98 44.09 -79.05 36.32
C GLY U 98 44.43 -80.19 35.40
N ARG U 99 45.65 -80.69 35.49
CA ARG U 99 46.19 -81.74 34.64
C ARG U 99 46.71 -82.87 35.49
N THR U 100 45.85 -83.35 36.39
CA THR U 100 46.18 -84.36 37.39
C THR U 100 46.70 -85.64 36.76
N LEU U 101 47.78 -86.16 37.32
CA LEU U 101 48.42 -87.38 36.86
C LEU U 101 48.46 -88.41 37.98
N TYR U 102 48.10 -89.64 37.66
CA TYR U 102 48.16 -90.74 38.60
C TYR U 102 49.49 -91.47 38.49
N GLY U 103 49.57 -92.64 39.11
CA GLY U 103 50.68 -93.53 38.94
C GLY U 103 51.83 -93.30 39.89
N PHE U 104 51.96 -92.11 40.46
CA PHE U 104 53.13 -91.75 41.23
C PHE U 104 52.77 -91.33 42.65
N GLY U 105 51.59 -91.71 43.11
CA GLY U 105 51.23 -91.56 44.51
C GLY U 105 51.03 -90.13 44.97
N GLY U 106 49.99 -89.47 44.47
CA GLY U 106 49.72 -88.09 44.86
C GLY U 106 48.43 -87.92 45.62
N ALA V 18 48.94 -46.69 67.41
CA ALA V 18 47.81 -47.06 66.57
C ALA V 18 47.06 -48.26 67.16
N LYS V 19 45.76 -48.07 67.43
CA LYS V 19 44.97 -49.13 68.05
C LYS V 19 44.66 -50.23 67.05
N THR V 20 44.00 -49.87 65.94
CA THR V 20 43.60 -50.85 64.95
C THR V 20 44.80 -51.33 64.16
N ARG V 21 44.82 -52.63 63.86
CA ARG V 21 45.91 -53.20 63.07
C ARG V 21 45.90 -52.73 61.64
N SER V 22 44.74 -52.24 61.16
CA SER V 22 44.70 -51.56 59.87
C SER V 22 45.58 -50.33 59.89
N SER V 23 45.49 -49.54 60.96
CA SER V 23 46.36 -48.40 61.11
C SER V 23 47.80 -48.83 61.39
N ARG V 24 47.98 -49.96 62.08
CA ARG V 24 49.32 -50.47 62.31
C ARG V 24 49.95 -51.02 61.04
N ALA V 25 49.13 -51.37 60.06
CA ALA V 25 49.63 -51.73 58.74
C ALA V 25 49.53 -50.58 57.74
N GLY V 26 48.74 -49.55 58.05
CA GLY V 26 48.57 -48.45 57.14
C GLY V 26 47.82 -48.81 55.88
N LEU V 27 46.96 -49.82 55.93
CA LEU V 27 46.23 -50.30 54.76
C LEU V 27 44.75 -50.04 54.97
N GLN V 28 43.93 -50.53 54.04
CA GLN V 28 42.51 -50.25 54.10
C GLN V 28 41.62 -51.48 54.17
N PHE V 29 42.04 -52.60 53.59
CA PHE V 29 41.28 -53.83 53.76
C PHE V 29 41.49 -54.34 55.17
N PRO V 30 40.45 -54.38 56.01
CA PRO V 30 40.63 -54.60 57.46
C PRO V 30 41.13 -55.99 57.81
N VAL V 31 42.31 -56.03 58.44
CA VAL V 31 42.99 -57.28 58.72
C VAL V 31 42.21 -58.09 59.76
N GLY V 32 41.41 -57.42 60.60
CA GLY V 32 40.66 -58.11 61.62
C GLY V 32 39.52 -58.96 61.06
N ARG V 33 38.80 -58.43 60.07
CA ARG V 33 37.71 -59.20 59.49
C ARG V 33 38.26 -60.36 58.67
N VAL V 34 39.41 -60.15 58.03
CA VAL V 34 40.16 -61.22 57.40
C VAL V 34 40.54 -62.27 58.44
N HIS V 35 40.94 -61.82 59.63
CA HIS V 35 41.37 -62.74 60.68
C HIS V 35 40.20 -63.56 61.19
N ARG V 36 39.01 -62.93 61.28
CA ARG V 36 37.82 -63.66 61.70
C ARG V 36 37.42 -64.69 60.65
N LEU V 37 37.51 -64.33 59.37
CA LEU V 37 37.16 -65.32 58.36
C LEU V 37 38.19 -66.42 58.26
N LEU V 38 39.46 -66.13 58.58
CA LEU V 38 40.47 -67.17 58.56
C LEU V 38 40.36 -68.10 59.76
N ARG V 39 39.83 -67.63 60.88
CA ARG V 39 39.58 -68.54 61.98
C ARG V 39 38.45 -69.51 61.66
N LYS V 40 37.39 -69.03 61.02
CA LYS V 40 36.30 -69.89 60.57
C LYS V 40 36.49 -70.25 59.09
N GLY V 41 37.61 -70.88 58.81
CA GLY V 41 37.94 -71.18 57.44
C GLY V 41 38.36 -72.61 57.19
N ASN V 42 38.63 -73.37 58.27
CA ASN V 42 39.05 -74.77 58.19
C ASN V 42 40.29 -74.94 57.33
N TYR V 43 41.33 -74.17 57.64
CA TYR V 43 42.47 -74.04 56.76
C TYR V 43 43.76 -74.57 57.36
N SER V 44 43.94 -74.41 58.65
CA SER V 44 44.99 -75.07 59.41
C SER V 44 44.47 -75.24 60.82
N GLU V 45 45.37 -75.47 61.76
CA GLU V 45 44.96 -75.39 63.16
C GLU V 45 45.10 -73.97 63.68
N ARG V 46 46.24 -73.34 63.43
CA ARG V 46 46.53 -72.03 63.98
C ARG V 46 46.84 -71.04 62.86
N VAL V 47 46.53 -69.78 63.14
CA VAL V 47 46.66 -68.68 62.20
C VAL V 47 47.65 -67.69 62.78
N GLY V 48 48.69 -67.35 62.02
CA GLY V 48 49.67 -66.38 62.44
C GLY V 48 49.10 -64.97 62.55
N ALA V 49 49.96 -64.06 63.00
CA ALA V 49 49.57 -62.68 63.21
C ALA V 49 50.02 -61.73 62.12
N GLY V 50 50.83 -62.21 61.17
CA GLY V 50 51.25 -61.37 60.06
C GLY V 50 50.72 -61.84 58.72
N ALA V 51 50.27 -63.09 58.69
CA ALA V 51 49.69 -63.62 57.46
C ALA V 51 48.44 -62.87 56.98
N PRO V 52 47.45 -62.48 57.80
CA PRO V 52 46.35 -61.68 57.24
C PRO V 52 46.76 -60.28 56.85
N VAL V 53 47.84 -59.76 57.44
CA VAL V 53 48.41 -58.49 56.97
C VAL V 53 48.93 -58.65 55.55
N TYR V 54 49.70 -59.71 55.33
CA TYR V 54 50.25 -59.99 54.00
C TYR V 54 49.15 -60.19 52.98
N LEU V 55 48.11 -60.90 53.38
CA LEU V 55 47.00 -61.21 52.49
C LEU V 55 46.20 -59.97 52.14
N ALA V 56 45.92 -59.11 53.14
CA ALA V 56 45.19 -57.88 52.88
C ALA V 56 45.98 -56.93 52.02
N ALA V 57 47.32 -56.95 52.13
CA ALA V 57 48.14 -56.16 51.23
C ALA V 57 48.03 -56.65 49.79
N VAL V 58 48.05 -57.98 49.59
CA VAL V 58 47.96 -58.51 48.23
C VAL V 58 46.59 -58.22 47.62
N LEU V 59 45.54 -58.31 48.42
CA LEU V 59 44.19 -57.99 47.93
C LEU V 59 44.04 -56.51 47.62
N GLU V 60 44.64 -55.64 48.43
CA GLU V 60 44.60 -54.21 48.14
C GLU V 60 45.33 -53.90 46.84
N TYR V 61 46.45 -54.58 46.59
CA TYR V 61 47.18 -54.34 45.36
C TYR V 61 46.39 -54.81 44.14
N LEU V 62 45.69 -55.94 44.26
CA LEU V 62 44.90 -56.41 43.12
C LEU V 62 43.69 -55.51 42.85
N THR V 63 43.01 -55.06 43.91
CA THR V 63 41.87 -54.18 43.70
C THR V 63 42.29 -52.84 43.12
N ALA V 64 43.46 -52.34 43.51
CA ALA V 64 43.98 -51.13 42.88
C ALA V 64 44.36 -51.38 41.43
N GLU V 65 44.92 -52.57 41.15
CA GLU V 65 45.31 -52.91 39.79
C GLU V 65 44.12 -53.00 38.85
N ILE V 66 42.97 -53.42 39.36
CA ILE V 66 41.78 -53.44 38.52
C ILE V 66 41.12 -52.06 38.44
N LEU V 67 40.99 -51.35 39.57
CA LEU V 67 40.33 -50.05 39.53
C LEU V 67 41.11 -49.00 38.74
N GLU V 68 42.43 -49.18 38.58
CA GLU V 68 43.21 -48.32 37.70
C GLU V 68 42.72 -48.43 36.26
N LEU V 69 42.62 -49.66 35.76
CA LEU V 69 42.12 -49.87 34.40
C LEU V 69 40.64 -49.54 34.30
N ALA V 70 39.91 -49.64 35.41
CA ALA V 70 38.51 -49.22 35.42
C ALA V 70 38.40 -47.70 35.25
N GLY V 71 39.28 -46.95 35.90
CA GLY V 71 39.30 -45.51 35.71
C GLY V 71 39.67 -45.12 34.30
N ASN V 72 40.63 -45.85 33.71
CA ASN V 72 40.97 -45.59 32.31
C ASN V 72 39.82 -45.92 31.37
N ALA V 73 39.06 -46.97 31.68
CA ALA V 73 37.92 -47.32 30.84
C ALA V 73 36.80 -46.31 30.96
N ALA V 74 36.59 -45.77 32.16
CA ALA V 74 35.57 -44.73 32.33
C ALA V 74 36.03 -43.42 31.69
N ARG V 75 37.34 -43.21 31.61
CA ARG V 75 37.86 -42.00 31.01
C ARG V 75 37.84 -42.07 29.48
N ASP V 76 37.94 -43.28 28.91
CA ASP V 76 37.93 -43.41 27.45
C ASP V 76 36.56 -43.09 26.87
N ASN V 77 35.49 -43.31 27.63
CA ASN V 77 34.14 -43.01 27.17
C ASN V 77 33.56 -41.78 27.85
N LYS V 78 34.36 -41.07 28.64
CA LYS V 78 33.96 -39.86 29.38
C LYS V 78 32.73 -40.10 30.25
N LYS V 79 32.77 -41.17 31.02
CA LYS V 79 31.64 -41.52 31.88
C LYS V 79 32.09 -41.49 33.33
N THR V 80 31.20 -41.01 34.19
CA THR V 80 31.55 -40.80 35.59
C THR V 80 31.46 -42.10 36.39
N ARG V 81 30.27 -42.67 36.48
CA ARG V 81 30.08 -43.90 37.24
C ARG V 81 30.62 -45.07 36.43
N ILE V 82 31.46 -45.88 37.05
CA ILE V 82 32.03 -47.04 36.35
C ILE V 82 30.95 -48.11 36.25
N ILE V 83 30.68 -48.55 35.04
CA ILE V 83 29.64 -49.54 34.76
C ILE V 83 30.33 -50.88 34.53
N PRO V 84 29.63 -52.01 34.62
CA PRO V 84 30.32 -53.30 34.41
C PRO V 84 30.82 -53.52 33.00
N ARG V 85 30.28 -52.79 32.01
CA ARG V 85 30.90 -52.79 30.69
C ARG V 85 32.33 -52.29 30.77
N HIS V 86 32.55 -51.21 31.54
CA HIS V 86 33.91 -50.70 31.76
C HIS V 86 34.79 -51.75 32.42
N LEU V 87 34.21 -52.50 33.35
CA LEU V 87 34.95 -53.54 34.04
C LEU V 87 35.37 -54.64 33.08
N GLN V 88 34.46 -55.06 32.22
CA GLN V 88 34.76 -56.14 31.29
C GLN V 88 35.81 -55.72 30.27
N LEU V 89 35.69 -54.48 29.78
CA LEU V 89 36.70 -53.97 28.86
C LEU V 89 38.04 -53.81 29.55
N ALA V 90 38.02 -53.40 30.81
CA ALA V 90 39.26 -53.21 31.56
C ALA V 90 39.94 -54.54 31.86
N ILE V 91 39.14 -55.60 32.04
CA ILE V 91 39.75 -56.90 32.26
C ILE V 91 40.33 -57.46 30.97
N ARG V 92 39.60 -57.32 29.86
CA ARG V 92 40.12 -57.90 28.64
C ARG V 92 41.23 -57.07 28.00
N ASN V 93 41.40 -55.81 28.39
CA ASN V 93 42.48 -55.02 27.81
C ASN V 93 43.83 -55.35 28.42
N ASP V 94 43.88 -55.86 29.64
CA ASP V 94 45.14 -56.30 30.22
C ASP V 94 45.48 -57.68 29.66
N GLU V 95 46.78 -57.99 29.63
CA GLU V 95 47.18 -59.32 29.18
C GLU V 95 47.31 -60.30 30.34
N GLU V 96 47.90 -59.88 31.47
CA GLU V 96 48.02 -60.79 32.60
C GLU V 96 46.69 -61.01 33.29
N LEU V 97 45.80 -60.02 33.32
CA LEU V 97 44.51 -60.24 33.94
C LEU V 97 43.60 -61.09 33.06
N ASN V 98 43.86 -61.16 31.77
CA ASN V 98 43.15 -62.12 30.93
C ASN V 98 43.65 -63.53 31.21
N LYS V 99 44.95 -63.68 31.46
CA LYS V 99 45.52 -64.99 31.72
C LYS V 99 45.09 -65.52 33.08
N LEU V 100 44.79 -64.63 34.02
CA LEU V 100 44.24 -65.07 35.30
C LEU V 100 42.78 -65.47 35.17
N LEU V 101 41.93 -64.51 34.79
CA LEU V 101 40.49 -64.62 34.96
C LEU V 101 39.78 -65.10 33.70
N GLY V 102 40.45 -65.93 32.89
CA GLY V 102 39.88 -66.33 31.62
C GLY V 102 38.69 -67.26 31.76
N ARG V 103 38.69 -68.09 32.80
CA ARG V 103 37.57 -68.95 33.10
C ARG V 103 36.58 -68.29 34.05
N VAL V 104 36.62 -66.97 34.14
CA VAL V 104 35.68 -66.19 34.92
C VAL V 104 34.85 -65.38 33.92
N THR V 105 33.55 -65.29 34.16
CA THR V 105 32.67 -64.59 33.26
C THR V 105 31.80 -63.63 34.06
N ILE V 106 31.95 -62.35 33.78
CA ILE V 106 31.27 -61.30 34.53
C ILE V 106 29.92 -61.03 33.88
N ALA V 107 28.90 -60.84 34.71
CA ALA V 107 27.58 -60.47 34.24
C ALA V 107 27.60 -59.07 33.63
N GLN V 108 26.58 -58.81 32.82
CA GLN V 108 26.31 -57.55 32.12
C GLN V 108 27.44 -57.13 31.19
N GLY V 109 28.35 -58.02 30.85
CA GLY V 109 29.63 -57.59 30.30
C GLY V 109 29.63 -57.30 28.83
N GLY V 110 29.18 -58.26 28.04
CA GLY V 110 29.48 -58.22 26.62
C GLY V 110 30.89 -58.75 26.40
N VAL V 111 31.40 -58.51 25.19
CA VAL V 111 32.76 -58.92 24.88
C VAL V 111 33.53 -57.73 24.34
N LEU V 112 34.77 -57.98 23.92
CA LEU V 112 35.55 -56.98 23.21
C LEU V 112 34.85 -56.56 21.92
N PRO V 113 35.01 -55.32 21.50
CA PRO V 113 34.66 -54.98 20.13
C PRO V 113 35.68 -55.63 19.21
N ASN V 114 35.28 -56.72 18.55
CA ASN V 114 36.24 -57.58 17.88
C ASN V 114 35.69 -57.93 16.51
N ILE V 115 36.43 -57.56 15.47
CA ILE V 115 36.09 -57.86 14.08
C ILE V 115 37.28 -58.58 13.46
N GLN V 116 37.02 -59.68 12.77
CA GLN V 116 38.06 -60.47 12.16
C GLN V 116 38.60 -59.82 10.89
N ALA V 117 39.52 -60.52 10.22
CA ALA V 117 40.21 -59.97 9.07
C ALA V 117 39.39 -60.12 7.80
N VAL V 118 38.97 -61.34 7.49
CA VAL V 118 38.28 -61.60 6.23
C VAL V 118 36.81 -61.20 6.24
N LEU V 119 36.30 -60.69 7.36
CA LEU V 119 34.88 -60.33 7.43
C LEU V 119 34.60 -58.96 6.83
N LEU V 120 35.58 -58.06 6.83
CA LEU V 120 35.33 -56.74 6.26
C LEU V 120 35.27 -56.82 4.74
N PRO V 121 34.41 -56.04 4.10
CA PRO V 121 34.34 -56.05 2.63
C PRO V 121 35.56 -55.39 2.01
N LYS V 122 36.19 -56.11 1.09
CA LYS V 122 37.34 -55.61 0.36
C LYS V 122 36.94 -54.52 -0.62
N SER W 36 19.91 -58.57 56.96
CA SER W 36 20.45 -58.56 58.31
C SER W 36 21.83 -57.91 58.34
N ARG W 37 22.74 -58.50 59.11
CA ARG W 37 24.13 -58.04 59.17
C ARG W 37 24.98 -58.84 58.17
N LYS W 38 24.50 -58.84 56.93
CA LYS W 38 25.21 -59.51 55.84
C LYS W 38 26.39 -58.63 55.48
N GLU W 39 27.58 -59.06 55.88
CA GLU W 39 28.77 -58.21 55.76
C GLU W 39 29.37 -58.30 54.37
N SER W 40 29.70 -57.15 53.80
CA SER W 40 30.26 -57.04 52.47
C SER W 40 31.57 -56.27 52.54
N TYR W 41 32.09 -55.92 51.36
CA TYR W 41 33.36 -55.23 51.25
C TYR W 41 33.20 -53.84 50.65
N SER W 42 32.05 -53.20 50.91
CA SER W 42 31.63 -52.02 50.15
C SER W 42 32.51 -50.82 50.44
N ILE W 43 32.56 -50.40 51.71
CA ILE W 43 33.22 -49.15 52.07
C ILE W 43 34.73 -49.24 51.93
N TYR W 44 35.26 -50.46 51.94
CA TYR W 44 36.71 -50.64 51.83
C TYR W 44 37.16 -50.37 50.41
N VAL W 45 36.44 -50.92 49.43
CA VAL W 45 36.76 -50.65 48.04
C VAL W 45 36.34 -49.22 47.66
N TYR W 46 35.36 -48.63 48.37
CA TYR W 46 35.11 -47.19 48.21
C TYR W 46 36.33 -46.37 48.61
N LYS W 47 36.96 -46.73 49.73
CA LYS W 47 38.16 -46.01 50.13
C LYS W 47 39.31 -46.26 49.15
N VAL W 48 39.36 -47.46 48.55
CA VAL W 48 40.35 -47.74 47.51
C VAL W 48 40.14 -46.85 46.30
N LEU W 49 38.89 -46.73 45.87
CA LEU W 49 38.57 -45.93 44.70
C LEU W 49 38.78 -44.44 44.95
N LYS W 50 38.49 -43.98 46.18
CA LYS W 50 38.80 -42.61 46.53
C LYS W 50 40.29 -42.35 46.60
N GLN W 51 41.08 -43.36 46.96
CA GLN W 51 42.53 -43.18 46.94
C GLN W 51 43.19 -43.65 45.66
N VAL W 52 42.42 -43.89 44.59
CA VAL W 52 43.04 -44.06 43.28
C VAL W 52 42.52 -43.03 42.29
N HIS W 53 41.23 -43.06 42.00
CA HIS W 53 40.58 -42.05 41.15
C HIS W 53 39.62 -41.27 42.03
N PRO W 54 40.06 -40.13 42.60
CA PRO W 54 39.33 -39.55 43.73
C PRO W 54 38.00 -38.89 43.39
N ASP W 55 37.63 -38.79 42.12
CA ASP W 55 36.37 -38.19 41.71
C ASP W 55 35.65 -39.08 40.74
N THR W 56 35.54 -40.37 41.07
CA THR W 56 34.91 -41.35 40.18
C THR W 56 33.91 -42.16 40.98
N GLY W 57 32.65 -42.14 40.55
CA GLY W 57 31.61 -42.95 41.17
C GLY W 57 31.53 -44.34 40.56
N ILE W 58 30.64 -45.16 41.13
CA ILE W 58 30.53 -46.56 40.73
C ILE W 58 29.15 -47.06 41.16
N SER W 59 28.68 -48.12 40.50
CA SER W 59 27.32 -48.60 40.65
C SER W 59 27.23 -49.68 41.71
N SER W 60 26.00 -50.15 41.95
CA SER W 60 25.80 -51.18 42.96
C SER W 60 26.29 -52.53 42.46
N LYS W 61 25.90 -52.90 41.24
CA LYS W 61 26.25 -54.22 40.73
C LYS W 61 27.73 -54.34 40.44
N ALA W 62 28.40 -53.23 40.10
CA ALA W 62 29.85 -53.26 39.96
C ALA W 62 30.51 -53.55 41.29
N MET W 63 29.95 -52.99 42.37
CA MET W 63 30.46 -53.31 43.70
C MET W 63 30.21 -54.77 44.06
N GLY W 64 29.08 -55.32 43.62
CA GLY W 64 28.86 -56.75 43.77
C GLY W 64 29.88 -57.59 43.02
N ILE W 65 30.26 -57.13 41.82
CA ILE W 65 31.29 -57.82 41.04
C ILE W 65 32.62 -57.78 41.78
N MET W 66 32.97 -56.63 42.35
CA MET W 66 34.18 -56.52 43.16
C MET W 66 34.14 -57.41 44.38
N ASN W 67 32.96 -57.53 45.00
CA ASN W 67 32.79 -58.37 46.18
C ASN W 67 33.03 -59.83 45.84
N SER W 68 32.44 -60.29 44.73
CA SER W 68 32.67 -61.64 44.27
C SER W 68 34.12 -61.85 43.88
N PHE W 69 34.77 -60.81 43.34
CA PHE W 69 36.17 -60.92 42.98
C PHE W 69 37.05 -61.13 44.21
N VAL W 70 36.81 -60.36 45.26
CA VAL W 70 37.64 -60.47 46.44
C VAL W 70 37.40 -61.80 47.14
N ASN W 71 36.15 -62.26 47.18
CA ASN W 71 35.88 -63.56 47.80
C ASN W 71 36.49 -64.71 46.99
N ASP W 72 36.50 -64.58 45.66
CA ASP W 72 37.15 -65.58 44.81
C ASP W 72 38.64 -65.65 45.09
N ILE W 73 39.32 -64.51 45.07
CA ILE W 73 40.77 -64.52 45.26
C ILE W 73 41.13 -64.95 46.69
N PHE W 74 40.28 -64.61 47.65
CA PHE W 74 40.49 -65.04 49.03
C PHE W 74 40.41 -66.56 49.15
N GLU W 75 39.35 -67.16 48.58
CA GLU W 75 39.25 -68.61 48.66
C GLU W 75 40.35 -69.31 47.91
N ARG W 76 40.79 -68.76 46.78
CA ARG W 76 41.86 -69.40 46.03
C ARG W 76 43.16 -69.42 46.82
N ILE W 77 43.51 -68.30 47.44
CA ILE W 77 44.80 -68.23 48.12
C ILE W 77 44.75 -69.01 49.43
N ALA W 78 43.62 -68.97 50.12
CA ALA W 78 43.50 -69.73 51.37
C ALA W 78 43.49 -71.24 51.11
N GLY W 79 42.82 -71.67 50.04
CA GLY W 79 42.83 -73.08 49.70
C GLY W 79 44.21 -73.55 49.29
N GLU W 80 44.94 -72.73 48.53
CA GLU W 80 46.28 -73.12 48.10
C GLU W 80 47.23 -73.16 49.30
N ALA W 81 47.02 -72.26 50.26
CA ALA W 81 47.81 -72.26 51.47
C ALA W 81 47.52 -73.50 52.32
N SER W 82 46.25 -73.91 52.39
CA SER W 82 45.91 -75.12 53.14
C SER W 82 46.50 -76.36 52.50
N ARG W 83 46.50 -76.38 51.15
CA ARG W 83 47.19 -77.45 50.44
C ARG W 83 48.67 -77.51 50.78
N LEU W 84 49.34 -76.36 50.81
CA LEU W 84 50.76 -76.39 51.18
C LEU W 84 50.98 -76.80 52.63
N ALA W 85 50.06 -76.41 53.52
CA ALA W 85 50.14 -76.83 54.91
C ALA W 85 50.08 -78.34 55.03
N HIS W 86 49.22 -78.98 54.24
CA HIS W 86 49.21 -80.44 54.23
C HIS W 86 50.39 -81.03 53.47
N TYR W 87 50.93 -80.34 52.47
CA TYR W 87 51.96 -80.94 51.64
C TYR W 87 53.32 -80.91 52.31
N ASN W 88 53.50 -80.09 53.34
CA ASN W 88 54.68 -80.22 54.17
C ASN W 88 54.37 -80.59 55.61
N LYS W 89 53.11 -80.95 55.89
CA LYS W 89 52.63 -81.40 57.20
C LYS W 89 52.94 -80.38 58.30
N ARG W 90 52.56 -79.15 58.03
CA ARG W 90 52.76 -78.04 58.95
C ARG W 90 51.40 -77.46 59.27
N SER W 91 50.97 -77.59 60.53
CA SER W 91 49.58 -77.43 60.87
C SER W 91 49.18 -76.00 61.19
N THR W 92 50.00 -75.02 60.86
CA THR W 92 49.66 -73.64 61.10
C THR W 92 50.06 -72.79 59.90
N ILE W 93 49.68 -71.52 59.95
CA ILE W 93 49.84 -70.60 58.82
C ILE W 93 50.65 -69.40 59.25
N THR W 94 51.79 -69.20 58.61
CA THR W 94 52.56 -67.97 58.71
C THR W 94 52.32 -67.14 57.46
N SER W 95 53.07 -66.05 57.32
CA SER W 95 52.99 -65.26 56.10
C SER W 95 53.70 -65.92 54.93
N ARG W 96 54.63 -66.84 55.20
CA ARG W 96 55.49 -67.38 54.14
C ARG W 96 54.70 -68.25 53.18
N GLU W 97 53.72 -68.97 53.72
CA GLU W 97 52.81 -69.76 52.89
C GLU W 97 52.00 -68.86 51.96
N ILE W 98 51.55 -67.72 52.45
CA ILE W 98 50.79 -66.79 51.62
C ILE W 98 51.66 -66.22 50.51
N GLN W 99 52.93 -65.93 50.85
CA GLN W 99 53.88 -65.42 49.87
C GLN W 99 54.09 -66.41 48.73
N THR W 100 54.42 -67.65 49.07
CA THR W 100 54.61 -68.62 48.01
C THR W 100 53.29 -69.03 47.34
N ALA W 101 52.15 -68.80 47.99
CA ALA W 101 50.87 -69.09 47.36
C ALA W 101 50.58 -68.09 46.25
N VAL W 102 50.86 -66.81 46.51
CA VAL W 102 50.67 -65.84 45.44
C VAL W 102 51.78 -65.94 44.41
N ARG W 103 52.93 -66.50 44.76
CA ARG W 103 53.87 -66.95 43.72
C ARG W 103 53.26 -68.02 42.83
N LEU W 104 52.45 -68.92 43.41
CA LEU W 104 51.87 -70.00 42.62
C LEU W 104 50.75 -69.50 41.71
N LEU W 105 49.84 -68.68 42.23
CA LEU W 105 48.67 -68.31 41.44
C LEU W 105 49.02 -67.33 40.32
N LEU W 106 49.49 -66.17 40.67
CA LEU W 106 49.63 -65.15 39.66
C LEU W 106 50.91 -65.34 38.86
N PRO W 107 50.91 -65.01 37.58
CA PRO W 107 52.16 -65.05 36.81
C PRO W 107 53.08 -63.89 37.15
N GLY W 108 54.25 -63.87 36.50
CA GLY W 108 55.44 -63.17 36.93
C GLY W 108 55.39 -61.76 37.48
N GLU W 109 54.96 -60.78 36.67
CA GLU W 109 55.15 -59.37 37.01
C GLU W 109 54.23 -58.94 38.14
N LEU W 110 52.95 -59.30 38.02
CA LEU W 110 51.99 -58.98 39.07
C LEU W 110 52.35 -59.70 40.37
N ALA W 111 52.90 -60.91 40.26
CA ALA W 111 53.37 -61.63 41.44
C ALA W 111 54.53 -60.92 42.10
N LYS W 112 55.47 -60.41 41.30
CA LYS W 112 56.63 -59.72 41.84
C LYS W 112 56.21 -58.44 42.56
N HIS W 113 55.27 -57.70 41.97
CA HIS W 113 54.77 -56.50 42.62
C HIS W 113 53.99 -56.82 43.89
N ALA W 114 53.22 -57.92 43.89
CA ALA W 114 52.47 -58.26 45.07
C ALA W 114 53.38 -58.73 46.21
N VAL W 115 54.46 -59.44 45.86
CA VAL W 115 55.45 -59.84 46.85
C VAL W 115 56.11 -58.62 47.47
N SER W 116 56.45 -57.64 46.64
CA SER W 116 57.04 -56.39 47.15
C SER W 116 56.06 -55.65 48.07
N GLU W 117 54.80 -55.57 47.67
CA GLU W 117 53.78 -54.88 48.48
C GLU W 117 53.56 -55.58 49.82
N GLY W 118 53.47 -56.91 49.80
CA GLY W 118 53.25 -57.65 51.02
C GLY W 118 54.43 -57.57 51.96
N THR W 119 55.65 -57.70 51.44
CA THR W 119 56.83 -57.58 52.28
C THR W 119 56.96 -56.20 52.89
N LYS W 120 56.59 -55.16 52.12
CA LYS W 120 56.67 -53.81 52.65
C LYS W 120 55.65 -53.59 53.77
N ALA W 121 54.42 -54.05 53.57
CA ALA W 121 53.40 -53.86 54.60
C ALA W 121 53.70 -54.71 55.84
N VAL W 122 54.26 -55.90 55.64
CA VAL W 122 54.59 -56.77 56.76
C VAL W 122 55.74 -56.19 57.58
N THR W 123 56.76 -55.67 56.92
CA THR W 123 57.88 -55.07 57.63
C THR W 123 57.46 -53.80 58.36
N LYS W 124 56.56 -53.02 57.75
CA LYS W 124 56.08 -51.81 58.40
C LYS W 124 55.21 -52.13 59.60
N TYR W 125 54.40 -53.18 59.51
CA TYR W 125 53.68 -53.66 60.68
C TYR W 125 54.60 -54.29 61.71
N THR W 126 55.74 -54.80 61.27
CA THR W 126 56.66 -55.49 62.18
C THR W 126 57.39 -54.51 63.07
N SER W 127 58.14 -53.58 62.45
CA SER W 127 58.98 -52.68 63.25
C SER W 127 58.15 -51.69 64.05
N ALA W 128 57.09 -51.17 63.47
CA ALA W 128 56.19 -50.28 64.19
C ALA W 128 55.14 -51.12 64.92
#